data_4V1X
#
_entry.id   4V1X
#
_cell.length_a   117.269
_cell.length_b   146.056
_cell.length_c   196.361
_cell.angle_alpha   90.00
_cell.angle_beta   90.00
_cell.angle_gamma   90.00
#
_symmetry.space_group_name_H-M   'P 21 21 21'
#
loop_
_entity.id
_entity.type
_entity.pdbx_description
1 polymer 'ATRAZINE CHLOROHYDROLASE'
2 non-polymer 'FE (III) ION'
3 non-polymer DI(HYDROXYETHYL)ETHER
4 water water
#
_entity_poly.entity_id   1
_entity_poly.type   'polypeptide(L)'
_entity_poly.pdbx_seq_one_letter_code
;MGSSHHHHHHSSGLVPRGSHMQTLSIQHGTLVTMDQYRRVLGDSWVHVQDGRIVALGVHAESVPPPADRVIDARGKVVLP
GFINAHTHVNQILLRGGPSHGRQFYDWLFNVVYPGQKAMRPEDVAVAVRLYCAEAVRSGITTINENADSAIYPGNIEAAM
AVYGEVGVRVVYARMFFDRMDGRIQGYVDALKARSPQVELCSIMEETAVAKDRITALSDQYHGTAGGRISVWPAPATTTA
VTVEGMRWAQAFARDRAVMWTLHMAESDHDERIHGMSPAEYMECYGLLDERLQVAHCVYFDRKDVRLLHRHNVKVASQVV
SNAYLGSGVAPVPEMVERGMAVGIGTDNGNSNDSVNMIGDMKFMAHIHRAVHRDADVLTPEKILEMATIDGARSLGMDHE
IGSIETGKRADLILLDLRHPQTTPHHHLAATIVFQAYGNEVDTVLIDGNVVMENRRLSFLPPERELAFLEEAQSRATAIL
QRANMVANPAWRSL
;
_entity_poly.pdbx_strand_id   A,B,C,D,E,F
#
loop_
_chem_comp.id
_chem_comp.type
_chem_comp.name
_chem_comp.formula
FE non-polymer 'FE (III) ION' 'Fe 3'
PEG non-polymer DI(HYDROXYETHYL)ETHER 'C4 H10 O3'
#
# COMPACT_ATOMS: atom_id res chain seq x y z
N GLN A 22 -23.94 -39.48 -44.13
CA GLN A 22 -24.06 -38.11 -44.77
C GLN A 22 -22.85 -37.16 -44.48
N THR A 23 -22.37 -36.48 -45.52
CA THR A 23 -21.08 -35.80 -45.49
C THR A 23 -21.03 -34.35 -45.91
N LEU A 24 -20.05 -33.62 -45.35
CA LEU A 24 -19.85 -32.19 -45.58
C LEU A 24 -18.40 -31.85 -45.67
N SER A 25 -18.04 -31.10 -46.67
CA SER A 25 -16.64 -30.72 -46.92
C SER A 25 -16.52 -29.21 -46.86
N ILE A 26 -15.69 -28.70 -45.97
CA ILE A 26 -15.40 -27.30 -45.94
C ILE A 26 -14.05 -27.07 -46.60
N GLN A 27 -14.04 -26.26 -47.63
CA GLN A 27 -12.91 -26.16 -48.53
C GLN A 27 -12.36 -24.76 -48.72
N HIS A 28 -11.05 -24.72 -48.92
CA HIS A 28 -10.32 -23.55 -49.31
C HIS A 28 -10.27 -22.47 -48.23
N GLY A 29 -10.46 -22.84 -46.99
CA GLY A 29 -10.33 -21.86 -45.90
C GLY A 29 -8.93 -21.86 -45.31
N THR A 30 -8.68 -20.89 -44.46
CA THR A 30 -7.54 -20.96 -43.57
C THR A 30 -8.04 -21.59 -42.26
N LEU A 31 -7.43 -22.72 -41.89
CA LEU A 31 -7.81 -23.44 -40.69
C LEU A 31 -6.93 -23.02 -39.48
N VAL A 32 -7.56 -22.43 -38.48
CA VAL A 32 -6.91 -22.14 -37.23
C VAL A 32 -7.28 -23.29 -36.29
N THR A 33 -6.42 -24.30 -36.21
CA THR A 33 -6.79 -25.61 -35.66
C THR A 33 -6.90 -25.64 -34.17
N MET A 34 -6.11 -24.81 -33.49
CA MET A 34 -5.93 -24.93 -32.05
C MET A 34 -5.53 -26.31 -31.62
N ASP A 35 -4.90 -27.06 -32.51
CA ASP A 35 -4.38 -28.36 -32.18
C ASP A 35 -3.11 -28.28 -31.36
N GLN A 36 -2.56 -29.44 -31.06
CA GLN A 36 -1.40 -29.52 -30.18
C GLN A 36 -0.20 -28.69 -30.66
N TYR A 37 -0.03 -28.55 -31.96
CA TYR A 37 1.05 -27.69 -32.52
C TYR A 37 0.56 -26.30 -32.90
N ARG A 38 -0.67 -25.99 -32.58
CA ARG A 38 -1.33 -24.75 -32.98
C ARG A 38 -1.24 -24.46 -34.46
N ARG A 39 -1.47 -25.48 -35.26
CA ARG A 39 -1.28 -25.32 -36.67
C ARG A 39 -2.29 -24.32 -37.24
N VAL A 40 -1.79 -23.47 -38.11
CA VAL A 40 -2.63 -22.61 -38.93
C VAL A 40 -2.37 -23.01 -40.38
N LEU A 41 -3.38 -23.60 -41.03
CA LEU A 41 -3.24 -24.16 -42.35
C LEU A 41 -3.97 -23.33 -43.41
N GLY A 42 -3.20 -22.69 -44.28
CA GLY A 42 -3.68 -21.96 -45.41
C GLY A 42 -4.29 -22.90 -46.44
N ASP A 43 -5.36 -22.43 -47.09
CA ASP A 43 -6.00 -23.05 -48.25
C ASP A 43 -6.10 -24.56 -48.01
N SER A 44 -6.92 -24.90 -47.03
CA SER A 44 -7.01 -26.21 -46.52
C SER A 44 -8.47 -26.59 -46.34
N TRP A 45 -8.71 -27.86 -46.02
CA TRP A 45 -10.06 -28.39 -46.00
C TRP A 45 -10.30 -29.27 -44.81
N VAL A 46 -11.58 -29.47 -44.51
CA VAL A 46 -12.03 -30.28 -43.44
C VAL A 46 -13.20 -31.13 -43.94
N HIS A 47 -13.12 -32.43 -43.70
CA HIS A 47 -14.16 -33.37 -44.06
C HIS A 47 -14.94 -33.85 -42.83
N VAL A 48 -16.26 -33.73 -42.92
CA VAL A 48 -17.15 -34.00 -41.80
C VAL A 48 -18.17 -35.10 -42.15
N GLN A 49 -18.34 -36.01 -41.20
CA GLN A 49 -19.23 -37.13 -41.38
C GLN A 49 -19.79 -37.52 -40.03
N ASP A 50 -21.12 -37.66 -39.94
CA ASP A 50 -21.78 -38.18 -38.74
C ASP A 50 -21.43 -37.38 -37.47
N GLY A 51 -21.47 -36.07 -37.59
CA GLY A 51 -21.10 -35.14 -36.53
C GLY A 51 -19.65 -34.99 -36.18
N ARG A 52 -18.74 -35.67 -36.88
CA ARG A 52 -17.31 -35.73 -36.51
C ARG A 52 -16.39 -35.21 -37.59
N ILE A 53 -15.29 -34.64 -37.18
CA ILE A 53 -14.21 -34.32 -38.08
C ILE A 53 -13.48 -35.62 -38.39
N VAL A 54 -13.56 -36.04 -39.66
CA VAL A 54 -13.04 -37.31 -40.07
C VAL A 54 -11.65 -37.15 -40.65
N ALA A 55 -11.40 -36.03 -41.31
CA ALA A 55 -10.09 -35.75 -41.91
C ALA A 55 -9.89 -34.26 -42.21
N LEU A 56 -8.63 -33.86 -42.32
CA LEU A 56 -8.24 -32.51 -42.73
C LEU A 56 -7.11 -32.63 -43.69
N GLY A 57 -6.89 -31.59 -44.48
CA GLY A 57 -5.69 -31.54 -45.30
C GLY A 57 -5.47 -30.21 -45.96
N VAL A 58 -4.30 -30.08 -46.59
CA VAL A 58 -3.90 -28.92 -47.32
C VAL A 58 -4.14 -29.18 -48.80
N HIS A 59 -4.87 -28.26 -49.45
CA HIS A 59 -5.26 -28.46 -50.84
C HIS A 59 -4.08 -28.77 -51.80
N ALA A 60 -2.94 -28.11 -51.62
CA ALA A 60 -1.78 -28.25 -52.48
C ALA A 60 -1.12 -29.63 -52.33
N GLU A 61 -1.36 -30.33 -51.23
CA GLU A 61 -0.81 -31.65 -50.97
C GLU A 61 -1.83 -32.81 -51.05
N SER A 62 -3.13 -32.53 -51.05
CA SER A 62 -4.13 -33.58 -50.93
C SER A 62 -5.50 -33.10 -51.46
N VAL A 63 -6.23 -34.06 -51.97
CA VAL A 63 -7.49 -33.84 -52.56
C VAL A 63 -8.51 -34.23 -51.48
N PRO A 64 -9.52 -33.42 -51.31
CA PRO A 64 -10.49 -33.74 -50.28
C PRO A 64 -11.35 -34.90 -50.72
N PRO A 65 -11.83 -35.71 -49.79
CA PRO A 65 -12.77 -36.75 -50.08
C PRO A 65 -14.03 -36.20 -50.69
N PRO A 66 -14.71 -37.03 -51.48
CA PRO A 66 -15.99 -36.60 -52.01
C PRO A 66 -16.95 -36.36 -50.85
N ALA A 67 -17.86 -35.42 -51.04
CA ALA A 67 -18.85 -35.12 -50.03
C ALA A 67 -20.19 -34.77 -50.63
N ASP A 68 -21.25 -34.98 -49.87
CA ASP A 68 -22.60 -34.71 -50.33
C ASP A 68 -22.79 -33.23 -50.54
N ARG A 69 -22.11 -32.41 -49.76
CA ARG A 69 -22.09 -30.95 -50.04
C ARG A 69 -20.79 -30.26 -49.59
N VAL A 70 -20.43 -29.25 -50.37
CA VAL A 70 -19.22 -28.51 -50.20
C VAL A 70 -19.57 -27.15 -49.75
N ILE A 71 -18.98 -26.72 -48.65
CA ILE A 71 -19.09 -25.33 -48.24
C ILE A 71 -17.80 -24.66 -48.67
N ASP A 72 -17.91 -23.62 -49.46
CA ASP A 72 -16.78 -22.86 -49.91
C ASP A 72 -16.37 -21.76 -48.93
N ALA A 73 -15.23 -21.96 -48.29
CA ALA A 73 -14.71 -21.04 -47.31
C ALA A 73 -13.58 -20.19 -47.86
N ARG A 74 -13.50 -20.11 -49.18
CA ARG A 74 -12.43 -19.33 -49.79
C ARG A 74 -12.47 -17.93 -49.25
N GLY A 75 -11.30 -17.41 -48.92
CA GLY A 75 -11.19 -16.06 -48.32
C GLY A 75 -11.67 -15.96 -46.87
N LYS A 76 -11.89 -17.11 -46.21
CA LYS A 76 -12.44 -17.11 -44.85
C LYS A 76 -11.57 -17.88 -43.90
N VAL A 77 -11.84 -17.68 -42.62
CA VAL A 77 -11.07 -18.30 -41.58
C VAL A 77 -11.95 -19.29 -40.85
N VAL A 78 -11.44 -20.50 -40.68
CA VAL A 78 -12.18 -21.55 -39.98
C VAL A 78 -11.55 -21.78 -38.60
N LEU A 79 -12.40 -21.73 -37.56
CA LEU A 79 -12.00 -21.90 -36.15
C LEU A 79 -12.88 -22.97 -35.52
N PRO A 80 -12.38 -23.58 -34.47
CA PRO A 80 -13.32 -24.29 -33.61
C PRO A 80 -14.36 -23.35 -33.04
N GLY A 81 -15.55 -23.85 -32.79
CA GLY A 81 -16.59 -23.01 -32.23
C GLY A 81 -16.18 -22.46 -30.85
N PHE A 82 -16.63 -21.25 -30.55
CA PHE A 82 -16.38 -20.68 -29.27
C PHE A 82 -17.21 -21.34 -28.18
N ILE A 83 -16.59 -21.42 -27.01
CA ILE A 83 -17.16 -22.11 -25.90
C ILE A 83 -17.45 -21.11 -24.76
N ASN A 84 -18.73 -21.00 -24.38
CA ASN A 84 -19.12 -20.09 -23.33
C ASN A 84 -19.06 -20.85 -22.03
N ALA A 85 -18.00 -20.66 -21.29
CA ALA A 85 -17.68 -21.53 -20.20
C ALA A 85 -18.53 -21.42 -18.96
N HIS A 86 -19.30 -20.35 -18.90
CA HIS A 86 -20.21 -20.11 -17.76
C HIS A 86 -21.16 -18.96 -18.11
N THR A 87 -22.46 -19.24 -18.11
CA THR A 87 -23.44 -18.22 -18.43
C THR A 87 -24.75 -18.54 -17.72
N HIS A 88 -25.68 -17.59 -17.76
CA HIS A 88 -27.02 -17.79 -17.25
C HIS A 88 -27.91 -17.21 -18.28
N VAL A 89 -28.75 -18.05 -18.84
CA VAL A 89 -29.46 -17.73 -20.08
C VAL A 89 -30.75 -16.93 -19.95
N ASN A 90 -31.66 -17.37 -19.09
CA ASN A 90 -33.04 -16.89 -19.11
C ASN A 90 -33.11 -15.40 -18.77
N GLN A 91 -32.18 -14.97 -17.93
CA GLN A 91 -32.01 -13.59 -17.48
C GLN A 91 -31.81 -12.62 -18.59
N ILE A 92 -31.53 -13.09 -19.79
CA ILE A 92 -31.39 -12.18 -20.91
C ILE A 92 -32.60 -11.26 -21.10
N LEU A 93 -33.78 -11.67 -20.62
CA LEU A 93 -34.98 -10.87 -20.79
C LEU A 93 -35.07 -9.73 -19.80
N LEU A 94 -34.07 -9.63 -18.92
CA LEU A 94 -34.03 -8.52 -17.95
C LEU A 94 -33.01 -7.42 -18.27
N ARG A 95 -32.31 -7.54 -19.39
CA ARG A 95 -31.42 -6.52 -19.81
C ARG A 95 -32.14 -5.38 -20.51
N GLY A 96 -31.40 -4.32 -20.81
CA GLY A 96 -31.95 -3.18 -21.54
C GLY A 96 -32.50 -2.06 -20.69
N GLY A 97 -32.00 -1.95 -19.45
CA GLY A 97 -32.47 -0.91 -18.56
C GLY A 97 -32.55 -1.23 -17.10
N PRO A 98 -33.13 -2.37 -16.74
CA PRO A 98 -33.37 -2.74 -15.35
C PRO A 98 -32.17 -3.21 -14.57
N SER A 99 -31.07 -3.58 -15.22
CA SER A 99 -30.06 -4.45 -14.56
C SER A 99 -28.73 -3.78 -14.14
N HIS A 100 -28.39 -2.64 -14.74
CA HIS A 100 -27.08 -2.03 -14.57
C HIS A 100 -26.98 -1.13 -13.31
N GLY A 101 -25.75 -0.82 -12.94
CA GLY A 101 -25.52 0.18 -11.92
C GLY A 101 -25.58 -0.39 -10.50
N ARG A 102 -25.61 -1.71 -10.36
CA ARG A 102 -25.82 -2.34 -9.03
C ARG A 102 -24.74 -3.30 -8.68
N GLN A 103 -24.23 -3.24 -7.45
CA GLN A 103 -23.33 -4.27 -6.91
C GLN A 103 -24.06 -5.64 -6.93
N PHE A 104 -23.27 -6.69 -6.90
CA PHE A 104 -23.77 -8.06 -7.05
C PHE A 104 -25.05 -8.36 -6.26
N TYR A 105 -25.06 -8.14 -4.95
CA TYR A 105 -26.26 -8.53 -4.13
C TYR A 105 -27.48 -7.68 -4.40
N ASP A 106 -27.23 -6.44 -4.76
CA ASP A 106 -28.27 -5.49 -5.10
C ASP A 106 -28.94 -5.98 -6.38
N TRP A 107 -28.13 -6.27 -7.36
CA TRP A 107 -28.58 -6.89 -8.64
C TRP A 107 -29.29 -8.21 -8.42
N LEU A 108 -28.72 -9.05 -7.57
CA LEU A 108 -29.30 -10.36 -7.34
C LEU A 108 -30.72 -10.27 -6.76
N PHE A 109 -30.90 -9.43 -5.74
CA PHE A 109 -32.17 -9.43 -4.98
C PHE A 109 -33.22 -8.50 -5.57
N ASN A 110 -32.78 -7.43 -6.22
CA ASN A 110 -33.73 -6.47 -6.81
C ASN A 110 -34.03 -6.69 -8.27
N VAL A 111 -33.23 -7.53 -8.93
CA VAL A 111 -33.42 -7.76 -10.34
C VAL A 111 -33.56 -9.24 -10.69
N VAL A 112 -32.51 -10.02 -10.43
CA VAL A 112 -32.43 -11.40 -10.95
C VAL A 112 -33.48 -12.33 -10.34
N TYR A 113 -33.52 -12.46 -9.01
CA TYR A 113 -34.49 -13.34 -8.38
C TYR A 113 -35.92 -13.02 -8.70
N PRO A 114 -36.33 -11.76 -8.57
CA PRO A 114 -37.71 -11.42 -8.84
C PRO A 114 -38.08 -11.45 -10.31
N GLY A 115 -37.14 -11.07 -11.14
CA GLY A 115 -37.36 -11.11 -12.59
C GLY A 115 -37.55 -12.55 -13.06
N GLN A 116 -36.71 -13.46 -12.59
CA GLN A 116 -36.79 -14.87 -12.92
C GLN A 116 -38.08 -15.45 -12.44
N LYS A 117 -38.47 -15.07 -11.22
CA LYS A 117 -39.69 -15.60 -10.68
C LYS A 117 -40.95 -15.21 -11.45
N ALA A 118 -40.97 -14.01 -12.03
CA ALA A 118 -42.11 -13.55 -12.81
C ALA A 118 -42.18 -14.15 -14.20
N MET A 119 -41.13 -14.82 -14.64
CA MET A 119 -41.12 -15.42 -15.99
C MET A 119 -41.89 -16.73 -16.01
N ARG A 120 -42.75 -16.87 -16.99
CA ARG A 120 -43.51 -18.09 -17.20
C ARG A 120 -42.71 -19.01 -18.16
N PRO A 121 -43.05 -20.28 -18.22
CA PRO A 121 -42.39 -21.15 -19.19
C PRO A 121 -42.36 -20.66 -20.66
N GLU A 122 -43.42 -20.01 -21.11
CA GLU A 122 -43.47 -19.51 -22.50
C GLU A 122 -42.52 -18.31 -22.64
N ASP A 123 -42.26 -17.58 -21.56
CA ASP A 123 -41.22 -16.54 -21.57
C ASP A 123 -39.84 -17.16 -21.65
N VAL A 124 -39.62 -18.24 -20.89
CA VAL A 124 -38.35 -18.97 -20.92
C VAL A 124 -38.00 -19.47 -22.29
N ALA A 125 -38.99 -19.96 -23.02
CA ALA A 125 -38.71 -20.48 -24.36
C ALA A 125 -38.23 -19.38 -25.25
N VAL A 126 -38.86 -18.21 -25.15
CA VAL A 126 -38.44 -17.04 -25.94
C VAL A 126 -37.04 -16.52 -25.50
N ALA A 127 -36.79 -16.48 -24.22
CA ALA A 127 -35.47 -16.11 -23.71
C ALA A 127 -34.38 -16.98 -24.28
N VAL A 128 -34.61 -18.28 -24.25
CA VAL A 128 -33.60 -19.22 -24.71
C VAL A 128 -33.31 -19.05 -26.19
N ARG A 129 -34.37 -18.88 -26.98
CA ARG A 129 -34.17 -18.71 -28.43
C ARG A 129 -33.44 -17.40 -28.72
N LEU A 130 -33.79 -16.33 -27.97
CA LEU A 130 -33.14 -15.05 -28.17
C LEU A 130 -31.64 -15.19 -27.85
N TYR A 131 -31.34 -15.80 -26.71
CA TYR A 131 -29.95 -16.04 -26.31
C TYR A 131 -29.20 -16.82 -27.39
N CYS A 132 -29.80 -17.91 -27.85
CA CYS A 132 -29.13 -18.74 -28.80
C CYS A 132 -28.91 -18.01 -30.12
N ALA A 133 -29.84 -17.17 -30.52
CA ALA A 133 -29.66 -16.40 -31.75
C ALA A 133 -28.46 -15.47 -31.65
N GLU A 134 -28.37 -14.78 -30.54
CA GLU A 134 -27.20 -13.91 -30.32
C GLU A 134 -25.91 -14.72 -30.25
N ALA A 135 -25.96 -15.82 -29.52
CA ALA A 135 -24.76 -16.61 -29.26
C ALA A 135 -24.18 -17.19 -30.56
N VAL A 136 -25.04 -17.82 -31.34
CA VAL A 136 -24.66 -18.44 -32.59
C VAL A 136 -24.17 -17.38 -33.57
N ARG A 137 -24.85 -16.25 -33.62
CA ARG A 137 -24.43 -15.17 -34.48
C ARG A 137 -23.03 -14.67 -34.09
N SER A 138 -22.61 -14.86 -32.84
CA SER A 138 -21.29 -14.46 -32.48
C SER A 138 -20.27 -15.62 -32.52
N GLY A 139 -20.69 -16.79 -32.97
CA GLY A 139 -19.76 -17.91 -33.09
C GLY A 139 -19.68 -18.88 -31.92
N ILE A 140 -20.55 -18.71 -30.93
CA ILE A 140 -20.63 -19.61 -29.79
C ILE A 140 -21.41 -20.86 -30.11
N THR A 141 -20.80 -22.02 -29.87
CA THR A 141 -21.40 -23.29 -30.24
C THR A 141 -21.70 -24.19 -29.02
N THR A 142 -20.94 -23.98 -27.96
CA THR A 142 -21.20 -24.64 -26.70
C THR A 142 -21.46 -23.59 -25.60
N ILE A 143 -22.49 -23.84 -24.82
CA ILE A 143 -22.96 -22.97 -23.76
C ILE A 143 -23.03 -23.78 -22.45
N ASN A 144 -22.36 -23.30 -21.40
CA ASN A 144 -22.52 -23.85 -20.07
C ASN A 144 -23.56 -23.09 -19.27
N GLU A 145 -24.80 -23.50 -19.38
CA GLU A 145 -25.91 -22.79 -18.78
C GLU A 145 -26.08 -23.13 -17.34
N ASN A 146 -25.83 -22.16 -16.47
CA ASN A 146 -26.09 -22.33 -15.05
C ASN A 146 -27.51 -21.89 -14.78
N ALA A 147 -28.37 -22.87 -14.57
CA ALA A 147 -29.81 -22.69 -14.49
C ALA A 147 -30.24 -22.44 -13.04
N ASP A 148 -30.37 -21.19 -12.68
CA ASP A 148 -30.83 -20.79 -11.36
C ASP A 148 -32.35 -20.77 -11.20
N SER A 149 -33.10 -21.02 -12.26
CA SER A 149 -34.58 -21.00 -12.20
C SER A 149 -35.22 -22.34 -12.56
N ALA A 150 -34.42 -23.38 -12.47
CA ALA A 150 -34.86 -24.72 -12.82
C ALA A 150 -35.89 -25.27 -11.83
N ILE A 151 -35.96 -24.64 -10.66
CA ILE A 151 -36.89 -25.01 -9.61
C ILE A 151 -38.35 -24.72 -9.98
N TYR A 152 -38.59 -23.79 -10.89
CA TYR A 152 -39.99 -23.45 -11.20
C TYR A 152 -40.60 -24.44 -12.21
N PRO A 153 -41.82 -24.90 -11.95
CA PRO A 153 -42.48 -25.91 -12.81
C PRO A 153 -42.56 -25.49 -14.26
N GLY A 154 -42.19 -26.39 -15.17
CA GLY A 154 -42.33 -26.12 -16.60
C GLY A 154 -41.10 -25.48 -17.27
N ASN A 155 -40.20 -24.92 -16.46
CA ASN A 155 -39.07 -24.21 -17.03
C ASN A 155 -38.10 -25.12 -17.69
N ILE A 156 -37.76 -26.22 -17.05
CA ILE A 156 -36.84 -27.18 -17.65
C ILE A 156 -37.35 -27.66 -19.02
N GLU A 157 -38.63 -28.05 -19.07
CA GLU A 157 -39.18 -28.61 -20.29
C GLU A 157 -39.17 -27.56 -21.39
N ALA A 158 -39.55 -26.33 -21.08
CA ALA A 158 -39.57 -25.27 -22.08
C ALA A 158 -38.17 -24.96 -22.64
N ALA A 159 -37.22 -24.87 -21.74
CA ALA A 159 -35.86 -24.57 -22.16
C ALA A 159 -35.27 -25.70 -22.99
N MET A 160 -35.38 -26.93 -22.48
CA MET A 160 -34.80 -28.10 -23.16
C MET A 160 -35.36 -28.30 -24.54
N ALA A 161 -36.64 -28.06 -24.72
CA ALA A 161 -37.16 -28.21 -26.09
C ALA A 161 -36.49 -27.22 -27.06
N VAL A 162 -36.28 -25.99 -26.61
CA VAL A 162 -35.63 -25.00 -27.51
C VAL A 162 -34.15 -25.34 -27.75
N TYR A 163 -33.40 -25.69 -26.70
CA TYR A 163 -31.99 -26.07 -26.91
C TYR A 163 -31.85 -27.21 -27.91
N GLY A 164 -32.69 -28.24 -27.74
CA GLY A 164 -32.74 -29.32 -28.66
C GLY A 164 -32.99 -28.90 -30.09
N GLU A 165 -34.07 -28.14 -30.31
CA GLU A 165 -34.42 -27.67 -31.64
C GLU A 165 -33.32 -26.77 -32.24
N VAL A 166 -32.74 -25.91 -31.42
CA VAL A 166 -31.74 -24.98 -31.95
C VAL A 166 -30.50 -25.70 -32.47
N GLY A 167 -30.08 -26.74 -31.78
CA GLY A 167 -28.89 -27.48 -32.23
C GLY A 167 -27.60 -27.13 -31.51
N VAL A 168 -27.70 -26.29 -30.50
CA VAL A 168 -26.53 -25.86 -29.81
C VAL A 168 -26.07 -26.92 -28.83
N ARG A 169 -24.77 -26.98 -28.55
CA ARG A 169 -24.26 -27.90 -27.52
C ARG A 169 -24.40 -27.23 -26.18
N VAL A 170 -25.01 -27.93 -25.23
CA VAL A 170 -25.40 -27.30 -23.94
C VAL A 170 -25.04 -28.16 -22.77
N VAL A 171 -24.37 -27.58 -21.79
CA VAL A 171 -24.28 -28.15 -20.47
C VAL A 171 -25.35 -27.43 -19.68
N TYR A 172 -26.26 -28.19 -19.07
CA TYR A 172 -27.30 -27.60 -18.21
C TYR A 172 -26.89 -27.92 -16.79
N ALA A 173 -26.37 -26.91 -16.12
CA ALA A 173 -25.87 -27.06 -14.78
C ALA A 173 -26.94 -26.58 -13.81
N ARG A 174 -27.57 -27.52 -13.13
CA ARG A 174 -28.76 -27.26 -12.36
C ARG A 174 -28.37 -26.80 -10.99
N MET A 175 -28.55 -25.52 -10.75
CA MET A 175 -28.15 -24.89 -9.47
C MET A 175 -29.07 -25.22 -8.32
N PHE A 176 -28.48 -25.41 -7.14
CA PHE A 176 -29.28 -25.55 -5.95
C PHE A 176 -28.68 -24.88 -4.75
N PHE A 177 -29.57 -24.60 -3.80
CA PHE A 177 -29.32 -23.89 -2.57
C PHE A 177 -30.05 -24.67 -1.51
N ASP A 178 -29.34 -25.15 -0.48
CA ASP A 178 -29.99 -25.92 0.58
C ASP A 178 -29.72 -25.43 2.00
N ARG A 179 -29.19 -24.23 2.15
CA ARG A 179 -28.77 -23.72 3.45
C ARG A 179 -28.96 -22.22 3.47
N MET A 180 -29.51 -21.72 4.57
CA MET A 180 -29.74 -20.28 4.75
C MET A 180 -28.39 -19.68 5.16
N ASP A 181 -27.98 -18.61 4.51
CA ASP A 181 -26.85 -17.80 5.02
C ASP A 181 -27.35 -16.60 5.85
N GLY A 182 -27.71 -16.87 7.11
CA GLY A 182 -28.36 -15.89 8.01
C GLY A 182 -27.61 -14.59 8.25
N ARG A 183 -26.27 -14.65 8.16
CA ARG A 183 -25.36 -13.48 8.36
C ARG A 183 -25.68 -12.23 7.51
N ILE A 184 -26.10 -12.45 6.27
CA ILE A 184 -26.28 -11.31 5.42
C ILE A 184 -27.71 -10.67 5.44
N GLN A 185 -28.49 -10.75 6.52
CA GLN A 185 -29.94 -10.35 6.43
C GLN A 185 -30.24 -8.85 6.53
N GLY A 186 -29.58 -8.13 7.44
CA GLY A 186 -29.85 -6.68 7.59
C GLY A 186 -29.38 -5.88 6.35
N TYR A 187 -28.32 -6.41 5.74
CA TYR A 187 -27.75 -5.95 4.46
C TYR A 187 -28.78 -6.14 3.33
N VAL A 188 -29.41 -7.30 3.31
CA VAL A 188 -30.42 -7.62 2.31
C VAL A 188 -31.63 -6.70 2.41
N ASP A 189 -32.11 -6.44 3.63
CA ASP A 189 -33.28 -5.56 3.82
C ASP A 189 -32.97 -4.15 3.34
N ALA A 190 -31.78 -3.65 3.66
CA ALA A 190 -31.37 -2.37 3.19
C ALA A 190 -31.36 -2.34 1.64
N LEU A 191 -30.77 -3.36 1.04
CA LEU A 191 -30.70 -3.45 -0.42
C LEU A 191 -32.12 -3.48 -1.02
N LYS A 192 -33.00 -4.25 -0.38
CA LYS A 192 -34.40 -4.37 -0.85
C LYS A 192 -35.15 -3.07 -0.79
N ALA A 193 -34.76 -2.21 0.15
CA ALA A 193 -35.42 -0.91 0.26
C ALA A 193 -35.12 0.01 -0.93
N ARG A 194 -34.10 -0.32 -1.72
CA ARG A 194 -33.88 0.42 -3.00
C ARG A 194 -35.03 0.22 -4.02
N SER A 195 -35.72 -0.94 -3.96
CA SER A 195 -36.84 -1.25 -4.86
C SER A 195 -37.89 -1.98 -4.00
N PRO A 196 -38.52 -1.23 -3.07
CA PRO A 196 -39.36 -1.89 -2.02
C PRO A 196 -40.60 -2.61 -2.55
N GLN A 197 -41.12 -2.17 -3.69
CA GLN A 197 -42.27 -2.87 -4.32
C GLN A 197 -41.90 -4.16 -5.04
N VAL A 198 -40.60 -4.44 -5.18
CA VAL A 198 -40.14 -5.69 -5.79
C VAL A 198 -40.00 -6.71 -4.66
N GLU A 199 -40.59 -7.89 -4.86
CA GLU A 199 -40.71 -8.88 -3.81
C GLU A 199 -39.39 -9.61 -3.56
N LEU A 200 -39.05 -9.77 -2.30
CA LEU A 200 -37.94 -10.60 -1.90
C LEU A 200 -38.34 -12.05 -2.08
N CYS A 201 -37.52 -12.85 -2.75
CA CYS A 201 -37.91 -14.28 -2.88
C CYS A 201 -36.85 -15.35 -2.76
N SER A 202 -37.33 -16.51 -2.32
CA SER A 202 -36.47 -17.60 -1.85
C SER A 202 -36.55 -18.83 -2.77
N ILE A 203 -35.40 -19.38 -3.14
CA ILE A 203 -35.40 -20.63 -3.89
C ILE A 203 -34.67 -21.79 -3.20
N MET A 204 -34.65 -21.73 -1.88
CA MET A 204 -34.04 -22.76 -1.09
C MET A 204 -34.83 -24.06 -1.26
N GLU A 205 -34.15 -25.19 -1.29
CA GLU A 205 -34.82 -26.44 -1.17
C GLU A 205 -34.10 -27.36 -0.19
N GLU A 206 -34.80 -28.37 0.29
CA GLU A 206 -34.21 -29.37 1.15
C GLU A 206 -33.22 -30.17 0.36
N THR A 207 -32.14 -30.57 1.01
CA THR A 207 -31.09 -31.29 0.34
C THR A 207 -31.59 -32.47 -0.46
N ALA A 208 -32.46 -33.27 0.14
CA ALA A 208 -32.89 -34.52 -0.48
C ALA A 208 -33.74 -34.22 -1.72
N VAL A 209 -34.48 -33.13 -1.66
CA VAL A 209 -35.37 -32.74 -2.78
C VAL A 209 -34.50 -32.28 -3.96
N ALA A 210 -33.47 -31.47 -3.67
CA ALA A 210 -32.52 -31.08 -4.72
C ALA A 210 -31.88 -32.29 -5.37
N LYS A 211 -31.44 -33.24 -4.56
CA LYS A 211 -30.84 -34.48 -5.12
C LYS A 211 -31.77 -35.26 -6.07
N ASP A 212 -32.99 -35.44 -5.64
CA ASP A 212 -33.99 -36.19 -6.44
C ASP A 212 -34.31 -35.47 -7.74
N ARG A 213 -34.54 -34.18 -7.64
CA ARG A 213 -34.84 -33.36 -8.80
C ARG A 213 -33.72 -33.34 -9.81
N ILE A 214 -32.49 -33.24 -9.35
CA ILE A 214 -31.35 -33.18 -10.26
C ILE A 214 -31.07 -34.53 -10.89
N THR A 215 -31.22 -35.56 -10.07
CA THR A 215 -31.05 -36.92 -10.57
C THR A 215 -32.09 -37.23 -11.65
N ALA A 216 -33.32 -36.86 -11.39
CA ALA A 216 -34.41 -37.10 -12.40
C ALA A 216 -34.14 -36.29 -13.70
N LEU A 217 -33.70 -35.05 -13.54
CA LEU A 217 -33.37 -34.22 -14.68
C LEU A 217 -32.23 -34.84 -15.51
N SER A 218 -31.19 -35.30 -14.83
CA SER A 218 -30.14 -36.01 -15.51
C SER A 218 -30.64 -37.29 -16.22
N ASP A 219 -31.38 -38.12 -15.50
CA ASP A 219 -31.90 -39.40 -16.08
C ASP A 219 -32.71 -39.09 -17.33
N GLN A 220 -33.51 -38.04 -17.30
CA GLN A 220 -34.35 -37.73 -18.47
C GLN A 220 -33.60 -37.02 -19.64
N TYR A 221 -32.69 -36.10 -19.35
CA TYR A 221 -32.11 -35.22 -20.41
C TYR A 221 -30.65 -35.41 -20.76
N HIS A 222 -29.90 -36.06 -19.88
CA HIS A 222 -28.47 -36.19 -20.13
C HIS A 222 -28.23 -37.07 -21.35
N GLY A 223 -27.41 -36.59 -22.29
CA GLY A 223 -27.13 -37.31 -23.54
C GLY A 223 -28.20 -37.19 -24.64
N THR A 224 -29.29 -36.47 -24.39
CA THR A 224 -30.33 -36.30 -25.39
C THR A 224 -29.86 -35.32 -26.49
N ALA A 225 -30.75 -35.08 -27.45
CA ALA A 225 -30.48 -34.28 -28.65
C ALA A 225 -29.17 -34.71 -29.33
N GLY A 226 -29.04 -36.02 -29.57
CA GLY A 226 -27.87 -36.60 -30.23
C GLY A 226 -26.59 -36.38 -29.43
N GLY A 227 -26.69 -36.39 -28.10
CA GLY A 227 -25.48 -36.19 -27.28
C GLY A 227 -25.12 -34.70 -27.02
N ARG A 228 -25.91 -33.78 -27.58
CA ARG A 228 -25.59 -32.36 -27.47
C ARG A 228 -25.88 -31.79 -26.08
N ILE A 229 -26.80 -32.41 -25.34
CA ILE A 229 -27.24 -31.90 -24.06
C ILE A 229 -26.65 -32.74 -22.94
N SER A 230 -26.02 -32.08 -21.99
CA SER A 230 -25.49 -32.69 -20.78
C SER A 230 -26.10 -32.02 -19.52
N VAL A 231 -26.08 -32.74 -18.39
CA VAL A 231 -26.60 -32.29 -17.14
C VAL A 231 -25.53 -32.39 -16.04
N TRP A 232 -25.29 -31.28 -15.34
CA TRP A 232 -24.35 -31.26 -14.21
C TRP A 232 -25.07 -30.77 -12.97
N PRO A 233 -24.63 -31.20 -11.79
CA PRO A 233 -25.10 -30.57 -10.55
C PRO A 233 -24.29 -29.30 -10.26
N ALA A 234 -24.96 -28.28 -9.73
CA ALA A 234 -24.35 -27.01 -9.47
C ALA A 234 -24.67 -26.41 -8.13
N PRO A 235 -23.99 -26.87 -7.11
CA PRO A 235 -24.20 -26.18 -5.82
C PRO A 235 -23.82 -24.71 -5.99
N ALA A 236 -24.68 -23.83 -5.54
CA ALA A 236 -24.57 -22.41 -5.88
C ALA A 236 -23.27 -21.76 -5.40
N THR A 237 -22.98 -21.86 -4.10
CA THR A 237 -21.82 -21.28 -3.45
C THR A 237 -21.51 -22.07 -2.19
N THR A 238 -20.37 -21.79 -1.57
CA THR A 238 -19.95 -22.53 -0.34
C THR A 238 -20.73 -22.09 0.91
N THR A 239 -21.46 -20.98 0.82
CA THR A 239 -22.30 -20.56 1.94
C THR A 239 -23.75 -20.92 1.75
N ALA A 240 -24.19 -21.14 0.50
CA ALA A 240 -25.57 -21.45 0.27
C ALA A 240 -25.84 -22.96 0.19
N VAL A 241 -24.77 -23.76 0.25
CA VAL A 241 -24.91 -25.20 0.17
C VAL A 241 -24.14 -25.91 1.30
N THR A 242 -24.78 -26.90 1.91
CA THR A 242 -24.23 -27.67 3.00
C THR A 242 -23.03 -28.47 2.48
N VAL A 243 -22.17 -28.86 3.40
CA VAL A 243 -21.12 -29.81 3.07
C VAL A 243 -21.71 -31.05 2.41
N GLU A 244 -22.79 -31.60 2.97
CA GLU A 244 -23.35 -32.81 2.45
C GLU A 244 -23.83 -32.60 0.98
N GLY A 245 -24.45 -31.45 0.70
CA GLY A 245 -24.89 -31.14 -0.62
C GLY A 245 -23.72 -31.06 -1.61
N MET A 246 -22.63 -30.42 -1.20
CA MET A 246 -21.46 -30.33 -2.09
C MET A 246 -20.82 -31.71 -2.30
N ARG A 247 -20.72 -32.51 -1.25
CA ARG A 247 -20.16 -33.86 -1.38
C ARG A 247 -21.00 -34.74 -2.31
N TRP A 248 -22.32 -34.61 -2.21
CA TRP A 248 -23.17 -35.32 -3.13
C TRP A 248 -22.90 -34.89 -4.58
N ALA A 249 -22.84 -33.58 -4.83
CA ALA A 249 -22.53 -33.10 -6.19
C ALA A 249 -21.21 -33.65 -6.69
N GLN A 250 -20.21 -33.60 -5.81
CA GLN A 250 -18.89 -34.13 -6.14
C GLN A 250 -18.91 -35.62 -6.54
N ALA A 251 -19.59 -36.42 -5.74
CA ALA A 251 -19.70 -37.87 -5.99
C ALA A 251 -20.54 -38.15 -7.24
N PHE A 252 -21.55 -37.34 -7.45
CA PHE A 252 -22.41 -37.50 -8.63
C PHE A 252 -21.61 -37.28 -9.89
N ALA A 253 -20.79 -36.24 -9.91
CA ALA A 253 -19.97 -35.96 -11.08
C ALA A 253 -19.05 -37.13 -11.38
N ARG A 254 -18.43 -37.64 -10.32
CA ARG A 254 -17.52 -38.76 -10.48
C ARG A 254 -18.26 -40.01 -10.99
N ASP A 255 -19.37 -40.38 -10.37
CA ASP A 255 -20.10 -41.61 -10.77
C ASP A 255 -20.61 -41.51 -12.20
N ARG A 256 -20.99 -40.32 -12.66
CA ARG A 256 -21.55 -40.18 -14.00
C ARG A 256 -20.58 -39.63 -15.02
N ALA A 257 -19.32 -39.50 -14.65
CA ALA A 257 -18.29 -38.97 -15.56
C ALA A 257 -18.69 -37.59 -16.16
N VAL A 258 -19.19 -36.71 -15.31
CA VAL A 258 -19.41 -35.33 -15.72
C VAL A 258 -18.59 -34.41 -14.81
N MET A 259 -18.94 -33.13 -14.74
CA MET A 259 -18.33 -32.18 -13.82
C MET A 259 -19.40 -31.69 -12.84
N TRP A 260 -18.95 -30.99 -11.81
CA TRP A 260 -19.80 -30.22 -10.95
C TRP A 260 -19.21 -28.81 -10.89
N THR A 261 -20.05 -27.85 -10.54
CA THR A 261 -19.62 -26.47 -10.62
C THR A 261 -20.22 -25.66 -9.52
N LEU A 262 -19.50 -24.60 -9.15
CA LEU A 262 -19.86 -23.76 -8.04
C LEU A 262 -19.36 -22.34 -8.26
N HIS A 263 -20.08 -21.35 -7.75
CA HIS A 263 -19.66 -19.94 -7.82
C HIS A 263 -18.75 -19.61 -6.64
N MET A 264 -17.56 -19.11 -6.91
CA MET A 264 -16.52 -18.95 -5.89
C MET A 264 -16.00 -17.55 -5.84
N ALA A 265 -16.24 -16.90 -4.70
CA ALA A 265 -15.51 -15.68 -4.34
C ALA A 265 -15.79 -14.57 -5.39
N GLU A 266 -17.05 -14.47 -5.79
CA GLU A 266 -17.53 -13.43 -6.73
C GLU A 266 -17.64 -12.03 -6.03
N SER A 267 -17.85 -12.01 -4.72
CA SER A 267 -18.00 -10.77 -3.93
C SER A 267 -17.21 -10.76 -2.60
N ASP A 268 -17.10 -9.57 -2.01
CA ASP A 268 -16.33 -9.36 -0.77
C ASP A 268 -17.04 -9.85 0.50
N HIS A 269 -18.33 -10.12 0.38
CA HIS A 269 -19.20 -10.74 1.43
C HIS A 269 -19.23 -12.30 1.37
N ASP A 270 -18.65 -12.89 0.32
CA ASP A 270 -18.54 -14.35 0.18
C ASP A 270 -17.25 -14.78 0.85
N GLU A 271 -16.20 -14.03 0.48
CA GLU A 271 -14.86 -14.01 1.06
C GLU A 271 -14.63 -14.79 2.37
N ARG A 272 -15.57 -14.71 3.30
CA ARG A 272 -15.42 -15.36 4.62
C ARG A 272 -16.56 -16.28 5.00
N ILE A 273 -16.52 -17.46 4.37
CA ILE A 273 -17.17 -18.66 4.94
C ILE A 273 -16.30 -19.12 6.12
N HIS A 274 -16.71 -18.73 7.32
CA HIS A 274 -16.17 -19.36 8.51
C HIS A 274 -14.65 -19.11 8.62
N GLY A 275 -14.21 -17.86 8.40
CA GLY A 275 -12.84 -17.44 8.80
C GLY A 275 -11.69 -17.89 7.88
N MET A 276 -12.03 -18.35 6.68
CA MET A 276 -11.05 -18.73 5.69
C MET A 276 -11.72 -18.50 4.33
N SER A 277 -10.95 -18.57 3.26
CA SER A 277 -11.49 -18.36 1.93
C SER A 277 -12.31 -19.59 1.50
N PRO A 278 -13.14 -19.45 0.48
CA PRO A 278 -13.96 -20.55 0.07
C PRO A 278 -13.11 -21.68 -0.48
N ALA A 279 -11.99 -21.35 -1.06
CA ALA A 279 -11.08 -22.37 -1.50
C ALA A 279 -10.49 -23.15 -0.33
N GLU A 280 -10.02 -22.45 0.69
CA GLU A 280 -9.53 -23.12 1.89
C GLU A 280 -10.60 -24.00 2.54
N TYR A 281 -11.81 -23.49 2.61
CA TYR A 281 -12.93 -24.22 3.21
C TYR A 281 -13.18 -25.51 2.45
N MET A 282 -13.19 -25.40 1.13
CA MET A 282 -13.41 -26.57 0.34
C MET A 282 -12.28 -27.56 0.51
N GLU A 283 -11.04 -27.08 0.52
CA GLU A 283 -9.85 -27.95 0.77
C GLU A 283 -10.00 -28.74 2.06
N CYS A 284 -10.46 -28.08 3.10
CA CYS A 284 -10.63 -28.73 4.40
C CYS A 284 -11.53 -29.93 4.28
N TYR A 285 -12.61 -29.80 3.53
CA TYR A 285 -13.54 -30.89 3.36
C TYR A 285 -13.26 -31.78 2.13
N GLY A 286 -12.10 -31.67 1.49
CA GLY A 286 -11.76 -32.55 0.35
C GLY A 286 -12.64 -32.26 -0.88
N LEU A 287 -13.14 -31.02 -0.99
CA LEU A 287 -14.08 -30.66 -2.04
C LEU A 287 -13.45 -30.04 -3.27
N LEU A 288 -12.13 -29.98 -3.33
CA LEU A 288 -11.44 -29.56 -4.55
C LEU A 288 -10.92 -30.75 -5.32
N ASP A 289 -11.38 -30.93 -6.54
CA ASP A 289 -10.93 -32.05 -7.35
C ASP A 289 -11.02 -31.67 -8.83
N GLU A 290 -10.54 -32.56 -9.70
CA GLU A 290 -10.32 -32.27 -11.08
C GLU A 290 -11.60 -32.19 -11.91
N ARG A 291 -12.72 -32.61 -11.32
N ARG A 291 -12.71 -32.59 -11.32
CA ARG A 291 -14.02 -32.49 -11.98
CA ARG A 291 -14.02 -32.47 -11.97
C ARG A 291 -14.81 -31.27 -11.52
C ARG A 291 -14.80 -31.26 -11.53
N LEU A 292 -14.22 -30.44 -10.68
CA LEU A 292 -14.86 -29.19 -10.23
C LEU A 292 -14.50 -28.10 -11.19
N GLN A 293 -15.51 -27.36 -11.64
CA GLN A 293 -15.30 -26.12 -12.34
C GLN A 293 -15.82 -24.96 -11.51
N VAL A 294 -14.93 -24.04 -11.11
CA VAL A 294 -15.35 -22.91 -10.30
C VAL A 294 -15.52 -21.70 -11.16
N ALA A 295 -16.50 -20.89 -10.85
CA ALA A 295 -16.72 -19.65 -11.54
C ALA A 295 -16.36 -18.45 -10.66
N HIS A 296 -15.68 -17.50 -11.29
CA HIS A 296 -15.41 -16.12 -10.84
C HIS A 296 -13.99 -15.90 -10.26
N CYS A 297 -13.82 -16.24 -9.00
CA CYS A 297 -12.44 -16.16 -8.43
C CYS A 297 -11.85 -14.75 -8.44
N VAL A 298 -12.70 -13.76 -8.22
CA VAL A 298 -12.22 -12.39 -8.09
C VAL A 298 -11.51 -12.16 -6.78
N TYR A 299 -12.11 -12.62 -5.67
CA TYR A 299 -11.58 -12.32 -4.34
C TYR A 299 -10.65 -13.45 -3.88
N PHE A 300 -9.55 -13.59 -4.60
CA PHE A 300 -8.65 -14.73 -4.55
C PHE A 300 -7.28 -14.25 -4.24
N ASP A 301 -6.54 -14.98 -3.44
CA ASP A 301 -5.14 -14.61 -3.15
C ASP A 301 -4.22 -15.72 -3.70
N ARG A 302 -2.92 -15.61 -3.48
CA ARG A 302 -1.96 -16.58 -4.04
C ARG A 302 -2.21 -17.98 -3.54
N LYS A 303 -2.57 -18.12 -2.29
CA LYS A 303 -2.84 -19.42 -1.70
C LYS A 303 -4.02 -20.09 -2.40
N ASP A 304 -5.07 -19.34 -2.62
CA ASP A 304 -6.26 -19.89 -3.28
C ASP A 304 -5.90 -20.45 -4.66
N VAL A 305 -5.09 -19.72 -5.38
CA VAL A 305 -4.64 -20.12 -6.70
C VAL A 305 -3.80 -21.40 -6.60
N ARG A 306 -2.91 -21.45 -5.62
CA ARG A 306 -2.14 -22.68 -5.36
C ARG A 306 -3.04 -23.88 -5.06
N LEU A 307 -4.09 -23.69 -4.26
CA LEU A 307 -4.98 -24.81 -3.94
C LEU A 307 -5.72 -25.33 -5.18
N LEU A 308 -6.20 -24.44 -6.02
CA LEU A 308 -6.95 -24.84 -7.18
C LEU A 308 -5.98 -25.56 -8.13
N HIS A 309 -4.79 -25.00 -8.27
CA HIS A 309 -3.76 -25.55 -9.15
C HIS A 309 -3.44 -27.01 -8.71
N ARG A 310 -3.19 -27.19 -7.40
CA ARG A 310 -2.79 -28.46 -6.87
C ARG A 310 -3.82 -29.54 -7.24
N HIS A 311 -5.11 -29.22 -7.25
CA HIS A 311 -6.14 -30.25 -7.43
C HIS A 311 -6.69 -30.28 -8.84
N ASN A 312 -6.01 -29.55 -9.71
CA ASN A 312 -6.42 -29.43 -11.08
C ASN A 312 -7.84 -28.95 -11.31
N VAL A 313 -8.27 -27.99 -10.50
CA VAL A 313 -9.58 -27.45 -10.61
C VAL A 313 -9.69 -26.64 -11.87
N LYS A 314 -10.85 -26.72 -12.52
CA LYS A 314 -11.10 -25.94 -13.73
C LYS A 314 -11.74 -24.61 -13.35
N VAL A 315 -11.52 -23.61 -14.17
CA VAL A 315 -11.97 -22.23 -13.87
C VAL A 315 -12.68 -21.57 -15.05
N ALA A 316 -13.78 -20.91 -14.77
CA ALA A 316 -14.41 -20.07 -15.76
C ALA A 316 -14.30 -18.64 -15.30
N SER A 317 -13.72 -17.77 -16.13
CA SER A 317 -13.58 -16.38 -15.80
C SER A 317 -14.60 -15.51 -16.54
N GLN A 318 -15.40 -14.75 -15.77
CA GLN A 318 -16.44 -13.88 -16.31
C GLN A 318 -15.96 -12.41 -16.26
N VAL A 319 -14.96 -12.11 -17.06
CA VAL A 319 -14.25 -10.85 -16.96
C VAL A 319 -15.16 -9.61 -17.12
N VAL A 320 -16.10 -9.68 -18.05
CA VAL A 320 -16.96 -8.56 -18.35
C VAL A 320 -17.94 -8.34 -17.18
N SER A 321 -18.56 -9.40 -16.73
CA SER A 321 -19.52 -9.31 -15.63
C SER A 321 -18.88 -8.88 -14.32
N ASN A 322 -17.62 -9.33 -14.09
CA ASN A 322 -16.92 -8.91 -12.91
C ASN A 322 -16.70 -7.36 -12.88
N ALA A 323 -16.58 -6.77 -14.06
CA ALA A 323 -16.59 -5.34 -14.17
C ALA A 323 -18.03 -4.76 -14.01
N TYR A 324 -18.97 -5.28 -14.78
CA TYR A 324 -20.35 -4.76 -14.81
C TYR A 324 -20.96 -4.62 -13.40
N LEU A 325 -20.77 -5.65 -12.60
CA LEU A 325 -21.28 -5.69 -11.27
C LEU A 325 -20.35 -5.06 -10.25
N GLY A 326 -19.26 -4.46 -10.66
CA GLY A 326 -18.37 -3.74 -9.68
C GLY A 326 -17.63 -4.70 -8.74
N SER A 327 -17.43 -5.94 -9.15
CA SER A 327 -16.76 -6.93 -8.30
C SER A 327 -15.26 -6.78 -8.30
N GLY A 328 -14.70 -6.66 -9.49
CA GLY A 328 -13.25 -6.46 -9.62
C GLY A 328 -12.66 -7.22 -10.80
N VAL A 329 -11.41 -7.62 -10.64
CA VAL A 329 -10.63 -8.28 -11.70
C VAL A 329 -9.94 -9.53 -11.12
N ALA A 330 -10.31 -10.69 -11.61
CA ALA A 330 -9.73 -11.96 -11.21
C ALA A 330 -8.28 -12.15 -11.69
N PRO A 331 -7.49 -12.97 -10.97
CA PRO A 331 -6.08 -13.15 -11.28
C PRO A 331 -5.81 -14.18 -12.44
N VAL A 332 -6.44 -13.92 -13.59
CA VAL A 332 -6.35 -14.81 -14.71
C VAL A 332 -4.90 -15.04 -15.20
N PRO A 333 -4.13 -13.99 -15.37
CA PRO A 333 -2.74 -14.23 -15.74
C PRO A 333 -1.99 -15.22 -14.83
N GLU A 334 -2.17 -15.13 -13.52
CA GLU A 334 -1.48 -16.05 -12.63
C GLU A 334 -1.90 -17.49 -12.92
N MET A 335 -3.18 -17.68 -13.16
CA MET A 335 -3.71 -19.05 -13.33
C MET A 335 -3.21 -19.64 -14.65
N VAL A 336 -3.24 -18.79 -15.68
CA VAL A 336 -2.84 -19.20 -17.00
C VAL A 336 -1.38 -19.56 -17.02
N GLU A 337 -0.56 -18.79 -16.32
CA GLU A 337 0.86 -19.07 -16.27
C GLU A 337 1.19 -20.41 -15.55
N ARG A 338 0.28 -20.88 -14.72
CA ARG A 338 0.40 -22.17 -14.07
C ARG A 338 -0.17 -23.32 -14.91
N GLY A 339 -0.64 -23.03 -16.13
CA GLY A 339 -1.18 -24.07 -17.04
C GLY A 339 -2.62 -24.46 -16.68
N MET A 340 -3.26 -23.74 -15.78
CA MET A 340 -4.60 -24.11 -15.40
C MET A 340 -5.62 -23.94 -16.56
N ALA A 341 -6.67 -24.73 -16.54
CA ALA A 341 -7.68 -24.62 -17.56
C ALA A 341 -8.64 -23.50 -17.23
N VAL A 342 -8.43 -22.32 -17.82
CA VAL A 342 -9.30 -21.20 -17.64
C VAL A 342 -10.06 -20.88 -18.91
N GLY A 343 -11.37 -21.01 -18.84
CA GLY A 343 -12.22 -20.63 -19.92
C GLY A 343 -12.84 -19.27 -19.67
N ILE A 344 -13.53 -18.76 -20.69
CA ILE A 344 -14.17 -17.45 -20.65
C ILE A 344 -15.66 -17.68 -20.68
N GLY A 345 -16.37 -17.11 -19.70
CA GLY A 345 -17.82 -17.07 -19.70
C GLY A 345 -18.33 -15.65 -19.86
N THR A 346 -19.47 -15.50 -20.54
CA THR A 346 -20.08 -14.19 -20.70
C THR A 346 -20.93 -13.87 -19.49
N ASP A 347 -21.24 -14.88 -18.70
CA ASP A 347 -22.04 -14.76 -17.48
C ASP A 347 -23.50 -14.46 -17.86
N ASN A 348 -24.22 -13.74 -17.01
CA ASN A 348 -25.64 -13.53 -17.22
C ASN A 348 -25.91 -12.72 -18.46
N GLY A 349 -27.00 -13.04 -19.12
CA GLY A 349 -27.52 -12.19 -20.20
C GLY A 349 -27.76 -10.76 -19.76
N ASN A 350 -27.87 -10.53 -18.45
CA ASN A 350 -28.12 -9.20 -17.89
C ASN A 350 -27.08 -8.77 -16.85
N SER A 351 -25.86 -9.28 -16.96
CA SER A 351 -24.71 -8.66 -16.28
C SER A 351 -23.53 -8.60 -17.23
N ASN A 352 -23.81 -8.16 -18.45
CA ASN A 352 -22.75 -8.10 -19.48
C ASN A 352 -22.79 -6.84 -20.35
N ASP A 353 -23.82 -6.60 -21.17
CA ASP A 353 -25.08 -7.29 -21.25
C ASP A 353 -25.22 -7.95 -22.63
N SER A 354 -24.10 -8.34 -23.22
CA SER A 354 -24.14 -9.02 -24.46
C SER A 354 -23.75 -10.50 -24.30
N VAL A 355 -23.97 -11.25 -25.38
CA VAL A 355 -23.56 -12.62 -25.50
C VAL A 355 -22.67 -12.72 -26.73
N ASN A 356 -21.46 -12.22 -26.60
CA ASN A 356 -20.55 -11.93 -27.70
C ASN A 356 -19.12 -12.28 -27.29
N MET A 357 -18.64 -13.42 -27.76
CA MET A 357 -17.38 -13.95 -27.31
C MET A 357 -16.21 -13.09 -27.77
N ILE A 358 -16.31 -12.60 -28.98
CA ILE A 358 -15.28 -11.73 -29.50
C ILE A 358 -15.16 -10.42 -28.70
N GLY A 359 -16.29 -9.79 -28.38
CA GLY A 359 -16.26 -8.63 -27.43
C GLY A 359 -15.67 -8.94 -26.07
N ASP A 360 -16.03 -10.08 -25.51
CA ASP A 360 -15.47 -10.43 -24.22
C ASP A 360 -13.98 -10.75 -24.27
N MET A 361 -13.52 -11.31 -25.40
CA MET A 361 -12.08 -11.63 -25.58
C MET A 361 -11.27 -10.34 -25.58
N LYS A 362 -11.77 -9.35 -26.28
CA LYS A 362 -11.09 -8.05 -26.33
C LYS A 362 -11.04 -7.45 -24.93
N PHE A 363 -12.14 -7.58 -24.18
CA PHE A 363 -12.15 -7.14 -22.77
C PHE A 363 -11.16 -7.94 -21.87
N MET A 364 -11.06 -9.26 -22.06
CA MET A 364 -10.10 -10.05 -21.36
C MET A 364 -8.69 -9.54 -21.67
N ALA A 365 -8.44 -9.20 -22.92
CA ALA A 365 -7.12 -8.77 -23.32
C ALA A 365 -6.74 -7.42 -22.68
N HIS A 366 -7.68 -6.50 -22.67
CA HIS A 366 -7.41 -5.16 -22.22
C HIS A 366 -7.46 -4.89 -20.73
N ILE A 367 -8.41 -5.46 -20.03
CA ILE A 367 -8.51 -5.19 -18.63
C ILE A 367 -7.20 -5.63 -17.90
N HIS A 368 -6.69 -6.78 -18.28
CA HIS A 368 -5.51 -7.28 -17.64
C HIS A 368 -4.30 -6.49 -18.02
N ARG A 369 -4.21 -6.06 -19.27
CA ARG A 369 -3.09 -5.21 -19.67
C ARG A 369 -3.11 -3.90 -18.87
N ALA A 370 -4.29 -3.34 -18.70
CA ALA A 370 -4.40 -2.06 -18.01
C ALA A 370 -4.03 -2.18 -16.53
N VAL A 371 -4.54 -3.21 -15.89
CA VAL A 371 -4.33 -3.38 -14.47
C VAL A 371 -2.89 -3.76 -14.17
N HIS A 372 -2.23 -4.55 -15.02
CA HIS A 372 -0.83 -4.89 -14.78
C HIS A 372 0.12 -3.92 -15.40
N ARG A 373 -0.39 -2.96 -16.16
CA ARG A 373 0.47 -2.03 -16.92
C ARG A 373 1.48 -2.78 -17.79
N ASP A 374 0.97 -3.76 -18.53
CA ASP A 374 1.79 -4.71 -19.23
C ASP A 374 1.07 -5.13 -20.49
N ALA A 375 1.54 -4.57 -21.59
CA ALA A 375 0.93 -4.76 -22.88
C ALA A 375 1.01 -6.17 -23.39
N ASP A 376 1.82 -6.99 -22.73
CA ASP A 376 2.03 -8.37 -23.15
C ASP A 376 1.61 -9.37 -22.13
N VAL A 377 0.73 -8.99 -21.23
CA VAL A 377 0.36 -9.86 -20.16
C VAL A 377 -0.38 -11.12 -20.59
N LEU A 378 -1.20 -11.00 -21.65
CA LEU A 378 -1.86 -12.15 -22.28
C LEU A 378 -1.84 -11.94 -23.79
N THR A 379 -1.28 -12.91 -24.54
CA THR A 379 -1.22 -12.77 -25.96
C THR A 379 -2.63 -12.99 -26.54
N PRO A 380 -2.87 -12.48 -27.74
CA PRO A 380 -4.18 -12.71 -28.34
C PRO A 380 -4.36 -14.19 -28.62
N GLU A 381 -3.27 -14.90 -28.87
CA GLU A 381 -3.35 -16.34 -29.06
C GLU A 381 -3.90 -17.04 -27.81
N LYS A 382 -3.37 -16.67 -26.66
CA LYS A 382 -3.80 -17.21 -25.43
C LYS A 382 -5.23 -16.91 -25.17
N ILE A 383 -5.66 -15.71 -25.52
CA ILE A 383 -7.08 -15.32 -25.32
C ILE A 383 -7.99 -16.21 -26.22
N LEU A 384 -7.56 -16.43 -27.45
CA LEU A 384 -8.28 -17.30 -28.37
C LEU A 384 -8.31 -18.75 -27.91
N GLU A 385 -7.24 -19.18 -27.25
CA GLU A 385 -7.21 -20.51 -26.63
C GLU A 385 -8.22 -20.61 -25.50
N MET A 386 -8.33 -19.54 -24.70
CA MET A 386 -9.27 -19.53 -23.60
C MET A 386 -10.69 -19.66 -24.12
N ALA A 387 -10.97 -19.06 -25.27
CA ALA A 387 -12.32 -19.16 -25.86
C ALA A 387 -12.62 -20.47 -26.60
N THR A 388 -11.59 -21.26 -26.84
CA THR A 388 -11.72 -22.52 -27.57
C THR A 388 -11.15 -23.70 -26.76
N ILE A 389 -9.91 -24.11 -27.05
CA ILE A 389 -9.42 -25.39 -26.56
C ILE A 389 -9.33 -25.38 -25.01
N ASP A 390 -8.92 -24.28 -24.42
CA ASP A 390 -8.82 -24.20 -22.94
C ASP A 390 -10.18 -24.12 -22.30
N GLY A 391 -11.11 -23.46 -22.97
CA GLY A 391 -12.52 -23.54 -22.55
C GLY A 391 -13.10 -24.96 -22.54
N ALA A 392 -12.80 -25.72 -23.58
CA ALA A 392 -13.17 -27.09 -23.61
C ALA A 392 -12.59 -27.86 -22.43
N ARG A 393 -11.32 -27.62 -22.16
CA ARG A 393 -10.66 -28.22 -21.02
C ARG A 393 -11.37 -27.83 -19.71
N SER A 394 -11.81 -26.57 -19.59
CA SER A 394 -12.48 -26.13 -18.38
C SER A 394 -13.82 -26.82 -18.17
N LEU A 395 -14.40 -27.37 -19.22
CA LEU A 395 -15.63 -28.13 -19.09
C LEU A 395 -15.41 -29.62 -19.05
N GLY A 396 -14.16 -30.07 -19.12
CA GLY A 396 -13.89 -31.51 -19.13
C GLY A 396 -14.22 -32.14 -20.47
N MET A 397 -14.29 -31.34 -21.53
CA MET A 397 -14.77 -31.83 -22.83
C MET A 397 -13.75 -31.69 -23.95
N ASP A 398 -12.50 -31.47 -23.60
CA ASP A 398 -11.45 -31.24 -24.56
C ASP A 398 -11.09 -32.45 -25.39
N HIS A 399 -11.52 -33.65 -25.00
CA HIS A 399 -11.33 -34.81 -25.92
C HIS A 399 -12.34 -34.79 -27.06
N GLU A 400 -13.45 -34.07 -26.89
CA GLU A 400 -14.54 -34.05 -27.87
C GLU A 400 -14.59 -32.75 -28.67
N ILE A 401 -14.26 -31.60 -28.07
CA ILE A 401 -14.43 -30.33 -28.73
C ILE A 401 -13.26 -29.40 -28.48
N GLY A 402 -13.30 -28.24 -29.12
CA GLY A 402 -12.35 -27.15 -28.88
C GLY A 402 -11.17 -26.99 -29.80
N SER A 403 -11.00 -27.95 -30.71
CA SER A 403 -9.95 -27.87 -31.73
C SER A 403 -10.37 -28.61 -33.01
N ILE A 404 -9.72 -28.28 -34.10
CA ILE A 404 -10.01 -28.91 -35.40
C ILE A 404 -9.04 -30.03 -35.57
N GLU A 405 -9.47 -31.20 -35.11
CA GLU A 405 -8.66 -32.39 -35.05
C GLU A 405 -9.52 -33.59 -35.35
N THR A 406 -8.90 -34.57 -35.95
CA THR A 406 -9.56 -35.78 -36.39
C THR A 406 -10.17 -36.48 -35.22
N GLY A 407 -11.40 -36.96 -35.34
CA GLY A 407 -12.05 -37.64 -34.22
C GLY A 407 -12.91 -36.74 -33.35
N LYS A 408 -12.63 -35.43 -33.32
CA LYS A 408 -13.46 -34.54 -32.53
C LYS A 408 -14.77 -34.14 -33.21
N ARG A 409 -15.70 -33.62 -32.44
CA ARG A 409 -16.99 -33.16 -32.99
C ARG A 409 -16.84 -31.98 -33.93
N ALA A 410 -17.72 -31.90 -34.92
CA ALA A 410 -17.62 -30.86 -35.93
C ALA A 410 -18.33 -29.65 -35.46
N ASP A 411 -17.75 -28.99 -34.47
CA ASP A 411 -18.24 -27.67 -34.01
C ASP A 411 -17.26 -26.69 -34.59
N LEU A 412 -17.68 -26.02 -35.66
CA LEU A 412 -16.77 -25.18 -36.47
C LEU A 412 -17.46 -23.90 -36.85
N ILE A 413 -16.69 -22.83 -36.93
CA ILE A 413 -17.19 -21.54 -37.35
C ILE A 413 -16.35 -20.95 -38.45
N LEU A 414 -17.02 -20.23 -39.37
CA LEU A 414 -16.36 -19.58 -40.49
C LEU A 414 -16.50 -18.08 -40.35
N LEU A 415 -15.37 -17.39 -40.29
CA LEU A 415 -15.30 -15.96 -40.12
C LEU A 415 -14.81 -15.34 -41.39
N ASP A 416 -15.41 -14.23 -41.73
CA ASP A 416 -15.00 -13.45 -42.89
C ASP A 416 -14.33 -12.20 -42.37
N LEU A 417 -13.07 -12.03 -42.70
CA LEU A 417 -12.32 -10.87 -42.29
C LEU A 417 -12.27 -9.73 -43.31
N ARG A 418 -13.03 -9.86 -44.38
CA ARG A 418 -13.11 -8.83 -45.40
C ARG A 418 -14.17 -7.81 -45.07
N HIS A 419 -13.89 -7.02 -44.04
CA HIS A 419 -14.67 -5.90 -43.60
C HIS A 419 -13.69 -4.82 -43.19
N PRO A 420 -14.15 -3.57 -43.12
CA PRO A 420 -13.25 -2.48 -42.81
C PRO A 420 -12.50 -2.67 -41.49
N GLN A 421 -13.22 -3.10 -40.48
CA GLN A 421 -12.62 -3.17 -39.15
C GLN A 421 -11.48 -4.21 -39.06
N THR A 422 -11.62 -5.27 -39.80
CA THR A 422 -10.64 -6.35 -39.78
C THR A 422 -9.65 -6.28 -40.90
N THR A 423 -9.47 -5.11 -41.47
CA THR A 423 -8.51 -4.90 -42.52
C THR A 423 -7.56 -3.83 -42.07
N PRO A 424 -6.25 -4.01 -42.28
CA PRO A 424 -5.64 -5.22 -42.68
C PRO A 424 -5.65 -6.30 -41.64
N HIS A 425 -5.29 -7.51 -42.07
CA HIS A 425 -5.20 -8.65 -41.17
C HIS A 425 -4.02 -9.51 -41.61
N HIS A 426 -3.09 -9.75 -40.70
CA HIS A 426 -1.96 -10.59 -41.04
C HIS A 426 -1.91 -11.70 -39.99
N HIS A 427 -1.82 -11.33 -38.72
CA HIS A 427 -1.84 -12.28 -37.61
C HIS A 427 -3.31 -12.44 -37.25
N LEU A 428 -3.82 -13.66 -37.34
CA LEU A 428 -5.22 -13.89 -37.19
C LEU A 428 -5.73 -13.71 -35.78
N ALA A 429 -5.01 -14.20 -34.81
CA ALA A 429 -5.48 -14.04 -33.41
C ALA A 429 -5.54 -12.56 -32.98
N ALA A 430 -4.55 -11.77 -33.38
CA ALA A 430 -4.56 -10.36 -33.09
C ALA A 430 -5.71 -9.67 -33.76
N THR A 431 -5.97 -10.05 -34.99
CA THR A 431 -7.04 -9.43 -35.74
C THR A 431 -8.39 -9.74 -35.12
N ILE A 432 -8.62 -10.99 -34.78
CA ILE A 432 -9.84 -11.36 -34.16
C ILE A 432 -10.04 -10.69 -32.76
N VAL A 433 -9.01 -10.72 -31.92
CA VAL A 433 -9.12 -10.23 -30.57
C VAL A 433 -9.20 -8.69 -30.50
N PHE A 434 -8.37 -8.00 -31.30
CA PHE A 434 -8.26 -6.55 -31.20
C PHE A 434 -9.07 -5.72 -32.22
N GLN A 435 -9.56 -6.35 -33.28
CA GLN A 435 -10.29 -5.62 -34.35
C GLN A 435 -11.74 -6.08 -34.56
N ALA A 436 -12.02 -7.40 -34.47
CA ALA A 436 -13.36 -7.91 -34.79
C ALA A 436 -14.40 -7.43 -33.77
N TYR A 437 -15.59 -7.13 -34.27
CA TYR A 437 -16.65 -6.62 -33.43
C TYR A 437 -17.54 -7.73 -32.92
N GLY A 438 -17.64 -8.82 -33.67
CA GLY A 438 -18.52 -9.90 -33.27
C GLY A 438 -19.59 -10.23 -34.27
N ASN A 439 -19.62 -9.52 -35.38
CA ASN A 439 -20.55 -9.76 -36.45
C ASN A 439 -19.90 -10.37 -37.69
N GLU A 440 -18.64 -10.79 -37.58
CA GLU A 440 -17.92 -11.33 -38.72
C GLU A 440 -18.10 -12.84 -38.94
N VAL A 441 -18.75 -13.51 -37.99
CA VAL A 441 -19.05 -14.91 -38.15
C VAL A 441 -20.15 -15.10 -39.20
N ASP A 442 -19.86 -15.86 -40.24
N ASP A 442 -19.86 -15.88 -40.24
CA ASP A 442 -20.79 -16.10 -41.34
CA ASP A 442 -20.79 -16.13 -41.34
C ASP A 442 -21.56 -17.41 -41.13
C ASP A 442 -21.56 -17.43 -41.16
N THR A 443 -20.84 -18.50 -40.85
CA THR A 443 -21.42 -19.83 -40.92
C THR A 443 -20.98 -20.63 -39.71
N VAL A 444 -21.92 -21.37 -39.13
CA VAL A 444 -21.69 -22.07 -37.91
C VAL A 444 -22.20 -23.51 -38.04
N LEU A 445 -21.32 -24.44 -37.75
CA LEU A 445 -21.65 -25.84 -37.63
C LEU A 445 -21.56 -26.31 -36.23
N ILE A 446 -22.54 -27.10 -35.80
CA ILE A 446 -22.50 -27.68 -34.47
C ILE A 446 -22.87 -29.12 -34.63
N ASP A 447 -22.02 -29.99 -34.15
CA ASP A 447 -22.19 -31.42 -34.32
C ASP A 447 -22.39 -31.80 -35.79
N GLY A 448 -21.68 -31.10 -36.67
CA GLY A 448 -21.84 -31.27 -38.06
C GLY A 448 -23.09 -30.66 -38.76
N ASN A 449 -24.02 -30.10 -38.01
CA ASN A 449 -25.21 -29.54 -38.61
C ASN A 449 -25.01 -28.03 -38.82
N VAL A 450 -25.52 -27.51 -39.93
CA VAL A 450 -25.41 -26.13 -40.26
C VAL A 450 -26.49 -25.42 -39.48
N VAL A 451 -26.07 -24.67 -38.47
CA VAL A 451 -27.02 -23.95 -37.64
C VAL A 451 -27.18 -22.50 -38.14
N MET A 452 -26.14 -22.02 -38.80
CA MET A 452 -26.15 -20.67 -39.40
C MET A 452 -25.33 -20.72 -40.68
N GLU A 453 -25.84 -20.06 -41.71
CA GLU A 453 -25.17 -19.99 -42.99
C GLU A 453 -25.39 -18.63 -43.60
N ASN A 454 -24.31 -17.95 -43.90
CA ASN A 454 -24.31 -16.53 -44.36
C ASN A 454 -25.20 -15.64 -43.51
N ARG A 455 -25.09 -15.86 -42.20
CA ARG A 455 -25.76 -15.16 -41.13
C ARG A 455 -27.23 -15.49 -41.03
N ARG A 456 -27.70 -16.43 -41.84
CA ARG A 456 -29.05 -16.87 -41.75
C ARG A 456 -29.20 -18.02 -40.75
N LEU A 457 -30.03 -17.83 -39.72
CA LEU A 457 -30.15 -18.80 -38.65
C LEU A 457 -31.20 -19.85 -38.99
N SER A 458 -30.87 -21.10 -38.83
CA SER A 458 -31.76 -22.20 -39.21
C SER A 458 -32.99 -22.22 -38.30
N PHE A 459 -32.84 -21.80 -37.06
CA PHE A 459 -33.93 -21.83 -36.08
C PHE A 459 -34.59 -20.46 -35.91
N LEU A 460 -34.15 -19.47 -36.68
CA LEU A 460 -34.80 -18.15 -36.69
C LEU A 460 -34.62 -17.47 -38.04
N PRO A 461 -35.42 -17.92 -39.02
CA PRO A 461 -35.23 -17.47 -40.38
C PRO A 461 -35.50 -15.98 -40.52
N PRO A 462 -34.87 -15.32 -41.49
CA PRO A 462 -34.93 -13.85 -41.62
C PRO A 462 -36.34 -13.28 -41.69
N GLU A 463 -37.27 -14.03 -42.28
CA GLU A 463 -38.66 -13.52 -42.39
C GLU A 463 -39.42 -13.59 -41.03
N ARG A 464 -38.92 -14.33 -40.06
CA ARG A 464 -39.52 -14.34 -38.71
C ARG A 464 -38.77 -13.51 -37.68
N GLU A 465 -37.60 -13.03 -38.03
CA GLU A 465 -36.69 -12.52 -37.02
C GLU A 465 -37.28 -11.30 -36.36
N LEU A 466 -37.75 -10.35 -37.15
CA LEU A 466 -38.18 -9.07 -36.59
C LEU A 466 -39.37 -9.27 -35.66
N ALA A 467 -40.35 -10.06 -36.09
CA ALA A 467 -41.54 -10.34 -35.26
C ALA A 467 -41.19 -11.08 -33.97
N PHE A 468 -40.21 -11.98 -34.05
CA PHE A 468 -39.73 -12.68 -32.84
C PHE A 468 -39.07 -11.67 -31.87
N LEU A 469 -38.26 -10.72 -32.38
CA LEU A 469 -37.64 -9.72 -31.53
C LEU A 469 -38.69 -8.83 -30.83
N GLU A 470 -39.76 -8.49 -31.56
CA GLU A 470 -40.88 -7.72 -30.99
C GLU A 470 -41.59 -8.51 -29.92
N GLU A 471 -41.75 -9.79 -30.11
CA GLU A 471 -42.35 -10.59 -29.06
C GLU A 471 -41.43 -10.64 -27.83
N ALA A 472 -40.14 -10.76 -28.04
CA ALA A 472 -39.25 -10.80 -26.88
C ALA A 472 -39.30 -9.50 -26.14
N GLN A 473 -39.32 -8.41 -26.88
CA GLN A 473 -39.45 -7.07 -26.30
C GLN A 473 -40.75 -6.94 -25.47
N SER A 474 -41.88 -7.34 -26.04
CA SER A 474 -43.18 -7.33 -25.29
C SER A 474 -43.19 -8.19 -24.08
N ARG A 475 -42.70 -9.39 -24.21
CA ARG A 475 -42.67 -10.28 -23.09
C ARG A 475 -41.78 -9.73 -21.97
N ALA A 476 -40.67 -9.13 -22.34
CA ALA A 476 -39.80 -8.50 -21.35
C ALA A 476 -40.52 -7.38 -20.61
N THR A 477 -41.19 -6.53 -21.36
CA THR A 477 -41.97 -5.42 -20.78
C THR A 477 -43.01 -5.96 -19.83
N ALA A 478 -43.67 -7.06 -20.21
CA ALA A 478 -44.68 -7.61 -19.34
C ALA A 478 -44.09 -8.28 -18.10
N ILE A 479 -42.98 -8.97 -18.26
CA ILE A 479 -42.29 -9.59 -17.11
C ILE A 479 -41.94 -8.54 -16.04
N LEU A 480 -41.36 -7.45 -16.49
CA LEU A 480 -41.02 -6.39 -15.61
C LEU A 480 -42.27 -5.79 -14.90
N GLN A 481 -43.39 -5.64 -15.61
N GLN A 481 -43.39 -5.63 -15.61
CA GLN A 481 -44.64 -5.11 -15.02
CA GLN A 481 -44.63 -5.11 -15.00
C GLN A 481 -45.11 -6.08 -13.92
C GLN A 481 -45.11 -6.09 -13.92
N ARG A 482 -45.17 -7.38 -14.23
CA ARG A 482 -45.61 -8.37 -13.24
C ARG A 482 -44.70 -8.39 -12.00
N ALA A 483 -43.40 -8.18 -12.18
CA ALA A 483 -42.46 -8.10 -11.06
C ALA A 483 -42.39 -6.75 -10.34
N ASN A 484 -43.06 -5.74 -10.88
CA ASN A 484 -43.00 -4.36 -10.38
C ASN A 484 -41.64 -3.71 -10.44
N MET A 485 -40.90 -4.03 -11.48
CA MET A 485 -39.54 -3.54 -11.64
C MET A 485 -39.57 -2.37 -12.60
N VAL A 486 -38.72 -1.38 -12.31
CA VAL A 486 -38.54 -0.22 -13.18
C VAL A 486 -37.70 -0.58 -14.40
N ALA A 487 -38.26 -0.38 -15.57
CA ALA A 487 -37.61 -0.75 -16.84
C ALA A 487 -36.66 0.30 -17.37
N ASN A 488 -37.00 1.56 -17.13
CA ASN A 488 -36.38 2.70 -17.80
C ASN A 488 -36.22 3.86 -16.85
N PRO A 489 -35.28 3.76 -15.95
CA PRO A 489 -35.11 4.86 -14.99
C PRO A 489 -34.80 6.20 -15.66
N ALA A 490 -35.26 7.25 -14.99
CA ALA A 490 -35.10 8.62 -15.43
C ALA A 490 -33.61 8.92 -15.68
N TRP A 491 -33.36 9.69 -16.74
CA TRP A 491 -32.02 10.12 -17.14
C TRP A 491 -31.19 10.61 -15.97
N ARG A 492 -30.01 10.02 -15.77
CA ARG A 492 -29.16 10.40 -14.68
C ARG A 492 -27.69 10.42 -15.11
N SER A 493 -27.09 11.58 -15.05
CA SER A 493 -25.72 11.81 -15.41
C SER A 493 -24.69 11.53 -14.30
N LEU A 494 -25.10 11.60 -13.02
CA LEU A 494 -24.17 11.46 -11.87
C LEU A 494 -24.66 10.48 -10.81
N THR B 23 -33.39 20.06 -48.63
CA THR B 23 -33.96 19.94 -47.28
C THR B 23 -34.23 18.50 -47.02
N LEU B 24 -34.16 18.14 -45.73
CA LEU B 24 -34.31 16.77 -45.32
C LEU B 24 -35.07 16.64 -44.01
N SER B 25 -36.02 15.73 -43.99
CA SER B 25 -36.85 15.51 -42.84
C SER B 25 -36.67 14.10 -42.32
N ILE B 26 -36.29 13.98 -41.06
CA ILE B 26 -36.14 12.70 -40.45
C ILE B 26 -37.31 12.46 -39.57
N GLN B 27 -38.05 11.41 -39.85
CA GLN B 27 -39.37 11.25 -39.27
C GLN B 27 -39.59 9.96 -38.49
N HIS B 28 -40.40 10.05 -37.47
CA HIS B 28 -40.97 8.96 -36.69
C HIS B 28 -39.89 8.24 -35.87
N GLY B 29 -38.78 8.90 -35.61
CA GLY B 29 -37.80 8.31 -34.74
C GLY B 29 -38.01 8.66 -33.26
N THR B 30 -37.25 7.99 -32.40
CA THR B 30 -37.04 8.45 -31.05
C THR B 30 -35.79 9.29 -31.03
N LEU B 31 -35.94 10.55 -30.66
CA LEU B 31 -34.82 11.51 -30.64
C LEU B 31 -34.16 11.58 -29.29
N VAL B 32 -32.91 11.15 -29.23
CA VAL B 32 -32.11 11.25 -28.00
C VAL B 32 -31.27 12.52 -28.17
N THR B 33 -31.78 13.63 -27.64
CA THR B 33 -31.29 14.94 -28.05
C THR B 33 -29.96 15.35 -27.47
N MET B 34 -29.64 14.86 -26.30
CA MET B 34 -28.49 15.35 -25.50
C MET B 34 -28.55 16.81 -25.29
N ASP B 35 -29.75 17.40 -25.32
CA ASP B 35 -29.91 18.82 -25.10
C ASP B 35 -29.84 19.12 -23.60
N GLN B 36 -30.02 20.37 -23.30
CA GLN B 36 -29.85 20.86 -21.94
C GLN B 36 -30.74 20.11 -20.93
N TYR B 37 -31.93 19.70 -21.35
CA TYR B 37 -32.81 18.90 -20.48
C TYR B 37 -32.69 17.39 -20.74
N ARG B 38 -31.75 16.98 -21.57
CA ARG B 38 -31.58 15.61 -22.00
C ARG B 38 -32.86 14.98 -22.49
N ARG B 39 -33.59 15.71 -23.29
CA ARG B 39 -34.89 15.23 -23.74
C ARG B 39 -34.75 14.03 -24.64
N VAL B 40 -35.64 13.08 -24.43
CA VAL B 40 -35.78 11.92 -25.27
C VAL B 40 -37.20 11.97 -25.79
N LEU B 41 -37.34 12.24 -27.08
CA LEU B 41 -38.64 12.50 -27.69
C LEU B 41 -39.10 11.37 -28.58
N GLY B 42 -40.15 10.69 -28.14
CA GLY B 42 -40.73 9.57 -28.88
C GLY B 42 -41.51 10.05 -30.10
N ASP B 43 -41.46 9.25 -31.18
CA ASP B 43 -42.20 9.45 -32.46
C ASP B 43 -42.17 10.92 -32.86
N SER B 44 -40.95 11.39 -33.13
CA SER B 44 -40.66 12.78 -33.31
C SER B 44 -39.78 12.97 -34.56
N TRP B 45 -39.63 14.22 -34.99
CA TRP B 45 -39.05 14.51 -36.27
C TRP B 45 -38.06 15.64 -36.16
N VAL B 46 -37.18 15.70 -37.15
CA VAL B 46 -36.13 16.70 -37.24
C VAL B 46 -36.09 17.21 -38.67
N HIS B 47 -36.05 18.51 -38.82
CA HIS B 47 -35.98 19.14 -40.08
C HIS B 47 -34.63 19.80 -40.30
N VAL B 48 -34.04 19.47 -41.44
CA VAL B 48 -32.69 19.90 -41.79
C VAL B 48 -32.64 20.69 -43.07
N GLN B 49 -31.93 21.81 -43.01
CA GLN B 49 -31.81 22.70 -44.15
C GLN B 49 -30.44 23.36 -44.12
N ASP B 50 -29.74 23.37 -45.25
CA ASP B 50 -28.49 24.11 -45.38
C ASP B 50 -27.46 23.73 -44.26
N GLY B 51 -27.32 22.42 -44.02
CA GLY B 51 -26.40 21.88 -43.01
C GLY B 51 -26.78 22.04 -41.58
N ARG B 52 -27.97 22.56 -41.27
CA ARG B 52 -28.38 22.86 -39.91
C ARG B 52 -29.66 22.16 -39.51
N ILE B 53 -29.78 21.90 -38.24
CA ILE B 53 -31.05 21.58 -37.65
C ILE B 53 -31.91 22.84 -37.48
N VAL B 54 -32.99 22.91 -38.27
CA VAL B 54 -33.83 24.09 -38.32
C VAL B 54 -35.01 23.98 -37.36
N ALA B 55 -35.54 22.79 -37.17
CA ALA B 55 -36.67 22.56 -36.25
C ALA B 55 -36.76 21.11 -35.84
N LEU B 56 -37.47 20.88 -34.75
CA LEU B 56 -37.79 19.56 -34.22
C LEU B 56 -39.23 19.57 -33.74
N GLY B 57 -39.87 18.40 -33.73
CA GLY B 57 -41.19 18.32 -33.16
C GLY B 57 -41.69 16.93 -32.94
N VAL B 58 -42.83 16.86 -32.25
CA VAL B 58 -43.51 15.62 -31.95
C VAL B 58 -44.67 15.38 -32.94
N HIS B 59 -44.67 14.20 -33.55
CA HIS B 59 -45.66 13.91 -34.60
C HIS B 59 -47.12 14.05 -34.21
N ALA B 60 -47.45 13.66 -32.97
CA ALA B 60 -48.83 13.76 -32.47
C ALA B 60 -49.27 15.23 -32.32
N GLU B 61 -48.33 16.16 -32.19
CA GLU B 61 -48.66 17.57 -31.92
C GLU B 61 -48.44 18.50 -33.14
N SER B 62 -47.73 18.02 -34.14
CA SER B 62 -47.28 18.90 -35.20
C SER B 62 -47.04 18.14 -36.48
N VAL B 63 -47.15 18.86 -37.58
CA VAL B 63 -46.87 18.35 -38.89
C VAL B 63 -45.47 18.85 -39.24
N PRO B 64 -44.60 17.94 -39.66
CA PRO B 64 -43.25 18.39 -40.06
C PRO B 64 -43.29 19.25 -41.31
N PRO B 65 -42.41 20.23 -41.40
CA PRO B 65 -42.35 21.06 -42.60
C PRO B 65 -42.11 20.23 -43.84
N PRO B 66 -42.57 20.70 -44.99
CA PRO B 66 -42.25 20.00 -46.23
C PRO B 66 -40.76 19.95 -46.45
N ALA B 67 -40.34 18.84 -47.01
CA ALA B 67 -38.96 18.65 -47.30
C ALA B 67 -38.76 17.98 -48.64
N ASP B 68 -37.58 18.18 -49.23
CA ASP B 68 -37.27 17.55 -50.53
C ASP B 68 -37.26 16.06 -50.41
N ARG B 69 -36.84 15.60 -49.25
CA ARG B 69 -36.86 14.18 -48.98
C ARG B 69 -37.08 13.86 -47.50
N VAL B 70 -37.73 12.74 -47.29
CA VAL B 70 -38.03 12.20 -46.00
C VAL B 70 -37.23 10.95 -45.78
N ILE B 71 -36.52 10.90 -44.66
CA ILE B 71 -35.88 9.68 -44.20
C ILE B 71 -36.73 9.08 -43.10
N ASP B 72 -37.17 7.85 -43.29
CA ASP B 72 -38.03 7.18 -42.36
C ASP B 72 -37.22 6.51 -41.26
N ALA B 73 -37.30 7.04 -40.06
CA ALA B 73 -36.64 6.50 -38.90
C ALA B 73 -37.59 5.73 -37.97
N ARG B 74 -38.73 5.29 -38.49
CA ARG B 74 -39.67 4.51 -37.68
C ARG B 74 -38.98 3.30 -37.10
N GLY B 75 -39.18 3.09 -35.80
CA GLY B 75 -38.53 2.00 -35.08
C GLY B 75 -37.05 2.22 -34.79
N LYS B 76 -36.54 3.45 -35.00
CA LYS B 76 -35.11 3.74 -34.88
C LYS B 76 -34.86 4.85 -33.91
N VAL B 77 -33.62 4.95 -33.49
CA VAL B 77 -33.18 5.92 -32.55
C VAL B 77 -32.29 6.90 -33.25
N VAL B 78 -32.56 8.19 -33.05
CA VAL B 78 -31.77 9.25 -33.60
C VAL B 78 -30.91 9.90 -32.49
N LEU B 79 -29.61 10.00 -32.74
CA LEU B 79 -28.62 10.57 -31.83
C LEU B 79 -27.79 11.61 -32.56
N PRO B 80 -27.20 12.53 -31.82
CA PRO B 80 -26.14 13.29 -32.39
C PRO B 80 -25.02 12.37 -32.79
N GLY B 81 -24.27 12.74 -33.82
CA GLY B 81 -23.13 11.92 -34.24
C GLY B 81 -22.05 11.82 -33.16
N PHE B 82 -21.35 10.70 -33.17
CA PHE B 82 -20.32 10.49 -32.18
C PHE B 82 -19.11 11.30 -32.54
N ILE B 83 -18.44 11.77 -31.51
CA ILE B 83 -17.30 12.62 -31.65
C ILE B 83 -16.01 11.91 -31.14
N ASN B 84 -15.08 11.64 -32.04
CA ASN B 84 -13.83 10.99 -31.69
C ASN B 84 -12.85 12.04 -31.26
N ALA B 85 -12.69 12.19 -29.95
CA ALA B 85 -12.02 13.36 -29.40
C ALA B 85 -10.51 13.40 -29.56
N HIS B 86 -9.92 12.28 -29.91
CA HIS B 86 -8.49 12.22 -30.16
C HIS B 86 -8.14 10.89 -30.84
N THR B 87 -7.54 10.97 -32.03
CA THR B 87 -7.23 9.80 -32.80
C THR B 87 -6.01 10.06 -33.67
N HIS B 88 -5.42 9.00 -34.19
CA HIS B 88 -4.34 9.12 -35.20
C HIS B 88 -4.72 8.17 -36.33
N VAL B 89 -4.96 8.74 -37.50
CA VAL B 89 -5.63 8.05 -38.57
C VAL B 89 -4.74 7.12 -39.41
N ASN B 90 -3.63 7.62 -39.91
CA ASN B 90 -2.93 6.94 -41.05
C ASN B 90 -2.38 5.58 -40.59
N GLN B 91 -2.04 5.51 -39.32
CA GLN B 91 -1.51 4.31 -38.65
C GLN B 91 -2.44 3.13 -38.71
N ILE B 92 -3.68 3.31 -39.11
CA ILE B 92 -4.58 2.22 -39.29
C ILE B 92 -4.01 1.12 -40.20
N LEU B 93 -3.13 1.45 -41.14
CA LEU B 93 -2.56 0.42 -42.04
C LEU B 93 -1.52 -0.44 -41.37
N LEU B 94 -1.21 -0.18 -40.10
CA LEU B 94 -0.25 -0.97 -39.34
C LEU B 94 -0.84 -1.91 -38.35
N ARG B 95 -2.16 -1.99 -38.31
CA ARG B 95 -2.81 -2.96 -37.46
C ARG B 95 -2.84 -4.33 -38.09
N GLY B 96 -3.29 -5.32 -37.31
CA GLY B 96 -3.53 -6.64 -37.85
C GLY B 96 -2.40 -7.61 -37.63
N GLY B 97 -1.56 -7.35 -36.64
CA GLY B 97 -0.41 -8.20 -36.39
C GLY B 97 0.86 -7.54 -35.90
N PRO B 98 1.28 -6.44 -36.52
CA PRO B 98 2.55 -5.78 -36.20
C PRO B 98 2.60 -4.97 -34.93
N SER B 99 1.45 -4.62 -34.36
CA SER B 99 1.37 -3.45 -33.45
C SER B 99 1.18 -3.77 -31.97
N HIS B 100 0.68 -4.97 -31.68
CA HIS B 100 0.27 -5.32 -30.32
C HIS B 100 1.43 -5.89 -29.47
N GLY B 101 1.17 -5.98 -28.18
CA GLY B 101 2.10 -6.60 -27.26
C GLY B 101 3.29 -5.73 -26.83
N ARG B 102 3.27 -4.44 -27.13
CA ARG B 102 4.41 -3.54 -26.83
C ARG B 102 4.05 -2.35 -26.01
N GLN B 103 4.87 -2.03 -25.00
CA GLN B 103 4.71 -0.78 -24.25
C GLN B 103 4.80 0.41 -25.23
N PHE B 104 4.30 1.54 -24.77
CA PHE B 104 4.26 2.73 -25.57
C PHE B 104 5.50 3.04 -26.41
N TYR B 105 6.67 3.17 -25.78
CA TYR B 105 7.86 3.57 -26.50
C TYR B 105 8.36 2.49 -27.48
N ASP B 106 8.18 1.26 -27.12
CA ASP B 106 8.53 0.10 -27.95
C ASP B 106 7.66 0.15 -29.21
N TRP B 107 6.37 0.30 -29.01
CA TRP B 107 5.40 0.52 -30.13
C TRP B 107 5.76 1.77 -30.96
N LEU B 108 6.10 2.84 -30.28
CA LEU B 108 6.37 4.08 -31.02
C LEU B 108 7.57 3.95 -31.96
N PHE B 109 8.66 3.38 -31.43
CA PHE B 109 9.93 3.37 -32.16
C PHE B 109 10.10 2.19 -33.11
N ASN B 110 9.45 1.05 -32.79
CA ASN B 110 9.57 -0.13 -33.65
C ASN B 110 8.42 -0.30 -34.62
N VAL B 111 7.35 0.47 -34.43
CA VAL B 111 6.15 0.30 -35.25
C VAL B 111 5.67 1.61 -35.89
N VAL B 112 5.30 2.56 -35.06
CA VAL B 112 4.62 3.75 -35.54
C VAL B 112 5.53 4.65 -36.40
N TYR B 113 6.66 5.09 -35.85
CA TYR B 113 7.55 5.96 -36.61
C TYR B 113 8.03 5.37 -37.95
N PRO B 114 8.57 4.15 -37.93
CA PRO B 114 9.05 3.53 -39.18
C PRO B 114 7.92 3.15 -40.12
N GLY B 115 6.79 2.71 -39.58
CA GLY B 115 5.66 2.39 -40.43
C GLY B 115 5.15 3.63 -41.17
N GLN B 116 5.02 4.74 -40.44
CA GLN B 116 4.56 5.99 -41.01
C GLN B 116 5.50 6.46 -42.09
N LYS B 117 6.78 6.35 -41.81
CA LYS B 117 7.75 6.81 -42.71
C LYS B 117 7.73 6.04 -44.04
N ALA B 118 7.40 4.75 -44.01
CA ALA B 118 7.38 3.95 -45.23
C ALA B 118 6.13 4.19 -46.06
N MET B 119 5.14 4.90 -45.53
CA MET B 119 3.90 5.14 -46.27
C MET B 119 4.08 6.26 -47.25
N ARG B 120 3.62 6.03 -48.47
CA ARG B 120 3.62 7.06 -49.49
C ARG B 120 2.28 7.80 -49.48
N PRO B 121 2.22 8.97 -50.13
CA PRO B 121 0.96 9.69 -50.19
C PRO B 121 -0.23 8.88 -50.71
N GLU B 122 -0.01 7.98 -51.67
N GLU B 122 -0.01 7.99 -51.67
CA GLU B 122 -1.11 7.16 -52.18
CA GLU B 122 -1.10 7.16 -52.18
C GLU B 122 -1.53 6.12 -51.13
C GLU B 122 -1.54 6.13 -51.11
N ASP B 123 -0.62 5.71 -50.25
CA ASP B 123 -0.99 4.84 -49.13
C ASP B 123 -1.83 5.62 -48.09
N VAL B 124 -1.44 6.85 -47.81
CA VAL B 124 -2.17 7.71 -46.92
C VAL B 124 -3.61 7.87 -47.38
N ALA B 125 -3.81 8.07 -48.68
CA ALA B 125 -5.15 8.29 -49.18
C ALA B 125 -6.02 7.06 -48.89
N VAL B 126 -5.46 5.88 -49.05
CA VAL B 126 -6.17 4.64 -48.78
C VAL B 126 -6.40 4.46 -47.25
N ALA B 127 -5.39 4.79 -46.45
CA ALA B 127 -5.55 4.74 -44.99
C ALA B 127 -6.70 5.60 -44.52
N VAL B 128 -6.75 6.82 -45.04
CA VAL B 128 -7.78 7.72 -44.63
C VAL B 128 -9.14 7.22 -45.02
N ARG B 129 -9.29 6.69 -46.23
CA ARG B 129 -10.62 6.25 -46.66
C ARG B 129 -11.05 5.03 -45.85
N LEU B 130 -10.10 4.13 -45.57
CA LEU B 130 -10.40 2.96 -44.74
C LEU B 130 -10.86 3.36 -43.31
N TYR B 131 -10.11 4.26 -42.68
CA TYR B 131 -10.48 4.81 -41.40
C TYR B 131 -11.89 5.42 -41.41
N CYS B 132 -12.16 6.27 -42.41
CA CYS B 132 -13.43 6.97 -42.49
C CYS B 132 -14.57 5.99 -42.76
N ALA B 133 -14.31 4.94 -43.52
CA ALA B 133 -15.33 3.90 -43.69
C ALA B 133 -15.69 3.23 -42.37
N GLU B 134 -14.67 2.86 -41.58
CA GLU B 134 -14.96 2.19 -40.30
C GLU B 134 -15.66 3.15 -39.35
N ALA B 135 -15.16 4.38 -39.33
CA ALA B 135 -15.65 5.40 -38.42
C ALA B 135 -17.12 5.76 -38.65
N VAL B 136 -17.45 6.03 -39.90
CA VAL B 136 -18.83 6.35 -40.26
C VAL B 136 -19.73 5.19 -40.05
N ARG B 137 -19.25 3.99 -40.33
CA ARG B 137 -20.06 2.79 -40.07
C ARG B 137 -20.39 2.64 -38.60
N SER B 138 -19.55 3.17 -37.72
CA SER B 138 -19.78 3.03 -36.31
C SER B 138 -20.45 4.30 -35.75
N GLY B 139 -20.81 5.26 -36.61
CA GLY B 139 -21.55 6.42 -36.17
C GLY B 139 -20.74 7.64 -35.74
N ILE B 140 -19.44 7.58 -36.00
CA ILE B 140 -18.60 8.72 -35.79
C ILE B 140 -18.73 9.72 -36.93
N THR B 141 -18.94 10.98 -36.58
CA THR B 141 -19.11 12.05 -37.55
C THR B 141 -18.08 13.18 -37.45
N THR B 142 -17.47 13.34 -36.28
CA THR B 142 -16.36 14.24 -36.11
C THR B 142 -15.13 13.48 -35.55
N ILE B 143 -13.99 13.79 -36.13
CA ILE B 143 -12.73 13.11 -35.90
C ILE B 143 -11.69 14.19 -35.58
N ASN B 144 -11.07 14.08 -34.44
CA ASN B 144 -9.92 14.92 -34.11
C ASN B 144 -8.62 14.20 -34.44
N GLU B 145 -8.17 14.41 -35.67
CA GLU B 145 -6.98 13.72 -36.19
C GLU B 145 -5.68 14.40 -35.72
N ASN B 146 -4.91 13.70 -34.89
CA ASN B 146 -3.60 14.16 -34.53
C ASN B 146 -2.55 13.62 -35.52
N ALA B 147 -2.11 14.48 -36.41
CA ALA B 147 -1.34 14.09 -37.60
C ALA B 147 0.14 14.15 -37.29
N ASP B 148 0.72 13.01 -36.99
CA ASP B 148 2.16 12.91 -36.62
C ASP B 148 3.07 12.75 -37.87
N SER B 149 2.47 12.59 -39.04
CA SER B 149 3.22 12.34 -40.27
C SER B 149 3.00 13.47 -41.27
N ALA B 150 2.49 14.60 -40.78
CA ALA B 150 2.23 15.77 -41.63
C ALA B 150 3.52 16.39 -42.23
N ILE B 151 4.64 16.07 -41.61
CA ILE B 151 5.94 16.54 -42.07
C ILE B 151 6.35 15.97 -43.45
N TYR B 152 5.84 14.81 -43.85
CA TYR B 152 6.31 14.19 -45.08
C TYR B 152 5.60 14.79 -46.30
N PRO B 153 6.36 15.14 -47.37
CA PRO B 153 5.81 15.82 -48.56
C PRO B 153 4.65 15.04 -49.16
N GLY B 154 3.55 15.72 -49.44
CA GLY B 154 2.41 15.10 -50.15
C GLY B 154 1.33 14.50 -49.23
N ASN B 155 1.67 14.26 -47.98
CA ASN B 155 0.75 13.61 -47.07
C ASN B 155 -0.41 14.48 -46.76
N ILE B 156 -0.18 15.74 -46.44
CA ILE B 156 -1.27 16.64 -46.15
C ILE B 156 -2.29 16.68 -47.30
N GLU B 157 -1.79 16.84 -48.51
CA GLU B 157 -2.62 17.02 -49.67
C GLU B 157 -3.42 15.75 -49.91
N ALA B 158 -2.78 14.60 -49.81
CA ALA B 158 -3.50 13.34 -50.02
C ALA B 158 -4.62 13.10 -48.99
N ALA B 159 -4.31 13.36 -47.74
CA ALA B 159 -5.28 13.19 -46.65
C ALA B 159 -6.43 14.15 -46.77
N MET B 160 -6.12 15.42 -46.94
CA MET B 160 -7.13 16.44 -47.07
C MET B 160 -8.10 16.24 -48.24
N ALA B 161 -7.59 15.82 -49.39
CA ALA B 161 -8.52 15.49 -50.50
C ALA B 161 -9.53 14.38 -50.14
N VAL B 162 -9.09 13.36 -49.40
CA VAL B 162 -10.02 12.32 -48.99
C VAL B 162 -10.99 12.78 -47.88
N TYR B 163 -10.51 13.49 -46.88
CA TYR B 163 -11.42 14.01 -45.83
C TYR B 163 -12.52 14.88 -46.45
N GLY B 164 -12.11 15.77 -47.34
CA GLY B 164 -13.07 16.59 -48.06
C GLY B 164 -14.11 15.83 -48.83
N GLU B 165 -13.65 14.87 -49.64
CA GLU B 165 -14.55 14.04 -50.40
C GLU B 165 -15.48 13.20 -49.53
N VAL B 166 -14.94 12.65 -48.47
CA VAL B 166 -15.74 11.78 -47.61
C VAL B 166 -16.89 12.50 -46.93
N GLY B 167 -16.65 13.72 -46.50
CA GLY B 167 -17.74 14.49 -45.87
C GLY B 167 -17.71 14.51 -44.35
N VAL B 168 -16.68 13.91 -43.76
CA VAL B 168 -16.57 13.89 -42.31
C VAL B 168 -16.14 15.25 -41.80
N ARG B 169 -16.53 15.55 -40.58
CA ARG B 169 -16.05 16.74 -39.93
C ARG B 169 -14.72 16.37 -39.30
N VAL B 170 -13.70 17.18 -39.55
CA VAL B 170 -12.34 16.86 -39.16
C VAL B 170 -11.64 18.04 -38.54
N VAL B 171 -11.04 17.81 -37.39
CA VAL B 171 -10.00 18.68 -36.81
C VAL B 171 -8.66 18.05 -37.15
N TYR B 172 -7.84 18.78 -37.87
CA TYR B 172 -6.56 18.30 -38.27
C TYR B 172 -5.58 19.00 -37.37
N ALA B 173 -5.10 18.24 -36.39
CA ALA B 173 -4.18 18.79 -35.40
C ALA B 173 -2.77 18.42 -35.76
N ARG B 174 -2.04 19.40 -36.26
CA ARG B 174 -0.74 19.16 -36.82
C ARG B 174 0.31 19.10 -35.73
N MET B 175 0.80 17.92 -35.47
CA MET B 175 1.82 17.71 -34.46
C MET B 175 3.17 18.22 -34.85
N PHE B 176 3.87 18.75 -33.86
CA PHE B 176 5.29 19.06 -34.05
C PHE B 176 6.16 18.75 -32.82
N PHE B 177 7.45 18.57 -33.08
CA PHE B 177 8.50 18.25 -32.13
C PHE B 177 9.65 19.18 -32.47
N ASP B 178 10.11 19.99 -31.53
CA ASP B 178 11.20 20.93 -31.80
C ASP B 178 12.36 20.87 -30.81
N ARG B 179 12.43 19.81 -30.03
CA ARG B 179 13.43 19.73 -28.99
C ARG B 179 13.77 18.26 -28.77
N MET B 180 15.06 17.99 -28.66
CA MET B 180 15.55 16.62 -28.41
C MET B 180 15.33 16.31 -26.94
N ASP B 181 14.71 15.18 -26.64
CA ASP B 181 14.71 14.68 -25.26
C ASP B 181 15.86 13.64 -25.05
N GLY B 182 17.09 14.15 -24.85
CA GLY B 182 18.33 13.32 -24.77
C GLY B 182 18.35 12.25 -23.70
N ARG B 183 17.64 12.49 -22.59
CA ARG B 183 17.55 11.57 -21.44
C ARG B 183 17.17 10.11 -21.82
N ILE B 184 16.31 9.96 -22.80
CA ILE B 184 15.73 8.67 -23.06
C ILE B 184 16.55 7.79 -24.06
N GLN B 185 17.86 8.02 -24.26
CA GLN B 185 18.56 7.39 -25.43
C GLN B 185 19.01 5.92 -25.28
N GLY B 186 19.58 5.55 -24.14
CA GLY B 186 20.05 4.15 -23.92
C GLY B 186 18.89 3.14 -23.86
N TYR B 187 17.77 3.63 -23.34
CA TYR B 187 16.45 2.96 -23.34
C TYR B 187 15.97 2.73 -24.76
N VAL B 188 16.04 3.77 -25.59
CA VAL B 188 15.62 3.70 -27.01
C VAL B 188 16.43 2.69 -27.79
N ASP B 189 17.74 2.67 -27.58
CA ASP B 189 18.61 1.71 -28.29
C ASP B 189 18.25 0.28 -27.92
N ALA B 190 18.00 0.06 -26.62
CA ALA B 190 17.58 -1.27 -26.17
C ALA B 190 16.26 -1.68 -26.84
N LEU B 191 15.29 -0.78 -26.82
CA LEU B 191 13.98 -1.05 -27.45
C LEU B 191 14.18 -1.32 -28.97
N LYS B 192 15.03 -0.53 -29.64
CA LYS B 192 15.34 -0.74 -31.08
C LYS B 192 15.98 -2.08 -31.43
N ALA B 193 16.73 -2.64 -30.48
CA ALA B 193 17.32 -3.96 -30.66
C ALA B 193 16.26 -5.09 -30.72
N ARG B 194 15.03 -4.83 -30.27
CA ARG B 194 13.95 -5.83 -30.45
C ARG B 194 13.63 -6.04 -31.92
N SER B 195 13.82 -5.00 -32.75
CA SER B 195 13.57 -5.09 -34.21
C SER B 195 14.69 -4.33 -34.94
N PRO B 196 15.90 -4.92 -34.97
CA PRO B 196 17.12 -4.14 -35.34
C PRO B 196 17.14 -3.75 -36.83
N GLN B 197 16.48 -4.54 -37.64
CA GLN B 197 16.35 -4.29 -39.08
C GLN B 197 15.36 -3.12 -39.38
N VAL B 198 14.57 -2.69 -38.38
CA VAL B 198 13.66 -1.54 -38.53
C VAL B 198 14.41 -0.25 -38.17
N GLU B 199 14.34 0.74 -39.06
CA GLU B 199 15.11 2.02 -38.96
C GLU B 199 14.56 2.94 -37.85
N LEU B 200 15.46 3.50 -37.06
CA LEU B 200 15.17 4.54 -36.09
C LEU B 200 14.99 5.86 -36.83
N CYS B 201 13.85 6.53 -36.65
CA CYS B 201 13.56 7.79 -37.38
C CYS B 201 13.53 9.01 -36.49
N SER B 202 13.73 10.17 -37.12
CA SER B 202 13.56 11.46 -36.46
C SER B 202 12.62 12.39 -37.25
N ILE B 203 11.66 12.98 -36.55
CA ILE B 203 10.79 13.98 -37.18
C ILE B 203 10.85 15.36 -36.52
N MET B 204 11.98 15.64 -35.91
CA MET B 204 12.24 16.92 -35.29
C MET B 204 12.30 18.01 -36.36
N GLU B 205 11.76 19.17 -36.04
CA GLU B 205 11.96 20.31 -36.87
C GLU B 205 12.31 21.55 -36.04
N GLU B 206 12.96 22.50 -36.68
CA GLU B 206 13.25 23.74 -36.03
C GLU B 206 11.95 24.46 -35.71
N THR B 207 11.94 25.16 -34.59
CA THR B 207 10.76 25.85 -34.15
C THR B 207 10.13 26.74 -35.24
N ALA B 208 10.96 27.54 -35.90
CA ALA B 208 10.46 28.51 -36.86
C ALA B 208 9.88 27.79 -38.11
N VAL B 209 10.46 26.65 -38.46
CA VAL B 209 9.97 25.84 -39.59
C VAL B 209 8.60 25.23 -39.26
N ALA B 210 8.46 24.68 -38.06
CA ALA B 210 7.16 24.19 -37.62
C ALA B 210 6.08 25.26 -37.64
N LYS B 211 6.41 26.44 -37.14
CA LYS B 211 5.44 27.55 -37.18
C LYS B 211 4.96 27.86 -38.58
N ASP B 212 5.93 27.99 -39.50
CA ASP B 212 5.62 28.41 -40.88
C ASP B 212 4.76 27.36 -41.56
N ARG B 213 5.14 26.10 -41.37
CA ARG B 213 4.42 25.00 -41.97
C ARG B 213 3.00 24.84 -41.44
N ILE B 214 2.83 25.06 -40.16
CA ILE B 214 1.48 24.97 -39.56
C ILE B 214 0.61 26.17 -39.90
N THR B 215 1.23 27.34 -39.88
CA THR B 215 0.52 28.55 -40.34
C THR B 215 0.04 28.43 -41.80
N ALA B 216 0.90 27.95 -42.67
CA ALA B 216 0.54 27.80 -44.10
C ALA B 216 -0.57 26.74 -44.25
N LEU B 217 -0.44 25.64 -43.51
CA LEU B 217 -1.48 24.60 -43.53
C LEU B 217 -2.82 25.19 -43.07
N SER B 218 -2.79 26.00 -42.03
CA SER B 218 -4.03 26.61 -41.55
C SER B 218 -4.60 27.59 -42.56
N ASP B 219 -3.75 28.46 -43.08
CA ASP B 219 -4.19 29.44 -44.10
C ASP B 219 -4.82 28.73 -45.28
N GLN B 220 -4.25 27.63 -45.73
CA GLN B 220 -4.78 26.90 -46.88
C GLN B 220 -6.02 26.04 -46.60
N TYR B 221 -6.08 25.35 -45.45
CA TYR B 221 -7.17 24.35 -45.21
C TYR B 221 -8.21 24.64 -44.17
N HIS B 222 -7.92 25.56 -43.27
CA HIS B 222 -8.86 25.85 -42.20
C HIS B 222 -10.13 26.45 -42.75
N GLY B 223 -11.27 25.89 -42.35
CA GLY B 223 -12.59 26.31 -42.85
C GLY B 223 -12.97 25.82 -44.26
N THR B 224 -12.12 25.03 -44.89
CA THR B 224 -12.47 24.42 -46.20
C THR B 224 -13.46 23.26 -46.07
N ALA B 225 -13.81 22.65 -47.22
CA ALA B 225 -14.90 21.67 -47.32
C ALA B 225 -16.19 22.11 -46.60
N GLY B 226 -16.66 23.30 -46.91
CA GLY B 226 -17.89 23.85 -46.34
C GLY B 226 -17.84 24.06 -44.82
N GLY B 227 -16.67 24.43 -44.29
CA GLY B 227 -16.49 24.57 -42.83
C GLY B 227 -16.22 23.23 -42.07
N ARG B 228 -16.16 22.10 -42.77
CA ARG B 228 -16.00 20.81 -42.12
C ARG B 228 -14.59 20.49 -41.65
N ILE B 229 -13.60 21.17 -42.22
CA ILE B 229 -12.21 20.96 -41.87
C ILE B 229 -11.63 22.16 -41.08
N SER B 230 -11.03 21.84 -39.92
CA SER B 230 -10.33 22.81 -39.07
C SER B 230 -8.90 22.39 -38.89
N VAL B 231 -8.05 23.34 -38.53
CA VAL B 231 -6.65 23.11 -38.31
C VAL B 231 -6.24 23.63 -36.93
N TRP B 232 -5.58 22.78 -36.17
CA TRP B 232 -5.03 23.19 -34.86
C TRP B 232 -3.53 22.91 -34.79
N PRO B 233 -2.81 23.64 -33.96
CA PRO B 233 -1.43 23.30 -33.65
C PRO B 233 -1.36 22.30 -32.52
N ALA B 234 -0.45 21.34 -32.66
CA ALA B 234 -0.35 20.27 -31.72
C ALA B 234 1.07 19.99 -31.25
N PRO B 235 1.57 20.79 -30.31
CA PRO B 235 2.87 20.41 -29.74
C PRO B 235 2.75 19.02 -29.13
N ALA B 236 3.67 18.15 -29.47
CA ALA B 236 3.53 16.74 -29.17
C ALA B 236 3.40 16.43 -27.69
N THR B 237 4.39 16.88 -26.91
CA THR B 237 4.48 16.63 -25.46
C THR B 237 5.27 17.76 -24.82
N THR B 238 5.27 17.85 -23.49
CA THR B 238 6.05 18.88 -22.77
C THR B 238 7.57 18.64 -22.82
N THR B 239 8.01 17.44 -23.17
CA THR B 239 9.48 17.17 -23.29
C THR B 239 9.97 17.28 -24.73
N ALA B 240 9.08 17.14 -25.70
CA ALA B 240 9.49 17.18 -27.07
C ALA B 240 9.31 18.57 -27.70
N VAL B 241 8.74 19.49 -26.95
CA VAL B 241 8.54 20.83 -27.45
C VAL B 241 9.05 21.86 -26.46
N THR B 242 9.70 22.90 -26.98
CA THR B 242 10.23 23.99 -26.19
C THR B 242 9.09 24.75 -25.56
N VAL B 243 9.43 25.48 -24.52
CA VAL B 243 8.50 26.50 -23.99
C VAL B 243 8.01 27.48 -25.06
N GLU B 244 8.94 27.95 -25.88
CA GLU B 244 8.57 28.90 -26.94
C GLU B 244 7.53 28.27 -27.92
N GLY B 245 7.75 27.03 -28.27
CA GLY B 245 6.87 26.35 -29.20
C GLY B 245 5.48 26.17 -28.62
N MET B 246 5.42 25.79 -27.37
CA MET B 246 4.13 25.66 -26.72
C MET B 246 3.44 27.00 -26.57
N ARG B 247 4.20 28.04 -26.22
CA ARG B 247 3.57 29.37 -26.12
C ARG B 247 3.05 29.86 -27.46
N TRP B 248 3.81 29.59 -28.52
CA TRP B 248 3.34 29.94 -29.85
C TRP B 248 1.98 29.22 -30.18
N ALA B 249 1.92 27.92 -29.92
CA ALA B 249 0.70 27.16 -30.14
C ALA B 249 -0.44 27.76 -29.34
N GLN B 250 -0.14 28.08 -28.09
CA GLN B 250 -1.16 28.68 -27.21
C GLN B 250 -1.70 30.00 -27.77
N ALA B 251 -0.80 30.88 -28.17
CA ALA B 251 -1.20 32.20 -28.73
C ALA B 251 -1.92 32.02 -30.09
N PHE B 252 -1.46 31.07 -30.87
CA PHE B 252 -2.10 30.79 -32.15
C PHE B 252 -3.57 30.40 -31.95
N ALA B 253 -3.82 29.52 -30.99
CA ALA B 253 -5.17 29.06 -30.75
C ALA B 253 -6.06 30.23 -30.36
N ARG B 254 -5.53 31.09 -29.50
CA ARG B 254 -6.25 32.26 -29.04
C ARG B 254 -6.51 33.24 -30.20
N ASP B 255 -5.50 33.54 -31.01
CA ASP B 255 -5.67 34.52 -32.12
C ASP B 255 -6.63 34.04 -33.20
N ARG B 256 -6.67 32.73 -33.45
CA ARG B 256 -7.52 32.16 -34.46
C ARG B 256 -8.78 31.51 -33.96
N ALA B 257 -9.06 31.66 -32.66
CA ALA B 257 -10.28 31.08 -32.08
C ALA B 257 -10.40 29.58 -32.39
N VAL B 258 -9.29 28.87 -32.25
CA VAL B 258 -9.34 27.40 -32.26
C VAL B 258 -8.81 26.87 -30.93
N MET B 259 -8.38 25.61 -30.89
CA MET B 259 -7.79 25.02 -29.70
C MET B 259 -6.37 24.62 -30.05
N TRP B 260 -5.63 24.24 -29.02
CA TRP B 260 -4.32 23.61 -29.18
C TRP B 260 -4.31 22.38 -28.33
N THR B 261 -3.46 21.42 -28.69
CA THR B 261 -3.55 20.14 -28.02
C THR B 261 -2.18 19.54 -27.83
N LEU B 262 -2.05 18.72 -26.79
CA LEU B 262 -0.82 18.14 -26.38
C LEU B 262 -1.05 16.79 -25.69
N HIS B 263 -0.11 15.85 -25.86
CA HIS B 263 -0.17 14.54 -25.19
C HIS B 263 0.47 14.68 -23.84
N MET B 264 -0.27 14.35 -22.80
CA MET B 264 0.15 14.55 -21.46
C MET B 264 0.14 13.26 -20.63
N ALA B 265 1.34 12.89 -20.18
CA ALA B 265 1.49 11.90 -19.11
C ALA B 265 0.88 10.51 -19.54
N GLU B 266 1.16 10.14 -20.77
CA GLU B 266 0.72 8.86 -21.33
C GLU B 266 1.59 7.68 -20.79
N SER B 267 2.84 7.98 -20.41
CA SER B 267 3.76 6.95 -19.88
C SER B 267 4.54 7.41 -18.62
N ASP B 268 5.16 6.41 -17.97
CA ASP B 268 5.90 6.63 -16.69
C ASP B 268 7.27 7.30 -16.84
N HIS B 269 7.77 7.33 -18.09
CA HIS B 269 8.99 8.06 -18.51
C HIS B 269 8.72 9.53 -18.94
N ASP B 270 7.44 9.91 -19.06
CA ASP B 270 7.06 11.30 -19.39
C ASP B 270 6.95 12.07 -18.10
N GLU B 271 6.23 11.40 -17.18
CA GLU B 271 6.07 11.73 -15.75
C GLU B 271 6.98 12.84 -15.16
N ARG B 272 8.28 12.83 -15.49
CA ARG B 272 9.24 13.79 -14.91
C ARG B 272 9.98 14.60 -15.98
N ILE B 273 9.25 15.60 -16.50
CA ILE B 273 9.86 16.81 -17.10
C ILE B 273 10.40 17.69 -15.99
N HIS B 274 11.70 17.56 -15.74
CA HIS B 274 12.39 18.51 -14.87
C HIS B 274 11.77 18.48 -13.46
N GLY B 275 11.55 17.28 -12.90
CA GLY B 275 11.29 17.14 -11.45
C GLY B 275 9.89 17.51 -10.97
N MET B 276 8.96 17.64 -11.89
CA MET B 276 7.57 17.88 -11.55
C MET B 276 6.78 17.28 -12.66
N SER B 277 5.48 17.21 -12.48
CA SER B 277 4.62 16.61 -13.49
C SER B 277 4.48 17.55 -14.69
N PRO B 278 4.03 17.03 -15.83
CA PRO B 278 3.83 17.89 -16.98
C PRO B 278 2.79 18.98 -16.76
N ALA B 279 1.78 18.67 -15.96
CA ALA B 279 0.80 19.64 -15.59
C ALA B 279 1.41 20.75 -14.75
N GLU B 280 2.19 20.38 -13.76
CA GLU B 280 2.90 21.38 -12.98
C GLU B 280 3.83 22.26 -13.80
N TYR B 281 4.57 21.61 -14.69
CA TYR B 281 5.51 22.29 -15.57
C TYR B 281 4.79 23.30 -16.44
N MET B 282 3.67 22.89 -17.01
CA MET B 282 2.89 23.81 -17.81
C MET B 282 2.32 24.95 -16.97
N GLU B 283 1.82 24.66 -15.78
CA GLU B 283 1.34 25.68 -14.87
C GLU B 283 2.41 26.74 -14.61
N CYS B 284 3.62 26.31 -14.33
CA CYS B 284 4.75 27.24 -14.06
C CYS B 284 4.90 28.25 -15.17
N TYR B 285 4.79 27.80 -16.40
CA TYR B 285 4.91 28.67 -17.56
C TYR B 285 3.58 29.30 -18.08
N GLY B 286 2.49 29.18 -17.33
CA GLY B 286 1.22 29.76 -17.81
C GLY B 286 0.66 29.09 -19.07
N LEU B 287 0.97 27.80 -19.23
CA LEU B 287 0.57 27.04 -20.41
C LEU B 287 -0.70 26.17 -20.24
N LEU B 288 -1.41 26.30 -19.11
CA LEU B 288 -2.72 25.71 -18.97
C LEU B 288 -3.80 26.76 -19.18
N ASP B 289 -4.66 26.58 -20.19
CA ASP B 289 -5.75 27.50 -20.43
C ASP B 289 -6.92 26.78 -21.03
N GLU B 290 -8.04 27.49 -21.21
CA GLU B 290 -9.31 26.91 -21.59
C GLU B 290 -9.39 26.45 -23.04
N ARG B 291 -8.39 26.82 -23.84
N ARG B 291 -8.39 26.81 -23.83
CA ARG B 291 -8.32 26.37 -25.23
CA ARG B 291 -8.31 26.34 -25.23
C ARG B 291 -7.36 25.20 -25.41
C ARG B 291 -7.36 25.18 -25.41
N LEU B 292 -6.77 24.71 -24.32
CA LEU B 292 -5.92 23.52 -24.36
C LEU B 292 -6.77 22.28 -24.20
N GLN B 293 -6.56 21.31 -25.08
CA GLN B 293 -7.11 19.96 -24.90
C GLN B 293 -5.97 19.03 -24.72
N VAL B 294 -5.90 18.38 -23.56
CA VAL B 294 -4.82 17.42 -23.31
C VAL B 294 -5.35 16.03 -23.58
N ALA B 295 -4.49 15.17 -24.06
CA ALA B 295 -4.79 13.78 -24.27
C ALA B 295 -4.03 12.89 -23.29
N HIS B 296 -4.78 11.93 -22.74
CA HIS B 296 -4.29 10.76 -21.97
C HIS B 296 -4.44 10.91 -20.44
N CYS B 297 -3.47 11.55 -19.82
CA CYS B 297 -3.60 11.81 -18.38
C CYS B 297 -3.66 10.53 -17.55
N VAL B 298 -2.94 9.50 -17.96
CA VAL B 298 -2.88 8.28 -17.16
C VAL B 298 -2.03 8.51 -15.89
N TYR B 299 -0.90 9.15 -16.02
CA TYR B 299 0.07 9.27 -14.91
C TYR B 299 -0.17 10.58 -14.21
N PHE B 300 -1.31 10.68 -13.61
CA PHE B 300 -1.84 11.90 -13.07
C PHE B 300 -2.13 11.70 -11.62
N ASP B 301 -1.90 12.72 -10.83
CA ASP B 301 -2.28 12.67 -9.42
C ASP B 301 -3.36 13.74 -9.13
N ARG B 302 -3.77 13.87 -7.86
N ARG B 302 -3.75 13.87 -7.88
CA ARG B 302 -4.86 14.76 -7.45
CA ARG B 302 -4.83 14.76 -7.46
C ARG B 302 -4.51 16.18 -7.81
C ARG B 302 -4.49 16.17 -7.83
N LYS B 303 -3.25 16.55 -7.60
CA LYS B 303 -2.82 17.88 -7.86
C LYS B 303 -2.94 18.22 -9.34
N ASP B 304 -2.54 17.30 -10.19
CA ASP B 304 -2.64 17.54 -11.62
C ASP B 304 -4.11 17.79 -12.07
N VAL B 305 -5.03 17.02 -11.52
CA VAL B 305 -6.44 17.17 -11.82
C VAL B 305 -6.90 18.52 -11.39
N ARG B 306 -6.48 18.92 -10.21
CA ARG B 306 -6.82 20.24 -9.72
C ARG B 306 -6.31 21.35 -10.62
N LEU B 307 -5.08 21.22 -11.11
CA LEU B 307 -4.52 22.23 -12.02
C LEU B 307 -5.27 22.34 -13.35
N LEU B 308 -5.64 21.22 -13.92
CA LEU B 308 -6.45 21.23 -15.17
C LEU B 308 -7.82 21.82 -14.93
N HIS B 309 -8.43 21.43 -13.82
CA HIS B 309 -9.77 21.91 -13.43
C HIS B 309 -9.78 23.43 -13.27
N ARG B 310 -8.79 23.94 -12.56
CA ARG B 310 -8.67 25.36 -12.28
C ARG B 310 -8.61 26.18 -13.58
N HIS B 311 -7.92 25.71 -14.60
CA HIS B 311 -7.81 26.48 -15.84
C HIS B 311 -8.79 26.08 -16.94
N ASN B 312 -9.73 25.23 -16.56
CA ASN B 312 -10.71 24.74 -17.53
C ASN B 312 -10.15 24.06 -18.76
N VAL B 313 -9.14 23.25 -18.53
CA VAL B 313 -8.53 22.49 -19.58
C VAL B 313 -9.46 21.39 -20.06
N LYS B 314 -9.50 21.18 -21.35
CA LYS B 314 -10.28 20.09 -21.91
C LYS B 314 -9.47 18.84 -21.96
N VAL B 315 -10.16 17.69 -21.95
CA VAL B 315 -9.47 16.39 -21.88
C VAL B 315 -10.06 15.44 -22.89
N ALA B 316 -9.20 14.67 -23.54
CA ALA B 316 -9.60 13.52 -24.30
C ALA B 316 -9.02 12.27 -23.62
N SER B 317 -9.91 11.33 -23.30
CA SER B 317 -9.47 10.07 -22.73
C SER B 317 -9.48 8.93 -23.73
N GLN B 318 -8.36 8.23 -23.83
CA GLN B 318 -8.17 7.09 -24.74
C GLN B 318 -8.13 5.78 -23.98
N VAL B 319 -9.28 5.43 -23.44
CA VAL B 319 -9.36 4.38 -22.44
C VAL B 319 -8.89 3.03 -23.00
N VAL B 320 -9.26 2.74 -24.24
CA VAL B 320 -8.87 1.46 -24.87
C VAL B 320 -7.36 1.37 -25.12
N SER B 321 -6.81 2.45 -25.68
CA SER B 321 -5.38 2.52 -26.05
C SER B 321 -4.45 2.53 -24.81
N ASN B 322 -4.92 3.16 -23.74
CA ASN B 322 -4.23 3.11 -22.48
C ASN B 322 -4.09 1.68 -21.96
N ALA B 323 -5.08 0.83 -22.26
CA ALA B 323 -4.98 -0.61 -21.93
C ALA B 323 -4.08 -1.32 -22.93
N TYR B 324 -4.35 -1.14 -24.21
CA TYR B 324 -3.61 -1.85 -25.31
C TYR B 324 -2.10 -1.74 -25.15
N LEU B 325 -1.66 -0.52 -24.85
CA LEU B 325 -0.25 -0.24 -24.71
C LEU B 325 0.30 -0.46 -23.28
N GLY B 326 -0.50 -0.98 -22.37
CA GLY B 326 -0.02 -1.28 -21.03
C GLY B 326 0.36 -0.04 -20.22
N SER B 327 -0.27 1.10 -20.51
CA SER B 327 -0.04 2.35 -19.81
C SER B 327 -0.79 2.38 -18.50
N GLY B 328 -2.08 2.08 -18.50
CA GLY B 328 -2.86 2.06 -17.26
C GLY B 328 -4.27 2.59 -17.45
N VAL B 329 -4.79 3.18 -16.37
CA VAL B 329 -6.16 3.68 -16.30
C VAL B 329 -6.23 5.13 -15.77
N ALA B 330 -6.66 6.08 -16.60
CA ALA B 330 -6.72 7.51 -16.26
C ALA B 330 -7.83 7.78 -15.27
N PRO B 331 -7.74 8.89 -14.51
CA PRO B 331 -8.74 9.15 -13.43
C PRO B 331 -9.96 9.93 -14.01
N VAL B 332 -10.62 9.32 -15.00
CA VAL B 332 -11.78 9.90 -15.62
C VAL B 332 -12.93 10.19 -14.63
N PRO B 333 -13.29 9.25 -13.76
CA PRO B 333 -14.35 9.59 -12.81
C PRO B 333 -14.09 10.88 -11.96
N GLU B 334 -12.85 11.08 -11.55
CA GLU B 334 -12.52 12.26 -10.77
C GLU B 334 -12.76 13.51 -11.63
N MET B 335 -12.36 13.46 -12.89
CA MET B 335 -12.47 14.64 -13.72
C MET B 335 -13.95 14.97 -14.00
N VAL B 336 -14.71 13.93 -14.29
CA VAL B 336 -16.09 14.04 -14.63
C VAL B 336 -16.87 14.59 -13.46
N GLU B 337 -16.53 14.15 -12.25
N GLU B 337 -16.54 14.15 -12.26
CA GLU B 337 -17.23 14.65 -11.06
CA GLU B 337 -17.23 14.62 -11.09
C GLU B 337 -16.93 16.12 -10.76
C GLU B 337 -16.91 16.09 -10.75
N ARG B 338 -15.83 16.62 -11.32
CA ARG B 338 -15.52 18.06 -11.26
C ARG B 338 -16.13 18.86 -12.39
N GLY B 339 -16.95 18.25 -13.23
CA GLY B 339 -17.66 18.94 -14.33
C GLY B 339 -16.71 19.21 -15.52
N MET B 340 -15.53 18.60 -15.54
CA MET B 340 -14.58 18.86 -16.63
C MET B 340 -15.08 18.28 -17.98
N ALA B 341 -14.71 18.90 -19.08
CA ALA B 341 -15.09 18.39 -20.37
C ALA B 341 -14.16 17.27 -20.78
N VAL B 342 -14.62 16.03 -20.61
CA VAL B 342 -13.87 14.87 -20.99
C VAL B 342 -14.54 14.14 -22.16
N GLY B 343 -13.86 14.08 -23.30
CA GLY B 343 -14.34 13.31 -24.42
C GLY B 343 -13.64 11.95 -24.48
N ILE B 344 -14.11 11.10 -25.38
CA ILE B 344 -13.55 9.79 -25.64
C ILE B 344 -12.87 9.78 -26.99
N GLY B 345 -11.61 9.35 -27.03
CA GLY B 345 -10.89 9.14 -28.28
C GLY B 345 -10.59 7.68 -28.41
N THR B 346 -10.52 7.22 -29.65
CA THR B 346 -10.16 5.84 -29.95
C THR B 346 -8.70 5.69 -30.08
N ASP B 347 -8.03 6.82 -30.24
CA ASP B 347 -6.57 6.90 -30.34
C ASP B 347 -6.12 6.32 -31.71
N ASN B 348 -4.93 5.73 -31.77
CA ASN B 348 -4.38 5.25 -33.03
C ASN B 348 -5.18 4.12 -33.60
N GLY B 349 -5.29 4.12 -34.93
CA GLY B 349 -5.85 2.96 -35.64
C GLY B 349 -5.12 1.65 -35.37
N ASN B 350 -3.92 1.75 -34.81
CA ASN B 350 -3.10 0.59 -34.39
C ASN B 350 -2.64 0.60 -32.94
N SER B 351 -3.44 1.22 -32.06
CA SER B 351 -3.32 0.96 -30.62
C SER B 351 -4.69 0.81 -29.97
N ASN B 352 -5.55 0.08 -30.65
CA ASN B 352 -6.94 -0.08 -30.22
C ASN B 352 -7.49 -1.53 -30.34
N ASP B 353 -7.66 -2.11 -31.54
CA ASP B 353 -7.23 -1.63 -32.83
C ASP B 353 -8.43 -1.31 -33.74
N SER B 354 -9.53 -0.88 -33.13
CA SER B 354 -10.70 -0.59 -33.89
C SER B 354 -11.01 0.89 -33.80
N VAL B 355 -11.94 1.31 -34.66
CA VAL B 355 -12.44 2.68 -34.72
C VAL B 355 -13.95 2.55 -34.52
N ASN B 356 -14.34 2.28 -33.28
CA ASN B 356 -15.69 1.89 -32.94
C ASN B 356 -16.10 2.54 -31.58
N MET B 357 -16.87 3.61 -31.65
CA MET B 357 -17.15 4.38 -30.50
C MET B 357 -17.97 3.58 -29.50
N ILE B 358 -18.89 2.79 -29.99
CA ILE B 358 -19.74 2.01 -29.12
C ILE B 358 -18.92 0.99 -28.35
N GLY B 359 -17.97 0.31 -29.02
CA GLY B 359 -17.03 -0.60 -28.33
C GLY B 359 -16.21 0.14 -27.29
N ASP B 360 -15.73 1.34 -27.60
CA ASP B 360 -14.96 2.10 -26.65
C ASP B 360 -15.77 2.60 -25.45
N MET B 361 -17.04 2.93 -25.67
CA MET B 361 -17.92 3.36 -24.59
C MET B 361 -18.11 2.23 -23.59
N LYS B 362 -18.32 1.04 -24.09
CA LYS B 362 -18.51 -0.12 -23.21
C LYS B 362 -17.24 -0.33 -22.38
N PHE B 363 -16.09 -0.21 -23.02
CA PHE B 363 -14.85 -0.28 -22.30
C PHE B 363 -14.68 0.83 -21.25
N MET B 364 -15.05 2.06 -21.58
CA MET B 364 -15.01 3.13 -20.60
C MET B 364 -15.93 2.82 -19.41
N ALA B 365 -17.09 2.23 -19.66
CA ALA B 365 -17.98 1.88 -18.60
C ALA B 365 -17.41 0.84 -17.69
N HIS B 366 -16.81 -0.17 -18.28
CA HIS B 366 -16.40 -1.34 -17.51
C HIS B 366 -15.05 -1.24 -16.82
N ILE B 367 -14.06 -0.67 -17.46
CA ILE B 367 -12.77 -0.60 -16.86
C ILE B 367 -12.88 0.17 -15.53
N HIS B 368 -13.63 1.27 -15.53
CA HIS B 368 -13.71 2.10 -14.34
C HIS B 368 -14.52 1.43 -13.27
N ARG B 369 -15.56 0.72 -13.65
CA ARG B 369 -16.31 -0.06 -12.68
C ARG B 369 -15.39 -1.11 -12.00
N ALA B 370 -14.56 -1.74 -12.80
CA ALA B 370 -13.76 -2.84 -12.26
C ALA B 370 -12.69 -2.36 -11.31
N VAL B 371 -12.02 -1.31 -11.73
CA VAL B 371 -10.91 -0.75 -10.97
C VAL B 371 -11.40 -0.07 -9.68
N HIS B 372 -12.57 0.57 -9.70
CA HIS B 372 -13.15 1.15 -8.46
C HIS B 372 -14.05 0.18 -7.69
N ARG B 373 -14.34 -1.01 -8.26
CA ARG B 373 -15.23 -1.94 -7.63
C ARG B 373 -16.55 -1.27 -7.32
N ASP B 374 -17.08 -0.60 -8.32
CA ASP B 374 -18.25 0.27 -8.15
C ASP B 374 -19.07 0.27 -9.43
N ALA B 375 -20.17 -0.46 -9.37
CA ALA B 375 -20.98 -0.72 -10.53
C ALA B 375 -21.69 0.51 -10.99
N ASP B 376 -21.65 1.59 -10.21
CA ASP B 376 -22.29 2.83 -10.58
C ASP B 376 -21.34 3.98 -10.67
N VAL B 377 -20.07 3.71 -10.99
CA VAL B 377 -19.08 4.77 -11.04
C VAL B 377 -19.28 5.76 -12.17
N LEU B 378 -19.81 5.28 -13.31
CA LEU B 378 -20.20 6.13 -14.44
C LEU B 378 -21.47 5.54 -15.02
N THR B 379 -22.50 6.36 -15.14
CA THR B 379 -23.71 5.93 -15.74
C THR B 379 -23.53 5.79 -17.25
N PRO B 380 -24.34 4.94 -17.84
CA PRO B 380 -24.30 4.87 -19.30
C PRO B 380 -24.71 6.21 -19.98
N GLU B 381 -25.58 6.96 -19.32
CA GLU B 381 -25.93 8.31 -19.82
C GLU B 381 -24.69 9.20 -19.88
N LYS B 382 -23.89 9.16 -18.84
CA LYS B 382 -22.68 9.94 -18.79
C LYS B 382 -21.67 9.51 -19.85
N ILE B 383 -21.55 8.21 -20.06
CA ILE B 383 -20.64 7.68 -21.10
C ILE B 383 -21.13 8.14 -22.48
N LEU B 384 -22.43 8.07 -22.70
CA LEU B 384 -23.00 8.60 -23.94
C LEU B 384 -22.76 10.12 -24.12
N GLU B 385 -22.85 10.85 -23.02
CA GLU B 385 -22.55 12.29 -23.04
C GLU B 385 -21.07 12.51 -23.46
N MET B 386 -20.15 11.68 -22.94
CA MET B 386 -18.73 11.82 -23.25
C MET B 386 -18.54 11.64 -24.75
N ALA B 387 -19.33 10.76 -25.34
CA ALA B 387 -19.20 10.47 -26.77
C ALA B 387 -19.89 11.48 -27.67
N THR B 388 -20.72 12.34 -27.08
CA THR B 388 -21.43 13.36 -27.83
C THR B 388 -21.23 14.76 -27.32
N ILE B 389 -22.15 15.26 -26.51
CA ILE B 389 -22.12 16.65 -26.15
C ILE B 389 -20.83 17.06 -25.34
N ASP B 390 -20.31 16.20 -24.47
CA ASP B 390 -19.10 16.54 -23.70
C ASP B 390 -17.89 16.42 -24.56
N GLY B 391 -17.91 15.49 -25.50
CA GLY B 391 -16.87 15.44 -26.50
C GLY B 391 -16.78 16.71 -27.34
N ALA B 392 -17.93 17.20 -27.75
CA ALA B 392 -17.98 18.47 -28.44
C ALA B 392 -17.33 19.54 -27.60
N ARG B 393 -17.68 19.59 -26.33
CA ARG B 393 -17.15 20.57 -25.39
C ARG B 393 -15.63 20.42 -25.29
N SER B 394 -15.14 19.20 -25.35
CA SER B 394 -13.69 18.97 -25.27
C SER B 394 -12.97 19.49 -26.46
N LEU B 395 -13.69 19.67 -27.58
CA LEU B 395 -13.09 20.21 -28.78
C LEU B 395 -13.42 21.68 -28.96
N GLY B 396 -14.09 22.29 -28.00
CA GLY B 396 -14.43 23.70 -28.14
C GLY B 396 -15.54 23.91 -29.21
N MET B 397 -16.29 22.86 -29.54
CA MET B 397 -17.26 22.95 -30.63
C MET B 397 -18.70 22.71 -30.22
N ASP B 398 -19.00 22.80 -28.93
CA ASP B 398 -20.32 22.49 -28.39
C ASP B 398 -21.42 23.49 -28.76
N HIS B 399 -21.05 24.69 -29.21
CA HIS B 399 -22.05 25.60 -29.78
C HIS B 399 -22.53 25.14 -31.18
N GLU B 400 -21.73 24.33 -31.88
CA GLU B 400 -22.04 23.91 -33.22
C GLU B 400 -22.52 22.45 -33.33
N ILE B 401 -22.00 21.55 -32.52
CA ILE B 401 -22.29 20.12 -32.61
C ILE B 401 -22.55 19.47 -31.28
N GLY B 402 -22.91 18.18 -31.34
CA GLY B 402 -22.95 17.34 -30.14
C GLY B 402 -24.35 17.14 -29.49
N SER B 403 -25.36 17.86 -29.98
CA SER B 403 -26.69 17.66 -29.56
C SER B 403 -27.68 17.97 -30.68
N ILE B 404 -28.90 17.44 -30.53
CA ILE B 404 -29.99 17.68 -31.48
C ILE B 404 -30.78 18.86 -31.01
N GLU B 405 -30.35 20.03 -31.46
CA GLU B 405 -30.93 21.30 -31.03
C GLU B 405 -30.96 22.23 -32.21
N THR B 406 -31.93 23.12 -32.18
CA THR B 406 -32.17 24.06 -33.25
C THR B 406 -30.96 24.95 -33.40
N GLY B 407 -30.50 25.19 -34.63
CA GLY B 407 -29.37 26.07 -34.84
C GLY B 407 -28.04 25.33 -34.99
N LYS B 408 -27.93 24.13 -34.44
CA LYS B 408 -26.68 23.39 -34.56
C LYS B 408 -26.55 22.68 -35.91
N ARG B 409 -25.34 22.24 -36.21
CA ARG B 409 -25.10 21.45 -37.40
C ARG B 409 -25.80 20.09 -37.40
N ALA B 410 -26.21 19.66 -38.59
CA ALA B 410 -26.98 18.43 -38.71
C ALA B 410 -26.01 17.25 -38.86
N ASP B 411 -25.36 16.93 -37.74
CA ASP B 411 -24.51 15.74 -37.63
C ASP B 411 -25.35 14.77 -36.80
N LEU B 412 -25.96 13.79 -37.45
CA LEU B 412 -27.00 12.93 -36.84
C LEU B 412 -26.82 11.51 -37.30
N ILE B 413 -27.13 10.57 -36.41
CA ILE B 413 -27.03 9.16 -36.72
C ILE B 413 -28.30 8.45 -36.31
N LEU B 414 -28.65 7.45 -37.12
CA LEU B 414 -29.84 6.64 -36.90
C LEU B 414 -29.41 5.24 -36.59
N LEU B 415 -29.80 4.77 -35.41
CA LEU B 415 -29.47 3.42 -34.93
C LEU B 415 -30.69 2.56 -34.88
N ASP B 416 -30.56 1.33 -35.29
CA ASP B 416 -31.64 0.37 -35.26
C ASP B 416 -31.34 -0.59 -34.17
N LEU B 417 -32.22 -0.67 -33.18
CA LEU B 417 -32.03 -1.57 -32.05
C LEU B 417 -32.76 -2.89 -32.19
N ARG B 418 -33.38 -3.10 -33.33
CA ARG B 418 -34.09 -4.32 -33.59
C ARG B 418 -33.12 -5.39 -34.15
N HIS B 419 -32.25 -5.85 -33.27
CA HIS B 419 -31.35 -6.95 -33.48
C HIS B 419 -31.35 -7.76 -32.20
N PRO B 420 -30.92 -9.02 -32.27
CA PRO B 420 -30.88 -9.83 -31.07
C PRO B 420 -30.12 -9.19 -29.88
N GLN B 421 -28.97 -8.59 -30.17
CA GLN B 421 -28.11 -8.17 -29.06
C GLN B 421 -28.74 -7.00 -28.30
N THR B 422 -29.46 -6.17 -29.03
CA THR B 422 -30.07 -4.99 -28.44
C THR B 422 -31.53 -5.20 -28.08
N THR B 423 -31.93 -6.45 -27.89
CA THR B 423 -33.28 -6.78 -27.46
C THR B 423 -33.19 -7.54 -26.16
N PRO B 424 -33.99 -7.19 -25.16
CA PRO B 424 -34.88 -6.04 -25.14
C PRO B 424 -34.15 -4.77 -24.92
N HIS B 425 -34.84 -3.67 -25.15
CA HIS B 425 -34.29 -2.35 -24.96
C HIS B 425 -35.36 -1.44 -24.32
N HIS B 426 -35.05 -0.86 -23.17
CA HIS B 426 -36.03 0.05 -22.55
C HIS B 426 -35.32 1.36 -22.27
N HIS B 427 -34.23 1.31 -21.53
CA HIS B 427 -33.38 2.48 -21.28
C HIS B 427 -32.34 2.51 -22.44
N LEU B 428 -32.38 3.58 -23.23
CA LEU B 428 -31.60 3.66 -24.43
C LEU B 428 -30.12 3.79 -24.24
N ALA B 429 -29.69 4.61 -23.30
CA ALA B 429 -28.28 4.72 -23.03
C ALA B 429 -27.67 3.40 -22.54
N ALA B 430 -28.36 2.70 -21.65
CA ALA B 430 -27.90 1.40 -21.21
C ALA B 430 -27.79 0.38 -22.30
N THR B 431 -28.80 0.34 -23.15
CA THR B 431 -28.81 -0.58 -24.24
C THR B 431 -27.63 -0.29 -25.14
N ILE B 432 -27.45 0.97 -25.53
CA ILE B 432 -26.33 1.32 -26.42
C ILE B 432 -24.97 1.01 -25.84
N VAL B 433 -24.74 1.39 -24.61
CA VAL B 433 -23.45 1.21 -23.97
C VAL B 433 -23.13 -0.25 -23.64
N PHE B 434 -24.11 -0.98 -23.11
CA PHE B 434 -23.88 -2.31 -22.62
C PHE B 434 -24.23 -3.48 -23.58
N GLN B 435 -24.98 -3.20 -24.64
CA GLN B 435 -25.46 -4.25 -25.56
C GLN B 435 -25.03 -4.11 -27.01
N ALA B 436 -25.00 -2.89 -27.52
CA ALA B 436 -24.72 -2.70 -28.92
C ALA B 436 -23.27 -3.09 -29.23
N TYR B 437 -23.09 -3.65 -30.41
CA TYR B 437 -21.76 -4.06 -30.85
C TYR B 437 -21.02 -2.99 -31.65
N GLY B 438 -21.77 -2.13 -32.32
CA GLY B 438 -21.16 -1.11 -33.15
C GLY B 438 -21.52 -1.21 -34.61
N ASN B 439 -22.34 -2.18 -34.97
CA ASN B 439 -22.84 -2.32 -36.32
C ASN B 439 -24.31 -1.89 -36.50
N GLU B 440 -24.92 -1.28 -35.47
CA GLU B 440 -26.35 -1.00 -35.46
C GLU B 440 -26.67 0.34 -36.11
N VAL B 441 -25.63 1.12 -36.42
CA VAL B 441 -25.82 2.40 -37.07
C VAL B 441 -26.19 2.16 -38.56
N ASP B 442 -27.36 2.68 -38.97
CA ASP B 442 -27.87 2.52 -40.30
C ASP B 442 -27.50 3.69 -41.19
N THR B 443 -27.74 4.88 -40.69
CA THR B 443 -27.74 6.05 -41.55
C THR B 443 -27.05 7.20 -40.83
N VAL B 444 -26.23 7.93 -41.57
CA VAL B 444 -25.38 8.95 -40.97
C VAL B 444 -25.45 10.21 -41.81
N LEU B 445 -25.80 11.30 -41.17
CA LEU B 445 -25.73 12.64 -41.74
C LEU B 445 -24.61 13.44 -41.11
N ILE B 446 -23.87 14.14 -41.95
CA ILE B 446 -22.82 15.04 -41.48
C ILE B 446 -22.99 16.33 -42.25
N ASP B 447 -23.12 17.40 -41.48
CA ASP B 447 -23.39 18.72 -42.03
C ASP B 447 -24.61 18.68 -42.96
N GLY B 448 -25.59 17.87 -42.60
CA GLY B 448 -26.77 17.72 -43.40
C GLY B 448 -26.66 16.88 -44.66
N ASN B 449 -25.49 16.36 -44.96
CA ASN B 449 -25.32 15.48 -46.12
C ASN B 449 -25.36 14.01 -45.71
N VAL B 450 -26.00 13.19 -46.52
CA VAL B 450 -26.15 11.77 -46.22
C VAL B 450 -24.85 11.13 -46.61
N VAL B 451 -24.10 10.67 -45.63
CA VAL B 451 -22.79 10.02 -45.88
C VAL B 451 -22.91 8.50 -45.84
N MET B 452 -23.91 8.01 -45.13
CA MET B 452 -24.23 6.61 -45.13
C MET B 452 -25.72 6.46 -45.02
N GLU B 453 -26.25 5.50 -45.74
CA GLU B 453 -27.69 5.21 -45.71
C GLU B 453 -27.94 3.73 -45.85
N ASN B 454 -28.64 3.16 -44.88
CA ASN B 454 -28.83 1.71 -44.77
C ASN B 454 -27.50 0.96 -44.97
N ARG B 455 -26.47 1.49 -44.32
CA ARG B 455 -25.13 0.96 -44.25
C ARG B 455 -24.36 1.08 -45.53
N ARG B 456 -24.96 1.71 -46.53
CA ARG B 456 -24.32 1.97 -47.75
C ARG B 456 -23.54 3.30 -47.69
N LEU B 457 -22.25 3.26 -47.91
CA LEU B 457 -21.42 4.44 -47.78
C LEU B 457 -21.39 5.19 -49.09
N SER B 458 -21.59 6.50 -49.02
CA SER B 458 -21.58 7.33 -50.21
C SER B 458 -20.16 7.43 -50.86
N PHE B 459 -19.09 7.33 -50.08
CA PHE B 459 -17.75 7.43 -50.59
C PHE B 459 -17.07 6.04 -50.78
N LEU B 460 -17.80 4.97 -50.52
CA LEU B 460 -17.31 3.63 -50.77
C LEU B 460 -18.47 2.69 -51.06
N PRO B 461 -18.96 2.75 -52.28
CA PRO B 461 -20.20 2.03 -52.61
C PRO B 461 -19.96 0.53 -52.48
N PRO B 462 -21.01 -0.24 -52.23
CA PRO B 462 -20.88 -1.69 -52.04
C PRO B 462 -20.17 -2.43 -53.16
N GLU B 463 -20.32 -1.99 -54.40
CA GLU B 463 -19.69 -2.71 -55.52
C GLU B 463 -18.18 -2.44 -55.59
N ARG B 464 -17.68 -1.42 -54.90
CA ARG B 464 -16.22 -1.18 -54.82
C ARG B 464 -15.58 -1.60 -53.49
N GLU B 465 -16.39 -1.98 -52.52
CA GLU B 465 -15.91 -2.13 -51.16
C GLU B 465 -14.87 -3.25 -51.04
N LEU B 466 -15.17 -4.42 -51.58
CA LEU B 466 -14.28 -5.56 -51.43
C LEU B 466 -12.95 -5.35 -52.10
N ALA B 467 -12.96 -4.83 -53.33
CA ALA B 467 -11.70 -4.50 -54.05
C ALA B 467 -10.91 -3.45 -53.31
N PHE B 468 -11.60 -2.49 -52.74
CA PHE B 468 -10.89 -1.48 -51.92
C PHE B 468 -10.20 -2.10 -50.69
N LEU B 469 -10.92 -2.97 -49.99
CA LEU B 469 -10.31 -3.62 -48.84
C LEU B 469 -9.06 -4.44 -49.24
N GLU B 470 -9.12 -5.12 -50.38
CA GLU B 470 -7.97 -5.89 -50.89
C GLU B 470 -6.81 -4.97 -51.23
N GLU B 471 -7.10 -3.82 -51.79
CA GLU B 471 -6.03 -2.86 -52.02
C GLU B 471 -5.42 -2.37 -50.69
N ALA B 472 -6.26 -2.11 -49.68
CA ALA B 472 -5.71 -1.68 -48.41
C ALA B 472 -4.84 -2.77 -47.80
N GLN B 473 -5.32 -4.00 -47.90
CA GLN B 473 -4.56 -5.17 -47.45
C GLN B 473 -3.18 -5.28 -48.15
N SER B 474 -3.17 -5.21 -49.48
CA SER B 474 -1.91 -5.22 -50.25
C SER B 474 -1.00 -4.09 -49.91
N ARG B 475 -1.54 -2.88 -49.84
CA ARG B 475 -0.71 -1.73 -49.54
C ARG B 475 -0.09 -1.84 -48.14
N ALA B 476 -0.87 -2.34 -47.19
CA ALA B 476 -0.32 -2.58 -45.85
C ALA B 476 0.83 -3.58 -45.89
N THR B 477 0.64 -4.70 -46.58
CA THR B 477 1.67 -5.72 -46.68
C THR B 477 2.94 -5.13 -47.29
N ALA B 478 2.77 -4.30 -48.29
CA ALA B 478 3.93 -3.68 -48.91
C ALA B 478 4.60 -2.66 -48.00
N ILE B 479 3.81 -1.88 -47.29
CA ILE B 479 4.38 -0.90 -46.34
C ILE B 479 5.27 -1.60 -45.33
N LEU B 480 4.78 -2.68 -44.79
CA LEU B 480 5.54 -3.42 -43.80
C LEU B 480 6.82 -4.01 -44.39
N GLN B 481 6.80 -4.50 -45.63
CA GLN B 481 8.02 -5.00 -46.32
C GLN B 481 9.06 -3.88 -46.47
N ARG B 482 8.63 -2.72 -46.97
CA ARG B 482 9.55 -1.59 -47.15
C ARG B 482 10.14 -1.14 -45.83
N ALA B 483 9.36 -1.19 -44.75
CA ALA B 483 9.85 -0.86 -43.44
C ALA B 483 10.64 -1.96 -42.73
N ASN B 484 10.71 -3.14 -43.33
CA ASN B 484 11.31 -4.33 -42.69
C ASN B 484 10.65 -4.76 -41.38
N MET B 485 9.34 -4.63 -41.28
CA MET B 485 8.60 -4.96 -40.06
C MET B 485 7.95 -6.32 -40.22
N VAL B 486 7.92 -7.09 -39.14
CA VAL B 486 7.28 -8.41 -39.11
C VAL B 486 5.76 -8.26 -39.00
N ALA B 487 5.05 -8.82 -39.95
CA ALA B 487 3.62 -8.66 -40.06
C ALA B 487 2.82 -9.68 -39.24
N ASN B 488 3.37 -10.88 -39.17
CA ASN B 488 2.68 -12.04 -38.65
C ASN B 488 3.61 -12.89 -37.79
N PRO B 489 3.86 -12.46 -36.57
CA PRO B 489 4.81 -13.24 -35.75
C PRO B 489 4.24 -14.63 -35.39
N ALA B 490 5.18 -15.55 -35.20
CA ALA B 490 4.89 -16.94 -34.96
C ALA B 490 4.00 -17.06 -33.73
N TRP B 491 3.06 -17.97 -33.82
CA TRP B 491 2.15 -18.29 -32.74
C TRP B 491 2.88 -18.36 -31.38
N ARG B 492 2.38 -17.60 -30.41
CA ARG B 492 2.98 -17.60 -29.08
C ARG B 492 1.88 -17.53 -28.03
N SER B 493 1.82 -18.57 -27.20
CA SER B 493 0.85 -18.68 -26.14
C SER B 493 1.22 -17.95 -24.85
N LEU B 494 2.51 -17.75 -24.62
CA LEU B 494 2.95 -17.18 -23.33
C LEU B 494 3.99 -16.05 -23.55
N GLN C 22 31.99 -30.54 43.54
CA GLN C 22 33.31 -30.03 43.08
C GLN C 22 33.36 -28.53 42.88
N THR C 23 34.25 -27.82 43.62
CA THR C 23 34.62 -26.48 43.17
C THR C 23 35.27 -26.71 41.82
N LEU C 24 35.13 -25.73 40.96
CA LEU C 24 35.64 -25.88 39.64
C LEU C 24 36.28 -24.64 39.17
N SER C 25 37.39 -24.83 38.51
CA SER C 25 38.11 -23.75 37.90
C SER C 25 38.11 -23.95 36.40
N ILE C 26 37.54 -23.00 35.69
CA ILE C 26 37.57 -23.04 34.25
C ILE C 26 38.65 -22.10 33.72
N GLN C 27 39.63 -22.66 33.06
CA GLN C 27 40.87 -21.98 32.82
C GLN C 27 41.22 -21.83 31.36
N HIS C 28 41.86 -20.71 31.05
CA HIS C 28 42.53 -20.42 29.81
C HIS C 28 41.54 -20.20 28.65
N GLY C 29 40.30 -19.90 28.95
CA GLY C 29 39.35 -19.60 27.91
C GLY C 29 39.28 -18.11 27.59
N THR C 30 38.55 -17.78 26.53
CA THR C 30 38.15 -16.41 26.27
C THR C 30 36.79 -16.27 26.82
N LEU C 31 36.64 -15.38 27.78
CA LEU C 31 35.34 -15.17 28.49
C LEU C 31 34.54 -14.06 27.82
N VAL C 32 33.41 -14.43 27.23
CA VAL C 32 32.47 -13.47 26.70
C VAL C 32 31.45 -13.23 27.80
N THR C 33 31.67 -12.20 28.62
CA THR C 33 30.99 -12.05 29.89
C THR C 33 29.54 -11.64 29.81
N MET C 34 29.19 -10.88 28.79
CA MET C 34 27.88 -10.17 28.68
C MET C 34 27.61 -9.32 29.89
N ASP C 35 28.66 -8.90 30.61
CA ASP C 35 28.52 -8.00 31.72
C ASP C 35 28.24 -6.56 31.26
N GLN C 36 28.16 -5.67 32.23
CA GLN C 36 27.74 -4.31 31.98
C GLN C 36 28.66 -3.62 30.98
N TYR C 37 29.95 -3.97 30.97
CA TYR C 37 30.83 -3.38 29.97
C TYR C 37 31.02 -4.26 28.77
N ARG C 38 30.27 -5.38 28.69
CA ARG C 38 30.44 -6.37 27.65
C ARG C 38 31.87 -6.83 27.52
N ARG C 39 32.53 -7.07 28.63
CA ARG C 39 33.95 -7.46 28.59
C ARG C 39 34.14 -8.79 27.94
N VAL C 40 35.15 -8.86 27.12
CA VAL C 40 35.61 -10.08 26.49
C VAL C 40 37.06 -10.27 26.94
N LEU C 41 37.28 -11.24 27.79
CA LEU C 41 38.58 -11.43 28.44
C LEU C 41 39.32 -12.62 27.89
N GLY C 42 40.40 -12.34 27.18
CA GLY C 42 41.31 -13.35 26.63
C GLY C 42 42.08 -14.06 27.74
N ASP C 43 42.26 -15.37 27.56
CA ASP C 43 43.12 -16.23 28.41
C ASP C 43 42.88 -15.92 29.90
N SER C 44 41.66 -16.22 30.32
CA SER C 44 41.13 -15.82 31.60
C SER C 44 40.38 -16.98 32.21
N TRP C 45 40.04 -16.84 33.47
CA TRP C 45 39.55 -17.97 34.24
C TRP C 45 38.36 -17.56 35.04
N VAL C 46 37.58 -18.58 35.45
CA VAL C 46 36.39 -18.43 36.24
C VAL C 46 36.45 -19.48 37.34
N HIS C 47 36.20 -19.05 38.56
CA HIS C 47 36.14 -19.93 39.70
C HIS C 47 34.72 -20.11 40.18
N VAL C 48 34.31 -21.36 40.32
CA VAL C 48 32.95 -21.72 40.72
C VAL C 48 32.87 -22.52 42.01
N GLN C 49 31.97 -22.13 42.86
CA GLN C 49 31.81 -22.75 44.13
C GLN C 49 30.35 -22.64 44.59
N ASP C 50 29.78 -23.73 45.06
CA ASP C 50 28.44 -23.74 45.63
C ASP C 50 27.39 -23.15 44.66
N GLY C 51 27.50 -23.54 43.39
CA GLY C 51 26.60 -23.08 42.34
C GLY C 51 26.82 -21.69 41.78
N ARG C 52 27.82 -20.97 42.28
CA ARG C 52 27.98 -19.52 42.01
C ARG C 52 29.32 -19.22 41.38
N ILE C 53 29.33 -18.21 40.55
CA ILE C 53 30.55 -17.62 40.09
C ILE C 53 31.13 -16.77 41.24
N VAL C 54 32.24 -17.23 41.80
CA VAL C 54 32.84 -16.59 42.97
C VAL C 54 33.87 -15.58 42.59
N ALA C 55 34.59 -15.84 41.50
CA ALA C 55 35.66 -14.92 41.03
C ALA C 55 36.02 -15.18 39.57
N LEU C 56 36.65 -14.17 38.95
CA LEU C 56 37.14 -14.25 37.61
C LEU C 56 38.49 -13.58 37.62
N GLY C 57 39.32 -13.89 36.63
CA GLY C 57 40.53 -13.16 36.43
C GLY C 57 41.28 -13.50 35.15
N VAL C 58 42.30 -12.70 34.87
CA VAL C 58 43.16 -12.84 33.75
C VAL C 58 44.46 -13.59 34.17
N HIS C 59 44.78 -14.64 33.42
CA HIS C 59 45.89 -15.51 33.79
C HIS C 59 47.24 -14.81 33.95
N ALA C 60 47.52 -13.85 33.05
CA ALA C 60 48.80 -13.16 33.08
C ALA C 60 48.91 -12.30 34.37
N GLU C 61 47.81 -11.96 35.00
CA GLU C 61 47.81 -11.02 36.15
C GLU C 61 47.52 -11.69 37.51
N SER C 62 46.97 -12.89 37.47
CA SER C 62 46.48 -13.50 38.69
C SER C 62 46.55 -15.03 38.60
N VAL C 63 46.63 -15.66 39.75
CA VAL C 63 46.63 -17.08 39.89
C VAL C 63 45.23 -17.51 40.32
N PRO C 64 44.65 -18.48 39.61
CA PRO C 64 43.30 -18.86 39.97
C PRO C 64 43.31 -19.58 41.30
N PRO C 65 42.27 -19.40 42.10
CA PRO C 65 42.16 -20.07 43.38
C PRO C 65 42.17 -21.57 43.23
N PRO C 66 42.57 -22.27 44.29
CA PRO C 66 42.59 -23.71 44.20
C PRO C 66 41.18 -24.21 43.99
N ALA C 67 41.09 -25.26 43.23
CA ALA C 67 39.82 -25.92 42.99
C ALA C 67 39.91 -27.45 43.02
N ASP C 68 38.79 -28.13 43.27
CA ASP C 68 38.78 -29.61 43.30
C ASP C 68 39.12 -30.14 41.95
N ARG C 69 38.71 -29.40 40.94
CA ARG C 69 38.99 -29.78 39.58
C ARG C 69 39.09 -28.59 38.60
N VAL C 70 39.92 -28.77 37.58
CA VAL C 70 40.18 -27.78 36.58
C VAL C 70 39.59 -28.25 35.28
N ILE C 71 38.78 -27.40 34.67
CA ILE C 71 38.30 -27.69 33.29
C ILE C 71 39.08 -26.80 32.35
N ASP C 72 39.74 -27.44 31.39
CA ASP C 72 40.65 -26.73 30.49
C ASP C 72 39.87 -26.23 29.29
N ALA C 73 39.74 -24.90 29.19
CA ALA C 73 39.07 -24.26 28.11
C ALA C 73 40.01 -23.61 27.14
N ARG C 74 41.27 -24.04 27.13
CA ARG C 74 42.23 -23.46 26.18
C ARG C 74 41.75 -23.61 24.77
N GLY C 75 41.87 -22.53 24.02
CA GLY C 75 41.32 -22.46 22.68
C GLY C 75 39.79 -22.42 22.56
N LYS C 76 39.08 -22.18 23.66
CA LYS C 76 37.63 -22.21 23.68
C LYS C 76 37.06 -20.93 24.18
N VAL C 77 35.79 -20.76 23.91
CA VAL C 77 35.07 -19.57 24.27
C VAL C 77 34.09 -19.93 25.38
N VAL C 78 34.10 -19.17 26.44
CA VAL C 78 33.19 -19.34 27.54
C VAL C 78 32.10 -18.23 27.49
N LEU C 79 30.83 -18.65 27.52
CA LEU C 79 29.64 -17.77 27.47
C LEU C 79 28.71 -18.11 28.63
N PRO C 80 27.86 -17.17 29.00
CA PRO C 80 26.75 -17.56 29.83
C PRO C 80 25.87 -18.52 29.08
N GLY C 81 25.21 -19.43 29.78
CA GLY C 81 24.34 -20.36 29.12
C GLY C 81 23.19 -19.64 28.38
N PHE C 82 22.76 -20.23 27.28
CA PHE C 82 21.68 -19.68 26.57
C PHE C 82 20.36 -19.91 27.34
N ILE C 83 19.46 -18.95 27.14
CA ILE C 83 18.17 -18.94 27.82
C ILE C 83 17.05 -19.04 26.75
N ASN C 84 16.28 -20.12 26.84
CA ASN C 84 15.14 -20.35 26.00
C ASN C 84 13.91 -19.68 26.64
N ALA C 85 13.62 -18.48 26.15
CA ALA C 85 12.65 -17.58 26.79
C ALA C 85 11.21 -17.99 26.72
N HIS C 86 10.90 -18.97 25.86
CA HIS C 86 9.55 -19.48 25.71
C HIS C 86 9.56 -20.72 24.83
N THR C 87 9.11 -21.85 25.39
CA THR C 87 9.09 -23.13 24.67
C THR C 87 7.97 -24.01 25.19
N HIS C 88 7.64 -25.05 24.44
CA HIS C 88 6.72 -26.06 24.86
C HIS C 88 7.39 -27.36 24.60
N VAL C 89 7.62 -28.11 25.67
CA VAL C 89 8.55 -29.23 25.62
C VAL C 89 7.98 -30.58 25.09
N ASN C 90 6.89 -31.02 25.63
CA ASN C 90 6.43 -32.42 25.49
C ASN C 90 6.07 -32.71 24.01
N GLN C 91 5.59 -31.69 23.33
CA GLN C 91 5.26 -31.73 21.90
C GLN C 91 6.41 -32.11 21.01
N ILE C 92 7.61 -32.13 21.51
CA ILE C 92 8.74 -32.63 20.75
C ILE C 92 8.52 -34.01 20.15
N LEU C 93 7.69 -34.84 20.77
CA LEU C 93 7.43 -36.19 20.21
C LEU C 93 6.51 -36.19 19.03
N LEU C 94 6.03 -35.01 18.63
CA LEU C 94 5.17 -34.90 17.47
C LEU C 94 5.81 -34.35 16.23
N ARG C 95 7.11 -34.08 16.30
CA ARG C 95 7.84 -33.61 15.11
C ARG C 95 8.24 -34.77 14.21
N GLY C 96 8.81 -34.43 13.06
CA GLY C 96 9.33 -35.43 12.17
C GLY C 96 8.36 -35.89 11.10
N GLY C 97 7.37 -35.06 10.77
CA GLY C 97 6.39 -35.43 9.76
C GLY C 97 4.96 -34.94 9.96
N PRO C 98 4.40 -35.05 11.16
CA PRO C 98 3.01 -34.76 11.43
C PRO C 98 2.66 -33.31 11.54
N SER C 99 3.65 -32.44 11.71
CA SER C 99 3.38 -31.10 12.34
C SER C 99 3.46 -29.89 11.41
N HIS C 100 4.10 -30.03 10.25
CA HIS C 100 4.38 -28.91 9.38
C HIS C 100 3.28 -28.67 8.36
N GLY C 101 3.38 -27.53 7.69
CA GLY C 101 2.47 -27.19 6.60
C GLY C 101 1.12 -26.65 7.04
N ARG C 102 0.95 -26.35 8.33
CA ARG C 102 -0.38 -25.96 8.85
C ARG C 102 -0.30 -24.60 9.52
N GLN C 103 -1.31 -23.74 9.28
CA GLN C 103 -1.47 -22.51 10.03
C GLN C 103 -1.70 -22.84 11.51
N PHE C 104 -1.46 -21.85 12.34
CA PHE C 104 -1.53 -22.03 13.77
C PHE C 104 -2.72 -22.86 14.29
N TYR C 105 -3.96 -22.48 13.95
CA TYR C 105 -5.14 -23.19 14.54
C TYR C 105 -5.34 -24.59 14.01
N ASP C 106 -4.94 -24.81 12.77
CA ASP C 106 -4.95 -26.10 12.14
C ASP C 106 -3.98 -26.97 12.88
N TRP C 107 -2.76 -26.50 13.04
CA TRP C 107 -1.72 -27.20 13.85
C TRP C 107 -2.15 -27.47 15.27
N LEU C 108 -2.74 -26.46 15.89
CA LEU C 108 -3.20 -26.60 17.26
C LEU C 108 -4.23 -27.73 17.45
N PHE C 109 -5.26 -27.72 16.61
CA PHE C 109 -6.43 -28.61 16.81
C PHE C 109 -6.29 -29.98 16.18
N ASN C 110 -5.51 -30.09 15.10
CA ASN C 110 -5.26 -31.38 14.43
C ASN C 110 -3.96 -32.06 14.83
N VAL C 111 -3.08 -31.34 15.52
CA VAL C 111 -1.79 -31.95 15.90
C VAL C 111 -1.49 -31.86 17.38
N VAL C 112 -1.36 -30.64 17.87
CA VAL C 112 -0.86 -30.39 19.25
C VAL C 112 -1.79 -30.87 20.35
N TYR C 113 -3.03 -30.42 20.36
CA TYR C 113 -3.97 -30.92 21.39
C TYR C 113 -4.13 -32.45 21.40
N PRO C 114 -4.40 -33.07 20.26
CA PRO C 114 -4.69 -34.52 20.27
C PRO C 114 -3.43 -35.33 20.49
N GLY C 115 -2.32 -34.84 19.96
CA GLY C 115 -1.05 -35.52 20.17
C GLY C 115 -0.64 -35.53 21.64
N GLN C 116 -0.80 -34.38 22.29
CA GLN C 116 -0.56 -34.25 23.76
C GLN C 116 -1.47 -35.17 24.53
N LYS C 117 -2.73 -35.18 24.15
CA LYS C 117 -3.71 -35.94 24.88
C LYS C 117 -3.43 -37.45 24.84
N ALA C 118 -2.86 -37.94 23.74
CA ALA C 118 -2.56 -39.35 23.56
C ALA C 118 -1.32 -39.77 24.30
N MET C 119 -0.53 -38.82 24.78
CA MET C 119 0.71 -39.17 25.50
C MET C 119 0.46 -39.58 26.93
N ARG C 120 1.03 -40.68 27.35
CA ARG C 120 0.92 -41.18 28.73
C ARG C 120 2.08 -40.56 29.52
N PRO C 121 1.98 -40.57 30.85
CA PRO C 121 3.09 -40.02 31.63
C PRO C 121 4.50 -40.58 31.29
N GLU C 122 4.58 -41.85 30.94
CA GLU C 122 5.83 -42.45 30.59
C GLU C 122 6.34 -41.91 29.24
N ASP C 123 5.44 -41.52 28.34
CA ASP C 123 5.83 -40.85 27.14
C ASP C 123 6.37 -39.43 27.46
N VAL C 124 5.69 -38.70 28.35
CA VAL C 124 6.14 -37.37 28.79
C VAL C 124 7.57 -37.42 29.34
N ALA C 125 7.87 -38.44 30.13
CA ALA C 125 9.22 -38.53 30.72
C ALA C 125 10.26 -38.66 29.61
N VAL C 126 9.95 -39.42 28.59
CA VAL C 126 10.86 -39.57 27.47
C VAL C 126 10.95 -38.30 26.65
N ALA C 127 9.83 -37.66 26.42
CA ALA C 127 9.84 -36.38 25.72
C ALA C 127 10.76 -35.37 26.38
N VAL C 128 10.62 -35.27 27.68
CA VAL C 128 11.37 -34.28 28.40
C VAL C 128 12.86 -34.57 28.31
N ARG C 129 13.24 -35.84 28.44
CA ARG C 129 14.66 -36.18 28.40
C ARG C 129 15.21 -35.94 27.02
N LEU C 130 14.42 -36.28 26.01
CA LEU C 130 14.84 -35.97 24.65
C LEU C 130 15.08 -34.46 24.41
N TYR C 131 14.11 -33.67 24.81
CA TYR C 131 14.20 -32.23 24.70
C TYR C 131 15.44 -31.70 25.43
N CYS C 132 15.62 -32.12 26.68
CA CYS C 132 16.76 -31.66 27.46
C CYS C 132 18.10 -32.09 26.85
N ALA C 133 18.15 -33.28 26.26
CA ALA C 133 19.38 -33.71 25.57
C ALA C 133 19.73 -32.80 24.41
N GLU C 134 18.71 -32.50 23.58
CA GLU C 134 18.97 -31.59 22.46
C GLU C 134 19.32 -30.17 22.95
N ALA C 135 18.57 -29.72 23.94
CA ALA C 135 18.77 -28.35 24.47
C ALA C 135 20.18 -28.13 25.04
N VAL C 136 20.59 -29.06 25.88
CA VAL C 136 21.89 -28.96 26.54
C VAL C 136 23.00 -29.11 25.52
N ARG C 137 22.82 -29.99 24.57
CA ARG C 137 23.83 -30.14 23.48
C ARG C 137 23.96 -28.84 22.71
N SER C 138 22.91 -28.02 22.65
CA SER C 138 22.99 -26.76 21.90
C SER C 138 23.33 -25.56 22.83
N GLY C 139 23.64 -25.81 24.09
CA GLY C 139 24.07 -24.76 24.99
C GLY C 139 23.01 -24.05 25.79
N ILE C 140 21.79 -24.57 25.75
CA ILE C 140 20.70 -24.01 26.51
C ILE C 140 20.77 -24.53 27.92
N THR C 141 20.72 -23.62 28.87
CA THR C 141 20.78 -23.98 30.29
C THR C 141 19.51 -23.61 31.08
N THR C 142 18.75 -22.64 30.60
CA THR C 142 17.48 -22.29 31.19
C THR C 142 16.38 -22.41 30.15
N ILE C 143 15.30 -23.03 30.56
CA ILE C 143 14.18 -23.35 29.72
C ILE C 143 12.88 -22.80 30.37
N ASN C 144 12.13 -21.96 29.65
CA ASN C 144 10.81 -21.51 30.11
C ASN C 144 9.73 -22.34 29.48
N GLU C 145 9.39 -23.40 30.15
CA GLU C 145 8.45 -24.39 29.66
C GLU C 145 7.03 -23.94 29.88
N ASN C 146 6.31 -23.66 28.79
CA ASN C 146 4.92 -23.41 28.88
C ASN C 146 4.16 -24.69 28.75
N ALA C 147 3.63 -25.16 29.89
CA ALA C 147 3.08 -26.51 29.97
C ALA C 147 1.58 -26.49 29.70
N ASP C 148 1.21 -26.82 28.49
CA ASP C 148 -0.18 -26.86 28.05
C ASP C 148 -0.88 -28.23 28.35
N SER C 149 -0.14 -29.20 28.88
CA SER C 149 -0.70 -30.54 29.14
C SER C 149 -0.60 -30.90 30.62
N ALA C 150 -0.39 -29.88 31.45
CA ALA C 150 -0.29 -30.05 32.88
C ALA C 150 -1.59 -30.52 33.53
N ILE C 151 -2.69 -30.31 32.82
CA ILE C 151 -4.00 -30.72 33.28
C ILE C 151 -4.14 -32.26 33.40
N TYR C 152 -3.38 -33.03 32.64
CA TYR C 152 -3.56 -34.48 32.63
C TYR C 152 -2.85 -35.13 33.80
N PRO C 153 -3.55 -36.04 34.52
CA PRO C 153 -2.96 -36.69 35.72
C PRO C 153 -1.64 -37.37 35.45
N GLY C 154 -0.66 -37.13 36.32
CA GLY C 154 0.64 -37.83 36.22
C GLY C 154 1.69 -37.12 35.38
N ASN C 155 1.26 -36.18 34.56
CA ASN C 155 2.18 -35.49 33.67
C ASN C 155 3.15 -34.59 34.44
N ILE C 156 2.65 -33.78 35.35
CA ILE C 156 3.51 -32.91 36.12
C ILE C 156 4.60 -33.75 36.80
N GLU C 157 4.21 -34.85 37.42
CA GLU C 157 5.11 -35.62 38.25
C GLU C 157 6.16 -36.26 37.36
N ALA C 158 5.74 -36.78 36.23
CA ALA C 158 6.70 -37.39 35.29
C ALA C 158 7.74 -36.36 34.72
N ALA C 159 7.25 -35.19 34.34
CA ALA C 159 8.11 -34.14 33.84
C ALA C 159 9.07 -33.62 34.88
N MET C 160 8.54 -33.27 36.03
CA MET C 160 9.35 -32.71 37.10
C MET C 160 10.46 -33.64 37.56
N ALA C 161 10.19 -34.91 37.63
CA ALA C 161 11.24 -35.84 38.06
C ALA C 161 12.41 -35.79 37.03
N VAL C 162 12.09 -35.70 35.73
CA VAL C 162 13.15 -35.66 34.75
C VAL C 162 13.87 -34.30 34.78
N TYR C 163 13.14 -33.21 34.87
CA TYR C 163 13.82 -31.89 34.95
C TYR C 163 14.79 -31.85 36.10
N GLY C 164 14.33 -32.34 37.26
CA GLY C 164 15.16 -32.41 38.46
C GLY C 164 16.42 -33.22 38.27
N GLU C 165 16.25 -34.43 37.74
CA GLU C 165 17.38 -35.31 37.50
C GLU C 165 18.37 -34.72 36.46
N VAL C 166 17.85 -34.14 35.40
CA VAL C 166 18.71 -33.62 34.32
C VAL C 166 19.59 -32.46 34.78
N GLY C 167 19.06 -31.60 35.62
CA GLY C 167 19.88 -30.52 36.15
C GLY C 167 19.68 -29.18 35.45
N VAL C 168 18.71 -29.12 34.53
CA VAL C 168 18.46 -27.85 33.82
C VAL C 168 17.74 -26.89 34.73
N ARG C 169 17.90 -25.61 34.47
CA ARG C 169 17.13 -24.59 35.13
C ARG C 169 15.82 -24.44 34.37
N VAL C 170 14.70 -24.53 35.08
CA VAL C 170 13.40 -24.59 34.46
C VAL C 170 12.42 -23.66 35.09
N VAL C 171 11.70 -22.90 34.27
CA VAL C 171 10.48 -22.20 34.68
C VAL C 171 9.35 -23.03 34.11
N TYR C 172 8.48 -23.50 34.98
CA TYR C 172 7.36 -24.30 34.58
C TYR C 172 6.15 -23.40 34.66
N ALA C 173 5.73 -22.92 33.49
CA ALA C 173 4.65 -21.98 33.43
C ALA C 173 3.38 -22.75 33.11
N ARG C 174 2.51 -22.89 34.10
CA ARG C 174 1.39 -23.77 34.02
C ARG C 174 0.24 -23.04 33.30
N MET C 175 -0.01 -23.45 32.06
CA MET C 175 -1.07 -22.81 31.30
C MET C 175 -2.46 -23.17 31.79
N PHE C 176 -3.38 -22.20 31.69
CA PHE C 176 -4.79 -22.48 31.87
C PHE C 176 -5.71 -21.69 30.95
N PHE C 177 -6.89 -22.23 30.79
CA PHE C 177 -7.96 -21.77 29.89
C PHE C 177 -9.23 -21.92 30.72
N ASP C 178 -9.95 -20.83 30.94
CA ASP C 178 -11.15 -20.88 31.74
C ASP C 178 -12.37 -20.23 31.09
N ARG C 179 -12.32 -20.01 29.80
CA ARG C 179 -13.40 -19.33 29.11
C ARG C 179 -13.46 -19.87 27.68
N MET C 180 -14.66 -20.13 27.22
CA MET C 180 -14.90 -20.60 25.84
C MET C 180 -14.81 -19.41 24.93
N ASP C 181 -14.03 -19.51 23.88
CA ASP C 181 -14.09 -18.50 22.82
C ASP C 181 -15.05 -18.96 21.70
N GLY C 182 -16.37 -18.78 21.93
CA GLY C 182 -17.45 -19.27 21.03
C GLY C 182 -17.42 -18.78 19.58
N ARG C 183 -16.88 -17.58 19.35
CA ARG C 183 -16.71 -16.97 18.03
C ARG C 183 -16.02 -17.87 16.98
N ILE C 184 -14.99 -18.61 17.39
CA ILE C 184 -14.19 -19.33 16.41
C ILE C 184 -14.67 -20.76 16.13
N GLN C 185 -15.95 -21.09 16.32
CA GLN C 185 -16.33 -22.52 16.30
C GLN C 185 -16.51 -23.12 14.90
N GLY C 186 -17.15 -22.39 13.98
CA GLY C 186 -17.40 -22.94 12.60
C GLY C 186 -16.07 -23.11 11.80
N TYR C 187 -15.13 -22.22 12.11
CA TYR C 187 -13.74 -22.26 11.66
C TYR C 187 -13.02 -23.51 12.18
N VAL C 188 -13.21 -23.80 13.46
CA VAL C 188 -12.64 -25.00 14.08
C VAL C 188 -13.15 -26.28 13.47
N ASP C 189 -14.44 -26.34 13.21
CA ASP C 189 -15.02 -27.55 12.64
C ASP C 189 -14.46 -27.78 11.29
N ALA C 190 -14.35 -26.69 10.51
CA ALA C 190 -13.78 -26.84 9.14
C ALA C 190 -12.35 -27.33 9.23
N LEU C 191 -11.56 -26.73 10.11
CA LEU C 191 -10.18 -27.17 10.33
C LEU C 191 -10.12 -28.64 10.77
N LYS C 192 -11.02 -29.04 11.67
CA LYS C 192 -11.09 -30.46 12.13
C LYS C 192 -11.43 -31.48 11.06
N ALA C 193 -12.22 -31.04 10.07
CA ALA C 193 -12.54 -31.90 8.92
C ALA C 193 -11.33 -32.25 8.05
N ARG C 194 -10.22 -31.53 8.22
CA ARG C 194 -8.96 -31.92 7.53
C ARG C 194 -8.45 -33.26 8.04
N SER C 195 -8.74 -33.58 9.32
CA SER C 195 -8.30 -34.85 9.96
C SER C 195 -9.42 -35.34 10.86
N PRO C 196 -10.51 -35.83 10.27
CA PRO C 196 -11.78 -36.05 11.02
C PRO C 196 -11.68 -37.16 12.04
N GLN C 197 -10.79 -38.10 11.81
CA GLN C 197 -10.56 -39.17 12.80
C GLN C 197 -9.72 -38.73 14.02
N VAL C 198 -9.13 -37.55 13.97
CA VAL C 198 -8.36 -37.01 15.09
C VAL C 198 -9.30 -36.24 16.00
N GLU C 199 -9.22 -36.53 17.29
CA GLU C 199 -10.12 -35.94 18.33
C GLU C 199 -10.02 -34.45 18.49
N LEU C 200 -11.18 -33.82 18.63
CA LEU C 200 -11.28 -32.44 19.10
C LEU C 200 -11.27 -32.42 20.60
N CYS C 201 -10.25 -31.77 21.17
CA CYS C 201 -10.08 -31.79 22.62
C CYS C 201 -10.39 -30.46 23.26
N SER C 202 -10.83 -30.55 24.49
CA SER C 202 -11.04 -29.35 25.28
C SER C 202 -10.22 -29.49 26.57
N ILE C 203 -9.45 -28.45 26.88
CA ILE C 203 -8.73 -28.44 28.14
C ILE C 203 -9.12 -27.27 29.03
N MET C 204 -10.37 -26.86 28.88
CA MET C 204 -10.95 -25.86 29.72
C MET C 204 -11.10 -26.34 31.14
N GLU C 205 -10.86 -25.46 32.09
CA GLU C 205 -11.21 -25.73 33.42
C GLU C 205 -11.89 -24.54 34.08
N GLU C 206 -12.63 -24.82 35.15
CA GLU C 206 -13.25 -23.75 35.91
C GLU C 206 -12.16 -22.90 36.56
N THR C 207 -12.41 -21.61 36.65
CA THR C 207 -11.44 -20.66 37.18
C THR C 207 -10.88 -21.11 38.53
N ALA C 208 -11.77 -21.50 39.42
CA ALA C 208 -11.35 -21.82 40.77
C ALA C 208 -10.49 -23.10 40.79
N VAL C 209 -10.79 -24.02 39.88
CA VAL C 209 -10.03 -25.26 39.78
C VAL C 209 -8.60 -24.95 39.29
N ALA C 210 -8.49 -24.11 38.29
CA ALA C 210 -7.17 -23.72 37.79
C ALA C 210 -6.35 -23.07 38.85
N LYS C 211 -6.96 -22.15 39.60
CA LYS C 211 -6.24 -21.51 40.72
C LYS C 211 -5.69 -22.52 41.74
N ASP C 212 -6.52 -23.47 42.14
CA ASP C 212 -6.15 -24.45 43.19
C ASP C 212 -5.02 -25.32 42.68
N ARG C 213 -5.18 -25.77 41.46
CA ARG C 213 -4.18 -26.65 40.83
C ARG C 213 -2.82 -25.99 40.62
N ILE C 214 -2.83 -24.73 40.24
CA ILE C 214 -1.59 -23.99 40.04
C ILE C 214 -0.96 -23.61 41.38
N THR C 215 -1.79 -23.22 42.33
CA THR C 215 -1.28 -22.96 43.69
C THR C 215 -0.61 -24.20 44.33
N ALA C 216 -1.25 -25.34 44.20
CA ALA C 216 -0.72 -26.59 44.76
C ALA C 216 0.58 -26.98 44.05
N LEU C 217 0.59 -26.85 42.72
CA LEU C 217 1.80 -27.10 41.96
C LEU C 217 2.96 -26.18 42.40
N SER C 218 2.67 -24.90 42.58
CA SER C 218 3.67 -24.00 43.10
C SER C 218 4.15 -24.40 44.51
N ASP C 219 3.20 -24.64 45.40
CA ASP C 219 3.55 -25.00 46.77
C ASP C 219 4.46 -26.23 46.74
N GLN C 220 4.17 -27.21 45.90
CA GLN C 220 4.93 -28.45 45.90
C GLN C 220 6.29 -28.37 45.16
N TYR C 221 6.34 -27.67 44.04
CA TYR C 221 7.57 -27.64 43.20
C TYR C 221 8.42 -26.37 43.12
N HIS C 222 7.85 -25.23 43.48
CA HIS C 222 8.57 -23.98 43.34
C HIS C 222 9.77 -23.97 44.27
N GLY C 223 10.95 -23.65 43.73
CA GLY C 223 12.21 -23.66 44.50
C GLY C 223 12.85 -25.04 44.73
N THR C 224 12.24 -26.11 44.25
CA THR C 224 12.84 -27.45 44.39
C THR C 224 14.06 -27.62 43.41
N ALA C 225 14.67 -28.82 43.48
CA ALA C 225 15.90 -29.15 42.78
C ALA C 225 16.98 -28.07 42.98
N GLY C 226 17.20 -27.70 44.23
CA GLY C 226 18.22 -26.74 44.59
C GLY C 226 17.94 -25.33 44.08
N GLY C 227 16.66 -24.96 43.97
CA GLY C 227 16.30 -23.66 43.40
C GLY C 227 16.22 -23.63 41.85
N ARG C 228 16.51 -24.75 41.19
CA ARG C 228 16.54 -24.75 39.71
C ARG C 228 15.16 -24.72 39.07
N ILE C 229 14.15 -25.13 39.82
CA ILE C 229 12.76 -25.18 39.30
C ILE C 229 11.88 -24.08 39.91
N SER C 230 11.26 -23.30 39.03
CA SER C 230 10.29 -22.27 39.37
C SER C 230 8.93 -22.58 38.72
N VAL C 231 7.89 -22.00 39.29
CA VAL C 231 6.53 -22.18 38.84
C VAL C 231 5.89 -20.82 38.62
N TRP C 232 5.31 -20.62 37.44
CA TRP C 232 4.56 -19.40 37.12
C TRP C 232 3.18 -19.74 36.64
N PRO C 233 2.24 -18.84 36.80
CA PRO C 233 0.94 -19.02 36.19
C PRO C 233 0.95 -18.50 34.78
N ALA C 234 0.25 -19.17 33.90
CA ALA C 234 0.22 -18.83 32.51
C ALA C 234 -1.17 -18.82 31.91
N PRO C 235 -1.95 -17.79 32.19
CA PRO C 235 -3.16 -17.67 31.35
C PRO C 235 -2.82 -17.72 29.87
N ALA C 236 -3.53 -18.57 29.15
CA ALA C 236 -3.16 -18.89 27.79
C ALA C 236 -3.15 -17.70 26.88
N THR C 237 -4.27 -17.00 26.78
CA THR C 237 -4.47 -15.88 25.86
C THR C 237 -5.53 -14.97 26.45
N THR C 238 -5.71 -13.77 25.89
CA THR C 238 -6.76 -12.84 26.35
C THR C 238 -8.18 -13.27 25.98
N THR C 239 -8.33 -14.18 25.04
CA THR C 239 -9.67 -14.68 24.72
C THR C 239 -10.03 -16.00 25.40
N ALA C 240 -9.03 -16.76 25.84
CA ALA C 240 -9.27 -18.03 26.48
C ALA C 240 -9.30 -17.94 28.00
N VAL C 241 -9.01 -16.76 28.53
CA VAL C 241 -9.03 -16.56 29.97
C VAL C 241 -9.86 -15.35 30.33
N THR C 242 -10.67 -15.47 31.38
CA THR C 242 -11.47 -14.39 31.94
C THR C 242 -10.57 -13.29 32.50
N VAL C 243 -11.14 -12.09 32.66
CA VAL C 243 -10.50 -11.00 33.36
C VAL C 243 -10.14 -11.41 34.78
N GLU C 244 -11.05 -12.12 35.48
CA GLU C 244 -10.71 -12.57 36.86
C GLU C 244 -9.49 -13.53 36.86
N GLY C 245 -9.42 -14.43 35.88
CA GLY C 245 -8.31 -15.39 35.81
C GLY C 245 -7.00 -14.69 35.56
N MET C 246 -7.01 -13.73 34.64
CA MET C 246 -5.79 -12.92 34.41
C MET C 246 -5.37 -12.05 35.58
N ARG C 247 -6.33 -11.43 36.27
CA ARG C 247 -6.05 -10.68 37.49
C ARG C 247 -5.49 -11.55 38.60
N TRP C 248 -6.03 -12.75 38.76
CA TRP C 248 -5.49 -13.69 39.72
C TRP C 248 -3.99 -14.02 39.40
N ALA C 249 -3.72 -14.36 38.15
CA ALA C 249 -2.34 -14.63 37.72
C ALA C 249 -1.44 -13.46 38.04
N GLN C 250 -1.93 -12.27 37.70
CA GLN C 250 -1.14 -11.04 37.91
C GLN C 250 -0.81 -10.83 39.40
N ALA C 251 -1.81 -10.97 40.25
CA ALA C 251 -1.62 -10.81 41.69
C ALA C 251 -0.74 -11.93 42.26
N PHE C 252 -0.89 -13.13 41.75
CA PHE C 252 -0.09 -14.29 42.18
C PHE C 252 1.39 -14.03 41.89
N ALA C 253 1.67 -13.51 40.70
CA ALA C 253 3.06 -13.19 40.36
C ALA C 253 3.64 -12.16 41.30
N ARG C 254 2.86 -11.14 41.59
CA ARG C 254 3.29 -10.06 42.49
C ARG C 254 3.52 -10.63 43.92
N ASP C 255 2.56 -11.38 44.47
CA ASP C 255 2.65 -11.90 45.86
C ASP C 255 3.80 -12.89 46.04
N ARG C 256 4.12 -13.67 45.00
CA ARG C 256 5.19 -14.67 45.09
C ARG C 256 6.49 -14.26 44.42
N ALA C 257 6.58 -13.01 43.98
CA ALA C 257 7.82 -12.51 43.37
C ALA C 257 8.27 -13.41 42.23
N VAL C 258 7.32 -13.78 41.38
CA VAL C 258 7.63 -14.44 40.13
C VAL C 258 7.09 -13.60 38.97
N MET C 259 6.90 -14.22 37.82
CA MET C 259 6.28 -13.56 36.66
C MET C 259 4.99 -14.30 36.34
N TRP C 260 4.22 -13.71 35.42
CA TRP C 260 3.11 -14.38 34.78
C TRP C 260 3.24 -14.16 33.28
N THR C 261 2.64 -15.04 32.52
CA THR C 261 2.92 -15.02 31.08
C THR C 261 1.70 -15.37 30.31
N LEU C 262 1.66 -14.86 29.08
CA LEU C 262 0.47 -15.02 28.24
C LEU C 262 0.88 -14.98 26.77
N HIS C 263 0.17 -15.69 25.91
CA HIS C 263 0.40 -15.67 24.47
C HIS C 263 -0.40 -14.53 23.88
N MET C 264 0.28 -13.66 23.18
CA MET C 264 -0.31 -12.46 22.66
C MET C 264 -0.15 -12.30 21.16
N ALA C 265 -1.30 -12.28 20.48
CA ALA C 265 -1.36 -11.81 19.11
C ALA C 265 -0.46 -12.65 18.18
N GLU C 266 -0.53 -13.95 18.38
CA GLU C 266 0.20 -14.92 17.58
C GLU C 266 -0.48 -15.14 16.19
N SER C 267 -1.79 -14.93 16.12
CA SER C 267 -2.54 -15.12 14.87
C SER C 267 -3.51 -13.96 14.56
N ASP C 268 -4.00 -13.97 13.32
CA ASP C 268 -4.92 -12.90 12.82
C ASP C 268 -6.37 -13.00 13.31
N HIS C 269 -6.71 -14.16 13.87
CA HIS C 269 -8.00 -14.45 14.57
C HIS C 269 -7.96 -14.14 16.09
N ASP C 270 -6.78 -13.82 16.63
CA ASP C 270 -6.63 -13.39 18.04
C ASP C 270 -6.83 -11.89 18.11
N GLU C 271 -6.11 -11.24 17.19
CA GLU C 271 -6.22 -9.80 16.81
C GLU C 271 -7.39 -8.99 17.37
N ARG C 272 -8.62 -9.53 17.38
CA ARG C 272 -9.81 -8.80 17.84
C ARG C 272 -10.55 -9.52 18.98
N ILE C 273 -9.98 -9.39 20.18
CA ILE C 273 -10.74 -9.51 21.44
C ILE C 273 -11.58 -8.24 21.65
N HIS C 274 -12.85 -8.34 21.30
CA HIS C 274 -13.80 -7.28 21.64
C HIS C 274 -13.40 -5.94 21.01
N GLY C 275 -13.03 -5.93 19.72
CA GLY C 275 -12.93 -4.66 18.94
C GLY C 275 -11.67 -3.79 19.20
N MET C 276 -10.67 -4.37 19.84
CA MET C 276 -9.40 -3.73 20.09
C MET C 276 -8.33 -4.82 20.15
N SER C 277 -7.07 -4.42 20.15
CA SER C 277 -5.99 -5.43 20.20
C SER C 277 -5.90 -6.00 21.59
N PRO C 278 -5.24 -7.14 21.73
CA PRO C 278 -5.11 -7.76 23.03
C PRO C 278 -4.35 -6.85 24.02
N ALA C 279 -3.39 -6.11 23.49
CA ALA C 279 -2.66 -5.19 24.33
C ALA C 279 -3.56 -4.09 24.85
N GLU C 280 -4.37 -3.51 23.97
CA GLU C 280 -5.35 -2.51 24.38
C GLU C 280 -6.33 -3.06 25.44
N TYR C 281 -6.80 -4.28 25.21
CA TYR C 281 -7.75 -4.90 26.08
C TYR C 281 -7.14 -5.07 27.46
N MET C 282 -5.91 -5.55 27.49
CA MET C 282 -5.21 -5.74 28.75
C MET C 282 -4.96 -4.40 29.45
N GLU C 283 -4.59 -3.37 28.68
CA GLU C 283 -4.45 -2.01 29.24
C GLU C 283 -5.73 -1.54 29.91
N CYS C 284 -6.87 -1.74 29.27
CA CYS C 284 -8.15 -1.29 29.81
C CYS C 284 -8.38 -1.84 31.19
N TYR C 285 -8.04 -3.12 31.40
CA TYR C 285 -8.20 -3.76 32.69
C TYR C 285 -6.96 -3.66 33.61
N GLY C 286 -5.95 -2.86 33.28
CA GLY C 286 -4.76 -2.75 34.17
C GLY C 286 -3.90 -4.03 34.21
N LEU C 287 -3.95 -4.81 33.16
CA LEU C 287 -3.31 -6.10 33.10
C LEU C 287 -1.91 -6.10 32.43
N LEU C 288 -1.39 -4.92 32.06
CA LEU C 288 -0.02 -4.82 31.62
C LEU C 288 0.85 -4.33 32.80
N ASP C 289 1.86 -5.11 33.20
CA ASP C 289 2.77 -4.69 34.24
C ASP C 289 4.12 -5.32 34.01
N GLU C 290 5.08 -4.97 34.85
CA GLU C 290 6.46 -5.33 34.67
C GLU C 290 6.78 -6.80 34.94
N ARG C 291 5.85 -7.52 35.55
N ARG C 291 5.85 -7.52 35.55
CA ARG C 291 6.04 -8.95 35.81
CA ARG C 291 6.04 -8.95 35.79
C ARG C 291 5.34 -9.81 34.77
C ARG C 291 5.34 -9.81 34.76
N LEU C 292 4.73 -9.18 33.78
CA LEU C 292 4.11 -9.93 32.67
C LEU C 292 5.20 -10.18 31.64
N GLN C 293 5.32 -11.41 31.19
CA GLN C 293 6.07 -11.70 29.95
C GLN C 293 5.09 -12.16 28.88
N VAL C 294 5.05 -11.47 27.75
CA VAL C 294 4.15 -11.87 26.66
C VAL C 294 4.95 -12.60 25.62
N ALA C 295 4.33 -13.62 25.04
CA ALA C 295 4.95 -14.32 23.95
C ALA C 295 4.26 -13.98 22.62
N HIS C 296 5.11 -13.82 21.60
CA HIS C 296 4.79 -13.73 20.14
C HIS C 296 4.73 -12.27 19.56
N CYS C 297 3.58 -11.61 19.70
CA CYS C 297 3.48 -10.19 19.28
C CYS C 297 3.67 -10.02 17.80
N VAL C 298 3.20 -10.96 17.02
CA VAL C 298 3.28 -10.82 15.59
C VAL C 298 2.32 -9.80 15.07
N TYR C 299 1.07 -9.87 15.50
CA TYR C 299 -0.02 -9.02 14.98
C TYR C 299 -0.14 -7.76 15.82
N PHE C 300 0.91 -6.97 15.78
CA PHE C 300 1.13 -5.87 16.67
C PHE C 300 1.30 -4.65 15.87
N ASP C 301 0.78 -3.55 16.36
CA ASP C 301 0.99 -2.28 15.69
C ASP C 301 1.80 -1.34 16.62
N ARG C 302 2.05 -0.11 16.18
CA ARG C 302 2.88 0.83 16.93
C ARG C 302 2.28 1.10 18.29
N LYS C 303 0.97 1.16 18.37
CA LYS C 303 0.32 1.47 19.65
C LYS C 303 0.54 0.37 20.64
N ASP C 304 0.40 -0.86 20.18
CA ASP C 304 0.66 -2.01 21.03
C ASP C 304 2.09 -2.03 21.62
N VAL C 305 3.07 -1.66 20.79
CA VAL C 305 4.46 -1.59 21.22
C VAL C 305 4.59 -0.53 22.27
N ARG C 306 3.97 0.60 22.03
CA ARG C 306 3.97 1.67 23.01
C ARG C 306 3.35 1.26 24.34
N LEU C 307 2.24 0.58 24.30
CA LEU C 307 1.62 0.11 25.54
C LEU C 307 2.51 -0.86 26.36
N LEU C 308 3.12 -1.82 25.70
CA LEU C 308 4.03 -2.73 26.38
C LEU C 308 5.23 -1.98 26.96
N HIS C 309 5.78 -1.08 26.16
CA HIS C 309 6.93 -0.28 26.56
C HIS C 309 6.62 0.51 27.85
N ARG C 310 5.48 1.19 27.86
CA ARG C 310 5.09 2.06 28.96
C ARG C 310 5.05 1.29 30.25
N HIS C 311 4.55 0.04 30.22
CA HIS C 311 4.41 -0.76 31.49
C HIS C 311 5.57 -1.75 31.73
N ASN C 312 6.61 -1.63 30.91
CA ASN C 312 7.81 -2.46 31.03
C ASN C 312 7.56 -3.93 30.95
N VAL C 313 6.65 -4.27 30.07
CA VAL C 313 6.31 -5.63 29.84
C VAL C 313 7.50 -6.36 29.18
N LYS C 314 7.75 -7.59 29.60
CA LYS C 314 8.79 -8.40 29.00
C LYS C 314 8.23 -9.17 27.81
N VAL C 315 9.12 -9.54 26.88
CA VAL C 315 8.71 -10.17 25.63
C VAL C 315 9.61 -11.37 25.30
N ALA C 316 9.00 -12.46 24.85
CA ALA C 316 9.71 -13.54 24.23
C ALA C 316 9.29 -13.60 22.78
N SER C 317 10.28 -13.51 21.87
CA SER C 317 10.05 -13.64 20.46
C SER C 317 10.41 -15.01 19.88
N GLN C 318 9.45 -15.66 19.23
CA GLN C 318 9.59 -16.99 18.72
C GLN C 318 9.70 -16.88 17.19
N VAL C 319 10.83 -16.37 16.76
CA VAL C 319 10.99 -15.98 15.36
C VAL C 319 10.85 -17.14 14.37
N VAL C 320 11.42 -18.29 14.72
CA VAL C 320 11.39 -19.47 13.85
C VAL C 320 10.00 -20.07 13.74
N SER C 321 9.33 -20.22 14.87
CA SER C 321 7.97 -20.75 14.91
C SER C 321 6.94 -19.80 14.20
N ASN C 322 7.12 -18.51 14.36
CA ASN C 322 6.26 -17.53 13.69
C ASN C 322 6.35 -17.74 12.16
N ALA C 323 7.53 -18.15 11.69
CA ALA C 323 7.67 -18.55 10.27
C ALA C 323 7.07 -19.93 9.97
N TYR C 324 7.42 -20.91 10.79
CA TYR C 324 6.97 -22.32 10.57
C TYR C 324 5.45 -22.40 10.43
N LEU C 325 4.77 -21.69 11.28
CA LEU C 325 3.32 -21.71 11.32
C LEU C 325 2.65 -20.67 10.42
N GLY C 326 3.43 -19.95 9.64
CA GLY C 326 2.86 -19.01 8.65
C GLY C 326 2.15 -17.85 9.34
N SER C 327 2.61 -17.49 10.53
CA SER C 327 2.03 -16.35 11.25
C SER C 327 2.57 -15.05 10.70
N GLY C 328 3.89 -14.93 10.61
CA GLY C 328 4.51 -13.69 10.15
C GLY C 328 5.76 -13.36 10.93
N VAL C 329 6.03 -12.06 10.99
CA VAL C 329 7.29 -11.52 11.55
C VAL C 329 6.97 -10.41 12.58
N ALA C 330 7.31 -10.62 13.83
CA ALA C 330 7.10 -9.68 14.92
C ALA C 330 8.05 -8.50 14.84
N PRO C 331 7.67 -7.38 15.45
CA PRO C 331 8.45 -6.12 15.28
C PRO C 331 9.57 -6.02 16.34
N VAL C 332 10.47 -6.99 16.36
CA VAL C 332 11.52 -7.04 17.30
C VAL C 332 12.44 -5.83 17.27
N PRO C 333 12.84 -5.39 16.07
CA PRO C 333 13.75 -4.22 16.06
C PRO C 333 13.12 -2.98 16.73
N GLU C 334 11.83 -2.77 16.56
CA GLU C 334 11.13 -1.62 17.20
C GLU C 334 11.22 -1.79 18.72
N MET C 335 11.04 -3.00 19.22
CA MET C 335 11.02 -3.20 20.64
C MET C 335 12.42 -3.03 21.24
N VAL C 336 13.40 -3.61 20.56
CA VAL C 336 14.79 -3.55 21.02
C VAL C 336 15.28 -2.12 21.04
N GLU C 337 14.90 -1.34 20.04
CA GLU C 337 15.33 0.06 20.00
C GLU C 337 14.71 0.93 21.10
N ARG C 338 13.62 0.46 21.68
CA ARG C 338 13.02 1.06 22.88
C ARG C 338 13.59 0.53 24.18
N GLY C 339 14.64 -0.30 24.13
CA GLY C 339 15.33 -0.81 25.32
C GLY C 339 14.51 -1.92 25.98
N MET C 340 13.49 -2.43 25.34
CA MET C 340 12.63 -3.47 25.98
C MET C 340 13.40 -4.81 26.18
N ALA C 341 13.01 -5.59 27.15
CA ALA C 341 13.62 -6.87 27.36
C ALA C 341 12.97 -7.91 26.47
N VAL C 342 13.65 -8.23 25.36
CA VAL C 342 13.20 -9.22 24.43
C VAL C 342 14.13 -10.42 24.41
N GLY C 343 13.61 -11.59 24.83
CA GLY C 343 14.35 -12.83 24.72
C GLY C 343 13.94 -13.59 23.46
N ILE C 344 14.64 -14.68 23.21
CA ILE C 344 14.38 -15.56 22.15
C ILE C 344 13.89 -16.87 22.69
N GLY C 345 12.76 -17.33 22.16
CA GLY C 345 12.26 -18.66 22.45
C GLY C 345 12.28 -19.51 21.19
N THR C 346 12.50 -20.81 21.36
CA THR C 346 12.42 -21.76 20.24
C THR C 346 11.02 -22.22 20.02
N ASP C 347 10.16 -21.97 20.98
CA ASP C 347 8.73 -22.32 20.90
C ASP C 347 8.56 -23.86 20.99
N ASN C 348 7.52 -24.41 20.36
CA ASN C 348 7.25 -25.83 20.46
C ASN C 348 8.35 -26.66 19.86
N GLY C 349 8.57 -27.83 20.46
CA GLY C 349 9.41 -28.85 19.85
C GLY C 349 8.93 -29.29 18.47
N ASN C 350 7.68 -28.99 18.15
CA ASN C 350 7.07 -29.32 16.86
C ASN C 350 6.45 -28.12 16.14
N SER C 351 7.03 -26.93 16.35
CA SER C 351 6.78 -25.80 15.45
C SER C 351 8.07 -25.05 15.21
N ASN C 352 9.13 -25.80 14.94
CA ASN C 352 10.46 -25.21 14.75
C ASN C 352 11.28 -25.86 13.62
N ASP C 353 11.70 -27.14 13.68
CA ASP C 353 11.34 -28.13 14.66
C ASP C 353 12.58 -28.55 15.47
N SER C 354 13.48 -27.61 15.68
CA SER C 354 14.67 -27.92 16.47
C SER C 354 14.64 -27.18 17.79
N VAL C 355 15.56 -27.55 18.65
CA VAL C 355 15.79 -26.90 19.95
C VAL C 355 17.24 -26.49 19.95
N ASN C 356 17.53 -25.46 19.17
CA ASN C 356 18.88 -25.05 18.82
C ASN C 356 18.99 -23.52 18.81
N MET C 357 19.55 -22.98 19.88
CA MET C 357 19.51 -21.54 20.05
C MET C 357 20.35 -20.85 18.98
N ILE C 358 21.48 -21.45 18.63
CA ILE C 358 22.36 -20.87 17.64
C ILE C 358 21.65 -20.78 16.30
N GLY C 359 20.96 -21.83 15.92
CA GLY C 359 20.17 -21.79 14.64
C GLY C 359 19.07 -20.72 14.73
N ASP C 360 18.40 -20.59 15.87
CA ASP C 360 17.39 -19.58 15.97
C ASP C 360 17.95 -18.14 15.95
N MET C 361 19.14 -17.94 16.48
CA MET C 361 19.79 -16.64 16.49
C MET C 361 20.11 -16.20 15.07
N LYS C 362 20.58 -17.13 14.26
CA LYS C 362 20.90 -16.83 12.89
C LYS C 362 19.60 -16.44 12.15
N PHE C 363 18.52 -17.17 12.43
CA PHE C 363 17.24 -16.83 11.90
C PHE C 363 16.73 -15.44 12.35
N MET C 364 16.90 -15.13 13.62
CA MET C 364 16.54 -13.80 14.09
C MET C 364 17.32 -12.75 13.31
N ALA C 365 18.59 -12.98 13.07
CA ALA C 365 19.45 -12.00 12.42
C ALA C 365 18.99 -11.78 10.99
N HIS C 366 18.66 -12.86 10.32
CA HIS C 366 18.40 -12.79 8.90
C HIS C 366 16.99 -12.41 8.49
N ILE C 367 15.99 -12.90 9.16
CA ILE C 367 14.62 -12.59 8.79
C ILE C 367 14.38 -11.05 8.87
N HIS C 368 14.89 -10.43 9.92
CA HIS C 368 14.69 -9.02 10.11
C HIS C 368 15.50 -8.22 9.11
N ARG C 369 16.72 -8.69 8.76
CA ARG C 369 17.51 -8.00 7.72
C ARG C 369 16.76 -8.06 6.40
N ALA C 370 16.19 -9.21 6.12
CA ALA C 370 15.51 -9.37 4.82
C ALA C 370 14.24 -8.52 4.67
N VAL C 371 13.42 -8.55 5.70
CA VAL C 371 12.15 -7.87 5.71
C VAL C 371 12.37 -6.34 5.75
N HIS C 372 13.38 -5.86 6.42
CA HIS C 372 13.67 -4.43 6.42
C HIS C 372 14.61 -4.00 5.33
N ARG C 373 15.21 -4.96 4.62
CA ARG C 373 16.18 -4.66 3.58
C ARG C 373 17.29 -3.83 4.18
N ASP C 374 17.78 -4.30 5.30
CA ASP C 374 18.73 -3.54 6.12
C ASP C 374 19.66 -4.51 6.81
N ALA C 375 20.86 -4.59 6.27
CA ALA C 375 21.86 -5.52 6.69
C ALA C 375 22.36 -5.24 8.11
N ASP C 376 22.02 -4.06 8.66
CA ASP C 376 22.48 -3.71 10.02
C ASP C 376 21.33 -3.51 10.97
N VAL C 377 20.20 -4.12 10.70
CA VAL C 377 19.04 -3.87 11.53
C VAL C 377 19.24 -4.36 12.99
N LEU C 378 19.97 -5.48 13.15
CA LEU C 378 20.26 -6.04 14.48
C LEU C 378 21.68 -6.59 14.41
N THR C 379 22.52 -6.15 15.32
CA THR C 379 23.88 -6.62 15.31
C THR C 379 23.93 -8.02 15.85
N PRO C 380 24.97 -8.75 15.50
CA PRO C 380 25.07 -10.08 16.09
C PRO C 380 25.27 -9.99 17.64
N GLU C 381 25.87 -8.90 18.10
CA GLU C 381 26.01 -8.71 19.54
C GLU C 381 24.66 -8.66 20.20
N LYS C 382 23.76 -7.89 19.60
CA LYS C 382 22.45 -7.73 20.12
C LYS C 382 21.67 -9.05 20.11
N ILE C 383 21.84 -9.84 19.07
CA ILE C 383 21.20 -11.14 18.99
C ILE C 383 21.73 -12.05 20.14
N LEU C 384 23.03 -12.05 20.34
CA LEU C 384 23.61 -12.82 21.44
C LEU C 384 23.12 -12.35 22.80
N GLU C 385 22.94 -11.02 22.93
CA GLU C 385 22.39 -10.49 24.16
C GLU C 385 20.98 -11.06 24.38
N MET C 386 20.20 -11.13 23.29
CA MET C 386 18.81 -11.61 23.41
C MET C 386 18.81 -13.06 23.90
N ALA C 387 19.80 -13.81 23.51
CA ALA C 387 19.91 -15.20 23.92
C ALA C 387 20.50 -15.41 25.30
N THR C 388 21.07 -14.35 25.90
CA THR C 388 21.67 -14.44 27.21
C THR C 388 21.13 -13.40 28.18
N ILE C 389 21.79 -12.27 28.30
CA ILE C 389 21.45 -11.34 29.36
C ILE C 389 20.03 -10.76 29.21
N ASP C 390 19.63 -10.41 28.00
CA ASP C 390 18.31 -9.85 27.80
C ASP C 390 17.24 -10.89 27.95
N GLY C 391 17.55 -12.14 27.56
CA GLY C 391 16.66 -13.25 27.88
C GLY C 391 16.43 -13.42 29.36
N ALA C 392 17.49 -13.35 30.14
CA ALA C 392 17.36 -13.42 31.59
C ALA C 392 16.42 -12.33 32.05
N ARG C 393 16.61 -11.15 31.49
CA ARG C 393 15.80 -10.00 31.89
C ARG C 393 14.34 -10.21 31.50
N SER C 394 14.11 -10.84 30.36
CA SER C 394 12.72 -11.15 29.98
C SER C 394 12.04 -12.15 30.93
N LEU C 395 12.83 -12.94 31.65
CA LEU C 395 12.28 -13.83 32.64
C LEU C 395 12.30 -13.27 34.06
N GLY C 396 12.74 -12.04 34.22
CA GLY C 396 12.85 -11.48 35.56
C GLY C 396 14.00 -12.11 36.39
N MET C 397 14.97 -12.74 35.73
CA MET C 397 16.03 -13.51 36.43
C MET C 397 17.44 -12.97 36.21
N ASP C 398 17.56 -11.73 35.71
CA ASP C 398 18.86 -11.16 35.35
C ASP C 398 19.76 -10.82 36.50
N HIS C 399 19.22 -10.79 37.73
CA HIS C 399 20.10 -10.65 38.90
C HIS C 399 20.84 -11.98 39.21
N GLU C 400 20.31 -13.10 38.71
CA GLU C 400 20.82 -14.43 39.01
C GLU C 400 21.55 -15.09 37.84
N ILE C 401 21.09 -14.86 36.63
CA ILE C 401 21.70 -15.52 35.46
C ILE C 401 21.94 -14.55 34.29
N GLY C 402 22.60 -15.06 33.26
CA GLY C 402 22.64 -14.35 31.99
C GLY C 402 23.94 -13.64 31.64
N SER C 403 24.84 -13.62 32.61
CA SER C 403 26.15 -13.07 32.40
C SER C 403 27.19 -13.70 33.33
N ILE C 404 28.44 -13.59 32.93
CA ILE C 404 29.56 -14.13 33.70
C ILE C 404 30.07 -13.05 34.65
N GLU C 405 29.46 -13.01 35.81
CA GLU C 405 29.73 -11.97 36.76
C GLU C 405 29.74 -12.60 38.13
N THR C 406 30.54 -12.02 39.00
CA THR C 406 30.64 -12.47 40.38
C THR C 406 29.30 -12.45 41.07
N GLY C 407 28.94 -13.52 41.80
CA GLY C 407 27.71 -13.55 42.54
C GLY C 407 26.59 -14.25 41.78
N LYS C 408 26.64 -14.29 40.47
CA LYS C 408 25.60 -14.96 39.74
C LYS C 408 25.74 -16.48 39.73
N ARG C 409 24.69 -17.19 39.30
CA ARG C 409 24.75 -18.62 39.16
C ARG C 409 25.69 -19.08 38.05
N ALA C 410 26.32 -20.24 38.28
CA ALA C 410 27.31 -20.71 37.34
C ALA C 410 26.63 -21.54 36.25
N ASP C 411 25.92 -20.86 35.38
CA ASP C 411 25.32 -21.44 34.18
C ASP C 411 26.20 -20.96 33.04
N LEU C 412 27.06 -21.84 32.56
CA LEU C 412 28.18 -21.46 31.67
C LEU C 412 28.35 -22.51 30.62
N ILE C 413 28.70 -22.07 29.43
CA ILE C 413 28.92 -23.00 28.34
C ILE C 413 30.24 -22.75 27.69
N LEU C 414 30.86 -23.81 27.23
CA LEU C 414 32.12 -23.73 26.54
C LEU C 414 31.94 -24.15 25.10
N LEU C 415 32.33 -23.25 24.19
CA LEU C 415 32.21 -23.47 22.74
C LEU C 415 33.54 -23.54 22.07
N ASP C 416 33.70 -24.49 21.19
CA ASP C 416 34.97 -24.68 20.48
C ASP C 416 34.71 -24.20 19.09
N LEU C 417 35.44 -23.17 18.70
CA LEU C 417 35.32 -22.63 17.36
C LEU C 417 36.35 -23.17 16.36
N ARG C 418 37.12 -24.15 16.78
CA ARG C 418 38.11 -24.77 15.91
C ARG C 418 37.50 -25.85 15.10
N HIS C 419 36.63 -25.45 14.18
CA HIS C 419 35.97 -26.33 13.21
C HIS C 419 35.91 -25.58 11.90
N PRO C 420 35.69 -26.27 10.80
CA PRO C 420 35.75 -25.60 9.52
C PRO C 420 34.74 -24.42 9.42
N GLN C 421 33.53 -24.64 9.89
CA GLN C 421 32.48 -23.65 9.66
C GLN C 421 32.74 -22.36 10.41
N THR C 422 33.39 -22.48 11.57
CA THR C 422 33.69 -21.34 12.40
C THR C 422 35.08 -20.80 12.22
N THR C 423 35.72 -21.14 11.11
CA THR C 423 37.05 -20.63 10.77
C THR C 423 36.96 -19.86 9.46
N PRO C 424 37.55 -18.66 9.39
CA PRO C 424 38.17 -17.97 10.49
C PRO C 424 37.17 -17.36 11.43
N HIS C 425 37.67 -16.92 12.60
CA HIS C 425 36.86 -16.27 13.60
C HIS C 425 37.68 -15.10 14.20
N HIS C 426 37.14 -13.90 14.18
CA HIS C 426 37.80 -12.76 14.80
C HIS C 426 36.84 -12.11 15.77
N HIS C 427 35.68 -11.70 15.27
CA HIS C 427 34.60 -11.15 16.07
C HIS C 427 33.70 -12.32 16.52
N LEU C 428 33.60 -12.54 17.80
CA LEU C 428 33.03 -13.73 18.30
C LEU C 428 31.52 -13.77 18.14
N ALA C 429 30.85 -12.66 18.35
CA ALA C 429 29.41 -12.66 18.19
C ALA C 429 29.01 -12.93 16.73
N ALA C 430 29.74 -12.33 15.80
CA ALA C 430 29.50 -12.56 14.39
C ALA C 430 29.73 -14.00 14.02
N THR C 431 30.78 -14.57 14.56
CA THR C 431 31.11 -15.94 14.22
C THR C 431 30.00 -16.86 14.74
N ILE C 432 29.58 -16.65 15.99
CA ILE C 432 28.57 -17.50 16.57
C ILE C 432 27.23 -17.40 15.89
N VAL C 433 26.80 -16.19 15.62
CA VAL C 433 25.52 -15.95 14.97
C VAL C 433 25.44 -16.35 13.50
N PHE C 434 26.47 -16.06 12.75
CA PHE C 434 26.47 -16.27 11.27
C PHE C 434 27.15 -17.53 10.71
N GLN C 435 27.96 -18.19 11.54
CA GLN C 435 28.73 -19.38 11.12
C GLN C 435 28.46 -20.67 11.90
N ALA C 436 28.25 -20.59 13.21
CA ALA C 436 28.10 -21.79 13.99
C ALA C 436 26.83 -22.49 13.64
N TYR C 437 26.86 -23.81 13.71
CA TYR C 437 25.70 -24.62 13.36
C TYR C 437 24.86 -25.00 14.58
N GLY C 438 25.49 -25.07 15.72
CA GLY C 438 24.81 -25.52 16.92
C GLY C 438 25.35 -26.78 17.56
N ASN C 439 26.40 -27.36 16.99
CA ASN C 439 27.05 -28.50 17.54
C ASN C 439 28.44 -28.18 18.13
N GLU C 440 28.77 -26.91 18.25
CA GLU C 440 30.07 -26.47 18.72
C GLU C 440 30.19 -26.38 20.24
N VAL C 441 29.10 -26.54 20.96
CA VAL C 441 29.14 -26.53 22.38
C VAL C 441 29.72 -27.85 22.90
N ASP C 442 30.78 -27.75 23.70
CA ASP C 442 31.49 -28.92 24.28
C ASP C 442 31.03 -29.26 25.68
N THR C 443 30.96 -28.25 26.52
CA THR C 443 30.78 -28.48 27.92
C THR C 443 29.79 -27.49 28.47
N VAL C 444 28.95 -27.98 29.38
CA VAL C 444 27.84 -27.16 29.92
C VAL C 444 27.74 -27.33 31.42
N LEU C 445 27.77 -26.21 32.12
CA LEU C 445 27.55 -26.14 33.56
C LEU C 445 26.24 -25.45 33.85
N ILE C 446 25.47 -26.03 34.76
CA ILE C 446 24.20 -25.41 35.20
C ILE C 446 24.20 -25.49 36.68
N ASP C 447 24.08 -24.33 37.30
CA ASP C 447 24.13 -24.21 38.74
C ASP C 447 25.42 -24.81 39.28
N GLY C 448 26.50 -24.60 38.56
CA GLY C 448 27.76 -25.14 38.93
C GLY C 448 27.95 -26.64 38.76
N ASN C 449 26.96 -27.38 38.28
CA ASN C 449 27.15 -28.81 38.05
C ASN C 449 27.44 -29.07 36.57
N VAL C 450 28.31 -30.03 36.30
CA VAL C 450 28.66 -30.38 34.94
C VAL C 450 27.54 -31.25 34.42
N VAL C 451 26.79 -30.73 33.47
CA VAL C 451 25.68 -31.48 32.86
C VAL C 451 26.11 -32.11 31.51
N MET C 452 27.06 -31.49 30.86
CA MET C 452 27.65 -32.04 29.66
C MET C 452 29.15 -31.73 29.63
N GLU C 453 29.94 -32.70 29.20
CA GLU C 453 31.38 -32.52 29.13
C GLU C 453 31.93 -33.25 27.94
N ASN C 454 32.58 -32.48 27.05
CA ASN C 454 33.05 -33.01 25.73
C ASN C 454 31.97 -33.75 25.00
N ARG C 455 30.77 -33.17 25.08
CA ARG C 455 29.57 -33.63 24.43
C ARG C 455 28.95 -34.82 25.04
N ARG C 456 29.55 -35.28 26.13
CA ARG C 456 28.99 -36.38 26.87
C ARG C 456 27.93 -35.87 27.92
N LEU C 457 26.68 -36.33 27.82
CA LEU C 457 25.62 -35.86 28.69
C LEU C 457 25.57 -36.68 29.96
N SER C 458 25.51 -36.02 31.10
CA SER C 458 25.52 -36.70 32.40
C SER C 458 24.19 -37.50 32.63
N PHE C 459 23.10 -37.07 32.02
CA PHE C 459 21.81 -37.72 32.17
C PHE C 459 21.45 -38.59 30.97
N LEU C 460 22.34 -38.70 29.99
CA LEU C 460 22.14 -39.61 28.86
C LEU C 460 23.52 -40.06 28.33
N PRO C 461 24.13 -41.01 29.03
CA PRO C 461 25.49 -41.43 28.69
C PRO C 461 25.55 -42.05 27.29
N PRO C 462 26.71 -41.99 26.65
CA PRO C 462 26.84 -42.44 25.26
C PRO C 462 26.44 -43.89 25.05
N GLU C 463 26.64 -44.76 26.05
CA GLU C 463 26.28 -46.17 25.85
C GLU C 463 24.75 -46.39 25.91
N ARG C 464 24.00 -45.40 26.37
CA ARG C 464 22.53 -45.52 26.39
C ARG C 464 21.81 -44.67 25.31
N GLU C 465 22.56 -43.81 24.62
CA GLU C 465 21.98 -42.80 23.85
C GLU C 465 21.18 -43.37 22.68
N LEU C 466 21.79 -44.29 21.94
N LEU C 466 21.79 -44.29 21.94
CA LEU C 466 21.14 -44.84 20.75
CA LEU C 466 21.17 -44.83 20.74
C LEU C 466 19.86 -45.59 21.10
C LEU C 466 19.88 -45.61 21.09
N ALA C 467 19.90 -46.42 22.13
CA ALA C 467 18.69 -47.14 22.58
C ALA C 467 17.59 -46.19 23.07
N PHE C 468 17.97 -45.12 23.73
CA PHE C 468 17.02 -44.15 24.16
C PHE C 468 16.35 -43.47 22.97
N LEU C 469 17.14 -43.11 21.98
CA LEU C 469 16.56 -42.49 20.77
C LEU C 469 15.56 -43.42 20.08
N GLU C 470 15.89 -44.70 20.03
CA GLU C 470 14.96 -45.70 19.46
C GLU C 470 13.70 -45.81 20.25
N GLU C 471 13.78 -45.76 21.56
CA GLU C 471 12.58 -45.78 22.38
C GLU C 471 11.75 -44.50 22.12
N ALA C 472 12.40 -43.34 21.99
CA ALA C 472 11.65 -42.13 21.67
C ALA C 472 10.96 -42.21 20.32
N GLN C 473 11.68 -42.71 19.33
CA GLN C 473 11.13 -42.97 18.01
C GLN C 473 9.90 -43.93 18.07
N SER C 474 10.04 -45.06 18.73
CA SER C 474 8.94 -46.04 18.89
C SER C 474 7.74 -45.48 19.68
N ARG C 475 7.97 -44.76 20.76
CA ARG C 475 6.88 -44.15 21.49
C ARG C 475 6.15 -43.09 20.65
N ALA C 476 6.89 -42.30 19.89
CA ALA C 476 6.29 -41.30 19.03
C ALA C 476 5.37 -41.98 18.02
N THR C 477 5.88 -43.02 17.37
CA THR C 477 5.11 -43.76 16.38
C THR C 477 3.83 -44.30 17.00
N ALA C 478 3.94 -44.82 18.20
CA ALA C 478 2.74 -45.34 18.89
C ALA C 478 1.74 -44.24 19.32
N ILE C 479 2.26 -43.10 19.79
CA ILE C 479 1.42 -41.96 20.12
C ILE C 479 0.55 -41.54 18.92
N LEU C 480 1.20 -41.39 17.77
CA LEU C 480 0.53 -40.96 16.58
C LEU C 480 -0.52 -42.00 16.14
N GLN C 481 -0.23 -43.30 16.27
N GLN C 481 -0.23 -43.29 16.26
CA GLN C 481 -1.22 -44.36 15.97
CA GLN C 481 -1.22 -44.32 15.94
C GLN C 481 -2.41 -44.23 16.89
C GLN C 481 -2.40 -44.23 16.89
N ARG C 482 -2.16 -44.09 18.20
CA ARG C 482 -3.29 -43.94 19.16
C ARG C 482 -4.14 -42.75 18.80
N ALA C 483 -3.51 -41.66 18.37
CA ALA C 483 -4.23 -40.41 18.10
C ALA C 483 -4.82 -40.38 16.72
N ASN C 484 -4.61 -41.41 15.92
CA ASN C 484 -5.03 -41.49 14.54
C ASN C 484 -4.46 -40.39 13.65
N MET C 485 -3.21 -39.98 13.93
CA MET C 485 -2.59 -38.91 13.20
C MET C 485 -1.64 -39.50 12.14
N VAL C 486 -1.54 -38.87 10.99
CA VAL C 486 -0.69 -39.34 9.91
C VAL C 486 0.73 -38.91 10.19
N ALA C 487 1.62 -39.87 10.24
CA ALA C 487 3.01 -39.60 10.58
C ALA C 487 3.90 -39.16 9.38
N ASN C 488 3.58 -39.72 8.21
CA ASN C 488 4.46 -39.65 7.04
C ASN C 488 3.62 -39.46 5.78
N PRO C 489 3.13 -38.25 5.56
CA PRO C 489 2.21 -38.09 4.41
C PRO C 489 2.97 -38.34 3.10
N ALA C 490 2.19 -38.79 2.12
CA ALA C 490 2.68 -39.10 0.78
C ALA C 490 3.40 -37.88 0.18
N TRP C 491 4.49 -38.18 -0.51
CA TRP C 491 5.33 -37.19 -1.15
C TRP C 491 4.53 -36.16 -1.92
N ARG C 492 4.79 -34.90 -1.63
CA ARG C 492 4.07 -33.85 -2.31
C ARG C 492 4.99 -32.66 -2.58
N SER C 493 5.12 -32.35 -3.86
CA SER C 493 5.92 -31.26 -4.36
C SER C 493 5.22 -29.88 -4.35
N LEU C 494 3.89 -29.83 -4.41
CA LEU C 494 3.13 -28.56 -4.57
C LEU C 494 1.91 -28.46 -3.60
N GLN D 22 37.72 -49.00 -7.13
CA GLN D 22 36.84 -49.84 -6.27
C GLN D 22 35.36 -49.81 -6.72
N THR D 23 34.78 -50.95 -7.15
CA THR D 23 33.35 -51.06 -7.22
C THR D 23 32.88 -51.01 -5.79
N LEU D 24 31.67 -50.51 -5.60
CA LEU D 24 31.17 -50.21 -4.31
C LEU D 24 29.71 -50.53 -4.24
N SER D 25 29.34 -51.22 -3.19
CA SER D 25 27.97 -51.54 -2.92
C SER D 25 27.49 -50.85 -1.63
N ILE D 26 26.48 -49.99 -1.74
CA ILE D 26 25.89 -49.36 -0.57
C ILE D 26 24.64 -50.12 -0.20
N GLN D 27 24.60 -50.68 0.99
CA GLN D 27 23.57 -51.63 1.34
C GLN D 27 22.75 -51.26 2.57
N HIS D 28 21.49 -51.69 2.52
CA HIS D 28 20.55 -51.64 3.63
C HIS D 28 20.17 -50.25 4.06
N GLY D 29 20.31 -49.28 3.17
CA GLY D 29 19.85 -47.93 3.47
C GLY D 29 18.43 -47.71 3.01
N THR D 30 17.90 -46.56 3.43
CA THR D 30 16.68 -46.04 2.82
C THR D 30 17.13 -45.08 1.72
N LEU D 31 16.72 -45.36 0.48
CA LEU D 31 17.12 -44.55 -0.66
C LEU D 31 16.05 -43.50 -0.99
N VAL D 32 16.42 -42.24 -0.83
CA VAL D 32 15.57 -41.12 -1.23
C VAL D 32 16.03 -40.75 -2.62
N THR D 33 15.37 -41.30 -3.66
CA THR D 33 15.93 -41.32 -5.01
C THR D 33 15.86 -39.98 -5.73
N MET D 34 14.85 -39.18 -5.42
CA MET D 34 14.51 -37.99 -6.20
C MET D 34 14.29 -38.31 -7.67
N ASP D 35 13.91 -39.55 -7.99
CA ASP D 35 13.67 -39.94 -9.35
C ASP D 35 12.32 -39.43 -9.79
N GLN D 36 11.95 -39.81 -10.99
CA GLN D 36 10.76 -39.27 -11.60
C GLN D 36 9.51 -39.54 -10.78
N TYR D 37 9.48 -40.65 -10.07
CA TYR D 37 8.32 -40.97 -9.24
C TYR D 37 8.58 -40.61 -7.77
N ARG D 38 9.71 -39.97 -7.49
CA ARG D 38 10.15 -39.63 -6.14
C ARG D 38 10.16 -40.84 -5.23
N ARG D 39 10.64 -41.94 -5.74
CA ARG D 39 10.61 -43.15 -4.94
C ARG D 39 11.47 -43.02 -3.71
N VAL D 40 10.94 -43.54 -2.62
CA VAL D 40 11.68 -43.71 -1.38
C VAL D 40 11.70 -45.18 -1.06
N LEU D 41 12.87 -45.80 -1.18
CA LEU D 41 13.00 -47.27 -1.10
C LEU D 41 13.67 -47.72 0.20
N GLY D 42 12.88 -48.35 1.06
CA GLY D 42 13.36 -48.90 2.31
C GLY D 42 14.25 -50.11 2.08
N ASP D 43 15.27 -50.27 2.93
CA ASP D 43 16.17 -51.42 2.97
C ASP D 43 16.54 -51.84 1.56
N SER D 44 17.29 -50.97 0.91
CA SER D 44 17.58 -51.07 -0.48
C SER D 44 19.07 -50.77 -0.70
N TRP D 45 19.54 -51.03 -1.90
CA TRP D 45 20.97 -50.97 -2.18
C TRP D 45 21.24 -50.28 -3.47
N VAL D 46 22.48 -49.86 -3.63
CA VAL D 46 22.96 -49.22 -4.79
C VAL D 46 24.31 -49.82 -5.12
N HIS D 47 24.48 -50.14 -6.39
CA HIS D 47 25.76 -50.60 -6.92
C HIS D 47 26.46 -49.58 -7.78
N VAL D 48 27.72 -49.31 -7.45
CA VAL D 48 28.50 -48.28 -8.09
C VAL D 48 29.79 -48.78 -8.73
N GLN D 49 29.98 -48.38 -9.98
CA GLN D 49 31.09 -48.91 -10.77
C GLN D 49 31.51 -47.80 -11.72
N ASP D 50 32.81 -47.54 -11.79
CA ASP D 50 33.38 -46.61 -12.78
C ASP D 50 32.69 -45.21 -12.74
N GLY D 51 32.51 -44.70 -11.52
CA GLY D 51 31.85 -43.44 -11.27
C GLY D 51 30.34 -43.38 -11.44
N ARG D 52 29.68 -44.47 -11.75
CA ARG D 52 28.25 -44.46 -12.15
C ARG D 52 27.43 -45.31 -11.23
N ILE D 53 26.19 -44.92 -11.05
CA ILE D 53 25.20 -45.80 -10.51
C ILE D 53 24.81 -46.83 -11.61
N VAL D 54 25.19 -48.07 -11.40
CA VAL D 54 24.97 -49.13 -12.39
C VAL D 54 23.66 -49.84 -12.13
N ALA D 55 23.29 -49.99 -10.85
CA ALA D 55 22.06 -50.67 -10.50
C ALA D 55 21.59 -50.31 -9.12
N LEU D 56 20.30 -50.53 -8.89
CA LEU D 56 19.66 -50.35 -7.60
C LEU D 56 18.74 -51.51 -7.37
N GLY D 57 18.42 -51.79 -6.12
CA GLY D 57 17.37 -52.73 -5.82
C GLY D 57 16.96 -52.75 -4.40
N VAL D 58 15.89 -53.48 -4.15
CA VAL D 58 15.32 -53.67 -2.85
C VAL D 58 15.79 -55.03 -2.33
N HIS D 59 16.33 -55.03 -1.10
CA HIS D 59 16.92 -56.24 -0.55
C HIS D 59 15.98 -57.45 -0.50
N ALA D 60 14.70 -57.22 -0.17
CA ALA D 60 13.71 -58.30 -0.08
C ALA D 60 13.38 -58.92 -1.44
N GLU D 61 13.63 -58.20 -2.54
CA GLU D 61 13.37 -58.69 -3.89
C GLU D 61 14.61 -59.07 -4.70
N SER D 62 15.80 -58.66 -4.28
CA SER D 62 17.00 -58.85 -5.09
C SER D 62 18.27 -58.87 -4.26
N VAL D 63 19.28 -59.53 -4.78
CA VAL D 63 20.55 -59.69 -4.13
C VAL D 63 21.45 -58.71 -4.83
N PRO D 64 22.17 -57.90 -4.05
CA PRO D 64 23.10 -56.98 -4.69
C PRO D 64 24.28 -57.70 -5.38
N PRO D 65 24.75 -57.17 -6.52
CA PRO D 65 25.91 -57.70 -7.20
C PRO D 65 27.13 -57.67 -6.31
N PRO D 66 28.09 -58.55 -6.57
CA PRO D 66 29.32 -58.55 -5.78
C PRO D 66 30.10 -57.28 -6.05
N ALA D 67 30.78 -56.81 -5.02
CA ALA D 67 31.50 -55.56 -5.13
C ALA D 67 32.80 -55.65 -4.35
N ASP D 68 33.76 -54.79 -4.70
CA ASP D 68 35.08 -54.79 -4.05
C ASP D 68 34.94 -54.40 -2.62
N ARG D 69 33.97 -53.55 -2.36
CA ARG D 69 33.68 -53.16 -1.00
C ARG D 69 32.21 -52.76 -0.75
N VAL D 70 31.75 -53.07 0.47
CA VAL D 70 30.41 -52.85 0.90
C VAL D 70 30.46 -51.71 1.91
N ILE D 71 29.64 -50.69 1.68
CA ILE D 71 29.41 -49.71 2.69
C ILE D 71 28.06 -50.03 3.33
N ASP D 72 28.07 -50.23 4.63
CA ASP D 72 26.84 -50.54 5.35
C ASP D 72 26.06 -49.29 5.77
N ALA D 73 24.90 -49.09 5.15
CA ALA D 73 24.07 -47.94 5.40
C ALA D 73 22.84 -48.31 6.21
N ARG D 74 22.90 -49.43 6.91
CA ARG D 74 21.81 -49.81 7.81
C ARG D 74 21.51 -48.69 8.80
N GLY D 75 20.24 -48.38 8.94
CA GLY D 75 19.79 -47.27 9.80
C GLY D 75 20.07 -45.86 9.27
N LYS D 76 20.47 -45.76 7.99
CA LYS D 76 20.85 -44.47 7.39
C LYS D 76 20.05 -44.17 6.17
N VAL D 77 20.11 -42.92 5.78
CA VAL D 77 19.35 -42.45 4.65
C VAL D 77 20.34 -42.07 3.56
N VAL D 78 20.06 -42.54 2.34
CA VAL D 78 20.89 -42.25 1.20
C VAL D 78 20.17 -41.24 0.27
N LEU D 79 20.87 -40.15 -0.06
CA LEU D 79 20.36 -39.07 -0.93
C LEU D 79 21.35 -38.81 -2.04
N PRO D 80 20.85 -38.24 -3.13
CA PRO D 80 21.78 -37.65 -4.05
C PRO D 80 22.54 -36.55 -3.35
N GLY D 81 23.77 -36.28 -3.77
CA GLY D 81 24.53 -35.21 -3.16
C GLY D 81 23.86 -33.85 -3.37
N PHE D 82 24.07 -32.95 -2.43
CA PHE D 82 23.54 -31.64 -2.56
C PHE D 82 24.35 -30.81 -3.57
N ILE D 83 23.62 -29.95 -4.24
CA ILE D 83 24.15 -29.15 -5.31
C ILE D 83 24.08 -27.67 -4.95
N ASN D 84 25.24 -27.06 -4.79
CA ASN D 84 25.33 -25.66 -4.47
C ASN D 84 25.28 -24.86 -5.75
N ALA D 85 24.12 -24.37 -6.06
CA ALA D 85 23.87 -23.85 -7.42
C ALA D 85 24.53 -22.54 -7.76
N HIS D 86 25.05 -21.82 -6.76
CA HIS D 86 25.76 -20.58 -7.02
C HIS D 86 26.50 -20.13 -5.74
N THR D 87 27.80 -19.99 -5.81
CA THR D 87 28.61 -19.67 -4.67
C THR D 87 29.88 -18.95 -5.11
N HIS D 88 30.57 -18.34 -4.15
CA HIS D 88 31.84 -17.72 -4.43
C HIS D 88 32.74 -18.22 -3.33
N VAL D 89 33.78 -18.94 -3.70
CA VAL D 89 34.56 -19.72 -2.77
C VAL D 89 35.64 -18.98 -1.95
N ASN D 90 36.49 -18.26 -2.63
CA ASN D 90 37.76 -17.82 -2.06
C ASN D 90 37.50 -16.81 -0.89
N GLN D 91 36.42 -16.07 -1.03
CA GLN D 91 35.95 -15.10 -0.05
C GLN D 91 35.70 -15.70 1.32
N ILE D 92 35.65 -17.01 1.42
CA ILE D 92 35.48 -17.62 2.70
C ILE D 92 36.50 -17.13 3.76
N LEU D 93 37.69 -16.72 3.32
CA LEU D 93 38.68 -16.27 4.26
C LEU D 93 38.41 -14.87 4.83
N LEU D 94 37.34 -14.22 4.37
CA LEU D 94 36.97 -12.90 4.84
C LEU D 94 35.83 -12.91 5.84
N ARG D 95 35.36 -14.09 6.21
CA ARG D 95 34.30 -14.15 7.21
C ARG D 95 34.85 -14.10 8.60
N GLY D 96 33.94 -14.03 9.58
CA GLY D 96 34.31 -14.08 10.99
C GLY D 96 34.50 -12.73 11.65
N GLY D 97 33.85 -11.72 11.13
CA GLY D 97 34.00 -10.37 11.64
C GLY D 97 33.98 -9.23 10.64
N PRO D 98 34.73 -9.34 9.54
CA PRO D 98 34.93 -8.21 8.63
C PRO D 98 33.76 -7.97 7.70
N SER D 99 32.80 -8.91 7.58
CA SER D 99 31.92 -8.90 6.39
C SER D 99 30.47 -8.47 6.60
N HIS D 100 29.98 -8.53 7.84
CA HIS D 100 28.57 -8.38 8.12
C HIS D 100 28.13 -6.94 8.32
N GLY D 101 26.82 -6.73 8.27
CA GLY D 101 26.24 -5.44 8.65
C GLY D 101 26.30 -4.40 7.52
N ARG D 102 26.58 -4.84 6.29
CA ARG D 102 26.74 -3.92 5.12
C ARG D 102 25.85 -4.27 3.99
N GLN D 103 25.20 -3.27 3.42
CA GLN D 103 24.44 -3.44 2.16
C GLN D 103 25.40 -3.92 1.07
N PHE D 104 24.85 -4.55 0.06
CA PHE D 104 25.60 -5.17 -1.03
C PHE D 104 26.81 -4.36 -1.54
N TYR D 105 26.62 -3.10 -1.96
CA TYR D 105 27.75 -2.31 -2.53
C TYR D 105 28.77 -1.89 -1.52
N ASP D 106 28.33 -1.69 -0.29
CA ASP D 106 29.23 -1.41 0.81
C ASP D 106 30.14 -2.64 1.05
N TRP D 107 29.53 -3.81 1.18
CA TRP D 107 30.24 -5.09 1.31
C TRP D 107 31.18 -5.32 0.12
N LEU D 108 30.67 -5.09 -1.08
CA LEU D 108 31.46 -5.36 -2.27
C LEU D 108 32.74 -4.51 -2.34
N PHE D 109 32.63 -3.20 -2.11
CA PHE D 109 33.76 -2.28 -2.27
C PHE D 109 34.68 -2.16 -1.06
N ASN D 110 34.14 -2.36 0.14
CA ASN D 110 34.94 -2.27 1.35
C ASN D 110 35.47 -3.60 1.88
N VAL D 111 34.92 -4.71 1.40
CA VAL D 111 35.29 -6.03 1.90
C VAL D 111 35.76 -6.98 0.79
N VAL D 112 34.87 -7.29 -0.16
CA VAL D 112 35.13 -8.35 -1.10
C VAL D 112 36.27 -8.01 -2.09
N TYR D 113 36.13 -6.93 -2.85
CA TYR D 113 37.17 -6.58 -3.86
C TYR D 113 38.57 -6.40 -3.26
N PRO D 114 38.70 -5.62 -2.19
CA PRO D 114 40.01 -5.47 -1.56
C PRO D 114 40.54 -6.73 -0.85
N GLY D 115 39.65 -7.48 -0.23
CA GLY D 115 40.06 -8.70 0.43
C GLY D 115 40.60 -9.68 -0.60
N GLN D 116 39.87 -9.84 -1.70
CA GLN D 116 40.26 -10.78 -2.78
C GLN D 116 41.59 -10.37 -3.38
N LYS D 117 41.76 -9.07 -3.58
CA LYS D 117 42.98 -8.58 -4.15
C LYS D 117 44.21 -8.83 -3.27
N ALA D 118 44.04 -8.78 -1.96
CA ALA D 118 45.17 -9.02 -1.04
C ALA D 118 45.52 -10.51 -0.92
N MET D 119 44.68 -11.40 -1.43
CA MET D 119 44.96 -12.86 -1.33
C MET D 119 45.97 -13.32 -2.34
N ARG D 120 46.96 -14.06 -1.90
CA ARG D 120 47.97 -14.65 -2.77
C ARG D 120 47.52 -16.05 -3.20
N PRO D 121 48.15 -16.61 -4.25
CA PRO D 121 47.76 -17.96 -4.69
C PRO D 121 47.80 -19.00 -3.60
N GLU D 122 48.71 -18.87 -2.69
CA GLU D 122 48.80 -19.84 -1.60
C GLU D 122 47.63 -19.69 -0.63
N ASP D 123 47.11 -18.46 -0.52
CA ASP D 123 45.95 -18.22 0.33
C ASP D 123 44.73 -18.85 -0.34
N VAL D 124 44.64 -18.68 -1.64
CA VAL D 124 43.57 -19.24 -2.41
C VAL D 124 43.50 -20.77 -2.22
N ALA D 125 44.65 -21.43 -2.21
CA ALA D 125 44.65 -22.87 -2.06
C ALA D 125 44.04 -23.26 -0.71
N VAL D 126 44.38 -22.50 0.32
CA VAL D 126 43.86 -22.75 1.63
C VAL D 126 42.37 -22.45 1.71
N ALA D 127 41.94 -21.34 1.12
CA ALA D 127 40.55 -20.99 1.08
C ALA D 127 39.74 -22.11 0.45
N VAL D 128 40.23 -22.61 -0.67
CA VAL D 128 39.50 -23.64 -1.39
C VAL D 128 39.39 -24.93 -0.62
N ARG D 129 40.46 -25.34 0.01
CA ARG D 129 40.37 -26.54 0.85
C ARG D 129 39.44 -26.38 2.06
N LEU D 130 39.51 -25.21 2.71
CA LEU D 130 38.60 -24.94 3.85
C LEU D 130 37.16 -24.99 3.38
N TYR D 131 36.86 -24.32 2.28
CA TYR D 131 35.50 -24.30 1.72
C TYR D 131 35.03 -25.75 1.44
N CYS D 132 35.87 -26.53 0.77
CA CYS D 132 35.50 -27.90 0.41
C CYS D 132 35.30 -28.78 1.64
N ALA D 133 36.11 -28.56 2.67
CA ALA D 133 35.93 -29.30 3.90
C ALA D 133 34.54 -29.05 4.49
N GLU D 134 34.16 -27.79 4.59
CA GLU D 134 32.89 -27.43 5.14
C GLU D 134 31.76 -27.97 4.24
N ALA D 135 31.95 -27.83 2.94
CA ALA D 135 30.93 -28.21 1.98
C ALA D 135 30.63 -29.69 1.96
N VAL D 136 31.67 -30.45 1.88
CA VAL D 136 31.56 -31.91 1.91
C VAL D 136 31.00 -32.41 3.25
N ARG D 137 31.43 -31.80 4.35
CA ARG D 137 30.89 -32.19 5.66
C ARG D 137 29.39 -31.91 5.75
N SER D 138 28.88 -30.98 4.95
CA SER D 138 27.47 -30.70 4.96
C SER D 138 26.75 -31.41 3.82
N GLY D 139 27.44 -32.25 3.05
CA GLY D 139 26.76 -33.08 2.06
C GLY D 139 26.70 -32.52 0.65
N ILE D 140 27.41 -31.41 0.46
CA ILE D 140 27.51 -30.80 -0.86
C ILE D 140 28.55 -31.52 -1.68
N THR D 141 28.17 -31.91 -2.88
CA THR D 141 29.05 -32.67 -3.81
C THR D 141 29.34 -31.96 -5.14
N THR D 142 28.44 -31.07 -5.54
CA THR D 142 28.70 -30.19 -6.67
C THR D 142 28.61 -28.70 -6.23
N ILE D 143 29.54 -27.92 -6.70
CA ILE D 143 29.73 -26.56 -6.34
C ILE D 143 29.79 -25.75 -7.64
N ASN D 144 28.92 -24.76 -7.80
CA ASN D 144 29.03 -23.80 -8.91
C ASN D 144 29.79 -22.54 -8.47
N GLU D 145 31.10 -22.58 -8.64
CA GLU D 145 31.97 -21.55 -8.19
C GLU D 145 32.00 -20.38 -9.18
N ASN D 146 31.47 -19.24 -8.78
CA ASN D 146 31.60 -18.04 -9.55
C ASN D 146 32.86 -17.32 -9.14
N ALA D 147 33.87 -17.39 -10.00
CA ALA D 147 35.25 -16.96 -9.70
C ALA D 147 35.48 -15.51 -10.13
N ASP D 148 35.35 -14.60 -9.19
CA ASP D 148 35.52 -13.17 -9.40
C ASP D 148 36.98 -12.71 -9.31
N SER D 149 37.86 -13.60 -8.92
CA SER D 149 39.26 -13.26 -8.74
C SER D 149 40.16 -14.07 -9.69
N ALA D 150 39.55 -14.62 -10.72
CA ALA D 150 40.31 -15.43 -11.73
C ALA D 150 41.30 -14.62 -12.57
N ILE D 151 41.09 -13.32 -12.59
CA ILE D 151 41.96 -12.41 -13.28
C ILE D 151 43.39 -12.34 -12.69
N TYR D 152 43.56 -12.65 -11.41
CA TYR D 152 44.87 -12.49 -10.79
C TYR D 152 45.77 -13.70 -11.07
N PRO D 153 47.05 -13.43 -11.45
CA PRO D 153 47.96 -14.50 -11.87
C PRO D 153 48.12 -15.55 -10.81
N GLY D 154 48.03 -16.81 -11.21
CA GLY D 154 48.30 -17.93 -10.27
C GLY D 154 47.06 -18.46 -9.53
N ASN D 155 45.97 -17.70 -9.54
CA ASN D 155 44.82 -18.09 -8.76
C ASN D 155 44.15 -19.26 -9.38
N ILE D 156 43.98 -19.26 -10.68
CA ILE D 156 43.29 -20.36 -11.30
C ILE D 156 44.04 -21.67 -10.99
N GLU D 157 45.35 -21.63 -11.16
CA GLU D 157 46.18 -22.82 -11.02
C GLU D 157 46.13 -23.33 -9.59
N ALA D 158 46.25 -22.43 -8.63
CA ALA D 158 46.15 -22.86 -7.24
C ALA D 158 44.76 -23.52 -6.86
N ALA D 159 43.70 -22.87 -7.31
CA ALA D 159 42.33 -23.36 -7.02
C ALA D 159 42.06 -24.70 -7.70
N MET D 160 42.37 -24.77 -9.00
CA MET D 160 42.15 -26.01 -9.76
C MET D 160 42.91 -27.19 -9.24
N ALA D 161 44.14 -26.98 -8.77
CA ALA D 161 44.85 -28.10 -8.17
C ALA D 161 44.13 -28.64 -6.94
N VAL D 162 43.62 -27.75 -6.11
CA VAL D 162 42.89 -28.23 -4.93
C VAL D 162 41.58 -28.90 -5.30
N TYR D 163 40.81 -28.28 -6.19
CA TYR D 163 39.52 -28.87 -6.56
C TYR D 163 39.71 -30.29 -7.10
N GLY D 164 40.73 -30.45 -7.96
CA GLY D 164 41.06 -31.75 -8.49
C GLY D 164 41.42 -32.75 -7.45
N GLU D 165 42.34 -32.37 -6.57
CA GLU D 165 42.73 -33.24 -5.47
C GLU D 165 41.52 -33.60 -4.56
N VAL D 166 40.70 -32.62 -4.24
CA VAL D 166 39.63 -32.85 -3.25
C VAL D 166 38.59 -33.85 -3.78
N GLY D 167 38.29 -33.79 -5.08
CA GLY D 167 37.38 -34.75 -5.65
C GLY D 167 35.97 -34.21 -5.82
N VAL D 168 35.76 -32.92 -5.56
CA VAL D 168 34.45 -32.35 -5.67
C VAL D 168 34.12 -32.10 -7.15
N ARG D 169 32.84 -32.11 -7.49
CA ARG D 169 32.42 -31.76 -8.81
C ARG D 169 32.25 -30.27 -8.81
N VAL D 170 32.90 -29.63 -9.75
CA VAL D 170 32.99 -28.15 -9.76
C VAL D 170 32.66 -27.56 -11.13
N VAL D 171 31.78 -26.57 -11.17
CA VAL D 171 31.61 -25.70 -12.31
C VAL D 171 32.38 -24.47 -11.95
N TYR D 172 33.34 -24.10 -12.80
CA TYR D 172 34.16 -22.92 -12.56
C TYR D 172 33.69 -21.89 -13.55
N ALA D 173 32.86 -20.98 -13.04
CA ALA D 173 32.26 -19.97 -13.85
C ALA D 173 33.13 -18.69 -13.77
N ARG D 174 33.84 -18.42 -14.86
CA ARG D 174 34.84 -17.39 -14.86
C ARG D 174 34.18 -16.05 -15.12
N MET D 175 34.13 -15.21 -14.09
CA MET D 175 33.48 -13.89 -14.19
C MET D 175 34.30 -12.89 -14.94
N PHE D 176 33.62 -12.07 -15.75
CA PHE D 176 34.28 -10.93 -16.40
C PHE D 176 33.41 -9.69 -16.46
N PHE D 177 34.11 -8.56 -16.55
CA PHE D 177 33.59 -7.21 -16.50
C PHE D 177 34.34 -6.52 -17.65
N ASP D 178 33.60 -5.97 -18.62
CA ASP D 178 34.24 -5.30 -19.74
C ASP D 178 33.72 -3.89 -20.02
N ARG D 179 32.99 -3.32 -19.08
CA ARG D 179 32.32 -2.03 -19.32
C ARG D 179 32.24 -1.29 -17.98
N MET D 180 32.54 -0.01 -18.01
CA MET D 180 32.46 0.83 -16.80
C MET D 180 31.00 1.18 -16.59
N ASP D 181 30.47 0.99 -15.37
CA ASP D 181 29.18 1.61 -15.01
C ASP D 181 29.36 2.97 -14.26
N GLY D 182 29.62 4.04 -15.03
CA GLY D 182 29.99 5.39 -14.51
C GLY D 182 28.96 6.06 -13.60
N ARG D 183 27.68 5.71 -13.79
CA ARG D 183 26.55 6.24 -12.99
C ARG D 183 26.73 6.13 -11.47
N ILE D 184 27.32 5.05 -11.02
CA ILE D 184 27.32 4.75 -9.59
C ILE D 184 28.51 5.36 -8.80
N GLN D 185 29.13 6.42 -9.28
CA GLN D 185 30.42 6.82 -8.73
C GLN D 185 30.45 7.65 -7.40
N GLY D 186 29.59 8.66 -7.28
CA GLY D 186 29.54 9.49 -6.04
C GLY D 186 29.05 8.69 -4.81
N TYR D 187 28.18 7.71 -5.09
CA TYR D 187 27.70 6.71 -4.15
C TYR D 187 28.89 5.86 -3.66
N VAL D 188 29.71 5.42 -4.60
CA VAL D 188 30.87 4.57 -4.28
C VAL D 188 31.84 5.29 -3.39
N ASP D 189 32.10 6.55 -3.69
CA ASP D 189 33.05 7.34 -2.86
C ASP D 189 32.57 7.49 -1.42
N ALA D 190 31.26 7.71 -1.26
CA ALA D 190 30.67 7.80 0.02
C ALA D 190 30.81 6.48 0.78
N LEU D 191 30.49 5.38 0.10
CA LEU D 191 30.65 4.06 0.67
C LEU D 191 32.11 3.79 1.07
N LYS D 192 33.04 4.20 0.22
CA LYS D 192 34.48 4.02 0.49
C LYS D 192 34.99 4.79 1.68
N ALA D 193 34.34 5.92 1.97
CA ALA D 193 34.72 6.71 3.13
C ALA D 193 34.40 5.99 4.44
N ARG D 194 33.56 4.94 4.41
CA ARG D 194 33.32 4.14 5.62
C ARG D 194 34.60 3.39 6.06
N SER D 195 35.48 3.05 5.11
CA SER D 195 36.76 2.36 5.40
C SER D 195 37.82 2.97 4.48
N PRO D 196 38.19 4.22 4.74
CA PRO D 196 38.99 5.00 3.75
C PRO D 196 40.39 4.42 3.51
N GLN D 197 40.93 3.76 4.51
CA GLN D 197 42.28 3.13 4.43
C GLN D 197 42.25 1.86 3.52
N VAL D 198 41.06 1.36 3.20
CA VAL D 198 40.91 0.19 2.33
C VAL D 198 40.82 0.68 0.89
N GLU D 199 41.64 0.09 0.02
CA GLU D 199 41.80 0.62 -1.31
C GLU D 199 40.66 0.21 -2.26
N LEU D 200 40.24 1.17 -3.08
CA LEU D 200 39.26 0.95 -4.14
C LEU D 200 39.94 0.19 -5.31
N CYS D 201 39.40 -0.96 -5.73
CA CYS D 201 40.00 -1.76 -6.85
C CYS D 201 39.17 -1.79 -8.11
N SER D 202 39.85 -2.09 -9.23
CA SER D 202 39.20 -2.34 -10.54
C SER D 202 39.66 -3.68 -11.19
N ILE D 203 38.69 -4.48 -11.65
CA ILE D 203 39.03 -5.74 -12.36
C ILE D 203 38.50 -5.79 -13.79
N MET D 204 38.33 -4.61 -14.38
CA MET D 204 37.85 -4.51 -15.76
C MET D 204 38.86 -5.07 -16.74
N GLU D 205 38.42 -5.74 -17.78
CA GLU D 205 39.28 -6.12 -18.87
C GLU D 205 38.61 -5.85 -20.22
N GLU D 206 39.43 -5.74 -21.23
CA GLU D 206 38.94 -5.57 -22.59
C GLU D 206 38.20 -6.82 -23.02
N THR D 207 37.13 -6.62 -23.76
CA THR D 207 36.30 -7.73 -24.16
C THR D 207 37.11 -8.86 -24.79
N ALA D 208 37.98 -8.51 -25.73
CA ALA D 208 38.74 -9.52 -26.47
C ALA D 208 39.71 -10.28 -25.53
N VAL D 209 40.22 -9.59 -24.52
CA VAL D 209 41.12 -10.23 -23.57
C VAL D 209 40.31 -11.24 -22.71
N ALA D 210 39.15 -10.82 -22.22
CA ALA D 210 38.30 -11.71 -21.45
C ALA D 210 37.97 -12.96 -22.27
N LYS D 211 37.65 -12.78 -23.54
CA LYS D 211 37.36 -13.95 -24.38
C LYS D 211 38.52 -14.94 -24.49
N ASP D 212 39.69 -14.40 -24.76
CA ASP D 212 40.90 -15.25 -24.92
C ASP D 212 41.20 -15.99 -23.62
N ARG D 213 41.14 -15.27 -22.52
CA ARG D 213 41.45 -15.84 -21.21
C ARG D 213 40.48 -16.95 -20.82
N ILE D 214 39.21 -16.73 -21.11
CA ILE D 214 38.21 -17.72 -20.71
C ILE D 214 38.28 -18.91 -21.64
N THR D 215 38.49 -18.63 -22.92
CA THR D 215 38.70 -19.72 -23.90
C THR D 215 39.91 -20.60 -23.54
N ALA D 216 41.01 -19.98 -23.18
CA ALA D 216 42.21 -20.74 -22.76
C ALA D 216 41.98 -21.54 -21.45
N LEU D 217 41.31 -20.92 -20.49
CA LEU D 217 40.95 -21.60 -19.29
C LEU D 217 40.05 -22.85 -19.61
N SER D 218 39.07 -22.67 -20.48
CA SER D 218 38.22 -23.78 -20.86
C SER D 218 39.02 -24.88 -21.57
N ASP D 219 39.81 -24.49 -22.55
CA ASP D 219 40.63 -25.46 -23.29
C ASP D 219 41.50 -26.26 -22.33
N GLN D 220 42.11 -25.59 -21.36
CA GLN D 220 43.01 -26.29 -20.44
C GLN D 220 42.29 -27.13 -19.35
N TYR D 221 41.18 -26.64 -18.78
CA TYR D 221 40.57 -27.29 -17.59
C TYR D 221 39.22 -27.98 -17.77
N HIS D 222 38.49 -27.64 -18.81
CA HIS D 222 37.17 -28.21 -18.98
C HIS D 222 37.27 -29.71 -19.22
N GLY D 223 36.50 -30.48 -18.44
CA GLY D 223 36.53 -31.93 -18.53
C GLY D 223 37.69 -32.61 -17.84
N THR D 224 38.57 -31.86 -17.19
CA THR D 224 39.67 -32.46 -16.42
C THR D 224 39.18 -33.05 -15.09
N ALA D 225 40.11 -33.61 -14.32
CA ALA D 225 39.84 -34.37 -13.11
C ALA D 225 38.71 -35.38 -13.35
N GLY D 226 38.88 -36.19 -14.39
CA GLY D 226 37.93 -37.28 -14.69
C GLY D 226 36.53 -36.76 -15.01
N GLY D 227 36.43 -35.59 -15.63
CA GLY D 227 35.14 -35.01 -15.99
C GLY D 227 34.47 -34.18 -14.86
N ARG D 228 35.14 -34.08 -13.70
CA ARG D 228 34.56 -33.43 -12.53
C ARG D 228 34.58 -31.92 -12.61
N ILE D 229 35.46 -31.38 -13.44
CA ILE D 229 35.63 -29.94 -13.55
C ILE D 229 35.08 -29.45 -14.88
N SER D 230 34.19 -28.46 -14.81
CA SER D 230 33.66 -27.77 -15.97
C SER D 230 33.97 -26.29 -15.90
N VAL D 231 33.95 -25.64 -17.08
CA VAL D 231 34.22 -24.23 -17.20
C VAL D 231 33.10 -23.52 -17.97
N TRP D 232 32.58 -22.43 -17.39
CA TRP D 232 31.54 -21.61 -18.00
C TRP D 232 32.00 -20.19 -18.07
N PRO D 233 31.52 -19.43 -19.05
CA PRO D 233 31.67 -17.98 -19.03
C PRO D 233 30.62 -17.31 -18.16
N ALA D 234 31.02 -16.25 -17.45
CA ALA D 234 30.16 -15.59 -16.51
C ALA D 234 30.21 -14.08 -16.60
N PRO D 235 29.50 -13.51 -17.54
CA PRO D 235 29.39 -12.07 -17.52
C PRO D 235 28.75 -11.63 -16.24
N ALA D 236 29.38 -10.68 -15.57
CA ALA D 236 29.06 -10.38 -14.18
C ALA D 236 27.63 -9.92 -13.97
N THR D 237 27.23 -8.88 -14.71
CA THR D 237 25.87 -8.26 -14.60
C THR D 237 25.56 -7.61 -15.93
N THR D 238 24.31 -7.17 -16.13
CA THR D 238 23.92 -6.49 -17.38
C THR D 238 24.48 -5.07 -17.48
N THR D 239 24.95 -4.50 -16.40
CA THR D 239 25.58 -3.15 -16.47
C THR D 239 27.09 -3.18 -16.56
N ALA D 240 27.71 -4.27 -16.10
CA ALA D 240 29.15 -4.37 -16.12
C ALA D 240 29.70 -5.08 -17.38
N VAL D 241 28.80 -5.59 -18.23
CA VAL D 241 29.20 -6.26 -19.44
C VAL D 241 28.46 -5.75 -20.67
N THR D 242 29.19 -5.57 -21.78
CA THR D 242 28.64 -5.04 -23.01
C THR D 242 27.66 -6.08 -23.56
N VAL D 243 26.81 -5.61 -24.46
CA VAL D 243 26.02 -6.52 -25.25
C VAL D 243 26.87 -7.54 -26.00
N GLU D 244 27.95 -7.08 -26.62
CA GLU D 244 28.83 -7.99 -27.37
C GLU D 244 29.44 -9.07 -26.43
N GLY D 245 29.83 -8.68 -25.23
CA GLY D 245 30.36 -9.66 -24.27
C GLY D 245 29.34 -10.72 -23.86
N MET D 246 28.10 -10.29 -23.57
CA MET D 246 27.04 -11.22 -23.20
C MET D 246 26.69 -12.14 -24.36
N ARG D 247 26.66 -11.61 -25.58
CA ARG D 247 26.39 -12.44 -26.77
C ARG D 247 27.46 -13.45 -27.02
N TRP D 248 28.70 -13.07 -26.80
CA TRP D 248 29.80 -14.04 -26.88
C TRP D 248 29.63 -15.17 -25.84
N ALA D 249 29.32 -14.81 -24.60
CA ALA D 249 29.08 -15.81 -23.56
C ALA D 249 27.96 -16.76 -23.95
N GLN D 250 26.88 -16.17 -24.48
CA GLN D 250 25.72 -16.93 -24.91
C GLN D 250 26.07 -17.92 -26.03
N ALA D 251 26.81 -17.46 -27.01
CA ALA D 251 27.27 -18.32 -28.17
C ALA D 251 28.29 -19.37 -27.75
N PHE D 252 29.14 -19.00 -26.80
CA PHE D 252 30.11 -19.94 -26.27
C PHE D 252 29.40 -21.10 -25.58
N ALA D 253 28.42 -20.78 -24.74
CA ALA D 253 27.70 -21.82 -24.03
C ALA D 253 27.03 -22.80 -24.99
N ARG D 254 26.43 -22.25 -26.03
CA ARG D 254 25.77 -23.06 -27.07
C ARG D 254 26.79 -23.94 -27.82
N ASP D 255 27.88 -23.36 -28.27
CA ASP D 255 28.87 -24.12 -29.09
C ASP D 255 29.53 -25.23 -28.29
N ARG D 256 29.74 -25.01 -27.00
CA ARG D 256 30.41 -25.99 -26.15
C ARG D 256 29.48 -26.81 -25.28
N ALA D 257 28.17 -26.68 -25.48
CA ALA D 257 27.19 -27.45 -24.73
C ALA D 257 27.41 -27.29 -23.22
N VAL D 258 27.61 -26.05 -22.79
CA VAL D 258 27.61 -25.74 -21.35
C VAL D 258 26.54 -24.72 -21.07
N MET D 259 26.65 -24.00 -19.96
CA MET D 259 25.75 -22.87 -19.65
C MET D 259 26.59 -21.61 -19.57
N TRP D 260 25.88 -20.49 -19.45
CA TRP D 260 26.46 -19.22 -19.10
C TRP D 260 25.64 -18.63 -17.97
N THR D 261 26.24 -17.72 -17.22
CA THR D 261 25.57 -17.26 -16.00
C THR D 261 25.86 -15.79 -15.75
N LEU D 262 24.92 -15.14 -15.05
CA LEU D 262 24.97 -13.73 -14.82
C LEU D 262 24.24 -13.39 -13.55
N HIS D 263 24.69 -12.37 -12.84
CA HIS D 263 24.03 -11.92 -11.60
C HIS D 263 22.97 -10.91 -12.00
N MET D 264 21.74 -11.15 -11.60
CA MET D 264 20.60 -10.38 -12.05
C MET D 264 19.80 -9.81 -10.88
N ALA D 265 19.76 -8.48 -10.83
CA ALA D 265 18.80 -7.77 -9.98
C ALA D 265 18.98 -8.16 -8.47
N GLU D 266 20.22 -8.21 -8.06
CA GLU D 266 20.58 -8.46 -6.65
C GLU D 266 20.34 -7.20 -5.74
N SER D 267 20.41 -6.00 -6.33
CA SER D 267 20.22 -4.74 -5.60
C SER D 267 19.30 -3.71 -6.33
N ASP D 268 18.87 -2.69 -5.57
CA ASP D 268 17.91 -1.67 -6.05
C ASP D 268 18.54 -0.64 -6.97
N HIS D 269 19.88 -0.60 -7.00
CA HIS D 269 20.71 0.22 -7.95
C HIS D 269 21.05 -0.53 -9.27
N ASP D 270 20.74 -1.82 -9.35
CA ASP D 270 20.94 -2.62 -10.58
C ASP D 270 19.70 -2.47 -11.42
N GLU D 271 18.57 -2.67 -10.71
CA GLU D 271 17.19 -2.41 -11.14
C GLU D 271 16.96 -1.65 -12.45
N ARG D 272 17.72 -0.58 -12.71
CA ARG D 272 17.51 0.25 -13.90
C ARG D 272 18.79 0.37 -14.76
N ILE D 273 19.05 -0.71 -15.52
CA ILE D 273 19.87 -0.63 -16.75
C ILE D 273 19.01 0.02 -17.84
N HIS D 274 19.22 1.30 -18.03
CA HIS D 274 18.65 1.98 -19.18
C HIS D 274 17.12 1.89 -19.15
N GLY D 275 16.48 2.18 -18.01
CA GLY D 275 15.02 2.46 -17.97
C GLY D 275 14.07 1.25 -18.04
N MET D 276 14.60 0.06 -17.83
CA MET D 276 13.83 -1.16 -17.81
C MET D 276 14.61 -2.14 -16.90
N SER D 277 14.00 -3.27 -16.57
CA SER D 277 14.64 -4.23 -15.71
C SER D 277 15.74 -4.95 -16.50
N PRO D 278 16.64 -5.60 -15.81
CA PRO D 278 17.68 -6.32 -16.50
C PRO D 278 17.11 -7.46 -17.34
N ALA D 279 16.06 -8.08 -16.86
CA ALA D 279 15.42 -9.12 -17.65
C ALA D 279 14.86 -8.55 -18.94
N GLU D 280 14.15 -7.43 -18.85
CA GLU D 280 13.66 -6.75 -20.04
C GLU D 280 14.77 -6.37 -21.03
N TYR D 281 15.86 -5.83 -20.48
CA TYR D 281 17.00 -5.43 -21.27
C TYR D 281 17.54 -6.66 -22.02
N MET D 282 17.72 -7.75 -21.30
CA MET D 282 18.25 -8.93 -21.92
C MET D 282 17.28 -9.44 -23.00
N GLU D 283 15.98 -9.40 -22.71
CA GLU D 283 14.98 -9.81 -23.71
C GLU D 283 15.09 -9.01 -25.01
N CYS D 284 15.25 -7.69 -24.88
CA CYS D 284 15.43 -6.82 -26.05
C CYS D 284 16.53 -7.29 -26.96
N TYR D 285 17.64 -7.73 -26.37
CA TYR D 285 18.79 -8.21 -27.14
C TYR D 285 18.81 -9.73 -27.39
N GLY D 286 17.73 -10.44 -27.10
CA GLY D 286 17.71 -11.92 -27.35
C GLY D 286 18.69 -12.70 -26.42
N LEU D 287 18.96 -12.15 -25.25
CA LEU D 287 19.95 -12.71 -24.34
C LEU D 287 19.35 -13.65 -23.29
N LEU D 288 18.07 -13.94 -23.38
CA LEU D 288 17.46 -14.93 -22.48
C LEU D 288 17.30 -16.21 -23.25
N ASP D 289 17.94 -17.26 -22.80
CA ASP D 289 17.76 -18.55 -23.42
C ASP D 289 17.92 -19.65 -22.36
N GLU D 290 17.75 -20.88 -22.79
CA GLU D 290 17.65 -22.02 -21.90
C GLU D 290 18.98 -22.45 -21.28
N ARG D 291 20.09 -21.90 -21.79
N ARG D 291 20.08 -21.90 -21.78
CA ARG D 291 21.41 -22.19 -21.25
CA ARG D 291 21.40 -22.18 -21.23
C ARG D 291 21.90 -21.10 -20.32
C ARG D 291 21.90 -21.09 -20.31
N LEU D 292 21.07 -20.09 -20.08
CA LEU D 292 21.40 -19.02 -19.13
C LEU D 292 20.93 -19.41 -17.74
N GLN D 293 21.82 -19.30 -16.76
CA GLN D 293 21.44 -19.43 -15.35
C GLN D 293 21.64 -18.08 -14.72
N VAL D 294 20.55 -17.48 -14.23
CA VAL D 294 20.66 -16.20 -13.56
C VAL D 294 20.72 -16.43 -12.05
N ALA D 295 21.48 -15.60 -11.38
CA ALA D 295 21.54 -15.61 -9.94
C ALA D 295 20.84 -14.39 -9.35
N HIS D 296 20.05 -14.65 -8.28
CA HIS D 296 19.46 -13.69 -7.34
C HIS D 296 17.97 -13.39 -7.62
N CYS D 297 17.72 -12.46 -8.51
CA CYS D 297 16.35 -12.16 -8.86
C CYS D 297 15.53 -11.65 -7.67
N VAL D 298 16.16 -10.87 -6.80
CA VAL D 298 15.42 -10.26 -5.70
C VAL D 298 14.51 -9.13 -6.22
N TYR D 299 15.05 -8.24 -7.04
CA TYR D 299 14.32 -7.02 -7.50
C TYR D 299 13.57 -7.30 -8.80
N PHE D 300 12.62 -8.22 -8.70
CA PHE D 300 11.96 -8.87 -9.82
C PHE D 300 10.47 -8.64 -9.69
N ASP D 301 9.80 -8.38 -10.79
CA ASP D 301 8.35 -8.22 -10.75
C ASP D 301 7.71 -9.36 -11.58
N ARG D 302 6.39 -9.33 -11.75
CA ARG D 302 5.68 -10.42 -12.44
C ARG D 302 6.16 -10.57 -13.89
N LYS D 303 6.39 -9.46 -14.56
CA LYS D 303 6.83 -9.49 -15.91
C LYS D 303 8.18 -10.16 -16.05
N ASP D 304 9.11 -9.84 -15.17
CA ASP D 304 10.41 -10.44 -15.20
C ASP D 304 10.34 -11.99 -15.09
N VAL D 305 9.51 -12.45 -14.17
CA VAL D 305 9.30 -13.88 -13.95
C VAL D 305 8.73 -14.49 -15.25
N ARG D 306 7.78 -13.81 -15.86
CA ARG D 306 7.21 -14.29 -17.15
C ARG D 306 8.23 -14.40 -18.24
N LEU D 307 9.11 -13.41 -18.33
CA LEU D 307 10.19 -13.46 -19.34
C LEU D 307 11.15 -14.65 -19.15
N LEU D 308 11.58 -14.87 -17.94
CA LEU D 308 12.49 -15.97 -17.65
C LEU D 308 11.81 -17.32 -17.90
N HIS D 309 10.55 -17.42 -17.50
CA HIS D 309 9.76 -18.60 -17.72
C HIS D 309 9.65 -18.93 -19.22
N ARG D 310 9.31 -17.92 -20.01
CA ARG D 310 9.10 -18.09 -21.43
C ARG D 310 10.34 -18.68 -22.11
N HIS D 311 11.53 -18.27 -21.70
CA HIS D 311 12.77 -18.74 -22.39
C HIS D 311 13.46 -19.86 -21.63
N ASN D 312 12.78 -20.42 -20.65
CA ASN D 312 13.32 -21.49 -19.86
C ASN D 312 14.68 -21.21 -19.23
N VAL D 313 14.81 -20.01 -18.71
CA VAL D 313 15.99 -19.61 -18.02
C VAL D 313 16.10 -20.32 -16.67
N LYS D 314 17.32 -20.72 -16.29
CA LYS D 314 17.57 -21.38 -15.05
C LYS D 314 17.90 -20.34 -14.00
N VAL D 315 17.60 -20.65 -12.75
CA VAL D 315 17.71 -19.70 -11.63
C VAL D 315 18.43 -20.34 -10.46
N ALA D 316 19.33 -19.58 -9.86
CA ALA D 316 19.92 -19.94 -8.55
C ALA D 316 19.47 -18.91 -7.54
N SER D 317 18.80 -19.36 -6.49
CA SER D 317 18.36 -18.47 -5.44
C SER D 317 19.27 -18.56 -4.22
N GLN D 318 19.76 -17.39 -3.80
CA GLN D 318 20.68 -17.26 -2.66
C GLN D 318 19.94 -16.66 -1.45
N VAL D 319 19.02 -17.45 -0.90
CA VAL D 319 18.07 -16.92 0.02
C VAL D 319 18.74 -16.33 1.30
N VAL D 320 19.75 -17.01 1.80
CA VAL D 320 20.45 -16.58 3.02
C VAL D 320 21.20 -15.28 2.80
N SER D 321 21.97 -15.24 1.71
CA SER D 321 22.77 -14.05 1.38
C SER D 321 21.89 -12.82 1.06
N ASN D 322 20.74 -13.04 0.40
CA ASN D 322 19.81 -11.96 0.14
C ASN D 322 19.34 -11.30 1.45
N ALA D 323 19.26 -12.09 2.50
CA ALA D 323 19.00 -11.58 3.82
C ALA D 323 20.24 -10.92 4.43
N TYR D 324 21.35 -11.63 4.42
CA TYR D 324 22.56 -11.16 5.11
C TYR D 324 22.95 -9.75 4.65
N LEU D 325 22.87 -9.53 3.36
CA LEU D 325 23.23 -8.26 2.76
C LEU D 325 22.08 -7.23 2.73
N GLY D 326 20.94 -7.56 3.29
CA GLY D 326 19.82 -6.63 3.33
C GLY D 326 19.20 -6.35 1.98
N SER D 327 19.28 -7.30 1.07
CA SER D 327 18.74 -7.10 -0.32
C SER D 327 17.23 -7.33 -0.33
N GLY D 328 16.78 -8.42 0.30
CA GLY D 328 15.38 -8.72 0.34
C GLY D 328 15.11 -10.21 0.13
N VAL D 329 13.95 -10.47 -0.46
CA VAL D 329 13.40 -11.86 -0.64
C VAL D 329 12.94 -12.07 -2.07
N ALA D 330 13.57 -12.99 -2.80
CA ALA D 330 13.24 -13.25 -4.18
C ALA D 330 11.95 -14.02 -4.28
N PRO D 331 11.28 -13.89 -5.40
CA PRO D 331 9.94 -14.55 -5.57
C PRO D 331 10.06 -16.04 -5.99
N VAL D 332 10.68 -16.83 -5.16
CA VAL D 332 10.88 -18.22 -5.44
C VAL D 332 9.58 -18.99 -5.60
N PRO D 333 8.63 -18.79 -4.70
CA PRO D 333 7.37 -19.58 -4.86
C PRO D 333 6.73 -19.33 -6.24
N GLU D 334 6.78 -18.10 -6.76
CA GLU D 334 6.17 -17.84 -8.01
C GLU D 334 6.90 -18.62 -9.12
N MET D 335 8.22 -18.68 -9.03
CA MET D 335 9.01 -19.37 -10.04
C MET D 335 8.80 -20.88 -10.01
N VAL D 336 8.78 -21.40 -8.81
CA VAL D 336 8.59 -22.83 -8.60
C VAL D 336 7.22 -23.29 -9.08
N GLU D 337 6.19 -22.48 -8.84
N GLU D 337 6.20 -22.49 -8.84
CA GLU D 337 4.84 -22.85 -9.27
CA GLU D 337 4.86 -22.87 -9.25
C GLU D 337 4.69 -22.88 -10.79
C GLU D 337 4.70 -22.88 -10.78
N ARG D 338 5.59 -22.19 -11.47
CA ARG D 338 5.69 -22.22 -12.90
C ARG D 338 6.58 -23.34 -13.41
N GLY D 339 7.06 -24.22 -12.55
CA GLY D 339 7.90 -25.37 -12.95
C GLY D 339 9.32 -24.95 -13.33
N MET D 340 9.70 -23.71 -13.05
CA MET D 340 11.07 -23.27 -13.38
C MET D 340 12.13 -24.02 -12.59
N ALA D 341 13.31 -24.18 -13.19
CA ALA D 341 14.40 -24.85 -12.48
C ALA D 341 15.11 -23.89 -11.55
N VAL D 342 14.79 -23.96 -10.28
CA VAL D 342 15.39 -23.09 -9.28
C VAL D 342 16.21 -23.91 -8.32
N GLY D 343 17.50 -23.68 -8.35
CA GLY D 343 18.37 -24.26 -7.37
C GLY D 343 18.66 -23.31 -6.20
N ILE D 344 19.34 -23.84 -5.20
CA ILE D 344 19.72 -23.10 -4.00
C ILE D 344 21.22 -22.93 -3.99
N GLY D 345 21.67 -21.68 -3.83
CA GLY D 345 23.06 -21.38 -3.67
C GLY D 345 23.30 -20.81 -2.30
N THR D 346 24.45 -21.13 -1.74
CA THR D 346 24.86 -20.53 -0.45
C THR D 346 25.49 -19.15 -0.64
N ASP D 347 25.87 -18.85 -1.87
CA ASP D 347 26.45 -17.58 -2.26
C ASP D 347 27.89 -17.46 -1.68
N ASN D 348 28.34 -16.26 -1.34
CA ASN D 348 29.72 -16.09 -0.85
C ASN D 348 29.97 -16.78 0.44
N GLY D 349 31.19 -17.26 0.61
CA GLY D 349 31.67 -17.77 1.92
C GLY D 349 31.57 -16.70 2.99
N ASN D 350 31.48 -15.45 2.57
CA ASN D 350 31.38 -14.29 3.48
C ASN D 350 30.17 -13.40 3.23
N SER D 351 29.08 -13.99 2.74
CA SER D 351 27.77 -13.30 2.85
C SER D 351 26.70 -14.33 3.24
N ASN D 352 27.02 -15.14 4.23
CA ASN D 352 26.11 -16.23 4.62
C ASN D 352 26.03 -16.43 6.12
N ASP D 353 27.08 -16.86 6.83
CA ASP D 353 28.46 -16.98 6.40
C ASP D 353 28.88 -18.45 6.51
N SER D 354 27.94 -19.36 6.29
CA SER D 354 28.28 -20.77 6.31
C SER D 354 28.18 -21.35 4.90
N VAL D 355 28.61 -22.59 4.78
CA VAL D 355 28.50 -23.39 3.58
C VAL D 355 27.78 -24.68 3.98
N ASN D 356 26.48 -24.56 4.24
CA ASN D 356 25.69 -25.56 4.89
C ASN D 356 24.34 -25.66 4.21
N MET D 357 24.18 -26.66 3.36
CA MET D 357 22.98 -26.74 2.54
C MET D 357 21.72 -26.97 3.37
N ILE D 358 21.83 -27.81 4.37
CA ILE D 358 20.72 -28.09 5.25
C ILE D 358 20.25 -26.82 5.96
N GLY D 359 21.20 -26.03 6.51
CA GLY D 359 20.85 -24.74 7.09
C GLY D 359 20.17 -23.84 6.10
N ASP D 360 20.69 -23.79 4.87
CA ASP D 360 20.05 -22.88 3.88
C ASP D 360 18.65 -23.34 3.47
N MET D 361 18.42 -24.66 3.51
CA MET D 361 17.13 -25.25 3.17
C MET D 361 16.08 -24.85 4.16
N LYS D 362 16.48 -24.87 5.41
CA LYS D 362 15.57 -24.48 6.46
C LYS D 362 15.20 -23.02 6.32
N PHE D 363 16.21 -22.19 6.06
CA PHE D 363 15.99 -20.80 5.78
C PHE D 363 15.06 -20.56 4.56
N MET D 364 15.30 -21.28 3.47
CA MET D 364 14.39 -21.19 2.31
C MET D 364 12.94 -21.52 2.73
N ALA D 365 12.78 -22.52 3.56
CA ALA D 365 11.46 -22.93 3.97
C ALA D 365 10.77 -21.88 4.82
N HIS D 366 11.52 -21.29 5.75
CA HIS D 366 10.94 -20.36 6.69
C HIS D 366 10.75 -18.93 6.18
N ILE D 367 11.71 -18.37 5.48
CA ILE D 367 11.57 -16.99 5.07
C ILE D 367 10.29 -16.84 4.22
N HIS D 368 10.04 -17.77 3.33
CA HIS D 368 8.92 -17.65 2.43
C HIS D 368 7.64 -17.89 3.14
N ARG D 369 7.63 -18.78 4.14
CA ARG D 369 6.46 -18.96 4.97
C ARG D 369 6.12 -17.69 5.76
N ALA D 370 7.14 -17.05 6.29
CA ALA D 370 6.91 -15.87 7.08
C ALA D 370 6.37 -14.67 6.25
N VAL D 371 7.00 -14.46 5.11
CA VAL D 371 6.68 -13.31 4.26
C VAL D 371 5.31 -13.49 3.60
N HIS D 372 4.95 -14.71 3.22
CA HIS D 372 3.64 -14.95 2.66
C HIS D 372 2.59 -15.26 3.70
N ARG D 373 3.00 -15.41 4.95
CA ARG D 373 2.07 -15.81 6.02
C ARG D 373 1.33 -17.08 5.61
N ASP D 374 2.09 -18.06 5.17
CA ASP D 374 1.54 -19.28 4.60
C ASP D 374 2.48 -20.42 4.92
N ALA D 375 2.08 -21.19 5.90
CA ALA D 375 2.84 -22.35 6.39
C ALA D 375 3.04 -23.46 5.37
N ASP D 376 2.29 -23.44 4.27
CA ASP D 376 2.42 -24.43 3.22
C ASP D 376 2.91 -23.85 1.88
N VAL D 377 3.62 -22.72 1.90
CA VAL D 377 4.03 -22.10 0.67
C VAL D 377 5.02 -22.93 -0.15
N LEU D 378 5.90 -23.67 0.53
CA LEU D 378 6.86 -24.58 -0.09
C LEU D 378 6.96 -25.80 0.80
N THR D 379 6.70 -26.98 0.24
CA THR D 379 6.81 -28.18 1.02
C THR D 379 8.30 -28.51 1.28
N PRO D 380 8.58 -29.27 2.32
CA PRO D 380 9.97 -29.65 2.52
C PRO D 380 10.48 -30.53 1.38
N GLU D 381 9.58 -31.25 0.73
CA GLU D 381 9.96 -32.04 -0.42
C GLU D 381 10.50 -31.17 -1.52
N LYS D 382 9.78 -30.10 -1.78
CA LYS D 382 10.14 -29.19 -2.80
C LYS D 382 11.47 -28.53 -2.48
N ILE D 383 11.70 -28.25 -1.21
CA ILE D 383 12.97 -27.63 -0.80
C ILE D 383 14.13 -28.63 -1.05
N LEU D 384 13.88 -29.88 -0.72
CA LEU D 384 14.86 -30.92 -0.99
C LEU D 384 15.14 -31.14 -2.48
N GLU D 385 14.09 -31.00 -3.29
CA GLU D 385 14.25 -31.04 -4.75
C GLU D 385 15.12 -29.90 -5.24
N MET D 386 14.94 -28.71 -4.66
CA MET D 386 15.74 -27.56 -5.06
C MET D 386 17.20 -27.81 -4.77
N ALA D 387 17.47 -28.49 -3.69
CA ALA D 387 18.85 -28.81 -3.35
C ALA D 387 19.49 -29.95 -4.12
N THR D 388 18.68 -30.72 -4.86
CA THR D 388 19.13 -31.87 -5.56
C THR D 388 18.74 -31.83 -7.02
N ILE D 389 17.66 -32.50 -7.39
CA ILE D 389 17.36 -32.70 -8.78
C ILE D 389 17.06 -31.38 -9.49
N ASP D 390 16.33 -30.48 -8.88
CA ASP D 390 16.10 -29.17 -9.52
C ASP D 390 17.34 -28.31 -9.59
N GLY D 391 18.22 -28.44 -8.61
CA GLY D 391 19.52 -27.80 -8.69
C GLY D 391 20.32 -28.29 -9.86
N ALA D 392 20.31 -29.60 -10.08
CA ALA D 392 21.00 -30.18 -11.23
C ALA D 392 20.43 -29.59 -12.48
N ARG D 393 19.12 -29.45 -12.53
CA ARG D 393 18.45 -28.87 -13.70
C ARG D 393 18.90 -27.44 -13.89
N SER D 394 19.06 -26.68 -12.79
CA SER D 394 19.49 -25.27 -12.89
C SER D 394 20.89 -25.14 -13.43
N LEU D 395 21.69 -26.19 -13.33
CA LEU D 395 23.02 -26.21 -13.90
C LEU D 395 23.09 -26.90 -15.27
N GLY D 396 21.95 -27.34 -15.81
CA GLY D 396 21.99 -28.05 -17.09
C GLY D 396 22.60 -29.45 -16.97
N MET D 397 22.66 -29.98 -15.74
CA MET D 397 23.37 -31.24 -15.49
C MET D 397 22.49 -32.37 -14.99
N ASP D 398 21.20 -32.23 -15.16
CA ASP D 398 20.24 -33.18 -14.60
C ASP D 398 20.26 -34.54 -15.28
N HIS D 399 20.85 -34.66 -16.47
CA HIS D 399 20.98 -35.99 -17.11
C HIS D 399 22.11 -36.77 -16.44
N GLU D 400 23.01 -36.08 -15.75
CA GLU D 400 24.17 -36.71 -15.12
C GLU D 400 24.06 -36.84 -13.59
N ILE D 401 23.44 -35.86 -12.91
CA ILE D 401 23.43 -35.83 -11.46
C ILE D 401 22.09 -35.44 -10.90
N GLY D 402 21.98 -35.49 -9.59
CA GLY D 402 20.82 -34.95 -8.90
C GLY D 402 19.75 -35.94 -8.46
N SER D 403 19.89 -37.19 -8.89
CA SER D 403 19.00 -38.25 -8.43
C SER D 403 19.68 -39.60 -8.41
N ILE D 404 19.11 -40.53 -7.66
CA ILE D 404 19.64 -41.86 -7.59
C ILE D 404 18.94 -42.72 -8.63
N GLU D 405 19.52 -42.75 -9.83
CA GLU D 405 18.98 -43.43 -10.97
C GLU D 405 20.11 -44.10 -11.73
N THR D 406 19.80 -45.20 -12.39
CA THR D 406 20.79 -45.98 -13.15
C THR D 406 21.32 -45.17 -14.29
N GLY D 407 22.63 -45.24 -14.50
CA GLY D 407 23.26 -44.45 -15.56
C GLY D 407 23.80 -43.12 -15.07
N LYS D 408 23.26 -42.55 -14.00
CA LYS D 408 23.79 -41.26 -13.50
C LYS D 408 25.10 -41.41 -12.73
N ARG D 409 25.78 -40.29 -12.51
CA ARG D 409 26.97 -40.29 -11.69
C ARG D 409 26.70 -40.65 -10.25
N ALA D 410 27.67 -41.32 -9.64
CA ALA D 410 27.53 -41.72 -8.23
C ALA D 410 27.97 -40.62 -7.27
N ASP D 411 27.13 -39.58 -7.20
CA ASP D 411 27.28 -38.51 -6.22
C ASP D 411 26.18 -38.74 -5.19
N LEU D 412 26.58 -39.25 -4.03
CA LEU D 412 25.68 -39.81 -3.08
C LEU D 412 26.14 -39.50 -1.68
N ILE D 413 25.16 -39.26 -0.79
CA ILE D 413 25.47 -38.95 0.58
C ILE D 413 24.65 -39.83 1.50
N LEU D 414 25.26 -40.17 2.64
CA LEU D 414 24.63 -40.99 3.66
C LEU D 414 24.45 -40.17 4.93
N LEU D 415 23.20 -40.02 5.37
CA LEU D 415 22.84 -39.25 6.54
C LEU D 415 22.38 -40.16 7.61
N ASP D 416 22.80 -39.87 8.82
CA ASP D 416 22.36 -40.64 9.99
C ASP D 416 21.42 -39.75 10.74
N LEU D 417 20.18 -40.20 10.90
CA LEU D 417 19.19 -39.44 11.61
C LEU D 417 19.02 -39.86 13.07
N ARG D 418 19.88 -40.74 13.53
CA ARG D 418 19.87 -41.20 14.90
C ARG D 418 20.65 -40.26 15.81
N HIS D 419 20.13 -39.02 15.96
CA HIS D 419 20.64 -37.99 16.85
C HIS D 419 19.44 -37.33 17.49
N PRO D 420 19.63 -36.66 18.62
CA PRO D 420 18.51 -36.08 19.34
C PRO D 420 17.67 -35.12 18.47
N GLN D 421 18.33 -34.29 17.71
CA GLN D 421 17.61 -33.26 16.95
C GLN D 421 16.71 -33.84 15.82
N THR D 422 17.16 -34.95 15.22
CA THR D 422 16.40 -35.60 14.17
C THR D 422 15.58 -36.77 14.65
N THR D 423 15.28 -36.80 15.94
CA THR D 423 14.38 -37.80 16.53
C THR D 423 13.16 -37.10 17.14
N PRO D 424 11.97 -37.60 16.91
CA PRO D 424 11.67 -38.64 15.94
C PRO D 424 11.78 -38.21 14.51
N HIS D 425 11.73 -39.18 13.61
CA HIS D 425 11.74 -38.94 12.17
C HIS D 425 10.81 -39.93 11.47
N HIS D 426 9.85 -39.43 10.71
CA HIS D 426 8.94 -40.33 10.00
C HIS D 426 9.00 -39.88 8.53
N HIS D 427 8.69 -38.61 8.27
CA HIS D 427 8.74 -38.01 6.95
C HIS D 427 10.14 -37.47 6.77
N LEU D 428 10.85 -38.01 5.81
CA LEU D 428 12.29 -37.75 5.74
C LEU D 428 12.61 -36.33 5.28
N ALA D 429 11.83 -35.80 4.34
CA ALA D 429 12.11 -34.45 3.89
C ALA D 429 11.85 -33.42 5.01
N ALA D 430 10.78 -33.60 5.74
CA ALA D 430 10.48 -32.72 6.84
C ALA D 430 11.55 -32.78 7.89
N THR D 431 12.02 -33.98 8.18
CA THR D 431 13.01 -34.14 9.19
C THR D 431 14.27 -33.44 8.78
N ILE D 432 14.68 -33.65 7.55
CA ILE D 432 15.92 -33.04 7.09
C ILE D 432 15.83 -31.49 7.03
N VAL D 433 14.75 -30.98 6.48
CA VAL D 433 14.60 -29.54 6.34
C VAL D 433 14.37 -28.81 7.67
N PHE D 434 13.52 -29.37 8.55
CA PHE D 434 13.11 -28.67 9.74
C PHE D 434 13.88 -29.00 11.03
N GLN D 435 14.65 -30.09 11.04
CA GLN D 435 15.30 -30.56 12.27
C GLN D 435 16.80 -30.69 12.16
N ALA D 436 17.31 -31.16 11.02
CA ALA D 436 18.76 -31.42 10.91
C ALA D 436 19.55 -30.11 11.01
N TYR D 437 20.73 -30.19 11.61
CA TYR D 437 21.58 -29.05 11.78
C TYR D 437 22.60 -28.91 10.66
N GLY D 438 22.97 -30.02 10.05
CA GLY D 438 24.00 -29.95 9.00
C GLY D 438 25.23 -30.80 9.28
N ASN D 439 25.24 -31.49 10.41
CA ASN D 439 26.33 -32.33 10.81
C ASN D 439 25.97 -33.82 10.74
N GLU D 440 24.79 -34.15 10.20
CA GLU D 440 24.30 -35.50 10.22
C GLU D 440 24.77 -36.29 9.01
N VAL D 441 25.45 -35.64 8.07
CA VAL D 441 26.06 -36.37 6.96
C VAL D 441 27.31 -37.13 7.42
N ASP D 442 27.29 -38.46 7.20
CA ASP D 442 28.39 -39.35 7.60
C ASP D 442 29.38 -39.59 6.48
N THR D 443 28.86 -39.94 5.33
CA THR D 443 29.67 -40.49 4.27
C THR D 443 29.24 -39.86 2.93
N VAL D 444 30.23 -39.48 2.13
CA VAL D 444 30.01 -38.77 0.91
C VAL D 444 30.80 -39.44 -0.23
N LEU D 445 30.10 -39.75 -1.30
CA LEU D 445 30.67 -40.19 -2.55
C LEU D 445 30.51 -39.15 -3.61
N ILE D 446 31.57 -38.92 -4.37
CA ILE D 446 31.49 -38.05 -5.52
C ILE D 446 32.16 -38.76 -6.67
N ASP D 447 31.44 -38.86 -7.79
CA ASP D 447 31.89 -39.61 -8.96
C ASP D 447 32.34 -41.03 -8.55
N GLY D 448 31.62 -41.64 -7.61
CA GLY D 448 31.99 -42.93 -7.11
C GLY D 448 33.20 -43.05 -6.18
N ASN D 449 33.87 -41.95 -5.86
CA ASN D 449 35.00 -42.01 -4.93
C ASN D 449 34.56 -41.56 -3.56
N VAL D 450 35.05 -42.23 -2.55
CA VAL D 450 34.73 -41.90 -1.19
C VAL D 450 35.54 -40.67 -0.83
N VAL D 451 34.86 -39.54 -0.66
CA VAL D 451 35.51 -38.30 -0.24
C VAL D 451 35.42 -38.06 1.26
N MET D 452 34.41 -38.64 1.87
CA MET D 452 34.26 -38.60 3.33
C MET D 452 33.63 -39.90 3.78
N GLU D 453 34.11 -40.42 4.89
CA GLU D 453 33.59 -41.64 5.49
C GLU D 453 33.60 -41.54 6.99
N ASN D 454 32.43 -41.71 7.60
CA ASN D 454 32.23 -41.47 9.05
C ASN D 454 32.86 -40.18 9.51
N ARG D 455 32.63 -39.18 8.70
CA ARG D 455 33.02 -37.78 8.95
C ARG D 455 34.49 -37.52 8.79
N ARG D 456 35.21 -38.57 8.41
CA ARG D 456 36.60 -38.42 8.14
C ARG D 456 36.84 -37.99 6.68
N LEU D 457 37.48 -36.85 6.48
CA LEU D 457 37.68 -36.31 5.14
C LEU D 457 38.94 -36.86 4.51
N SER D 458 38.85 -37.32 3.26
CA SER D 458 39.97 -37.97 2.57
C SER D 458 41.05 -36.95 2.22
N PHE D 459 40.67 -35.69 2.01
CA PHE D 459 41.62 -34.66 1.68
C PHE D 459 41.99 -33.75 2.89
N LEU D 460 41.48 -34.08 4.07
CA LEU D 460 41.86 -33.37 5.30
C LEU D 460 41.70 -34.33 6.50
N PRO D 461 42.67 -35.24 6.66
CA PRO D 461 42.58 -36.25 7.68
C PRO D 461 42.57 -35.64 9.08
N PRO D 462 42.00 -36.36 10.05
CA PRO D 462 41.76 -35.78 11.39
C PRO D 462 43.01 -35.32 12.09
N GLU D 463 44.11 -35.98 11.82
CA GLU D 463 45.37 -35.58 12.48
C GLU D 463 45.95 -34.28 11.89
N ARG D 464 45.46 -33.84 10.73
CA ARG D 464 45.91 -32.57 10.16
C ARG D 464 44.92 -31.44 10.31
N GLU D 465 43.73 -31.75 10.76
CA GLU D 465 42.60 -30.83 10.64
C GLU D 465 42.83 -29.58 11.48
N LEU D 466 43.21 -29.75 12.74
CA LEU D 466 43.37 -28.64 13.62
C LEU D 466 44.48 -27.70 13.14
N ALA D 467 45.63 -28.24 12.74
CA ALA D 467 46.74 -27.39 12.23
C ALA D 467 46.37 -26.66 10.96
N PHE D 468 45.62 -27.32 10.08
CA PHE D 468 45.13 -26.66 8.88
C PHE D 468 44.18 -25.48 9.23
N LEU D 469 43.29 -25.68 10.18
CA LEU D 469 42.39 -24.58 10.62
C LEU D 469 43.15 -23.38 11.21
N GLU D 470 44.22 -23.65 11.95
CA GLU D 470 45.11 -22.61 12.46
C GLU D 470 45.84 -21.88 11.35
N GLU D 471 46.28 -22.59 10.32
CA GLU D 471 46.87 -21.91 9.21
C GLU D 471 45.83 -21.04 8.49
N ALA D 472 44.62 -21.54 8.32
CA ALA D 472 43.62 -20.71 7.66
C ALA D 472 43.32 -19.45 8.47
N GLN D 473 43.23 -19.63 9.79
CA GLN D 473 43.05 -18.50 10.71
C GLN D 473 44.18 -17.45 10.57
N SER D 474 45.44 -17.90 10.59
CA SER D 474 46.58 -16.99 10.39
C SER D 474 46.60 -16.31 9.07
N ARG D 475 46.40 -17.09 8.03
CA ARG D 475 46.36 -16.48 6.71
C ARG D 475 45.27 -15.42 6.56
N ALA D 476 44.09 -15.71 7.11
CA ALA D 476 43.00 -14.73 7.12
C ALA D 476 43.39 -13.46 7.84
N THR D 477 43.96 -13.59 9.03
CA THR D 477 44.40 -12.44 9.78
C THR D 477 45.39 -11.62 8.94
N ALA D 478 46.30 -12.30 8.26
CA ALA D 478 47.32 -11.61 7.49
C ALA D 478 46.74 -10.95 6.26
N ILE D 479 45.80 -11.61 5.63
CA ILE D 479 45.13 -11.00 4.48
C ILE D 479 44.47 -9.65 4.87
N LEU D 480 43.76 -9.68 5.99
CA LEU D 480 43.07 -8.51 6.44
C LEU D 480 44.06 -7.39 6.80
N GLN D 481 45.21 -7.72 7.38
CA GLN D 481 46.26 -6.72 7.66
C GLN D 481 46.79 -6.11 6.36
N ARG D 482 47.13 -6.92 5.37
CA ARG D 482 47.62 -6.41 4.07
C ARG D 482 46.57 -5.54 3.38
N ALA D 483 45.30 -5.87 3.51
CA ALA D 483 44.22 -5.05 2.93
C ALA D 483 43.78 -3.85 3.80
N ASN D 484 44.35 -3.71 5.00
CA ASN D 484 43.98 -2.66 5.97
C ASN D 484 42.51 -2.71 6.41
N MET D 485 41.97 -3.91 6.55
CA MET D 485 40.56 -4.10 6.89
C MET D 485 40.47 -4.44 8.38
N VAL D 486 39.44 -3.93 9.03
CA VAL D 486 39.16 -4.18 10.44
C VAL D 486 38.54 -5.57 10.62
N ALA D 487 39.19 -6.40 11.41
CA ALA D 487 38.79 -7.80 11.55
C ALA D 487 37.73 -8.00 12.61
N ASN D 488 37.83 -7.19 13.67
CA ASN D 488 37.09 -7.38 14.88
C ASN D 488 36.61 -6.04 15.42
N PRO D 489 35.57 -5.50 14.82
CA PRO D 489 35.09 -4.21 15.30
C PRO D 489 34.57 -4.28 16.76
N ALA D 490 34.73 -3.15 17.42
CA ALA D 490 34.36 -2.97 18.81
C ALA D 490 32.89 -3.34 19.04
N TRP D 491 32.63 -3.96 20.18
CA TRP D 491 31.32 -4.40 20.58
C TRP D 491 30.28 -3.31 20.36
N ARG D 492 29.24 -3.63 19.63
CA ARG D 492 28.19 -2.65 19.39
C ARG D 492 26.81 -3.31 19.45
N SER D 493 26.00 -2.82 20.37
CA SER D 493 24.64 -3.35 20.60
C SER D 493 23.57 -2.73 19.70
N LEU D 494 23.81 -1.53 19.17
CA LEU D 494 22.77 -0.83 18.42
C LEU D 494 23.28 -0.12 17.15
N MET E 21 -37.75 52.70 13.24
CA MET E 21 -36.66 51.87 12.65
C MET E 21 -35.22 52.16 13.15
N GLN E 22 -34.61 51.15 13.73
CA GLN E 22 -33.29 51.26 14.31
C GLN E 22 -32.20 51.18 13.23
N THR E 23 -31.22 52.10 13.25
CA THR E 23 -30.13 52.06 12.26
C THR E 23 -28.70 52.16 12.81
N LEU E 24 -27.76 51.59 12.07
CA LEU E 24 -26.33 51.54 12.44
C LEU E 24 -25.49 51.66 11.18
N SER E 25 -24.45 52.44 11.25
CA SER E 25 -23.50 52.63 10.18
C SER E 25 -22.10 52.23 10.64
N ILE E 26 -21.46 51.37 9.85
CA ILE E 26 -20.07 51.06 10.07
C ILE E 26 -19.25 51.70 9.03
N GLN E 27 -18.25 52.48 9.44
CA GLN E 27 -17.57 53.35 8.55
C GLN E 27 -16.06 53.21 8.54
N HIS E 28 -15.50 53.50 7.38
CA HIS E 28 -14.09 53.60 7.14
C HIS E 28 -13.33 52.25 7.37
N GLY E 29 -13.99 51.11 7.22
CA GLY E 29 -13.30 49.84 7.27
C GLY E 29 -12.87 49.30 5.93
N THR E 30 -12.07 48.24 5.94
CA THR E 30 -11.88 47.45 4.76
C THR E 30 -12.87 46.31 4.83
N LEU E 31 -13.78 46.24 3.86
CA LEU E 31 -14.85 45.24 3.85
C LEU E 31 -14.46 43.98 3.02
N VAL E 32 -14.28 42.85 3.72
CA VAL E 32 -14.04 41.57 3.08
C VAL E 32 -15.40 40.97 2.96
N THR E 33 -16.04 41.21 1.83
CA THR E 33 -17.47 40.96 1.67
C THR E 33 -17.88 39.48 1.65
N MET E 34 -17.03 38.63 1.10
CA MET E 34 -17.43 37.29 0.71
C MET E 34 -18.65 37.27 -0.18
N ASP E 35 -18.86 38.35 -0.94
CA ASP E 35 -19.97 38.41 -1.88
C ASP E 35 -19.67 37.65 -3.16
N GLN E 36 -20.61 37.71 -4.10
CA GLN E 36 -20.57 36.89 -5.32
C GLN E 36 -19.31 37.20 -6.12
N TYR E 37 -18.77 38.42 -6.08
CA TYR E 37 -17.51 38.73 -6.77
C TYR E 37 -16.31 38.75 -5.78
N ARG E 38 -16.52 38.33 -4.52
CA ARG E 38 -15.47 38.31 -3.46
C ARG E 38 -14.79 39.65 -3.31
N ARG E 39 -15.59 40.71 -3.36
CA ARG E 39 -15.03 42.05 -3.34
C ARG E 39 -14.38 42.34 -2.00
N VAL E 40 -13.26 43.00 -2.09
CA VAL E 40 -12.58 43.54 -0.91
C VAL E 40 -12.55 45.03 -1.10
N LEU E 41 -13.31 45.77 -0.27
CA LEU E 41 -13.49 47.22 -0.46
C LEU E 41 -12.81 48.05 0.61
N GLY E 42 -11.76 48.76 0.21
CA GLY E 42 -11.03 49.67 1.07
C GLY E 42 -11.83 50.86 1.40
N ASP E 43 -11.64 51.35 2.63
CA ASP E 43 -12.26 52.59 3.15
C ASP E 43 -13.72 52.72 2.71
N SER E 44 -14.53 51.81 3.24
CA SER E 44 -15.87 51.61 2.80
C SER E 44 -16.79 51.45 3.99
N TRP E 45 -18.08 51.47 3.72
CA TRP E 45 -19.09 51.52 4.79
C TRP E 45 -20.22 50.57 4.55
N VAL E 46 -20.96 50.30 5.62
CA VAL E 46 -22.10 49.43 5.61
C VAL E 46 -23.20 50.09 6.44
N HIS E 47 -24.40 50.13 5.87
CA HIS E 47 -25.58 50.64 6.53
C HIS E 47 -26.57 49.52 6.93
N VAL E 48 -26.97 49.51 8.19
CA VAL E 48 -27.78 48.48 8.76
C VAL E 48 -29.10 49.13 9.22
N GLN E 49 -30.22 48.51 8.90
CA GLN E 49 -31.53 48.94 9.28
C GLN E 49 -32.33 47.74 9.73
N ASP E 50 -32.76 47.74 11.00
CA ASP E 50 -33.55 46.66 11.63
C ASP E 50 -32.95 45.29 11.44
N GLY E 51 -31.66 45.17 11.76
CA GLY E 51 -30.98 43.87 11.67
C GLY E 51 -30.46 43.47 10.30
N ARG E 52 -30.69 44.28 9.24
CA ARG E 52 -30.38 43.89 7.90
C ARG E 52 -29.43 44.85 7.21
N ILE E 53 -28.52 44.30 6.42
CA ILE E 53 -27.64 45.10 5.64
C ILE E 53 -28.49 45.69 4.52
N VAL E 54 -28.66 47.01 4.53
CA VAL E 54 -29.50 47.70 3.54
C VAL E 54 -28.69 48.26 2.40
N ALA E 55 -27.47 48.71 2.68
CA ALA E 55 -26.57 49.31 1.67
C ALA E 55 -25.12 49.24 2.08
N LEU E 56 -24.24 49.25 1.07
CA LEU E 56 -22.82 49.37 1.21
C LEU E 56 -22.28 50.37 0.24
N GLY E 57 -21.09 50.89 0.49
CA GLY E 57 -20.44 51.80 -0.46
C GLY E 57 -19.01 52.12 -0.11
N VAL E 58 -18.35 52.75 -1.05
CA VAL E 58 -17.00 53.27 -0.93
C VAL E 58 -17.01 54.75 -0.62
N HIS E 59 -16.29 55.13 0.43
CA HIS E 59 -16.37 56.52 0.96
C HIS E 59 -16.00 57.58 -0.06
N ALA E 60 -15.00 57.31 -0.91
CA ALA E 60 -14.59 58.24 -1.97
C ALA E 60 -15.66 58.46 -3.07
N GLU E 61 -16.61 57.56 -3.20
CA GLU E 61 -17.63 57.66 -4.22
C GLU E 61 -19.02 57.93 -3.70
N SER E 62 -19.24 57.75 -2.41
CA SER E 62 -20.61 57.84 -1.87
C SER E 62 -20.61 58.23 -0.38
N VAL E 63 -21.70 58.85 0.03
CA VAL E 63 -21.87 59.32 1.38
C VAL E 63 -22.76 58.31 2.04
N PRO E 64 -22.32 57.78 3.18
CA PRO E 64 -23.22 56.92 3.91
C PRO E 64 -24.50 57.58 4.42
N PRO E 65 -25.59 56.86 4.45
CA PRO E 65 -26.85 57.39 4.95
C PRO E 65 -26.76 57.75 6.47
N PRO E 66 -27.56 58.71 6.95
CA PRO E 66 -27.63 58.98 8.36
C PRO E 66 -28.08 57.77 9.14
N ALA E 67 -27.53 57.63 10.33
CA ALA E 67 -27.85 56.50 11.17
C ALA E 67 -27.95 56.86 12.66
N ASP E 68 -28.64 56.05 13.47
CA ASP E 68 -28.72 56.26 14.94
C ASP E 68 -27.37 56.16 15.61
N ARG E 69 -26.49 55.36 15.06
CA ARG E 69 -25.10 55.32 15.56
C ARG E 69 -24.08 54.89 14.53
N VAL E 70 -22.88 55.43 14.65
CA VAL E 70 -21.78 55.19 13.77
C VAL E 70 -20.75 54.43 14.57
N ILE E 71 -20.33 53.29 14.04
CA ILE E 71 -19.16 52.62 14.53
C ILE E 71 -17.98 52.89 13.62
N ASP E 72 -16.92 53.43 14.17
CA ASP E 72 -15.73 53.77 13.42
C ASP E 72 -14.79 52.55 13.30
N ALA E 73 -14.67 52.04 12.10
CA ALA E 73 -13.80 50.90 11.81
C ALA E 73 -12.51 51.28 11.14
N ARG E 74 -12.12 52.53 11.27
CA ARG E 74 -10.91 52.98 10.65
C ARG E 74 -9.78 52.11 11.11
N GLY E 75 -8.95 51.70 10.18
CA GLY E 75 -7.82 50.83 10.47
C GLY E 75 -8.20 49.38 10.78
N LYS E 76 -9.48 48.98 10.51
CA LYS E 76 -9.96 47.65 10.81
C LYS E 76 -10.58 46.94 9.65
N VAL E 77 -10.68 45.62 9.78
CA VAL E 77 -11.17 44.76 8.73
C VAL E 77 -12.55 44.27 9.13
N VAL E 78 -13.51 44.42 8.23
CA VAL E 78 -14.87 44.01 8.47
C VAL E 78 -15.13 42.72 7.65
N LEU E 79 -15.59 41.66 8.35
CA LEU E 79 -15.95 40.36 7.76
C LEU E 79 -17.38 39.99 8.14
N PRO E 80 -17.97 39.08 7.40
CA PRO E 80 -19.16 38.43 7.91
C PRO E 80 -18.79 37.64 9.13
N GLY E 81 -19.71 37.47 10.05
CA GLY E 81 -19.43 36.68 11.23
C GLY E 81 -19.13 35.24 10.91
N PHE E 82 -18.28 34.63 11.73
CA PHE E 82 -17.94 33.26 11.50
C PHE E 82 -19.07 32.35 11.89
N ILE E 83 -19.20 31.24 11.18
CA ILE E 83 -20.28 30.30 11.37
C ILE E 83 -19.76 28.97 11.84
N ASN E 84 -20.13 28.57 13.07
CA ASN E 84 -19.67 27.34 13.64
C ASN E 84 -20.66 26.24 13.22
N ALA E 85 -20.27 25.52 12.15
CA ALA E 85 -21.21 24.64 11.43
C ALA E 85 -21.68 23.42 12.17
N HIS E 86 -20.98 23.08 13.24
CA HIS E 86 -21.31 21.91 14.06
C HIS E 86 -20.51 21.89 15.35
N THR E 87 -21.21 21.95 16.50
CA THR E 87 -20.58 22.03 17.77
C THR E 87 -21.48 21.41 18.85
N HIS E 88 -20.90 21.12 20.02
CA HIS E 88 -21.66 20.63 21.15
C HIS E 88 -21.21 21.50 22.31
N VAL E 89 -22.14 22.27 22.84
CA VAL E 89 -21.83 23.33 23.73
C VAL E 89 -21.57 22.97 25.20
N ASN E 90 -22.48 22.21 25.80
CA ASN E 90 -22.50 22.10 27.27
C ASN E 90 -21.25 21.35 27.83
N GLN E 91 -20.73 20.43 27.04
CA GLN E 91 -19.52 19.68 27.29
C GLN E 91 -18.34 20.56 27.58
N ILE E 92 -18.42 21.84 27.33
CA ILE E 92 -17.28 22.72 27.54
C ILE E 92 -16.81 22.67 29.01
N LEU E 93 -17.72 22.34 29.94
CA LEU E 93 -17.33 22.25 31.33
C LEU E 93 -16.51 21.02 31.66
N LEU E 94 -16.29 20.15 30.67
CA LEU E 94 -15.51 18.92 30.87
C LEU E 94 -14.10 19.00 30.31
N ARG E 95 -13.71 20.15 29.81
CA ARG E 95 -12.34 20.29 29.34
C ARG E 95 -11.39 20.62 30.48
N GLY E 96 -10.12 20.66 30.18
CA GLY E 96 -9.11 21.10 31.11
C GLY E 96 -8.44 20.00 31.87
N GLY E 97 -8.46 18.79 31.32
CA GLY E 97 -7.87 17.64 32.00
C GLY E 97 -8.54 16.30 31.81
N PRO E 98 -9.86 16.24 31.93
CA PRO E 98 -10.59 14.99 31.94
C PRO E 98 -10.80 14.38 30.58
N SER E 99 -10.58 15.11 29.50
CA SER E 99 -11.18 14.74 28.19
C SER E 99 -10.23 14.16 27.13
N HIS E 100 -8.95 14.43 27.25
CA HIS E 100 -7.98 14.14 26.18
C HIS E 100 -7.41 12.72 26.22
N GLY E 101 -6.73 12.32 25.14
CA GLY E 101 -5.96 11.08 25.14
C GLY E 101 -6.84 9.83 24.91
N ARG E 102 -8.09 10.01 24.51
CA ARG E 102 -9.02 8.87 24.36
C ARG E 102 -9.63 8.82 22.95
N GLN E 103 -9.65 7.65 22.35
CA GLN E 103 -10.45 7.41 21.15
C GLN E 103 -11.93 7.74 21.39
N PHE E 104 -12.64 7.98 20.31
CA PHE E 104 -14.02 8.46 20.34
C PHE E 104 -14.93 7.75 21.35
N TYR E 105 -15.03 6.43 21.28
CA TYR E 105 -15.92 5.72 22.17
C TYR E 105 -15.49 5.71 23.62
N ASP E 106 -14.19 5.70 23.84
CA ASP E 106 -13.62 5.83 25.20
C ASP E 106 -14.05 7.18 25.79
N TRP E 107 -13.82 8.24 25.02
CA TRP E 107 -14.21 9.59 25.39
C TRP E 107 -15.74 9.67 25.60
N LEU E 108 -16.49 9.07 24.69
CA LEU E 108 -17.91 9.17 24.77
C LEU E 108 -18.49 8.53 26.05
N PHE E 109 -18.02 7.32 26.38
CA PHE E 109 -18.60 6.57 27.48
C PHE E 109 -17.96 6.84 28.84
N ASN E 110 -16.70 7.26 28.85
CA ASN E 110 -16.03 7.58 30.13
C ASN E 110 -16.02 9.02 30.48
N VAL E 111 -16.38 9.88 29.53
CA VAL E 111 -16.31 11.31 29.78
C VAL E 111 -17.60 12.06 29.43
N VAL E 112 -17.98 12.06 28.17
CA VAL E 112 -19.10 12.87 27.70
C VAL E 112 -20.44 12.47 28.32
N TYR E 113 -20.84 11.22 28.15
CA TYR E 113 -22.16 10.80 28.73
C TYR E 113 -22.31 10.99 30.25
N PRO E 114 -21.37 10.51 31.03
CA PRO E 114 -21.44 10.67 32.47
C PRO E 114 -21.22 12.10 32.96
N GLY E 115 -20.38 12.84 32.26
CA GLY E 115 -20.19 14.24 32.58
C GLY E 115 -21.47 15.04 32.34
N GLN E 116 -22.11 14.80 31.20
CA GLN E 116 -23.34 15.50 30.85
C GLN E 116 -24.45 15.17 31.84
N LYS E 117 -24.51 13.91 32.22
CA LYS E 117 -25.55 13.48 33.10
C LYS E 117 -25.45 14.09 34.50
N ALA E 118 -24.23 14.36 34.95
CA ALA E 118 -24.01 14.96 36.25
C ALA E 118 -24.25 16.47 36.24
N MET E 119 -24.40 17.08 35.08
CA MET E 119 -24.67 18.51 35.04
C MET E 119 -26.13 18.85 35.36
N ARG E 120 -26.34 19.80 36.26
CA ARG E 120 -27.68 20.33 36.55
C ARG E 120 -28.02 21.48 35.60
N PRO E 121 -29.28 21.86 35.53
CA PRO E 121 -29.65 23.01 34.68
C PRO E 121 -28.87 24.30 34.94
N GLU E 122 -28.52 24.54 36.18
CA GLU E 122 -27.77 25.75 36.55
C GLU E 122 -26.35 25.64 36.04
N ASP E 123 -25.84 24.41 35.92
CA ASP E 123 -24.52 24.20 35.33
C ASP E 123 -24.58 24.47 33.83
N VAL E 124 -25.63 24.00 33.20
CA VAL E 124 -25.87 24.23 31.78
C VAL E 124 -25.90 25.72 31.46
N ALA E 125 -26.55 26.51 32.28
CA ALA E 125 -26.64 27.94 32.01
C ALA E 125 -25.27 28.58 32.04
N VAL E 126 -24.43 28.13 32.97
CA VAL E 126 -23.04 28.62 33.04
C VAL E 126 -22.22 28.13 31.84
N ALA E 127 -22.33 26.87 31.51
CA ALA E 127 -21.61 26.33 30.36
C ALA E 127 -21.91 27.15 29.09
N VAL E 128 -23.19 27.41 28.86
CA VAL E 128 -23.62 28.09 27.67
C VAL E 128 -23.08 29.51 27.62
N ARG E 129 -23.07 30.18 28.76
CA ARG E 129 -22.51 31.53 28.77
C ARG E 129 -21.03 31.52 28.54
N LEU E 130 -20.34 30.56 29.16
CA LEU E 130 -18.89 30.45 28.96
C LEU E 130 -18.55 30.21 27.46
N TYR E 131 -19.23 29.24 26.87
CA TYR E 131 -19.08 28.94 25.48
C TYR E 131 -19.30 30.19 24.62
N CYS E 132 -20.39 30.91 24.87
CA CYS E 132 -20.74 32.07 24.05
C CYS E 132 -19.73 33.17 24.23
N ALA E 133 -19.21 33.31 25.44
CA ALA E 133 -18.18 34.29 25.66
C ALA E 133 -16.94 33.96 24.78
N GLU E 134 -16.49 32.72 24.81
CA GLU E 134 -15.31 32.36 24.04
C GLU E 134 -15.58 32.49 22.55
N ALA E 135 -16.77 32.06 22.19
CA ALA E 135 -17.17 32.08 20.78
C ALA E 135 -17.21 33.49 20.18
N VAL E 136 -17.93 34.37 20.84
CA VAL E 136 -18.06 35.71 20.39
C VAL E 136 -16.71 36.40 20.40
N ARG E 137 -15.92 36.17 21.43
CA ARG E 137 -14.57 36.75 21.46
C ARG E 137 -13.73 36.30 20.26
N SER E 138 -13.98 35.12 19.72
CA SER E 138 -13.25 34.69 18.54
C SER E 138 -13.99 35.00 17.22
N GLY E 139 -15.09 35.73 17.27
CA GLY E 139 -15.76 36.19 16.03
C GLY E 139 -16.87 35.29 15.46
N ILE E 140 -17.25 34.30 16.23
CA ILE E 140 -18.32 33.42 15.88
C ILE E 140 -19.68 34.00 16.24
N THR E 141 -20.56 34.09 15.24
CA THR E 141 -21.87 34.73 15.39
C THR E 141 -23.02 33.77 15.23
N THR E 142 -22.79 32.69 14.51
CA THR E 142 -23.76 31.62 14.41
C THR E 142 -23.16 30.30 14.89
N ILE E 143 -23.93 29.59 15.69
CA ILE E 143 -23.55 28.36 16.35
C ILE E 143 -24.59 27.27 16.05
N ASN E 144 -24.14 26.16 15.45
CA ASN E 144 -25.00 25.02 15.25
C ASN E 144 -24.79 24.06 16.40
N GLU E 145 -25.61 24.26 17.44
CA GLU E 145 -25.54 23.45 18.64
C GLU E 145 -26.23 22.10 18.50
N ASN E 146 -25.45 21.02 18.48
CA ASN E 146 -26.00 19.68 18.54
C ASN E 146 -26.19 19.27 19.98
N ALA E 147 -27.44 19.26 20.43
CA ALA E 147 -27.75 19.13 21.83
C ALA E 147 -27.97 17.70 22.20
N ASP E 148 -26.94 17.04 22.72
CA ASP E 148 -27.04 15.65 23.13
C ASP E 148 -27.57 15.42 24.58
N SER E 149 -27.81 16.50 25.32
CA SER E 149 -28.31 16.42 26.68
C SER E 149 -29.66 17.10 26.83
N ALA E 150 -30.36 17.29 25.70
CA ALA E 150 -31.70 17.91 25.67
C ALA E 150 -32.78 17.09 26.33
N ILE E 151 -32.51 15.82 26.47
CA ILE E 151 -33.41 14.89 27.14
C ILE E 151 -33.58 15.13 28.65
N TYR E 152 -32.58 15.73 29.31
CA TYR E 152 -32.64 15.91 30.76
C TYR E 152 -33.49 17.10 31.13
N PRO E 153 -34.40 16.90 32.12
CA PRO E 153 -35.35 17.98 32.50
C PRO E 153 -34.66 19.28 32.81
N GLY E 154 -35.16 20.37 32.27
CA GLY E 154 -34.67 21.70 32.63
C GLY E 154 -33.52 22.23 31.77
N ASN E 155 -32.85 21.33 31.06
CA ASN E 155 -31.71 21.72 30.26
C ASN E 155 -32.04 22.61 29.07
N ILE E 156 -33.07 22.28 28.33
CA ILE E 156 -33.47 23.13 27.24
C ILE E 156 -33.76 24.54 27.70
N GLU E 157 -34.55 24.65 28.75
CA GLU E 157 -35.01 25.94 29.18
C GLU E 157 -33.82 26.77 29.69
N ALA E 158 -32.94 26.14 30.43
CA ALA E 158 -31.77 26.88 30.94
C ALA E 158 -30.87 27.40 29.77
N ALA E 159 -30.63 26.53 28.79
CA ALA E 159 -29.79 26.88 27.67
C ALA E 159 -30.41 27.96 26.82
N MET E 160 -31.66 27.76 26.45
CA MET E 160 -32.36 28.75 25.60
C MET E 160 -32.45 30.13 26.20
N ALA E 161 -32.63 30.20 27.51
CA ALA E 161 -32.68 31.54 28.12
C ALA E 161 -31.32 32.24 27.93
N VAL E 162 -30.23 31.50 28.07
CA VAL E 162 -28.93 32.13 27.90
C VAL E 162 -28.69 32.51 26.44
N TYR E 163 -28.99 31.63 25.53
CA TYR E 163 -28.79 31.94 24.08
C TYR E 163 -29.56 33.17 23.65
N GLY E 164 -30.80 33.25 24.10
CA GLY E 164 -31.63 34.45 23.88
C GLY E 164 -31.07 35.73 24.44
N GLU E 165 -30.66 35.68 25.68
CA GLU E 165 -30.06 36.87 26.33
C GLU E 165 -28.75 37.26 25.64
N VAL E 166 -27.93 36.29 25.30
CA VAL E 166 -26.59 36.56 24.72
C VAL E 166 -26.66 37.24 23.36
N GLY E 167 -27.63 36.85 22.55
CA GLY E 167 -27.81 37.49 21.28
C GLY E 167 -27.22 36.73 20.09
N VAL E 168 -26.67 35.54 20.35
CA VAL E 168 -26.07 34.79 19.26
C VAL E 168 -27.15 34.20 18.37
N ARG E 169 -26.81 33.96 17.13
CA ARG E 169 -27.68 33.18 16.25
C ARG E 169 -27.39 31.70 16.48
N VAL E 170 -28.44 30.92 16.71
CA VAL E 170 -28.28 29.56 17.16
C VAL E 170 -29.21 28.63 16.41
N VAL E 171 -28.69 27.55 15.90
CA VAL E 171 -29.46 26.41 15.48
C VAL E 171 -29.38 25.41 16.59
N TYR E 172 -30.54 25.04 17.15
CA TYR E 172 -30.58 24.09 18.21
C TYR E 172 -31.03 22.76 17.58
N ALA E 173 -30.06 21.90 17.34
CA ALA E 173 -30.31 20.64 16.71
C ALA E 173 -30.51 19.59 17.79
N ARG E 174 -31.76 19.18 17.98
CA ARG E 174 -32.10 18.34 19.06
C ARG E 174 -31.81 16.90 18.70
N MET E 175 -30.75 16.35 19.31
CA MET E 175 -30.35 14.94 19.05
C MET E 175 -31.32 13.93 19.67
N PHE E 176 -31.56 12.83 18.96
CA PHE E 176 -32.22 11.68 19.56
C PHE E 176 -31.67 10.37 19.12
N PHE E 177 -31.93 9.36 19.95
CA PHE E 177 -31.46 7.99 19.83
C PHE E 177 -32.68 7.14 20.14
N ASP E 178 -33.10 6.28 19.23
CA ASP E 178 -34.28 5.46 19.44
C ASP E 178 -34.07 3.98 19.20
N ARG E 179 -32.82 3.54 19.10
CA ARG E 179 -32.53 2.15 18.74
C ARG E 179 -31.22 1.74 19.40
N MET E 180 -31.19 0.53 19.96
CA MET E 180 -29.99 0.00 20.65
C MET E 180 -29.06 -0.51 19.59
N ASP E 181 -27.79 -0.11 19.63
CA ASP E 181 -26.77 -0.78 18.81
C ASP E 181 -26.02 -1.89 19.61
N GLY E 182 -26.68 -3.05 19.73
CA GLY E 182 -26.21 -4.17 20.58
C GLY E 182 -24.81 -4.72 20.27
N ARG E 183 -24.40 -4.63 19.00
CA ARG E 183 -23.11 -5.13 18.50
C ARG E 183 -21.88 -4.65 19.31
N ILE E 184 -21.90 -3.40 19.75
CA ILE E 184 -20.69 -2.86 20.35
C ILE E 184 -20.59 -3.05 21.87
N GLN E 185 -21.21 -4.07 22.48
CA GLN E 185 -21.29 -4.07 23.96
C GLN E 185 -20.05 -4.58 24.73
N GLY E 186 -19.41 -5.64 24.27
CA GLY E 186 -18.19 -6.17 24.97
C GLY E 186 -17.01 -5.19 24.90
N TYR E 187 -16.96 -4.43 23.81
CA TYR E 187 -16.05 -3.30 23.55
C TYR E 187 -16.30 -2.18 24.57
N VAL E 188 -17.57 -1.86 24.77
CA VAL E 188 -17.97 -0.85 25.71
C VAL E 188 -17.58 -1.21 27.13
N ASP E 189 -17.81 -2.45 27.53
CA ASP E 189 -17.45 -2.90 28.89
C ASP E 189 -15.96 -2.80 29.14
N ALA E 190 -15.18 -3.19 28.14
CA ALA E 190 -13.72 -3.04 28.24
C ALA E 190 -13.33 -1.56 28.39
N LEU E 191 -13.93 -0.70 27.58
CA LEU E 191 -13.65 0.71 27.66
C LEU E 191 -14.03 1.24 29.03
N LYS E 192 -15.19 0.81 29.53
CA LYS E 192 -15.67 1.25 30.85
C LYS E 192 -14.78 0.87 31.99
N ALA E 193 -14.06 -0.22 31.82
CA ALA E 193 -13.13 -0.66 32.87
C ALA E 193 -11.95 0.28 33.01
N ARG E 194 -11.66 1.11 31.99
CA ARG E 194 -10.65 2.15 32.16
C ARG E 194 -11.01 3.15 33.28
N SER E 195 -12.31 3.37 33.53
CA SER E 195 -12.78 4.28 34.62
C SER E 195 -14.00 3.63 35.26
N PRO E 196 -13.76 2.57 36.05
CA PRO E 196 -14.90 1.69 36.46
C PRO E 196 -15.87 2.36 37.43
N GLN E 197 -15.36 3.33 38.19
CA GLN E 197 -16.17 4.12 39.13
C GLN E 197 -17.10 5.15 38.39
N VAL E 198 -16.89 5.37 37.09
CA VAL E 198 -17.75 6.27 36.28
C VAL E 198 -18.89 5.45 35.69
N GLU E 199 -20.11 5.93 35.86
CA GLU E 199 -21.21 5.08 35.48
C GLU E 199 -21.55 5.15 33.97
N LEU E 200 -21.93 4.00 33.46
CA LEU E 200 -22.41 3.80 32.10
C LEU E 200 -23.85 4.34 31.99
N CYS E 201 -24.11 5.27 31.07
CA CYS E 201 -25.46 5.88 30.89
C CYS E 201 -26.16 5.52 29.60
N SER E 202 -27.49 5.65 29.62
CA SER E 202 -28.33 5.49 28.42
C SER E 202 -29.28 6.70 28.21
N ILE E 203 -29.30 7.21 26.99
CA ILE E 203 -30.26 8.27 26.64
C ILE E 203 -31.24 7.92 25.54
N MET E 204 -31.55 6.66 25.46
CA MET E 204 -32.48 6.18 24.48
C MET E 204 -33.87 6.68 24.79
N GLU E 205 -34.64 7.01 23.76
CA GLU E 205 -36.05 7.24 23.93
C GLU E 205 -36.88 6.55 22.85
N GLU E 206 -38.14 6.29 23.18
CA GLU E 206 -39.03 5.70 22.20
C GLU E 206 -39.22 6.71 21.05
N THR E 207 -39.30 6.18 19.83
CA THR E 207 -39.48 7.00 18.67
C THR E 207 -40.57 8.05 18.86
N ALA E 208 -41.75 7.62 19.32
CA ALA E 208 -42.89 8.53 19.35
C ALA E 208 -42.66 9.66 20.38
N VAL E 209 -41.96 9.34 21.44
CA VAL E 209 -41.62 10.31 22.48
C VAL E 209 -40.60 11.34 21.95
N ALA E 210 -39.56 10.87 21.28
CA ALA E 210 -38.65 11.81 20.61
C ALA E 210 -39.39 12.76 19.66
N LYS E 211 -40.28 12.22 18.83
CA LYS E 211 -41.01 13.07 17.92
C LYS E 211 -41.81 14.16 18.60
N ASP E 212 -42.57 13.75 19.63
CA ASP E 212 -43.46 14.71 20.32
C ASP E 212 -42.59 15.78 21.01
N ARG E 213 -41.51 15.35 21.65
CA ARG E 213 -40.65 16.28 22.34
C ARG E 213 -40.00 17.27 21.42
N ILE E 214 -39.55 16.80 20.26
CA ILE E 214 -38.87 17.70 19.30
C ILE E 214 -39.87 18.64 18.65
N THR E 215 -41.04 18.11 18.34
CA THR E 215 -42.11 18.95 17.81
C THR E 215 -42.49 20.08 18.80
N ALA E 216 -42.67 19.72 20.08
CA ALA E 216 -43.03 20.72 21.09
C ALA E 216 -41.89 21.77 21.29
N LEU E 217 -40.65 21.30 21.28
CA LEU E 217 -39.52 22.19 21.34
C LEU E 217 -39.52 23.18 20.15
N SER E 218 -39.74 22.67 18.98
CA SER E 218 -39.82 23.53 17.78
C SER E 218 -40.99 24.51 17.84
N ASP E 219 -42.15 24.02 18.23
CA ASP E 219 -43.33 24.92 18.37
C ASP E 219 -43.03 26.01 19.37
N GLN E 220 -42.34 25.69 20.46
CA GLN E 220 -42.09 26.70 21.49
C GLN E 220 -40.94 27.66 21.17
N TYR E 221 -39.85 27.17 20.58
CA TYR E 221 -38.61 28.00 20.44
C TYR E 221 -38.23 28.40 19.03
N HIS E 222 -38.73 27.70 18.03
CA HIS E 222 -38.33 27.98 16.65
C HIS E 222 -38.80 29.40 16.28
N GLY E 223 -37.86 30.21 15.78
CA GLY E 223 -38.14 31.59 15.40
C GLY E 223 -38.18 32.59 16.56
N THR E 224 -37.90 32.17 17.79
CA THR E 224 -37.86 33.09 18.93
C THR E 224 -36.55 33.90 18.94
N ALA E 225 -36.41 34.75 19.95
CA ALA E 225 -35.36 35.72 20.07
C ALA E 225 -35.17 36.48 18.75
N GLY E 226 -36.26 37.04 18.22
CA GLY E 226 -36.18 37.85 17.01
C GLY E 226 -35.76 37.07 15.77
N GLY E 227 -36.13 35.79 15.69
CA GLY E 227 -35.70 34.96 14.57
C GLY E 227 -34.27 34.36 14.74
N ARG E 228 -33.60 34.64 15.83
CA ARG E 228 -32.20 34.18 16.02
C ARG E 228 -32.05 32.74 16.39
N ILE E 229 -33.09 32.16 16.96
CA ILE E 229 -33.08 30.76 17.34
C ILE E 229 -33.93 29.87 16.39
N SER E 230 -33.33 28.80 15.89
CA SER E 230 -33.97 27.78 15.06
C SER E 230 -33.85 26.43 15.71
N VAL E 231 -34.74 25.52 15.35
CA VAL E 231 -34.79 24.19 15.86
C VAL E 231 -34.76 23.18 14.74
N TRP E 232 -33.81 22.25 14.78
CA TRP E 232 -33.72 21.17 13.81
C TRP E 232 -33.81 19.82 14.51
N PRO E 233 -34.29 18.79 13.83
CA PRO E 233 -34.21 17.46 14.37
C PRO E 233 -32.86 16.85 14.04
N ALA E 234 -32.32 16.06 14.94
CA ALA E 234 -30.98 15.51 14.78
C ALA E 234 -30.87 14.04 15.15
N PRO E 235 -31.30 13.15 14.29
CA PRO E 235 -31.01 11.77 14.55
C PRO E 235 -29.51 11.57 14.68
N ALA E 236 -29.10 10.90 15.74
CA ALA E 236 -27.71 10.90 16.15
C ALA E 236 -26.77 10.30 15.11
N THR E 237 -27.06 9.07 14.69
CA THR E 237 -26.26 8.32 13.74
C THR E 237 -27.19 7.33 13.03
N THR E 238 -26.71 6.69 11.98
CA THR E 238 -27.47 5.67 11.27
C THR E 238 -27.60 4.33 12.02
N THR E 239 -26.80 4.10 13.05
CA THR E 239 -26.97 2.90 13.91
C THR E 239 -27.79 3.17 15.18
N ALA E 240 -27.87 4.43 15.64
CA ALA E 240 -28.60 4.74 16.86
C ALA E 240 -30.03 5.23 16.60
N VAL E 241 -30.42 5.36 15.32
CA VAL E 241 -31.75 5.76 15.00
C VAL E 241 -32.36 4.83 13.94
N THR E 242 -33.63 4.48 14.13
CA THR E 242 -34.38 3.63 13.21
C THR E 242 -34.56 4.36 11.88
N VAL E 243 -34.84 3.60 10.85
CA VAL E 243 -35.24 4.16 9.57
C VAL E 243 -36.43 5.11 9.77
N GLU E 244 -37.44 4.68 10.55
CA GLU E 244 -38.64 5.46 10.73
C GLU E 244 -38.30 6.83 11.37
N GLY E 245 -37.38 6.80 12.32
CA GLY E 245 -36.96 8.03 12.97
C GLY E 245 -36.22 8.99 12.06
N MET E 246 -35.32 8.46 11.27
CA MET E 246 -34.64 9.27 10.24
C MET E 246 -35.62 9.81 9.19
N ARG E 247 -36.55 9.00 8.74
CA ARG E 247 -37.54 9.50 7.76
C ARG E 247 -38.42 10.60 8.33
N TRP E 248 -38.81 10.44 9.60
CA TRP E 248 -39.59 11.48 10.25
C TRP E 248 -38.74 12.80 10.23
N ALA E 249 -37.49 12.71 10.63
CA ALA E 249 -36.61 13.92 10.67
C ALA E 249 -36.54 14.56 9.32
N GLN E 250 -36.38 13.71 8.32
CA GLN E 250 -36.26 14.19 6.94
C GLN E 250 -37.51 14.93 6.50
N ALA E 251 -38.65 14.33 6.75
CA ALA E 251 -39.93 14.97 6.39
C ALA E 251 -40.19 16.22 7.22
N PHE E 252 -39.77 16.20 8.48
CA PHE E 252 -39.95 17.34 9.36
C PHE E 252 -39.16 18.55 8.81
N ALA E 253 -37.94 18.30 8.38
CA ALA E 253 -37.14 19.37 7.81
C ALA E 253 -37.77 19.96 6.55
N ARG E 254 -38.26 19.09 5.71
CA ARG E 254 -38.96 19.54 4.52
C ARG E 254 -40.23 20.33 4.86
N ASP E 255 -41.09 19.79 5.72
CA ASP E 255 -42.37 20.47 6.03
C ASP E 255 -42.15 21.86 6.68
N ARG E 256 -41.10 22.01 7.46
CA ARG E 256 -40.86 23.25 8.19
C ARG E 256 -39.75 24.10 7.59
N ALA E 257 -39.31 23.75 6.40
CA ALA E 257 -38.28 24.54 5.72
C ALA E 257 -37.10 24.77 6.66
N VAL E 258 -36.64 23.69 7.30
CA VAL E 258 -35.33 23.74 8.00
C VAL E 258 -34.41 22.63 7.44
N MET E 259 -33.42 22.20 8.23
CA MET E 259 -32.54 21.10 7.87
C MET E 259 -32.66 20.04 8.93
N TRP E 260 -32.09 18.88 8.61
CA TRP E 260 -31.93 17.83 9.57
C TRP E 260 -30.45 17.44 9.54
N THR E 261 -29.97 16.81 10.59
CA THR E 261 -28.56 16.57 10.67
C THR E 261 -28.26 15.26 11.38
N LEU E 262 -27.13 14.65 11.03
CA LEU E 262 -26.74 13.40 11.54
C LEU E 262 -25.22 13.30 11.58
N HIS E 263 -24.70 12.56 12.54
CA HIS E 263 -23.26 12.28 12.59
C HIS E 263 -22.99 11.06 11.73
N MET E 264 -22.02 11.20 10.81
CA MET E 264 -21.72 10.17 9.83
C MET E 264 -20.26 9.82 9.81
N ALA E 265 -20.01 8.57 10.16
CA ALA E 265 -18.71 7.91 9.84
C ALA E 265 -17.54 8.65 10.57
N GLU E 266 -17.81 8.98 11.82
CA GLU E 266 -16.81 9.60 12.67
C GLU E 266 -15.73 8.58 13.16
N SER E 267 -16.11 7.31 13.26
CA SER E 267 -15.20 6.25 13.74
C SER E 267 -15.23 4.95 12.87
N ASP E 268 -14.24 4.08 13.11
CA ASP E 268 -14.04 2.82 12.30
C ASP E 268 -14.99 1.70 12.67
N HIS E 269 -15.67 1.86 13.81
CA HIS E 269 -16.78 1.00 14.30
C HIS E 269 -18.22 1.45 13.83
N ASP E 270 -18.31 2.63 13.21
CA ASP E 270 -19.59 3.13 12.65
C ASP E 270 -19.70 2.61 11.25
N GLU E 271 -18.56 2.80 10.55
CA GLU E 271 -18.26 2.24 9.21
C GLU E 271 -19.15 1.15 8.63
N ARG E 272 -19.59 0.17 9.42
CA ARG E 272 -20.40 -0.94 8.93
C ARG E 272 -21.74 -1.06 9.69
N ILE E 273 -22.66 -0.16 9.32
CA ILE E 273 -24.13 -0.40 9.47
C ILE E 273 -24.55 -1.41 8.40
N HIS E 274 -24.64 -2.66 8.82
CA HIS E 274 -25.27 -3.66 7.98
C HIS E 274 -24.53 -3.81 6.64
N GLY E 275 -23.19 -3.93 6.69
CA GLY E 275 -22.41 -4.42 5.50
C GLY E 275 -22.20 -3.41 4.37
N MET E 276 -22.42 -2.12 4.66
CA MET E 276 -22.20 -1.05 3.71
C MET E 276 -21.93 0.20 4.51
N SER E 277 -21.51 1.25 3.85
CA SER E 277 -21.22 2.51 4.56
C SER E 277 -22.52 3.16 4.97
N PRO E 278 -22.46 4.07 5.91
CA PRO E 278 -23.64 4.78 6.30
C PRO E 278 -24.27 5.59 5.15
N ALA E 279 -23.43 6.14 4.31
CA ALA E 279 -23.93 6.86 3.16
C ALA E 279 -24.69 5.94 2.23
N GLU E 280 -24.14 4.77 1.96
CA GLU E 280 -24.85 3.74 1.19
C GLU E 280 -26.16 3.31 1.80
N TYR E 281 -26.14 3.08 3.10
CA TYR E 281 -27.32 2.68 3.84
C TYR E 281 -28.39 3.75 3.75
N MET E 282 -27.99 5.00 3.92
CA MET E 282 -28.95 6.07 3.74
C MET E 282 -29.48 6.21 2.33
N GLU E 283 -28.59 6.11 1.32
CA GLU E 283 -29.02 6.10 -0.08
C GLU E 283 -30.06 5.03 -0.35
N CYS E 284 -29.86 3.81 0.20
CA CYS E 284 -30.84 2.70 0.00
C CYS E 284 -32.23 3.10 0.41
N TYR E 285 -32.34 3.79 1.54
CA TYR E 285 -33.64 4.21 2.06
C TYR E 285 -34.10 5.59 1.58
N GLY E 286 -33.37 6.21 0.65
CA GLY E 286 -33.77 7.57 0.18
C GLY E 286 -33.57 8.68 1.21
N LEU E 287 -32.60 8.48 2.09
CA LEU E 287 -32.36 9.35 3.20
C LEU E 287 -31.26 10.41 2.95
N LEU E 288 -30.75 10.50 1.74
CA LEU E 288 -29.86 11.58 1.37
C LEU E 288 -30.61 12.63 0.56
N ASP E 289 -30.66 13.85 1.06
CA ASP E 289 -31.32 14.94 0.34
C ASP E 289 -30.64 16.26 0.67
N GLU E 290 -31.10 17.32 0.03
CA GLU E 290 -30.46 18.61 0.08
C GLU E 290 -30.61 19.34 1.38
N ARG E 291 -31.51 18.85 2.23
N ARG E 291 -31.51 18.85 2.23
CA ARG E 291 -31.73 19.45 3.55
CA ARG E 291 -31.71 19.44 3.56
C ARG E 291 -30.99 18.71 4.66
C ARG E 291 -30.99 18.71 4.67
N LEU E 292 -30.24 17.68 4.29
CA LEU E 292 -29.43 16.94 5.26
C LEU E 292 -28.10 17.61 5.39
N GLN E 293 -27.67 17.85 6.62
CA GLN E 293 -26.28 18.22 6.89
C GLN E 293 -25.62 17.12 7.65
N VAL E 294 -24.59 16.52 7.07
CA VAL E 294 -23.89 15.47 7.79
C VAL E 294 -22.65 16.01 8.44
N ALA E 295 -22.32 15.49 9.60
CA ALA E 295 -21.07 15.85 10.32
C ALA E 295 -20.07 14.74 10.35
N HIS E 296 -18.84 15.13 10.06
CA HIS E 296 -17.59 14.32 10.19
C HIS E 296 -17.07 13.76 8.84
N CYS E 297 -17.58 12.61 8.44
CA CYS E 297 -17.16 12.04 7.16
C CYS E 297 -15.70 11.66 7.09
N VAL E 298 -15.13 11.23 8.20
CA VAL E 298 -13.74 10.77 8.20
C VAL E 298 -13.58 9.45 7.46
N TYR E 299 -14.41 8.46 7.79
CA TYR E 299 -14.30 7.11 7.25
C TYR E 299 -15.13 6.96 5.98
N PHE E 300 -14.72 7.71 4.99
CA PHE E 300 -15.45 7.94 3.77
C PHE E 300 -14.60 7.52 2.61
N ASP E 301 -15.20 6.92 1.59
CA ASP E 301 -14.45 6.55 0.38
C ASP E 301 -15.00 7.37 -0.78
N ARG E 302 -14.48 7.14 -1.98
CA ARG E 302 -14.88 7.91 -3.17
C ARG E 302 -16.39 7.77 -3.50
N LYS E 303 -16.91 6.57 -3.30
CA LYS E 303 -18.32 6.32 -3.54
C LYS E 303 -19.21 7.14 -2.59
N ASP E 304 -18.83 7.21 -1.31
CA ASP E 304 -19.59 7.98 -0.34
C ASP E 304 -19.64 9.46 -0.72
N VAL E 305 -18.51 9.98 -1.15
CA VAL E 305 -18.45 11.39 -1.57
C VAL E 305 -19.37 11.60 -2.79
N ARG E 306 -19.32 10.68 -3.73
CA ARG E 306 -20.20 10.75 -4.92
C ARG E 306 -21.65 10.77 -4.51
N LEU E 307 -22.03 9.92 -3.55
CA LEU E 307 -23.44 9.85 -3.12
C LEU E 307 -23.89 11.17 -2.51
N LEU E 308 -23.06 11.76 -1.66
CA LEU E 308 -23.43 13.01 -1.06
C LEU E 308 -23.54 14.12 -2.09
N HIS E 309 -22.58 14.16 -2.99
CA HIS E 309 -22.53 15.14 -4.06
C HIS E 309 -23.79 15.08 -4.92
N ARG E 310 -24.19 13.88 -5.29
CA ARG E 310 -25.34 13.64 -6.12
C ARG E 310 -26.60 14.24 -5.49
N HIS E 311 -26.77 14.12 -4.17
CA HIS E 311 -27.99 14.57 -3.53
C HIS E 311 -27.87 15.93 -2.89
N ASN E 312 -26.79 16.61 -3.20
CA ASN E 312 -26.52 17.91 -2.66
C ASN E 312 -26.55 18.01 -1.12
N VAL E 313 -26.04 16.99 -0.47
CA VAL E 313 -25.95 16.95 0.96
C VAL E 313 -24.96 17.99 1.44
N LYS E 314 -25.28 18.63 2.54
CA LYS E 314 -24.37 19.57 3.15
C LYS E 314 -23.47 18.86 4.14
N VAL E 315 -22.29 19.43 4.38
CA VAL E 315 -21.27 18.83 5.23
C VAL E 315 -20.70 19.81 6.22
N ALA E 316 -20.51 19.36 7.45
CA ALA E 316 -19.75 20.08 8.46
C ALA E 316 -18.50 19.28 8.80
N SER E 317 -17.34 19.91 8.65
CA SER E 317 -16.09 19.22 8.93
C SER E 317 -15.44 19.68 10.23
N GLN E 318 -15.17 18.75 11.13
CA GLN E 318 -14.63 19.03 12.47
C GLN E 318 -13.17 18.62 12.52
N VAL E 319 -12.37 19.34 11.79
CA VAL E 319 -11.03 18.93 11.50
C VAL E 319 -10.16 18.77 12.78
N VAL E 320 -10.33 19.69 13.74
CA VAL E 320 -9.54 19.66 14.97
C VAL E 320 -9.92 18.47 15.80
N SER E 321 -11.23 18.27 15.95
CA SER E 321 -11.74 17.18 16.79
C SER E 321 -11.41 15.81 16.22
N ASN E 322 -11.43 15.71 14.88
CA ASN E 322 -11.09 14.45 14.22
C ASN E 322 -9.67 14.05 14.55
N ALA E 323 -8.82 15.07 14.76
CA ALA E 323 -7.45 14.83 15.29
C ALA E 323 -7.43 14.50 16.78
N TYR E 324 -8.06 15.35 17.57
CA TYR E 324 -8.05 15.21 19.01
C TYR E 324 -8.46 13.80 19.47
N LEU E 325 -9.49 13.27 18.84
CA LEU E 325 -10.01 11.99 19.20
C LEU E 325 -9.35 10.85 18.44
N GLY E 326 -8.36 11.14 17.60
CA GLY E 326 -7.61 10.07 16.94
C GLY E 326 -8.51 9.36 15.91
N SER E 327 -9.46 10.09 15.33
CA SER E 327 -10.28 9.56 14.26
C SER E 327 -9.58 9.56 12.92
N GLY E 328 -9.00 10.68 12.56
CA GLY E 328 -8.26 10.79 11.29
C GLY E 328 -8.55 12.13 10.61
N VAL E 329 -8.55 12.07 9.27
CA VAL E 329 -8.62 13.25 8.42
C VAL E 329 -9.63 13.03 7.24
N ALA E 330 -10.69 13.81 7.23
CA ALA E 330 -11.74 13.70 6.27
C ALA E 330 -11.29 14.22 4.93
N PRO E 331 -11.93 13.77 3.85
CA PRO E 331 -11.54 14.17 2.48
C PRO E 331 -12.18 15.54 2.02
N VAL E 332 -11.91 16.58 2.78
CA VAL E 332 -12.42 17.89 2.50
C VAL E 332 -12.01 18.43 1.14
N PRO E 333 -10.73 18.36 0.77
CA PRO E 333 -10.38 18.82 -0.60
C PRO E 333 -11.17 18.16 -1.74
N GLU E 334 -11.50 16.86 -1.62
CA GLU E 334 -12.30 16.17 -2.63
C GLU E 334 -13.73 16.78 -2.69
N MET E 335 -14.30 17.06 -1.53
CA MET E 335 -15.65 17.61 -1.46
C MET E 335 -15.72 19.05 -1.97
N VAL E 336 -14.75 19.84 -1.56
CA VAL E 336 -14.65 21.22 -1.98
C VAL E 336 -14.44 21.33 -3.48
N GLU E 337 -13.62 20.47 -4.06
CA GLU E 337 -13.41 20.52 -5.48
C GLU E 337 -14.63 20.16 -6.32
N ARG E 338 -15.58 19.46 -5.70
CA ARG E 338 -16.85 19.15 -6.31
C ARG E 338 -17.89 20.24 -6.08
N GLY E 339 -17.50 21.34 -5.46
CA GLY E 339 -18.42 22.48 -5.19
C GLY E 339 -19.40 22.21 -4.03
N MET E 340 -19.18 21.17 -3.24
CA MET E 340 -20.06 20.87 -2.14
C MET E 340 -19.98 21.92 -1.04
N ALA E 341 -21.06 22.07 -0.30
CA ALA E 341 -21.09 23.06 0.76
C ALA E 341 -20.51 22.43 2.02
N VAL E 342 -19.26 22.73 2.29
CA VAL E 342 -18.55 22.26 3.48
C VAL E 342 -18.28 23.40 4.42
N GLY E 343 -18.86 23.35 5.59
CA GLY E 343 -18.53 24.29 6.65
C GLY E 343 -17.52 23.70 7.66
N ILE E 344 -17.07 24.52 8.59
CA ILE E 344 -16.13 24.13 9.62
C ILE E 344 -16.85 24.21 10.96
N GLY E 345 -16.79 23.13 11.71
CA GLY E 345 -17.30 23.11 13.06
C GLY E 345 -16.15 22.90 13.99
N THR E 346 -16.26 23.48 15.19
CA THR E 346 -15.23 23.30 16.23
C THR E 346 -15.52 22.02 17.03
N ASP E 347 -16.74 21.49 16.89
CA ASP E 347 -17.18 20.26 17.53
C ASP E 347 -17.37 20.51 19.06
N ASN E 348 -17.09 19.52 19.88
CA ASN E 348 -17.34 19.62 21.34
C ASN E 348 -16.42 20.61 21.99
N GLY E 349 -16.94 21.29 22.99
CA GLY E 349 -16.11 22.11 23.84
C GLY E 349 -14.99 21.33 24.48
N ASN E 350 -15.13 20.01 24.57
CA ASN E 350 -14.14 19.11 25.17
C ASN E 350 -13.63 18.03 24.21
N SER E 351 -13.62 18.31 22.91
CA SER E 351 -12.80 17.49 21.96
C SER E 351 -12.10 18.41 20.96
N ASN E 352 -11.52 19.47 21.48
CA ASN E 352 -10.87 20.47 20.65
C ASN E 352 -9.53 21.02 21.22
N ASP E 353 -9.46 21.72 22.37
CA ASP E 353 -10.53 21.96 23.31
C ASP E 353 -10.87 23.46 23.34
N SER E 354 -10.73 24.15 22.22
CA SER E 354 -11.08 25.55 22.19
C SER E 354 -12.33 25.76 21.32
N VAL E 355 -12.85 26.99 21.38
CA VAL E 355 -13.95 27.44 20.55
C VAL E 355 -13.45 28.70 19.79
N ASN E 356 -12.58 28.47 18.82
CA ASN E 356 -11.74 29.48 18.18
C ASN E 356 -11.65 29.23 16.69
N MET E 357 -12.46 29.93 15.91
CA MET E 357 -12.57 29.63 14.51
C MET E 357 -11.27 29.88 13.77
N ILE E 358 -10.57 30.92 14.13
CA ILE E 358 -9.35 31.27 13.48
C ILE E 358 -8.31 30.17 13.70
N GLY E 359 -8.17 29.68 14.93
CA GLY E 359 -7.32 28.50 15.20
C GLY E 359 -7.74 27.31 14.37
N ASP E 360 -9.04 27.06 14.24
CA ASP E 360 -9.44 25.89 13.50
C ASP E 360 -9.24 26.04 11.97
N MET E 361 -9.31 27.26 11.49
CA MET E 361 -9.02 27.55 10.11
C MET E 361 -7.59 27.19 9.77
N LYS E 362 -6.71 27.61 10.64
CA LYS E 362 -5.29 27.39 10.45
C LYS E 362 -5.02 25.87 10.44
N PHE E 363 -5.69 25.16 11.31
CA PHE E 363 -5.60 23.71 11.33
C PHE E 363 -6.18 23.05 10.06
N MET E 364 -7.31 23.54 9.58
CA MET E 364 -7.84 23.07 8.31
C MET E 364 -6.83 23.30 7.15
N ALA E 365 -6.20 24.44 7.13
CA ALA E 365 -5.28 24.75 6.09
C ALA E 365 -4.09 23.78 6.14
N HIS E 366 -3.58 23.53 7.32
CA HIS E 366 -2.34 22.82 7.48
C HIS E 366 -2.44 21.30 7.44
N ILE E 367 -3.44 20.74 8.11
CA ILE E 367 -3.54 19.28 8.13
C ILE E 367 -3.64 18.72 6.68
N HIS E 368 -4.42 19.37 5.84
CA HIS E 368 -4.62 18.93 4.50
C HIS E 368 -3.37 19.13 3.66
N ARG E 369 -2.65 20.23 3.86
CA ARG E 369 -1.44 20.43 3.14
C ARG E 369 -0.44 19.35 3.51
N ALA E 370 -0.37 19.03 4.77
CA ALA E 370 0.62 18.06 5.22
C ALA E 370 0.33 16.65 4.69
N VAL E 371 -0.90 16.24 4.81
CA VAL E 371 -1.31 14.89 4.42
C VAL E 371 -1.27 14.71 2.87
N HIS E 372 -1.53 15.75 2.11
CA HIS E 372 -1.42 15.66 0.66
C HIS E 372 -0.07 16.07 0.15
N ARG E 373 0.78 16.57 1.02
CA ARG E 373 2.09 17.09 0.60
C ARG E 373 1.93 18.11 -0.51
N ASP E 374 1.05 19.04 -0.27
CA ASP E 374 0.60 19.99 -1.31
C ASP E 374 0.26 21.31 -0.65
N ALA E 375 1.20 22.24 -0.76
CA ALA E 375 1.14 23.50 -0.13
C ALA E 375 0.02 24.37 -0.67
N ASP E 376 -0.61 23.97 -1.76
CA ASP E 376 -1.72 24.74 -2.35
C ASP E 376 -3.00 23.96 -2.43
N VAL E 377 -3.18 22.99 -1.55
CA VAL E 377 -4.37 22.14 -1.57
C VAL E 377 -5.65 22.88 -1.27
N LEU E 378 -5.59 23.86 -0.37
CA LEU E 378 -6.72 24.75 -0.04
C LEU E 378 -6.16 26.12 0.18
N THR E 379 -6.67 27.08 -0.57
CA THR E 379 -6.21 28.47 -0.41
C THR E 379 -6.75 29.02 0.90
N PRO E 380 -6.12 30.06 1.41
CA PRO E 380 -6.67 30.66 2.61
C PRO E 380 -7.99 31.33 2.35
N GLU E 381 -8.18 31.83 1.14
CA GLU E 381 -9.50 32.32 0.72
C GLU E 381 -10.60 31.25 0.84
N LYS E 382 -10.32 30.05 0.38
CA LYS E 382 -11.27 28.94 0.46
C LYS E 382 -11.55 28.55 1.90
N ILE E 383 -10.51 28.57 2.74
CA ILE E 383 -10.73 28.30 4.17
C ILE E 383 -11.68 29.36 4.78
N LEU E 384 -11.41 30.62 4.47
CA LEU E 384 -12.22 31.70 4.99
C LEU E 384 -13.64 31.57 4.47
N GLU E 385 -13.80 31.09 3.24
CA GLU E 385 -15.15 30.84 2.72
C GLU E 385 -15.86 29.76 3.50
N MET E 386 -15.11 28.70 3.86
CA MET E 386 -15.69 27.62 4.64
C MET E 386 -16.20 28.14 5.99
N ALA E 387 -15.51 29.10 6.55
CA ALA E 387 -15.91 29.66 7.85
C ALA E 387 -17.02 30.67 7.75
N THR E 388 -17.35 31.11 6.54
CA THR E 388 -18.36 32.15 6.35
C THR E 388 -19.42 31.70 5.34
N ILE E 389 -19.27 32.11 4.06
CA ILE E 389 -20.38 31.93 3.09
C ILE E 389 -20.68 30.45 2.79
N ASP E 390 -19.67 29.60 2.76
CA ASP E 390 -19.92 28.19 2.57
C ASP E 390 -20.49 27.53 3.79
N GLY E 391 -20.07 27.98 4.95
CA GLY E 391 -20.70 27.54 6.21
C GLY E 391 -22.16 27.85 6.23
N ALA E 392 -22.50 29.06 5.79
CA ALA E 392 -23.94 29.43 5.70
C ALA E 392 -24.73 28.50 4.76
N ARG E 393 -24.12 28.16 3.62
CA ARG E 393 -24.66 27.23 2.71
C ARG E 393 -24.84 25.84 3.35
N SER E 394 -23.88 25.42 4.17
CA SER E 394 -23.99 24.13 4.85
C SER E 394 -25.12 24.06 5.84
N LEU E 395 -25.57 25.21 6.31
CA LEU E 395 -26.73 25.26 7.21
C LEU E 395 -28.02 25.60 6.49
N GLY E 396 -27.98 25.75 5.18
CA GLY E 396 -29.20 26.13 4.45
C GLY E 396 -29.57 27.58 4.63
N MET E 397 -28.63 28.43 5.06
CA MET E 397 -28.97 29.78 5.49
C MET E 397 -28.23 30.87 4.70
N ASP E 398 -27.67 30.49 3.58
CA ASP E 398 -26.87 31.40 2.79
C ASP E 398 -27.66 32.55 2.15
N HIS E 399 -28.98 32.42 2.05
CA HIS E 399 -29.79 33.53 1.61
C HIS E 399 -29.79 34.64 2.69
N GLU E 400 -29.56 34.29 3.97
CA GLU E 400 -29.72 35.18 5.08
C GLU E 400 -28.40 35.64 5.66
N ILE E 401 -27.38 34.78 5.70
CA ILE E 401 -26.13 35.13 6.37
C ILE E 401 -24.90 34.70 5.56
N GLY E 402 -23.73 35.06 6.04
CA GLY E 402 -22.48 34.54 5.52
C GLY E 402 -21.70 35.45 4.57
N SER E 403 -22.31 36.56 4.22
CA SER E 403 -21.63 37.55 3.41
C SER E 403 -22.17 38.95 3.67
N ILE E 404 -21.38 39.95 3.30
CA ILE E 404 -21.74 41.33 3.44
C ILE E 404 -22.41 41.77 2.11
N GLU E 405 -23.70 41.51 2.03
CA GLU E 405 -24.49 41.77 0.86
C GLU E 405 -25.84 42.35 1.27
N THR E 406 -26.41 43.15 0.38
CA THR E 406 -27.65 43.84 0.67
C THR E 406 -28.76 42.81 0.83
N GLY E 407 -29.61 42.98 1.83
CA GLY E 407 -30.71 42.07 2.13
C GLY E 407 -30.38 41.05 3.19
N LYS E 408 -29.09 40.76 3.40
CA LYS E 408 -28.69 39.80 4.44
C LYS E 408 -28.63 40.35 5.87
N ARG E 409 -28.70 39.47 6.82
CA ARG E 409 -28.65 39.85 8.23
C ARG E 409 -27.31 40.47 8.55
N ALA E 410 -27.35 41.42 9.46
CA ALA E 410 -26.15 42.12 9.83
C ALA E 410 -25.36 41.38 10.94
N ASP E 411 -24.76 40.25 10.56
CA ASP E 411 -23.87 39.51 11.41
C ASP E 411 -22.49 39.85 10.89
N LEU E 412 -21.75 40.67 11.62
CA LEU E 412 -20.53 41.31 11.13
C LEU E 412 -19.51 41.40 12.24
N ILE E 413 -18.27 41.20 11.89
CA ILE E 413 -17.20 41.27 12.85
C ILE E 413 -16.12 42.22 12.38
N LEU E 414 -15.53 42.91 13.33
CA LEU E 414 -14.43 43.84 13.06
C LEU E 414 -13.15 43.31 13.70
N LEU E 415 -12.15 43.13 12.89
CA LEU E 415 -10.86 42.64 13.32
C LEU E 415 -9.83 43.77 13.22
N ASP E 416 -8.94 43.80 14.20
CA ASP E 416 -7.84 44.71 14.22
C ASP E 416 -6.58 43.95 13.97
N LEU E 417 -5.90 44.28 12.90
CA LEU E 417 -4.67 43.58 12.52
C LEU E 417 -3.41 44.28 12.99
N ARG E 418 -3.58 45.29 13.82
CA ARG E 418 -2.44 46.02 14.34
C ARG E 418 -1.89 45.35 15.61
N HIS E 419 -1.34 44.17 15.43
CA HIS E 419 -0.70 43.44 16.46
C HIS E 419 0.53 42.80 15.84
N PRO E 420 1.51 42.45 16.65
CA PRO E 420 2.75 41.90 16.11
C PRO E 420 2.54 40.70 15.19
N GLN E 421 1.70 39.79 15.61
CA GLN E 421 1.54 38.54 14.86
C GLN E 421 0.93 38.76 13.47
N THR E 422 0.05 39.75 13.34
CA THR E 422 -0.59 40.07 12.08
C THR E 422 0.06 41.21 11.35
N THR E 423 1.33 41.46 11.65
CA THR E 423 2.14 42.42 10.90
C THR E 423 3.33 41.68 10.27
N PRO E 424 3.65 41.92 9.00
CA PRO E 424 2.84 42.71 8.08
C PRO E 424 1.65 41.98 7.62
N HIS E 425 0.79 42.69 6.92
CA HIS E 425 -0.44 42.11 6.34
C HIS E 425 -0.74 42.77 4.99
N HIS E 426 -0.85 41.97 3.95
CA HIS E 426 -1.14 42.52 2.64
C HIS E 426 -2.34 41.79 2.10
N HIS E 427 -2.24 40.49 1.98
CA HIS E 427 -3.32 39.65 1.59
C HIS E 427 -4.07 39.28 2.88
N LEU E 428 -5.32 39.67 2.97
CA LEU E 428 -6.02 39.56 4.21
C LEU E 428 -6.38 38.15 4.56
N ALA E 429 -6.80 37.36 3.59
CA ALA E 429 -7.16 35.97 3.93
C ALA E 429 -5.94 35.20 4.50
N ALA E 430 -4.79 35.39 3.88
CA ALA E 430 -3.58 34.71 4.30
C ALA E 430 -3.17 35.16 5.67
N THR E 431 -3.32 36.45 5.91
CA THR E 431 -3.00 36.99 7.21
C THR E 431 -3.92 36.40 8.30
N ILE E 432 -5.20 36.37 8.04
CA ILE E 432 -6.12 35.83 9.02
C ILE E 432 -5.90 34.33 9.27
N VAL E 433 -5.74 33.56 8.22
CA VAL E 433 -5.62 32.10 8.36
C VAL E 433 -4.27 31.67 8.96
N PHE E 434 -3.20 32.27 8.50
CA PHE E 434 -1.86 31.83 8.83
C PHE E 434 -1.17 32.59 9.96
N GLN E 435 -1.69 33.76 10.34
CA GLN E 435 -1.05 34.59 11.36
C GLN E 435 -1.89 34.90 12.58
N ALA E 436 -3.18 35.14 12.42
CA ALA E 436 -3.99 35.55 13.53
C ALA E 436 -4.13 34.44 14.56
N TYR E 437 -4.21 34.82 15.80
CA TYR E 437 -4.30 33.85 16.87
C TYR E 437 -5.76 33.57 17.27
N GLY E 438 -6.61 34.56 17.08
CA GLY E 438 -7.98 34.43 17.52
C GLY E 438 -8.44 35.45 18.54
N ASN E 439 -7.56 36.36 18.93
CA ASN E 439 -7.87 37.43 19.85
C ASN E 439 -7.92 38.81 19.19
N GLU E 440 -7.88 38.84 17.89
CA GLU E 440 -7.88 40.07 17.15
C GLU E 440 -9.26 40.65 16.82
N VAL E 441 -10.31 39.90 17.10
CA VAL E 441 -11.64 40.39 16.94
C VAL E 441 -11.97 41.39 18.04
N ASP E 442 -12.39 42.56 17.63
CA ASP E 442 -12.66 43.67 18.48
C ASP E 442 -14.14 43.84 18.75
N THR E 443 -14.94 43.86 17.68
CA THR E 443 -16.31 44.22 17.78
C THR E 443 -17.12 43.18 17.01
N VAL E 444 -18.26 42.78 17.58
CA VAL E 444 -19.13 41.81 16.94
C VAL E 444 -20.56 42.29 16.94
N LEU E 445 -21.18 42.29 15.76
CA LEU E 445 -22.62 42.53 15.59
C LEU E 445 -23.34 41.26 15.17
N ILE E 446 -24.52 41.04 15.77
CA ILE E 446 -25.32 39.90 15.44
C ILE E 446 -26.73 40.42 15.32
N ASP E 447 -27.31 40.20 14.15
CA ASP E 447 -28.63 40.71 13.83
C ASP E 447 -28.70 42.20 14.03
N GLY E 448 -27.62 42.87 13.71
CA GLY E 448 -27.53 44.27 13.91
C GLY E 448 -27.30 44.76 15.35
N ASN E 449 -27.23 43.89 16.34
CA ASN E 449 -27.01 44.32 17.73
C ASN E 449 -25.55 44.16 18.10
N VAL E 450 -25.04 45.09 18.86
CA VAL E 450 -23.68 45.06 19.31
C VAL E 450 -23.56 44.10 20.48
N VAL E 451 -22.94 42.96 20.24
CA VAL E 451 -22.76 41.94 21.27
C VAL E 451 -21.36 42.04 21.94
N MET E 452 -20.41 42.57 21.20
CA MET E 452 -19.11 42.83 21.74
C MET E 452 -18.58 44.10 21.10
N GLU E 453 -17.94 44.93 21.90
CA GLU E 453 -17.36 46.17 21.41
C GLU E 453 -16.04 46.40 22.14
N ASN E 454 -14.98 46.57 21.41
CA ASN E 454 -13.61 46.68 21.97
C ASN E 454 -13.29 45.61 22.99
N ARG E 455 -13.69 44.40 22.65
CA ARG E 455 -13.54 43.20 23.41
C ARG E 455 -14.39 43.15 24.67
N ARG E 456 -15.20 44.17 24.90
N ARG E 456 -15.21 44.15 24.88
CA ARG E 456 -16.10 44.12 26.04
CA ARG E 456 -16.12 44.13 26.01
C ARG E 456 -17.42 43.41 25.65
C ARG E 456 -17.40 43.38 25.64
N LEU E 457 -17.75 42.34 26.36
CA LEU E 457 -18.95 41.56 26.04
C LEU E 457 -20.20 42.16 26.71
N SER E 458 -21.28 42.29 25.96
CA SER E 458 -22.49 42.90 26.45
C SER E 458 -23.17 41.99 27.50
N PHE E 459 -23.01 40.69 27.40
CA PHE E 459 -23.61 39.73 28.33
C PHE E 459 -22.63 39.19 29.39
N LEU E 460 -21.39 39.68 29.37
CA LEU E 460 -20.42 39.33 30.39
C LEU E 460 -19.46 40.53 30.56
N PRO E 461 -19.96 41.59 31.21
CA PRO E 461 -19.16 42.79 31.39
C PRO E 461 -17.85 42.54 32.16
N PRO E 462 -16.81 43.35 31.92
CA PRO E 462 -15.48 43.14 32.49
C PRO E 462 -15.46 43.04 33.99
N GLU E 463 -16.36 43.76 34.66
CA GLU E 463 -16.36 43.71 36.15
C GLU E 463 -16.97 42.42 36.69
N ARG E 464 -17.65 41.64 35.86
CA ARG E 464 -18.15 40.31 36.30
C ARG E 464 -17.32 39.12 35.79
N GLU E 465 -16.43 39.38 34.87
CA GLU E 465 -15.86 38.32 34.08
C GLU E 465 -15.09 37.36 34.96
N LEU E 466 -14.22 37.89 35.83
N LEU E 466 -14.22 37.90 35.83
CA LEU E 466 -13.34 37.03 36.63
CA LEU E 466 -13.35 37.05 36.61
C LEU E 466 -14.14 36.15 37.57
C LEU E 466 -14.14 36.17 37.57
N ALA E 467 -15.12 36.75 38.25
CA ALA E 467 -15.97 35.95 39.19
C ALA E 467 -16.77 34.88 38.43
N PHE E 468 -17.22 35.22 37.23
CA PHE E 468 -17.95 34.22 36.43
C PHE E 468 -17.05 33.04 36.06
N LEU E 469 -15.81 33.34 35.67
CA LEU E 469 -14.87 32.28 35.35
C LEU E 469 -14.58 31.38 36.56
N GLU E 470 -14.43 31.98 37.72
CA GLU E 470 -14.28 31.19 38.97
C GLU E 470 -15.48 30.31 39.30
N GLU E 471 -16.67 30.81 39.05
CA GLU E 471 -17.83 29.96 39.21
C GLU E 471 -17.86 28.82 38.20
N ALA E 472 -17.47 29.09 36.96
CA ALA E 472 -17.42 28.01 35.97
C ALA E 472 -16.38 26.96 36.34
N GLN E 473 -15.28 27.41 36.85
CA GLN E 473 -14.24 26.51 37.40
C GLN E 473 -14.74 25.65 38.55
N SER E 474 -15.38 26.27 39.56
CA SER E 474 -15.98 25.50 40.66
C SER E 474 -17.03 24.53 40.23
N ARG E 475 -17.96 24.99 39.40
CA ARG E 475 -18.99 24.11 38.95
C ARG E 475 -18.42 22.90 38.22
N ALA E 476 -17.37 23.12 37.41
CA ALA E 476 -16.73 22.04 36.68
C ALA E 476 -16.12 21.06 37.64
N THR E 477 -15.41 21.55 38.64
CA THR E 477 -14.83 20.66 39.67
C THR E 477 -15.89 19.86 40.35
N ALA E 478 -17.03 20.49 40.65
CA ALA E 478 -18.09 19.76 41.34
C ALA E 478 -18.78 18.71 40.44
N ILE E 479 -18.98 19.07 39.17
CA ILE E 479 -19.55 18.12 38.19
C ILE E 479 -18.70 16.84 38.12
N LEU E 480 -17.38 17.03 38.03
CA LEU E 480 -16.50 15.93 37.93
C LEU E 480 -16.51 15.05 39.21
N GLN E 481 -16.61 15.67 40.39
CA GLN E 481 -16.77 14.91 41.65
C GLN E 481 -18.06 14.12 41.66
N ARG E 482 -19.17 14.75 41.31
CA ARG E 482 -20.46 14.01 41.27
C ARG E 482 -20.41 12.82 40.28
N ALA E 483 -19.71 12.97 39.16
CA ALA E 483 -19.56 11.92 38.20
C ALA E 483 -18.46 10.90 38.50
N ASN E 484 -17.69 11.14 39.54
CA ASN E 484 -16.53 10.33 39.88
C ASN E 484 -15.43 10.27 38.83
N MET E 485 -15.21 11.37 38.13
CA MET E 485 -14.29 11.45 37.02
C MET E 485 -13.02 12.09 37.52
N VAL E 486 -11.88 11.62 37.02
CA VAL E 486 -10.54 12.12 37.37
C VAL E 486 -10.26 13.40 36.57
N ALA E 487 -10.01 14.47 37.28
CA ALA E 487 -9.92 15.79 36.68
C ALA E 487 -8.50 16.06 36.18
N ASN E 488 -7.52 15.55 36.94
CA ASN E 488 -6.15 15.94 36.84
C ASN E 488 -5.27 14.72 36.99
N PRO E 489 -5.19 13.90 35.93
CA PRO E 489 -4.36 12.68 36.03
C PRO E 489 -2.87 12.99 36.21
N ALA E 490 -2.21 12.10 36.92
CA ALA E 490 -0.81 12.24 37.30
C ALA E 490 0.03 12.42 36.03
N TRP E 491 1.03 13.27 36.15
CA TRP E 491 1.94 13.55 35.09
C TRP E 491 2.42 12.28 34.35
N ARG E 492 2.28 12.28 33.05
CA ARG E 492 2.69 11.14 32.25
C ARG E 492 3.28 11.60 30.93
N SER E 493 4.53 11.25 30.74
CA SER E 493 5.29 11.61 29.55
C SER E 493 5.14 10.65 28.40
N LEU E 494 4.83 9.41 28.74
CA LEU E 494 4.73 8.34 27.78
C LEU E 494 3.40 7.60 28.01
N THR F 23 17.49 41.52 42.57
CA THR F 23 17.01 40.20 43.02
C THR F 23 15.54 40.24 42.90
N LEU F 24 15.01 39.06 42.67
CA LEU F 24 13.64 39.02 42.39
C LEU F 24 13.03 37.78 43.02
N SER F 25 11.88 37.99 43.64
CA SER F 25 11.15 36.93 44.24
C SER F 25 9.81 36.80 43.52
N ILE F 26 9.53 35.62 42.98
CA ILE F 26 8.27 35.35 42.36
C ILE F 26 7.47 34.53 43.33
N GLN F 27 6.33 35.05 43.75
CA GLN F 27 5.59 34.48 44.86
C GLN F 27 4.12 34.11 44.57
N HIS F 28 3.70 33.07 45.27
CA HIS F 28 2.35 32.59 45.27
C HIS F 28 1.84 32.05 43.92
N GLY F 29 2.73 31.61 43.07
CA GLY F 29 2.31 30.95 41.82
C GLY F 29 2.25 29.44 41.93
N THR F 30 1.69 28.79 40.89
CA THR F 30 1.83 27.36 40.72
C THR F 30 3.03 27.19 39.81
N LEU F 31 4.04 26.50 40.32
CA LEU F 31 5.26 26.21 39.57
C LEU F 31 5.18 24.87 38.83
N VAL F 32 5.19 24.95 37.51
CA VAL F 32 5.28 23.80 36.66
C VAL F 32 6.76 23.65 36.32
N THR F 33 7.45 22.88 37.12
CA THR F 33 8.89 22.93 37.12
C THR F 33 9.59 22.34 35.89
N MET F 34 8.97 21.33 35.30
CA MET F 34 9.66 20.44 34.36
C MET F 34 10.95 19.83 34.90
N ASP F 35 11.04 19.69 36.21
CA ASP F 35 12.22 19.10 36.85
C ASP F 35 12.25 17.60 36.74
N GLN F 36 13.26 17.00 37.34
N GLN F 36 13.30 17.01 37.32
CA GLN F 36 13.54 15.56 37.20
CA GLN F 36 13.51 15.55 37.20
C GLN F 36 12.32 14.75 37.64
C GLN F 36 12.34 14.71 37.66
N TYR F 37 11.56 15.24 38.64
CA TYR F 37 10.33 14.54 39.09
C TYR F 37 9.03 15.14 38.45
N ARG F 38 9.19 16.06 37.51
CA ARG F 38 8.07 16.84 36.95
C ARG F 38 7.13 17.47 37.99
N ARG F 39 7.71 18.02 39.05
CA ARG F 39 6.91 18.55 40.15
C ARG F 39 6.05 19.73 39.64
N VAL F 40 4.82 19.74 40.09
CA VAL F 40 3.94 20.87 39.97
C VAL F 40 3.61 21.35 41.39
N LEU F 41 4.12 22.53 41.76
CA LEU F 41 4.05 23.02 43.11
C LEU F 41 3.07 24.17 43.22
N GLY F 42 1.97 23.90 43.92
CA GLY F 42 0.98 24.91 44.27
C GLY F 42 1.51 25.94 45.25
N ASP F 43 1.07 27.18 45.08
CA ASP F 43 1.34 28.29 46.02
C ASP F 43 2.78 28.26 46.52
N SER F 44 3.68 28.51 45.58
CA SER F 44 5.08 28.34 45.76
C SER F 44 5.84 29.51 45.19
N TRP F 45 7.12 29.57 45.49
CA TRP F 45 7.92 30.75 45.18
C TRP F 45 9.27 30.37 44.60
N VAL F 46 9.86 31.33 43.89
CA VAL F 46 11.13 31.19 43.25
C VAL F 46 11.93 32.43 43.54
N HIS F 47 13.16 32.22 44.00
CA HIS F 47 14.09 33.29 44.23
C HIS F 47 15.16 33.38 43.16
N VAL F 48 15.30 34.56 42.59
CA VAL F 48 16.23 34.82 41.51
C VAL F 48 17.29 35.89 41.83
N GLN F 49 18.54 35.58 41.51
CA GLN F 49 19.64 36.43 41.84
C GLN F 49 20.73 36.22 40.80
N ASP F 50 21.26 37.31 40.25
CA ASP F 50 22.40 37.25 39.34
C ASP F 50 22.15 36.31 38.13
N GLY F 51 20.97 36.43 37.56
CA GLY F 51 20.53 35.64 36.46
C GLY F 51 20.19 34.19 36.72
N ARG F 52 20.19 33.72 37.97
CA ARG F 52 20.02 32.31 38.28
C ARG F 52 18.86 32.07 39.24
N ILE F 53 18.25 30.90 39.14
CA ILE F 53 17.36 30.39 40.13
C ILE F 53 18.18 29.89 41.32
N VAL F 54 18.08 30.61 42.43
CA VAL F 54 18.91 30.36 43.61
C VAL F 54 18.18 29.47 44.58
N ALA F 55 16.86 29.62 44.67
CA ALA F 55 16.05 28.75 45.55
C ALA F 55 14.57 28.72 45.17
N LEU F 56 13.88 27.69 45.61
CA LEU F 56 12.49 27.49 45.40
C LEU F 56 11.90 26.97 46.66
N GLY F 57 10.61 27.20 46.88
CA GLY F 57 9.93 26.58 48.00
C GLY F 57 8.42 26.72 47.96
N VAL F 58 7.78 25.99 48.85
CA VAL F 58 6.35 26.01 49.05
C VAL F 58 6.00 26.94 50.22
N HIS F 59 5.07 27.87 49.98
CA HIS F 59 4.79 28.95 50.95
C HIS F 59 4.36 28.42 52.30
N ALA F 60 3.59 27.34 52.30
CA ALA F 60 3.10 26.72 53.54
C ALA F 60 4.21 26.10 54.37
N GLU F 61 5.35 25.77 53.74
CA GLU F 61 6.47 25.13 54.47
C GLU F 61 7.71 26.03 54.64
N SER F 62 7.75 27.18 53.96
CA SER F 62 8.97 27.99 53.97
C SER F 62 8.69 29.44 53.60
N VAL F 63 9.59 30.28 54.04
CA VAL F 63 9.47 31.72 53.85
C VAL F 63 10.50 32.06 52.78
N PRO F 64 10.08 32.84 51.80
CA PRO F 64 11.02 33.22 50.78
C PRO F 64 12.12 34.18 51.32
N PRO F 65 13.33 34.10 50.80
CA PRO F 65 14.40 35.03 51.13
C PRO F 65 14.07 36.46 50.75
N PRO F 66 14.73 37.42 51.40
CA PRO F 66 14.51 38.81 51.03
C PRO F 66 14.92 39.07 49.59
N ALA F 67 14.21 39.96 48.94
CA ALA F 67 14.53 40.34 47.62
C ALA F 67 14.29 41.84 47.36
N ASP F 68 14.92 42.38 46.34
CA ASP F 68 14.74 43.80 45.97
C ASP F 68 13.35 44.06 45.52
N ARG F 69 12.75 43.06 44.87
CA ARG F 69 11.38 43.18 44.43
C ARG F 69 10.63 41.83 44.33
N VAL F 70 9.34 41.89 44.62
CA VAL F 70 8.47 40.76 44.63
C VAL F 70 7.55 40.89 43.44
N ILE F 71 7.50 39.83 42.62
CA ILE F 71 6.50 39.76 41.58
C ILE F 71 5.40 38.84 42.12
N ASP F 72 4.19 39.35 42.17
CA ASP F 72 3.05 38.59 42.67
C ASP F 72 2.42 37.74 41.59
N ALA F 73 2.57 36.43 41.70
CA ALA F 73 2.03 35.50 40.73
C ALA F 73 0.80 34.77 41.20
N ARG F 74 0.17 35.32 42.21
CA ARG F 74 -1.06 34.72 42.69
C ARG F 74 -2.06 34.54 41.59
N GLY F 75 -2.67 33.36 41.56
CA GLY F 75 -3.60 33.01 40.52
C GLY F 75 -2.96 32.74 39.13
N LYS F 76 -1.62 32.59 39.09
CA LYS F 76 -0.87 32.37 37.83
C LYS F 76 0.01 31.14 37.84
N VAL F 77 0.39 30.73 36.64
CA VAL F 77 1.19 29.54 36.45
C VAL F 77 2.55 29.97 36.00
N VAL F 78 3.56 29.43 36.65
CA VAL F 78 4.96 29.74 36.32
C VAL F 78 5.60 28.50 35.59
N LEU F 79 6.20 28.73 34.43
CA LEU F 79 6.87 27.71 33.60
C LEU F 79 8.28 28.17 33.29
N PRO F 80 9.13 27.24 32.91
CA PRO F 80 10.32 27.62 32.22
C PRO F 80 9.96 28.23 30.88
N GLY F 81 10.79 29.13 30.41
CA GLY F 81 10.52 29.80 29.15
C GLY F 81 10.59 28.84 27.99
N PHE F 82 9.78 29.11 26.98
CA PHE F 82 9.71 28.23 25.84
C PHE F 82 10.97 28.41 25.03
N ILE F 83 11.41 27.32 24.42
CA ILE F 83 12.62 27.27 23.62
C ILE F 83 12.28 27.00 22.17
N ASN F 84 12.56 27.97 21.31
CA ASN F 84 12.32 27.81 19.88
C ASN F 84 13.54 27.13 19.24
N ALA F 85 13.44 25.84 19.01
CA ALA F 85 14.61 24.99 18.70
C ALA F 85 15.22 25.19 17.33
N HIS F 86 14.45 25.85 16.43
CA HIS F 86 14.90 26.13 15.09
C HIS F 86 13.95 27.13 14.46
N THR F 87 14.50 28.27 14.06
CA THR F 87 13.72 29.32 13.43
C THR F 87 14.59 30.13 12.46
N HIS F 88 13.95 30.95 11.62
CA HIS F 88 14.67 31.90 10.73
C HIS F 88 13.95 33.22 10.87
N VAL F 89 14.63 34.19 11.42
CA VAL F 89 14.01 35.37 11.97
C VAL F 89 13.67 36.49 10.96
N ASN F 90 14.62 36.88 10.15
CA ASN F 90 14.50 38.12 9.34
C ASN F 90 13.34 38.03 8.30
N GLN F 91 13.13 36.82 7.81
CA GLN F 91 12.05 36.48 6.88
C GLN F 91 10.68 36.84 7.38
N ILE F 92 10.53 37.15 8.65
CA ILE F 92 9.25 37.56 9.16
C ILE F 92 8.64 38.75 8.39
N LEU F 93 9.48 39.60 7.79
CA LEU F 93 8.97 40.72 6.99
C LEU F 93 8.40 40.31 5.63
N LEU F 94 8.41 39.01 5.30
CA LEU F 94 7.85 38.51 4.05
C LEU F 94 6.54 37.80 4.17
N ARG F 95 5.99 37.75 5.38
CA ARG F 95 4.72 37.15 5.55
C ARG F 95 3.62 38.11 5.20
N GLY F 96 2.41 37.62 5.23
CA GLY F 96 1.22 38.44 5.05
C GLY F 96 0.70 38.50 3.63
N GLY F 97 1.00 37.50 2.84
CA GLY F 97 0.59 37.48 1.45
C GLY F 97 1.54 36.85 0.41
N PRO F 98 2.83 37.18 0.46
CA PRO F 98 3.77 36.74 -0.53
C PRO F 98 4.21 35.30 -0.42
N SER F 99 3.97 34.60 0.69
CA SER F 99 4.79 33.46 1.03
C SER F 99 4.11 32.09 0.93
N HIS F 100 2.78 32.08 0.98
CA HIS F 100 2.01 30.85 1.14
C HIS F 100 1.73 30.19 -0.24
N GLY F 101 1.33 28.92 -0.17
CA GLY F 101 0.81 28.22 -1.34
C GLY F 101 1.92 27.63 -2.19
N ARG F 102 3.15 27.57 -1.68
CA ARG F 102 4.27 27.15 -2.51
C ARG F 102 5.03 26.03 -1.84
N GLN F 103 5.41 25.02 -2.63
CA GLN F 103 6.35 23.98 -2.18
C GLN F 103 7.68 24.59 -1.82
N PHE F 104 8.46 23.84 -1.03
CA PHE F 104 9.68 24.33 -0.46
C PHE F 104 10.56 25.08 -1.42
N TYR F 105 10.91 24.48 -2.57
CA TYR F 105 11.84 25.12 -3.52
C TYR F 105 11.25 26.34 -4.24
N ASP F 106 9.96 26.32 -4.44
CA ASP F 106 9.23 27.42 -5.04
C ASP F 106 9.28 28.62 -4.08
N TRP F 107 8.95 28.37 -2.83
CA TRP F 107 9.06 29.34 -1.77
C TRP F 107 10.51 29.86 -1.64
N LEU F 108 11.45 28.94 -1.65
CA LEU F 108 12.84 29.34 -1.41
C LEU F 108 13.36 30.30 -2.49
N PHE F 109 13.08 29.98 -3.76
CA PHE F 109 13.67 30.71 -4.89
C PHE F 109 12.86 31.91 -5.37
N ASN F 110 11.55 31.87 -5.17
CA ASN F 110 10.71 33.01 -5.56
C ASN F 110 10.37 33.94 -4.43
N VAL F 111 10.65 33.53 -3.18
CA VAL F 111 10.27 34.38 -2.03
C VAL F 111 11.43 34.66 -1.08
N VAL F 112 11.96 33.63 -0.47
CA VAL F 112 12.94 33.79 0.58
C VAL F 112 14.26 34.41 0.11
N TYR F 113 14.92 33.79 -0.86
CA TYR F 113 16.20 34.33 -1.32
C TYR F 113 16.13 35.78 -1.82
N PRO F 114 15.21 36.08 -2.76
CA PRO F 114 15.10 37.44 -3.25
C PRO F 114 14.58 38.45 -2.21
N GLY F 115 13.66 38.01 -1.36
CA GLY F 115 13.16 38.88 -0.30
C GLY F 115 14.28 39.26 0.68
N GLN F 116 15.08 38.28 1.10
CA GLN F 116 16.17 38.51 2.03
C GLN F 116 17.17 39.46 1.39
N LYS F 117 17.45 39.23 0.11
CA LYS F 117 18.45 40.02 -0.57
C LYS F 117 18.07 41.51 -0.68
N ALA F 118 16.79 41.80 -0.81
CA ALA F 118 16.32 43.16 -0.89
C ALA F 118 16.27 43.84 0.47
N MET F 119 16.40 43.10 1.57
CA MET F 119 16.42 43.75 2.88
C MET F 119 17.77 44.44 3.17
N ARG F 120 17.68 45.65 3.68
CA ARG F 120 18.83 46.42 4.14
C ARG F 120 19.04 46.17 5.63
N PRO F 121 20.20 46.53 6.15
CA PRO F 121 20.42 46.35 7.59
C PRO F 121 19.37 47.01 8.51
N GLU F 122 18.85 48.14 8.12
CA GLU F 122 17.85 48.82 8.97
C GLU F 122 16.54 48.05 8.90
N ASP F 123 16.27 47.35 7.79
CA ASP F 123 15.10 46.49 7.73
C ASP F 123 15.30 45.30 8.64
N VAL F 124 16.50 44.75 8.64
CA VAL F 124 16.83 43.60 9.54
C VAL F 124 16.60 43.97 10.99
N ALA F 125 16.96 45.17 11.38
CA ALA F 125 16.80 45.56 12.77
C ALA F 125 15.35 45.56 13.16
N VAL F 126 14.51 46.07 12.26
CA VAL F 126 13.09 46.07 12.48
C VAL F 126 12.49 44.65 12.48
N ALA F 127 12.93 43.81 11.56
CA ALA F 127 12.49 42.42 11.52
C ALA F 127 12.78 41.71 12.86
N VAL F 128 13.97 41.92 13.39
CA VAL F 128 14.40 41.26 14.56
C VAL F 128 13.57 41.73 15.77
N ARG F 129 13.34 43.02 15.85
CA ARG F 129 12.56 43.53 16.95
C ARG F 129 11.10 43.03 16.85
N LEU F 130 10.56 42.98 15.63
CA LEU F 130 9.17 42.51 15.44
C LEU F 130 9.07 41.00 15.89
N TYR F 131 10.03 40.19 15.43
CA TYR F 131 10.07 38.79 15.76
C TYR F 131 10.15 38.66 17.28
N CYS F 132 11.03 39.40 17.93
CA CYS F 132 11.21 39.23 19.34
C CYS F 132 9.99 39.68 20.13
N ALA F 133 9.29 40.71 19.64
CA ALA F 133 8.05 41.12 20.28
C ALA F 133 7.00 40.01 20.26
N GLU F 134 6.79 39.41 19.10
CA GLU F 134 5.85 38.33 18.99
C GLU F 134 6.29 37.09 19.81
N ALA F 135 7.59 36.79 19.73
CA ALA F 135 8.13 35.67 20.46
C ALA F 135 7.95 35.79 21.96
N VAL F 136 8.35 36.93 22.51
CA VAL F 136 8.29 37.13 23.95
C VAL F 136 6.86 37.18 24.41
N ARG F 137 6.00 37.83 23.65
CA ARG F 137 4.57 37.86 23.98
C ARG F 137 3.98 36.44 24.00
N SER F 138 4.56 35.49 23.27
CA SER F 138 4.07 34.14 23.32
C SER F 138 4.88 33.24 24.29
N GLY F 139 5.80 33.84 25.07
CA GLY F 139 6.49 33.09 26.12
C GLY F 139 7.78 32.43 25.70
N ILE F 140 8.22 32.70 24.48
CA ILE F 140 9.53 32.22 24.00
C ILE F 140 10.66 33.06 24.55
N THR F 141 11.65 32.40 25.16
CA THR F 141 12.78 33.07 25.78
C THR F 141 14.11 32.73 25.14
N THR F 142 14.21 31.56 24.52
CA THR F 142 15.42 31.19 23.79
C THR F 142 15.03 30.89 22.33
N ILE F 143 15.82 31.44 21.43
CA ILE F 143 15.59 31.40 20.01
C ILE F 143 16.85 30.83 19.34
N ASN F 144 16.71 29.75 18.59
CA ASN F 144 17.82 29.24 17.75
C ASN F 144 17.67 29.78 16.34
N GLU F 145 18.26 30.93 16.13
CA GLU F 145 18.19 31.63 14.85
C GLU F 145 19.15 31.05 13.78
N ASN F 146 18.61 30.43 12.75
CA ASN F 146 19.40 30.00 11.64
C ASN F 146 19.47 31.11 10.62
N ALA F 147 20.61 31.75 10.56
CA ALA F 147 20.78 33.01 9.82
C ALA F 147 21.29 32.76 8.42
N ASP F 148 20.36 32.76 7.47
CA ASP F 148 20.68 32.49 6.06
C ASP F 148 21.10 33.74 5.28
N SER F 149 21.02 34.91 5.93
CA SER F 149 21.32 36.17 5.27
C SER F 149 22.52 36.88 5.95
N ALA F 150 23.25 36.12 6.76
CA ALA F 150 24.43 36.64 7.45
C ALA F 150 25.56 37.08 6.51
N ILE F 151 25.49 36.60 5.29
CA ILE F 151 26.48 36.93 4.27
C ILE F 151 26.42 38.40 3.81
N TYR F 152 25.27 39.04 3.94
CA TYR F 152 25.18 40.41 3.45
C TYR F 152 25.80 41.39 4.48
N PRO F 153 26.63 42.36 4.00
CA PRO F 153 27.29 43.37 4.87
C PRO F 153 26.33 44.12 5.75
N GLY F 154 26.66 44.22 7.02
CA GLY F 154 25.85 45.01 7.98
C GLY F 154 24.73 44.23 8.69
N ASN F 155 24.34 43.11 8.15
CA ASN F 155 23.22 42.35 8.72
C ASN F 155 23.53 41.79 10.08
N ILE F 156 24.70 41.17 10.22
CA ILE F 156 25.07 40.65 11.53
C ILE F 156 25.02 41.73 12.61
N GLU F 157 25.63 42.88 12.31
CA GLU F 157 25.75 43.95 13.34
C GLU F 157 24.38 44.48 13.69
N ALA F 158 23.53 44.69 12.71
CA ALA F 158 22.19 45.17 12.98
C ALA F 158 21.37 44.19 13.85
N ALA F 159 21.43 42.91 13.49
CA ALA F 159 20.66 41.90 14.23
C ALA F 159 21.16 41.76 15.65
N MET F 160 22.46 41.63 15.81
CA MET F 160 23.08 41.43 17.13
C MET F 160 22.87 42.57 18.08
N ALA F 161 22.90 43.80 17.59
CA ALA F 161 22.57 44.93 18.46
C ALA F 161 21.13 44.85 18.99
N VAL F 162 20.18 44.46 18.15
CA VAL F 162 18.79 44.26 18.64
C VAL F 162 18.63 43.04 19.59
N TYR F 163 19.20 41.90 19.26
CA TYR F 163 19.14 40.78 20.17
C TYR F 163 19.67 41.14 21.54
N GLY F 164 20.84 41.78 21.55
CA GLY F 164 21.45 42.23 22.81
C GLY F 164 20.55 43.15 23.61
N GLU F 165 20.04 44.17 22.95
CA GLU F 165 19.13 45.11 23.60
C GLU F 165 17.82 44.45 24.11
N VAL F 166 17.23 43.59 23.29
CA VAL F 166 16.00 42.95 23.65
C VAL F 166 16.11 42.06 24.90
N GLY F 167 17.21 41.33 25.03
CA GLY F 167 17.42 40.54 26.23
C GLY F 167 17.10 39.07 26.03
N VAL F 168 16.77 38.67 24.80
CA VAL F 168 16.45 37.27 24.53
C VAL F 168 17.73 36.43 24.56
N ARG F 169 17.59 35.15 24.89
CA ARG F 169 18.70 34.19 24.75
C ARG F 169 18.67 33.69 23.33
N VAL F 170 19.80 33.76 22.66
CA VAL F 170 19.88 33.54 21.21
C VAL F 170 21.05 32.68 20.85
N VAL F 171 20.78 31.63 20.08
CA VAL F 171 21.81 30.90 19.36
C VAL F 171 21.78 31.39 17.94
N TYR F 172 22.91 31.96 17.47
CA TYR F 172 22.97 32.51 16.15
C TYR F 172 23.75 31.51 15.34
N ALA F 173 23.00 30.73 14.57
CA ALA F 173 23.59 29.65 13.82
C ALA F 173 23.83 30.11 12.38
N ARG F 174 25.09 30.32 12.05
CA ARG F 174 25.42 31.03 10.85
C ARG F 174 25.47 30.04 9.72
N MET F 175 24.50 30.12 8.83
CA MET F 175 24.41 29.18 7.71
C MET F 175 25.38 29.45 6.61
N PHE F 176 25.92 28.38 6.01
CA PHE F 176 26.73 28.53 4.81
C PHE F 176 26.48 27.45 3.79
N PHE F 177 26.86 27.77 2.55
CA PHE F 177 26.69 26.98 1.35
C PHE F 177 28.04 27.11 0.60
N ASP F 178 28.71 26.02 0.32
CA ASP F 178 29.99 26.08 -0.38
C ASP F 178 30.09 25.16 -1.61
N ARG F 179 28.97 24.64 -2.09
CA ARG F 179 29.00 23.64 -3.14
C ARG F 179 27.72 23.79 -3.95
N MET F 180 27.85 23.76 -5.27
CA MET F 180 26.72 23.89 -6.20
C MET F 180 26.04 22.55 -6.25
N ASP F 181 24.73 22.52 -6.07
CA ASP F 181 23.98 21.29 -6.39
C ASP F 181 23.40 21.38 -7.82
N GLY F 182 24.25 21.09 -8.82
CA GLY F 182 23.92 21.25 -10.26
C GLY F 182 22.71 20.47 -10.78
N ARG F 183 22.44 19.32 -10.14
CA ARG F 183 21.31 18.44 -10.50
C ARG F 183 19.95 19.16 -10.61
N ILE F 184 19.69 20.10 -9.72
CA ILE F 184 18.33 20.65 -9.64
C ILE F 184 18.09 21.88 -10.54
N GLN F 185 18.81 22.06 -11.65
CA GLN F 185 18.74 23.38 -12.34
C GLN F 185 17.54 23.62 -13.30
N GLY F 186 17.15 22.61 -14.07
CA GLY F 186 15.98 22.76 -14.99
C GLY F 186 14.63 22.92 -14.26
N TYR F 187 14.56 22.25 -13.10
CA TYR F 187 13.51 22.39 -12.10
C TYR F 187 13.44 23.86 -11.59
N VAL F 188 14.60 24.41 -11.23
CA VAL F 188 14.70 25.75 -10.69
C VAL F 188 14.20 26.75 -11.70
N ASP F 189 14.59 26.60 -12.95
CA ASP F 189 14.16 27.54 -14.01
C ASP F 189 12.66 27.52 -14.18
N ALA F 190 12.08 26.31 -14.13
CA ALA F 190 10.64 26.18 -14.22
C ALA F 190 9.95 26.88 -13.05
N LEU F 191 10.46 26.63 -11.84
CA LEU F 191 9.92 27.29 -10.64
C LEU F 191 10.06 28.82 -10.74
N LYS F 192 11.21 29.29 -11.26
CA LYS F 192 11.44 30.75 -11.44
C LYS F 192 10.50 31.42 -12.44
N ALA F 193 10.02 30.67 -13.40
CA ALA F 193 9.05 31.19 -14.35
C ALA F 193 7.71 31.49 -13.71
N ARG F 194 7.45 30.98 -12.50
CA ARG F 194 6.24 31.37 -11.78
C ARG F 194 6.27 32.86 -11.36
N SER F 195 7.46 33.40 -11.13
CA SER F 195 7.63 34.84 -10.80
C SER F 195 8.86 35.32 -11.56
N PRO F 196 8.74 35.46 -12.88
CA PRO F 196 9.93 35.71 -13.72
C PRO F 196 10.62 37.04 -13.50
N GLN F 197 9.85 38.05 -13.08
CA GLN F 197 10.39 39.39 -12.75
C GLN F 197 11.16 39.40 -11.37
N VAL F 198 11.08 38.32 -10.59
CA VAL F 198 11.86 38.18 -9.37
C VAL F 198 13.19 37.52 -9.73
N GLU F 199 14.28 38.12 -9.29
CA GLU F 199 15.59 37.63 -9.68
C GLU F 199 16.09 36.42 -8.87
N LEU F 200 16.74 35.53 -9.58
CA LEU F 200 17.37 34.34 -9.03
C LEU F 200 18.67 34.75 -8.34
N CYS F 201 18.86 34.40 -7.07
CA CYS F 201 20.09 34.78 -6.31
C CYS F 201 20.96 33.60 -5.97
N SER F 202 22.22 33.92 -5.70
CA SER F 202 23.19 32.95 -5.17
C SER F 202 23.89 33.46 -3.89
N ILE F 203 23.96 32.60 -2.86
CA ILE F 203 24.72 32.94 -1.66
C ILE F 203 25.84 31.99 -1.34
N MET F 204 26.37 31.38 -2.40
CA MET F 204 27.49 30.48 -2.28
C MET F 204 28.74 31.22 -1.88
N GLU F 205 29.54 30.61 -1.03
CA GLU F 205 30.83 31.13 -0.75
C GLU F 205 31.87 30.04 -0.78
N GLU F 206 33.10 30.44 -0.97
CA GLU F 206 34.20 29.50 -0.91
C GLU F 206 34.36 28.99 0.51
N THR F 207 34.75 27.74 0.64
CA THR F 207 34.85 27.11 1.92
C THR F 207 35.67 27.93 2.91
N ALA F 208 36.83 28.41 2.47
CA ALA F 208 37.76 29.07 3.38
C ALA F 208 37.18 30.43 3.83
N VAL F 209 36.43 31.06 2.97
CA VAL F 209 35.80 32.31 3.27
C VAL F 209 34.74 32.07 4.36
N ALA F 210 33.92 31.05 4.19
CA ALA F 210 32.89 30.72 5.18
C ALA F 210 33.47 30.43 6.50
N LYS F 211 34.56 29.67 6.50
CA LYS F 211 35.26 29.41 7.77
C LYS F 211 35.75 30.66 8.49
N ASP F 212 36.43 31.54 7.74
CA ASP F 212 36.98 32.78 8.34
C ASP F 212 35.85 33.65 8.89
N ARG F 213 34.81 33.81 8.09
CA ARG F 213 33.68 34.65 8.47
C ARG F 213 32.98 34.17 9.71
N ILE F 214 32.80 32.84 9.82
CA ILE F 214 32.09 32.27 10.96
C ILE F 214 32.98 32.31 12.20
N THR F 215 34.27 32.05 12.00
CA THR F 215 35.23 32.12 13.11
C THR F 215 35.29 33.56 13.67
N ALA F 216 35.33 34.55 12.80
CA ALA F 216 35.37 35.98 13.24
C ALA F 216 34.04 36.38 13.94
N LEU F 217 32.91 35.91 13.41
CA LEU F 217 31.62 36.13 14.05
C LEU F 217 31.56 35.50 15.45
N SER F 218 32.07 34.30 15.56
CA SER F 218 32.15 33.66 16.87
C SER F 218 33.08 34.40 17.82
N ASP F 219 34.27 34.72 17.34
CA ASP F 219 35.25 35.46 18.19
C ASP F 219 34.65 36.77 18.72
N GLN F 220 33.97 37.48 17.86
CA GLN F 220 33.37 38.75 18.26
C GLN F 220 32.07 38.64 19.11
N TYR F 221 31.19 37.69 18.83
CA TYR F 221 29.87 37.68 19.49
C TYR F 221 29.55 36.53 20.44
N HIS F 222 30.28 35.43 20.36
CA HIS F 222 30.00 34.31 21.22
C HIS F 222 30.23 34.68 22.69
N GLY F 223 29.23 34.42 23.53
CA GLY F 223 29.29 34.74 24.94
C GLY F 223 28.98 36.19 25.30
N THR F 224 28.67 37.03 24.30
CA THR F 224 28.35 38.43 24.60
C THR F 224 26.95 38.57 25.16
N ALA F 225 26.55 39.82 25.43
CA ALA F 225 25.30 40.14 26.14
C ALA F 225 25.10 39.28 27.39
N GLY F 226 26.13 39.23 28.25
CA GLY F 226 26.05 38.50 29.52
C GLY F 226 25.92 36.98 29.36
N GLY F 227 26.50 36.43 28.31
CA GLY F 227 26.36 35.01 28.00
C GLY F 227 25.05 34.62 27.24
N ARG F 228 24.21 35.57 26.90
CA ARG F 228 22.93 35.30 26.26
C ARG F 228 23.03 34.96 24.79
N ILE F 229 24.11 35.36 24.16
CA ILE F 229 24.32 35.13 22.75
C ILE F 229 25.40 34.07 22.51
N SER F 230 25.05 33.04 21.74
CA SER F 230 25.96 32.01 21.31
C SER F 230 26.03 31.98 19.79
N VAL F 231 27.12 31.42 19.27
CA VAL F 231 27.32 31.30 17.85
C VAL F 231 27.60 29.84 17.53
N TRP F 232 26.92 29.31 16.52
CA TRP F 232 27.16 27.98 16.00
C TRP F 232 27.40 28.03 14.47
N PRO F 233 28.14 27.05 13.93
CA PRO F 233 28.28 26.91 12.50
C PRO F 233 27.14 26.10 11.98
N ALA F 234 26.62 26.49 10.83
CA ALA F 234 25.42 25.83 10.28
C ALA F 234 25.56 25.49 8.82
N PRO F 235 26.26 24.40 8.51
CA PRO F 235 26.21 23.98 7.10
C PRO F 235 24.79 23.72 6.68
N ALA F 236 24.38 24.28 5.56
CA ALA F 236 23.00 24.34 5.21
C ALA F 236 22.30 23.00 5.07
N THR F 237 22.87 22.14 4.23
CA THR F 237 22.36 20.83 3.93
C THR F 237 23.52 19.91 3.48
N THR F 238 23.26 18.61 3.32
CA THR F 238 24.31 17.68 2.86
C THR F 238 24.60 17.78 1.36
N THR F 239 23.75 18.42 0.59
CA THR F 239 24.05 18.67 -0.82
C THR F 239 24.67 20.03 -1.08
N ALA F 240 24.42 21.01 -0.20
CA ALA F 240 24.89 22.38 -0.44
C ALA F 240 26.22 22.64 0.26
N VAL F 241 26.72 21.67 0.99
CA VAL F 241 28.01 21.81 1.66
C VAL F 241 28.88 20.60 1.43
N THR F 242 30.18 20.86 1.20
CA THR F 242 31.19 19.83 0.98
C THR F 242 31.40 19.02 2.26
N VAL F 243 31.92 17.84 2.09
CA VAL F 243 32.35 17.04 3.22
C VAL F 243 33.33 17.81 4.08
N GLU F 244 34.28 18.51 3.45
CA GLU F 244 35.29 19.25 4.22
C GLU F 244 34.60 20.37 5.08
N GLY F 245 33.62 21.03 4.49
CA GLY F 245 32.87 22.06 5.20
C GLY F 245 32.08 21.54 6.39
N MET F 246 31.44 20.40 6.22
CA MET F 246 30.74 19.75 7.33
C MET F 246 31.72 19.25 8.42
N ARG F 247 32.86 18.70 8.04
CA ARG F 247 33.84 18.25 9.03
C ARG F 247 34.40 19.40 9.79
N TRP F 248 34.64 20.50 9.09
CA TRP F 248 35.10 21.69 9.81
C TRP F 248 34.04 22.13 10.89
N ALA F 249 32.78 22.20 10.49
CA ALA F 249 31.73 22.60 11.42
C ALA F 249 31.69 21.66 12.62
N GLN F 250 31.77 20.37 12.32
CA GLN F 250 31.76 19.34 13.34
C GLN F 250 32.93 19.52 14.34
N ALA F 251 34.12 19.72 13.82
CA ALA F 251 35.31 19.96 14.69
C ALA F 251 35.22 21.28 15.44
N PHE F 252 34.68 22.30 14.79
CA PHE F 252 34.51 23.62 15.42
C PHE F 252 33.61 23.50 16.64
N ALA F 253 32.52 22.78 16.49
CA ALA F 253 31.59 22.58 17.60
C ALA F 253 32.26 21.86 18.77
N ARG F 254 33.02 20.83 18.46
CA ARG F 254 33.73 20.08 19.49
C ARG F 254 34.79 20.98 20.18
N ASP F 255 35.62 21.69 19.41
CA ASP F 255 36.70 22.54 19.99
C ASP F 255 36.16 23.70 20.85
N ARG F 256 35.00 24.25 20.48
CA ARG F 256 34.42 25.36 21.21
C ARG F 256 33.27 25.00 22.12
N ALA F 257 33.02 23.72 22.31
CA ALA F 257 31.96 23.24 23.21
C ALA F 257 30.62 23.90 22.87
N VAL F 258 30.30 23.93 21.59
CA VAL F 258 28.95 24.33 21.15
C VAL F 258 28.34 23.18 20.33
N MET F 259 27.35 23.48 19.51
CA MET F 259 26.73 22.51 18.62
C MET F 259 26.93 22.98 17.19
N TRP F 260 26.61 22.10 16.25
CA TRP F 260 26.53 22.46 14.85
C TRP F 260 25.20 21.95 14.36
N THR F 261 24.71 22.54 13.29
CA THR F 261 23.36 22.22 12.87
C THR F 261 23.24 22.21 11.35
N LEU F 262 22.29 21.41 10.85
CA LEU F 262 22.13 21.19 9.44
C LEU F 262 20.68 20.84 9.15
N HIS F 263 20.19 21.24 7.99
CA HIS F 263 18.81 20.96 7.54
C HIS F 263 18.85 19.62 6.85
N MET F 264 18.05 18.69 7.33
CA MET F 264 18.08 17.30 6.85
C MET F 264 16.73 16.81 6.36
N ALA F 265 16.69 16.51 5.07
CA ALA F 265 15.59 15.74 4.49
C ALA F 265 14.24 16.48 4.65
N GLU F 266 14.28 17.77 4.42
CA GLU F 266 13.08 18.61 4.46
C GLU F 266 12.16 18.38 3.20
N SER F 267 12.78 17.99 2.08
CA SER F 267 12.05 17.78 0.80
C SER F 267 12.42 16.45 0.07
N ASP F 268 11.58 16.08 -0.90
CA ASP F 268 11.73 14.79 -1.64
C ASP F 268 12.84 14.81 -2.69
N HIS F 269 13.34 16.01 -3.01
CA HIS F 269 14.52 16.26 -3.88
C HIS F 269 15.87 16.30 -3.09
N ASP F 270 15.81 16.29 -1.77
CA ASP F 270 17.00 16.26 -0.91
C ASP F 270 17.36 14.82 -0.69
N GLU F 271 16.30 14.08 -0.32
CA GLU F 271 16.23 12.61 -0.23
C GLU F 271 17.40 11.78 -0.79
N ARG F 272 17.92 12.14 -1.98
CA ARG F 272 18.98 11.36 -2.63
C ARG F 272 20.22 12.23 -2.93
N ILE F 273 20.99 12.46 -1.86
CA ILE F 273 22.44 12.77 -1.99
C ILE F 273 23.18 11.47 -2.33
N HIS F 274 23.45 11.29 -3.60
CA HIS F 274 24.35 10.26 -4.03
C HIS F 274 23.82 8.89 -3.59
N GLY F 275 22.53 8.62 -3.85
CA GLY F 275 22.01 7.23 -3.83
C GLY F 275 21.80 6.61 -2.43
N MET F 276 21.78 7.47 -1.41
CA MET F 276 21.43 7.07 -0.05
C MET F 276 20.82 8.28 0.62
N SER F 277 20.27 8.08 1.80
CA SER F 277 19.65 9.18 2.52
C SER F 277 20.75 10.10 3.08
N PRO F 278 20.39 11.33 3.45
CA PRO F 278 21.35 12.23 4.00
C PRO F 278 21.95 11.71 5.31
N ALA F 279 21.14 10.99 6.07
CA ALA F 279 21.63 10.40 7.31
C ALA F 279 22.67 9.33 7.00
N GLU F 280 22.37 8.48 6.03
CA GLU F 280 23.31 7.45 5.59
C GLU F 280 24.64 8.08 5.07
N TYR F 281 24.50 9.13 4.29
CA TYR F 281 25.64 9.83 3.74
C TYR F 281 26.49 10.40 4.86
N MET F 282 25.84 11.01 5.84
CA MET F 282 26.57 11.57 6.94
C MET F 282 27.24 10.47 7.79
N GLU F 283 26.55 9.36 8.00
CA GLU F 283 27.14 8.21 8.72
C GLU F 283 28.40 7.72 8.05
N CYS F 284 28.38 7.65 6.71
CA CYS F 284 29.53 7.17 5.94
C CYS F 284 30.77 7.99 6.24
N TYR F 285 30.60 9.29 6.38
CA TYR F 285 31.71 10.17 6.64
C TYR F 285 31.97 10.46 8.14
N GLY F 286 31.30 9.76 9.06
CA GLY F 286 31.50 10.02 10.50
C GLY F 286 30.91 11.35 10.95
N LEU F 287 29.91 11.83 10.23
CA LEU F 287 29.35 13.19 10.47
C LEU F 287 28.13 13.23 11.41
N LEU F 288 27.75 12.10 11.99
CA LEU F 288 26.70 12.05 12.98
C LEU F 288 27.31 11.96 14.35
N ASP F 289 27.04 12.95 15.20
CA ASP F 289 27.56 12.93 16.57
C ASP F 289 26.62 13.67 17.51
N GLU F 290 26.94 13.64 18.79
CA GLU F 290 26.08 14.14 19.83
C GLU F 290 25.97 15.66 19.87
N ARG F 291 26.84 16.37 19.15
N ARG F 291 26.82 16.36 19.13
CA ARG F 291 26.79 17.81 19.08
CA ARG F 291 26.78 17.80 19.07
C ARG F 291 26.11 18.31 17.81
C ARG F 291 26.13 18.31 17.80
N LEU F 292 25.62 17.38 16.99
CA LEU F 292 24.84 17.75 15.81
C LEU F 292 23.36 17.90 16.21
N GLN F 293 22.75 19.00 15.80
CA GLN F 293 21.34 19.12 15.83
C GLN F 293 20.85 19.19 14.36
N VAL F 294 20.01 18.25 13.97
CA VAL F 294 19.42 18.29 12.66
C VAL F 294 18.03 18.89 12.72
N ALA F 295 17.67 19.61 11.68
CA ALA F 295 16.33 20.12 11.52
C ALA F 295 15.55 19.42 10.41
N HIS F 296 14.29 19.13 10.72
CA HIS F 296 13.21 18.66 9.80
C HIS F 296 12.94 17.12 9.83
N CYS F 297 13.72 16.38 9.11
CA CYS F 297 13.59 14.93 9.18
C CYS F 297 12.23 14.44 8.74
N VAL F 298 11.63 15.10 7.74
CA VAL F 298 10.37 14.63 7.18
C VAL F 298 10.53 13.39 6.32
N TYR F 299 11.52 13.38 5.42
CA TYR F 299 11.74 12.29 4.46
C TYR F 299 12.69 11.26 5.03
N PHE F 300 12.26 10.63 6.11
CA PHE F 300 13.09 9.80 6.97
C PHE F 300 12.50 8.43 7.02
N ASP F 301 13.32 7.40 7.05
CA ASP F 301 12.80 6.03 7.24
C ASP F 301 13.32 5.48 8.58
N ARG F 302 13.02 4.21 8.87
CA ARG F 302 13.38 3.58 10.14
C ARG F 302 14.89 3.53 10.34
N LYS F 303 15.62 3.29 9.28
CA LYS F 303 17.06 3.24 9.34
C LYS F 303 17.65 4.59 9.70
N ASP F 304 17.14 5.66 9.11
CA ASP F 304 17.60 7.02 9.42
C ASP F 304 17.40 7.34 10.93
N VAL F 305 16.24 7.00 11.47
CA VAL F 305 15.95 7.22 12.86
C VAL F 305 16.96 6.39 13.72
N ARG F 306 17.24 5.15 13.34
CA ARG F 306 18.22 4.31 14.06
C ARG F 306 19.61 4.95 14.06
N LEU F 307 20.01 5.52 12.93
CA LEU F 307 21.30 6.16 12.83
C LEU F 307 21.43 7.38 13.73
N LEU F 308 20.41 8.23 13.74
CA LEU F 308 20.45 9.39 14.60
C LEU F 308 20.47 8.97 16.06
N HIS F 309 19.62 8.00 16.41
CA HIS F 309 19.52 7.50 17.75
C HIS F 309 20.90 6.98 18.25
N ARG F 310 21.56 6.18 17.42
CA ARG F 310 22.80 5.52 17.77
C ARG F 310 23.84 6.60 18.15
N HIS F 311 23.89 7.74 17.45
CA HIS F 311 24.91 8.75 17.71
C HIS F 311 24.47 9.90 18.62
N ASN F 312 23.29 9.74 19.22
CA ASN F 312 22.70 10.74 20.05
C ASN F 312 22.53 12.12 19.42
N VAL F 313 22.17 12.11 18.15
CA VAL F 313 21.91 13.32 17.41
C VAL F 313 20.66 14.03 17.92
N LYS F 314 20.76 15.34 18.04
CA LYS F 314 19.62 16.13 18.52
C LYS F 314 18.76 16.52 17.32
N VAL F 315 17.47 16.73 17.57
CA VAL F 315 16.50 17.01 16.51
C VAL F 315 15.62 18.21 16.84
N ALA F 316 15.40 19.06 15.85
CA ALA F 316 14.37 20.10 15.95
C ALA F 316 13.29 19.77 14.94
N SER F 317 12.06 19.68 15.40
CA SER F 317 10.96 19.43 14.52
C SER F 317 10.10 20.68 14.27
N GLN F 318 9.88 20.98 12.99
CA GLN F 318 9.13 22.16 12.53
C GLN F 318 7.79 21.77 11.99
N VAL F 319 6.97 21.31 12.88
CA VAL F 319 5.77 20.62 12.49
C VAL F 319 4.81 21.49 11.66
N VAL F 320 4.70 22.77 12.03
CA VAL F 320 3.79 23.69 11.34
C VAL F 320 4.27 24.00 9.94
N SER F 321 5.56 24.31 9.83
CA SER F 321 6.19 24.65 8.56
C SER F 321 6.22 23.45 7.59
N ASN F 322 6.45 22.25 8.11
CA ASN F 322 6.40 21.06 7.30
C ASN F 322 5.00 20.95 6.63
N ALA F 323 3.97 21.42 7.29
CA ALA F 323 2.67 21.46 6.67
C ALA F 323 2.55 22.60 5.70
N TYR F 324 2.92 23.79 6.16
CA TYR F 324 2.71 25.00 5.39
C TYR F 324 3.32 24.87 4.00
N LEU F 325 4.51 24.30 3.95
CA LEU F 325 5.22 24.14 2.70
C LEU F 325 4.91 22.82 1.93
N GLY F 326 3.95 22.04 2.40
CA GLY F 326 3.55 20.83 1.72
C GLY F 326 4.65 19.74 1.72
N SER F 327 5.51 19.74 2.74
CA SER F 327 6.55 18.75 2.87
C SER F 327 6.04 17.42 3.43
N GLY F 328 5.26 17.47 4.48
CA GLY F 328 4.71 16.28 5.08
C GLY F 328 4.81 16.34 6.60
N VAL F 329 4.97 15.16 7.19
CA VAL F 329 4.91 14.94 8.65
C VAL F 329 6.10 14.04 9.10
N ALA F 330 6.96 14.57 9.94
CA ALA F 330 8.10 13.89 10.43
C ALA F 330 7.74 12.84 11.47
N PRO F 331 8.61 11.81 11.65
CA PRO F 331 8.27 10.70 12.58
C PRO F 331 8.71 11.04 14.05
N VAL F 332 8.13 12.09 14.59
CA VAL F 332 8.40 12.51 15.93
C VAL F 332 8.07 11.45 17.01
N PRO F 333 6.90 10.82 16.92
CA PRO F 333 6.61 9.82 17.92
C PRO F 333 7.67 8.70 17.98
N GLU F 334 8.20 8.26 16.84
CA GLU F 334 9.25 7.21 16.81
C GLU F 334 10.51 7.70 17.49
N MET F 335 10.85 8.97 17.28
CA MET F 335 12.06 9.55 17.90
C MET F 335 11.94 9.74 19.42
N VAL F 336 10.77 10.22 19.83
CA VAL F 336 10.48 10.47 21.23
C VAL F 336 10.43 9.15 22.02
N GLU F 337 9.86 8.10 21.42
N GLU F 337 9.86 8.12 21.41
CA GLU F 337 9.83 6.81 22.10
CA GLU F 337 9.79 6.82 22.04
C GLU F 337 11.20 6.17 22.28
C GLU F 337 11.17 6.16 22.25
N ARG F 338 12.17 6.61 21.48
CA ARG F 338 13.53 6.20 21.65
C ARG F 338 14.30 7.08 22.62
N GLY F 339 13.64 8.03 23.29
CA GLY F 339 14.29 8.93 24.26
C GLY F 339 15.11 10.04 23.61
N MET F 340 15.03 10.21 22.30
CA MET F 340 15.85 11.20 21.62
C MET F 340 15.42 12.62 22.03
N ALA F 341 16.34 13.54 21.96
CA ALA F 341 16.04 14.92 22.31
C ALA F 341 15.46 15.60 21.10
N VAL F 342 14.14 15.73 21.08
CA VAL F 342 13.43 16.45 20.03
C VAL F 342 12.80 17.74 20.54
N GLY F 343 13.22 18.88 20.01
CA GLY F 343 12.60 20.13 20.31
C GLY F 343 11.65 20.57 19.22
N ILE F 344 10.96 21.68 19.45
CA ILE F 344 9.98 22.23 18.54
C ILE F 344 10.47 23.54 18.08
N GLY F 345 10.49 23.70 16.77
CA GLY F 345 10.87 24.97 16.15
C GLY F 345 9.70 25.51 15.37
N THR F 346 9.57 26.84 15.33
CA THR F 346 8.46 27.49 14.58
C THR F 346 8.88 27.65 13.15
N ASP F 347 10.17 27.56 12.93
CA ASP F 347 10.76 27.68 11.58
C ASP F 347 10.76 29.15 11.12
N ASN F 348 10.63 29.38 9.81
CA ASN F 348 10.64 30.75 9.26
C ASN F 348 9.48 31.57 9.75
N GLY F 349 9.72 32.86 9.97
CA GLY F 349 8.65 33.82 10.18
C GLY F 349 7.63 33.86 9.04
N ASN F 350 8.03 33.35 7.89
CA ASN F 350 7.18 33.29 6.68
C ASN F 350 7.02 31.87 6.11
N SER F 351 7.06 30.85 6.97
CA SER F 351 6.53 29.51 6.61
C SER F 351 5.82 28.89 7.81
N ASN F 352 4.99 29.71 8.42
CA ASN F 352 4.22 29.29 9.62
C ASN F 352 2.76 29.75 9.64
N ASP F 353 2.43 31.05 9.72
CA ASP F 353 3.30 32.20 9.61
C ASP F 353 3.33 32.98 10.95
N SER F 354 3.21 32.27 12.05
CA SER F 354 3.32 32.93 13.33
C SER F 354 4.61 32.53 14.07
N VAL F 355 4.82 33.17 15.18
CA VAL F 355 5.89 32.87 16.10
C VAL F 355 5.22 32.67 17.49
N ASN F 356 4.58 31.50 17.64
CA ASN F 356 3.67 31.24 18.74
C ASN F 356 3.83 29.79 19.17
N MET F 357 4.55 29.57 20.26
CA MET F 357 4.88 28.23 20.69
C MET F 357 3.65 27.45 21.10
N ILE F 358 2.72 28.09 21.75
CA ILE F 358 1.52 27.41 22.20
C ILE F 358 0.71 26.95 20.98
N GLY F 359 0.53 27.80 19.97
CA GLY F 359 -0.12 27.34 18.70
C GLY F 359 0.61 26.18 18.05
N ASP F 360 1.94 26.20 18.06
CA ASP F 360 2.68 25.10 17.45
C ASP F 360 2.62 23.78 18.26
N MET F 361 2.53 23.91 19.57
CA MET F 361 2.35 22.77 20.44
C MET F 361 1.05 22.06 20.15
N LYS F 362 0.00 22.84 20.00
CA LYS F 362 -1.34 22.29 19.70
C LYS F 362 -1.32 21.57 18.35
N PHE F 363 -0.65 22.16 17.39
CA PHE F 363 -0.43 21.49 16.11
C PHE F 363 0.42 20.18 16.20
N MET F 364 1.50 20.19 16.99
CA MET F 364 2.26 18.98 17.23
C MET F 364 1.39 17.89 17.81
N ALA F 365 0.47 18.26 18.70
CA ALA F 365 -0.34 17.30 19.37
C ALA F 365 -1.31 16.69 18.39
N HIS F 366 -1.92 17.54 17.59
CA HIS F 366 -3.03 17.11 16.70
C HIS F 366 -2.62 16.45 15.40
N ILE F 367 -1.59 16.94 14.73
CA ILE F 367 -1.19 16.33 13.45
C ILE F 367 -0.80 14.87 13.63
N HIS F 368 -0.05 14.60 14.69
CA HIS F 368 0.37 13.24 14.95
C HIS F 368 -0.78 12.35 15.39
N ARG F 369 -1.69 12.86 16.20
CA ARG F 369 -2.86 12.08 16.55
C ARG F 369 -3.66 11.72 15.27
N ALA F 370 -3.83 12.69 14.38
CA ALA F 370 -4.66 12.46 13.20
C ALA F 370 -4.03 11.44 12.25
N VAL F 371 -2.74 11.59 12.02
CA VAL F 371 -2.02 10.72 11.07
C VAL F 371 -1.85 9.30 11.62
N HIS F 372 -1.67 9.14 12.91
CA HIS F 372 -1.64 7.79 13.49
C HIS F 372 -2.97 7.26 13.91
N ARG F 373 -4.02 8.07 13.86
CA ARG F 373 -5.35 7.64 14.37
C ARG F 373 -5.28 7.16 15.79
N ASP F 374 -4.58 7.94 16.61
CA ASP F 374 -4.24 7.54 17.97
C ASP F 374 -4.25 8.79 18.85
N ALA F 375 -5.33 8.94 19.59
CA ALA F 375 -5.56 10.07 20.46
C ALA F 375 -4.54 10.20 21.58
N ASP F 376 -3.75 9.18 21.84
CA ASP F 376 -2.76 9.22 22.89
C ASP F 376 -1.34 9.07 22.37
N VAL F 377 -1.13 9.37 21.12
CA VAL F 377 0.21 9.23 20.55
C VAL F 377 1.30 10.05 21.25
N LEU F 378 0.94 11.27 21.64
CA LEU F 378 1.83 12.18 22.40
C LEU F 378 0.98 12.87 23.46
N THR F 379 1.41 12.78 24.72
CA THR F 379 0.68 13.39 25.78
C THR F 379 0.93 14.91 25.73
N PRO F 380 0.06 15.68 26.33
CA PRO F 380 0.32 17.11 26.36
C PRO F 380 1.53 17.39 27.26
N GLU F 381 1.76 16.55 28.25
CA GLU F 381 2.99 16.68 29.05
C GLU F 381 4.25 16.56 28.20
N LYS F 382 4.27 15.57 27.34
CA LYS F 382 5.39 15.36 26.43
C LYS F 382 5.57 16.52 25.49
N ILE F 383 4.46 17.03 24.95
CA ILE F 383 4.53 18.19 24.06
C ILE F 383 5.14 19.41 24.81
N LEU F 384 4.66 19.65 25.99
CA LEU F 384 5.23 20.72 26.82
C LEU F 384 6.74 20.50 27.12
N GLU F 385 7.12 19.24 27.32
CA GLU F 385 8.53 18.90 27.53
C GLU F 385 9.33 19.24 26.29
N MET F 386 8.80 18.95 25.12
CA MET F 386 9.48 19.29 23.89
C MET F 386 9.72 20.79 23.79
N ALA F 387 8.77 21.58 24.26
CA ALA F 387 8.92 23.02 24.19
C ALA F 387 9.82 23.61 25.23
N THR F 388 10.19 22.82 26.22
CA THR F 388 10.99 23.28 27.35
C THR F 388 12.22 22.43 27.58
N ILE F 389 12.16 21.51 28.50
CA ILE F 389 13.35 20.77 28.92
C ILE F 389 13.96 19.93 27.80
N ASP F 390 13.15 19.30 26.95
CA ASP F 390 13.70 18.52 25.84
C ASP F 390 14.25 19.42 24.75
N GLY F 391 13.62 20.56 24.57
CA GLY F 391 14.17 21.58 23.68
C GLY F 391 15.53 22.07 24.10
N ALA F 392 15.67 22.29 25.39
CA ALA F 392 16.96 22.64 25.92
C ALA F 392 18.00 21.54 25.62
N ARG F 393 17.60 20.31 25.79
CA ARG F 393 18.46 19.17 25.49
C ARG F 393 18.85 19.17 24.00
N SER F 394 17.91 19.52 23.13
CA SER F 394 18.21 19.53 21.70
C SER F 394 19.20 20.60 21.30
N LEU F 395 19.36 21.62 22.16
CA LEU F 395 20.37 22.66 21.94
C LEU F 395 21.62 22.43 22.73
N GLY F 396 21.71 21.35 23.48
CA GLY F 396 22.90 21.10 24.29
C GLY F 396 22.94 21.95 25.54
N MET F 397 21.80 22.53 25.94
CA MET F 397 21.80 23.58 26.97
C MET F 397 20.98 23.23 28.22
N ASP F 398 20.63 21.96 28.37
CA ASP F 398 19.77 21.52 29.41
C ASP F 398 20.38 21.64 30.81
N HIS F 399 21.71 21.73 30.90
CA HIS F 399 22.33 21.98 32.21
C HIS F 399 22.02 23.41 32.71
N GLU F 400 21.73 24.32 31.76
CA GLU F 400 21.56 25.72 32.05
C GLU F 400 20.10 26.16 32.02
N ILE F 401 19.28 25.62 31.12
CA ILE F 401 17.90 26.13 30.93
C ILE F 401 16.90 25.02 30.72
N GLY F 402 15.64 25.39 30.64
CA GLY F 402 14.57 24.46 30.33
C GLY F 402 13.70 23.91 31.50
N SER F 403 14.13 24.16 32.73
CA SER F 403 13.37 23.74 33.89
C SER F 403 13.59 24.70 35.07
N ILE F 404 12.67 24.67 36.02
CA ILE F 404 12.74 25.49 37.20
C ILE F 404 13.44 24.66 38.28
N GLU F 405 14.77 24.75 38.30
CA GLU F 405 15.61 24.02 39.19
C GLU F 405 16.75 24.91 39.64
N THR F 406 17.22 24.66 40.86
CA THR F 406 18.25 25.51 41.48
C THR F 406 19.50 25.40 40.71
N GLY F 407 20.16 26.54 40.47
CA GLY F 407 21.37 26.61 39.68
C GLY F 407 21.15 27.03 38.25
N LYS F 408 19.97 26.74 37.71
CA LYS F 408 19.74 27.06 36.32
C LYS F 408 19.44 28.53 36.10
N ARG F 409 19.50 28.95 34.86
CA ARG F 409 19.20 30.33 34.50
C ARG F 409 17.74 30.69 34.70
N ALA F 410 17.47 31.94 35.06
CA ALA F 410 16.15 32.36 35.40
C ALA F 410 15.39 32.83 34.15
N ASP F 411 15.08 31.85 33.28
CA ASP F 411 14.26 32.07 32.08
C ASP F 411 12.94 31.52 32.42
N LEU F 412 12.00 32.40 32.74
CA LEU F 412 10.71 32.02 33.40
C LEU F 412 9.58 32.80 32.81
N ILE F 413 8.42 32.16 32.66
CA ILE F 413 7.26 32.85 32.21
C ILE F 413 6.11 32.65 33.15
N LEU F 414 5.26 33.65 33.23
CA LEU F 414 4.03 33.60 34.03
C LEU F 414 2.81 33.68 33.12
N LEU F 415 1.95 32.67 33.20
CA LEU F 415 0.76 32.57 32.41
C LEU F 415 -0.43 32.76 33.29
N ASP F 416 -1.42 33.47 32.77
CA ASP F 416 -2.70 33.68 33.47
C ASP F 416 -3.76 32.90 32.74
N LEU F 417 -4.30 31.89 33.42
CA LEU F 417 -5.30 31.02 32.86
C LEU F 417 -6.74 31.48 33.11
N ARG F 418 -6.89 32.66 33.68
CA ARG F 418 -8.20 33.16 33.99
C ARG F 418 -8.76 33.91 32.78
N HIS F 419 -9.06 33.16 31.74
CA HIS F 419 -9.67 33.66 30.55
C HIS F 419 -10.70 32.60 30.12
N PRO F 420 -11.66 32.97 29.30
CA PRO F 420 -12.68 32.02 28.88
C PRO F 420 -12.13 30.74 28.23
N GLN F 421 -11.15 30.88 27.37
CA GLN F 421 -10.65 29.73 26.62
C GLN F 421 -9.91 28.69 27.49
N THR F 422 -9.29 29.17 28.55
CA THR F 422 -8.60 28.31 29.47
C THR F 422 -9.37 27.99 30.75
N THR F 423 -10.69 28.14 30.71
CA THR F 423 -11.53 27.74 31.81
C THR F 423 -12.49 26.67 31.33
N PRO F 424 -12.71 25.64 32.11
CA PRO F 424 -11.92 25.28 33.28
C PRO F 424 -10.55 24.77 32.98
N HIS F 425 -9.76 24.61 34.03
CA HIS F 425 -8.40 24.14 33.96
C HIS F 425 -8.06 23.34 35.16
N HIS F 426 -7.64 22.11 34.98
CA HIS F 426 -7.35 21.26 36.13
C HIS F 426 -5.95 20.68 35.90
N HIS F 427 -5.75 19.99 34.79
CA HIS F 427 -4.47 19.49 34.33
C HIS F 427 -3.84 20.58 33.50
N LEU F 428 -2.73 21.07 33.93
CA LEU F 428 -2.20 22.29 33.36
C LEU F 428 -1.59 22.08 31.99
N ALA F 429 -0.90 20.98 31.77
CA ALA F 429 -0.37 20.68 30.43
C ALA F 429 -1.44 20.55 29.37
N ALA F 430 -2.52 19.88 29.69
CA ALA F 430 -3.65 19.72 28.78
C ALA F 430 -4.26 21.06 28.48
N THR F 431 -4.39 21.89 29.52
CA THR F 431 -5.02 23.17 29.34
C THR F 431 -4.19 24.04 28.45
N ILE F 432 -2.91 24.06 28.70
CA ILE F 432 -2.00 24.89 27.87
C ILE F 432 -1.90 24.42 26.42
N VAL F 433 -1.76 23.12 26.20
CA VAL F 433 -1.66 22.57 24.86
C VAL F 433 -2.95 22.63 24.04
N PHE F 434 -4.06 22.33 24.67
CA PHE F 434 -5.34 22.13 23.96
C PHE F 434 -6.31 23.31 24.03
N GLN F 435 -6.09 24.28 24.93
CA GLN F 435 -6.98 25.42 25.09
C GLN F 435 -6.37 26.78 24.88
N ALA F 436 -5.16 26.99 25.35
CA ALA F 436 -4.55 28.31 25.28
C ALA F 436 -4.32 28.74 23.83
N TYR F 437 -4.51 30.04 23.59
CA TYR F 437 -4.33 30.60 22.26
C TYR F 437 -2.91 31.14 22.02
N GLY F 438 -2.23 31.51 23.08
CA GLY F 438 -0.92 32.11 22.89
C GLY F 438 -0.81 33.55 23.35
N ASN F 439 -1.90 34.12 23.87
CA ASN F 439 -1.88 35.45 24.44
C ASN F 439 -1.99 35.49 25.99
N GLU F 440 -1.87 34.34 26.63
CA GLU F 440 -2.08 34.24 28.05
C GLU F 440 -0.83 34.51 28.87
N VAL F 441 0.31 34.65 28.21
CA VAL F 441 1.52 34.93 28.89
C VAL F 441 1.53 36.40 29.34
N ASP F 442 1.73 36.64 30.63
CA ASP F 442 1.74 37.97 31.19
C ASP F 442 3.12 38.55 31.36
N THR F 443 4.02 37.76 31.93
CA THR F 443 5.29 38.27 32.40
C THR F 443 6.37 37.29 32.00
N VAL F 444 7.48 37.84 31.51
CA VAL F 444 8.59 37.04 31.04
C VAL F 444 9.91 37.52 31.60
N LEU F 445 10.65 36.61 32.22
CA LEU F 445 12.02 36.83 32.67
C LEU F 445 12.99 36.03 31.82
N ILE F 446 14.09 36.66 31.43
CA ILE F 446 15.16 36.01 30.69
C ILE F 446 16.46 36.41 31.31
N ASP F 447 17.23 35.41 31.72
CA ASP F 447 18.44 35.61 32.49
C ASP F 447 18.19 36.46 33.70
N GLY F 448 17.07 36.25 34.35
CA GLY F 448 16.73 37.06 35.51
C GLY F 448 16.32 38.50 35.29
N ASN F 449 16.24 38.96 34.04
CA ASN F 449 15.76 40.30 33.76
C ASN F 449 14.31 40.26 33.26
N VAL F 450 13.53 41.26 33.68
CA VAL F 450 12.13 41.37 33.27
C VAL F 450 12.10 41.92 31.88
N VAL F 451 11.72 41.09 30.91
CA VAL F 451 11.63 41.54 29.49
C VAL F 451 10.17 41.89 29.11
N MET F 452 9.22 41.33 29.83
CA MET F 452 7.83 41.66 29.67
C MET F 452 7.16 41.56 31.03
N GLU F 453 6.25 42.49 31.29
CA GLU F 453 5.51 42.52 32.56
C GLU F 453 4.12 43.05 32.32
N ASN F 454 3.14 42.25 32.69
CA ASN F 454 1.72 42.51 32.34
C ASN F 454 1.50 42.87 30.90
N ARG F 455 2.19 42.13 30.05
CA ARG F 455 2.15 42.25 28.59
C ARG F 455 2.86 43.46 28.06
N ARG F 456 3.44 44.25 28.92
CA ARG F 456 4.19 45.42 28.51
C ARG F 456 5.64 45.03 28.22
N LEU F 457 6.09 45.26 27.01
CA LEU F 457 7.42 44.85 26.58
C LEU F 457 8.46 45.90 26.91
N SER F 458 9.57 45.50 27.51
CA SER F 458 10.58 46.42 27.95
C SER F 458 11.31 47.09 26.76
N PHE F 459 11.38 46.40 25.63
CA PHE F 459 12.07 46.90 24.44
C PHE F 459 11.10 47.40 23.39
N LEU F 460 9.83 47.39 23.70
CA LEU F 460 8.81 47.97 22.81
C LEU F 460 7.62 48.47 23.64
N PRO F 461 7.80 49.62 24.30
CA PRO F 461 6.82 50.13 25.22
C PRO F 461 5.51 50.46 24.50
N PRO F 462 4.37 50.44 25.22
CA PRO F 462 3.07 50.58 24.61
C PRO F 462 2.89 51.86 23.82
N GLU F 463 3.53 52.95 24.24
CA GLU F 463 3.37 54.22 23.52
C GLU F 463 4.14 54.22 22.19
N ARG F 464 5.01 53.28 21.97
CA ARG F 464 5.72 53.21 20.68
C ARG F 464 5.25 52.02 19.78
N GLU F 465 4.41 51.15 20.30
CA GLU F 465 4.11 49.88 19.67
C GLU F 465 3.40 50.05 18.33
N LEU F 466 2.37 50.87 18.28
CA LEU F 466 1.58 51.02 17.05
C LEU F 466 2.36 51.65 15.95
N ALA F 467 3.10 52.72 16.26
CA ALA F 467 4.01 53.33 15.25
C ALA F 467 5.11 52.37 14.76
N PHE F 468 5.63 51.54 15.63
CA PHE F 468 6.61 50.55 15.22
C PHE F 468 6.00 49.50 14.25
N LEU F 469 4.81 49.05 14.55
CA LEU F 469 4.11 48.13 13.67
C LEU F 469 3.84 48.74 12.27
N GLU F 470 3.47 50.02 12.23
CA GLU F 470 3.33 50.74 10.96
C GLU F 470 4.63 50.85 10.23
N GLU F 471 5.72 51.06 10.95
CA GLU F 471 7.01 51.10 10.26
C GLU F 471 7.38 49.69 9.70
N ALA F 472 7.10 48.65 10.44
CA ALA F 472 7.39 47.33 9.91
C ALA F 472 6.55 47.05 8.70
N GLN F 473 5.29 47.43 8.75
CA GLN F 473 4.40 47.29 7.59
C GLN F 473 4.94 48.03 6.35
N SER F 474 5.31 49.30 6.53
CA SER F 474 5.91 50.10 5.42
C SER F 474 7.17 49.55 4.89
N ARG F 475 8.05 49.16 5.79
CA ARG F 475 9.29 48.55 5.32
C ARG F 475 9.06 47.28 4.53
N ALA F 476 8.13 46.44 5.00
CA ALA F 476 7.81 45.20 4.28
C ALA F 476 7.29 45.52 2.88
N THR F 477 6.35 46.46 2.78
CA THR F 477 5.83 46.84 1.48
C THR F 477 6.97 47.32 0.56
N ALA F 478 7.90 48.08 1.11
CA ALA F 478 9.04 48.60 0.30
C ALA F 478 10.02 47.50 -0.10
N ILE F 479 10.27 46.57 0.82
CA ILE F 479 11.11 45.40 0.51
C ILE F 479 10.56 44.61 -0.68
N LEU F 480 9.26 44.36 -0.64
CA LEU F 480 8.63 43.61 -1.71
C LEU F 480 8.65 44.36 -3.05
N GLN F 481 8.48 45.67 -3.04
CA GLN F 481 8.65 46.52 -4.27
C GLN F 481 10.09 46.42 -4.81
N ARG F 482 11.10 46.56 -3.93
CA ARG F 482 12.53 46.47 -4.38
C ARG F 482 12.89 45.10 -4.91
N ALA F 483 12.29 44.07 -4.37
CA ALA F 483 12.43 42.71 -4.94
C ALA F 483 11.55 42.36 -6.15
N ASN F 484 10.62 43.26 -6.50
CA ASN F 484 9.59 42.99 -7.55
C ASN F 484 8.67 41.80 -7.27
N MET F 485 8.32 41.61 -6.00
CA MET F 485 7.51 40.47 -5.55
C MET F 485 6.06 40.96 -5.40
N VAL F 486 5.12 40.11 -5.71
CA VAL F 486 3.73 40.40 -5.56
C VAL F 486 3.32 40.19 -4.09
N ALA F 487 2.75 41.24 -3.49
CA ALA F 487 2.42 41.25 -2.09
C ALA F 487 1.05 40.66 -1.81
N ASN F 488 0.11 40.93 -2.73
CA ASN F 488 -1.30 40.66 -2.52
C ASN F 488 -1.94 40.06 -3.77
N PRO F 489 -1.68 38.77 -4.03
CA PRO F 489 -2.29 38.18 -5.21
C PRO F 489 -3.81 38.23 -5.19
N ALA F 490 -4.36 38.30 -6.39
CA ALA F 490 -5.78 38.38 -6.60
C ALA F 490 -6.50 37.19 -5.95
N TRP F 491 -7.66 37.48 -5.36
CA TRP F 491 -8.50 36.48 -4.72
C TRP F 491 -8.63 35.21 -5.56
N ARG F 492 -8.37 34.08 -4.94
CA ARG F 492 -8.48 32.82 -5.64
C ARG F 492 -9.02 31.75 -4.70
N SER F 493 -10.15 31.19 -5.06
CA SER F 493 -10.80 30.16 -4.31
C SER F 493 -10.32 28.72 -4.62
N LEU F 494 -9.76 28.54 -5.81
CA LEU F 494 -9.40 27.22 -6.34
C LEU F 494 -7.95 27.17 -6.81
FE FE G . -22.42 -16.36 -12.53
C1 PEG H . -4.96 -26.10 3.95
O1 PEG H . -3.81 -25.50 3.31
C2 PEG H . -6.22 -25.28 3.83
O2 PEG H . -6.15 -24.16 4.67
C3 PEG H . -6.88 -24.34 5.87
C4 PEG H . -6.83 -23.00 6.58
O4 PEG H . -5.54 -22.83 7.16
FE FE I . -2.38 9.59 -28.94
C1 PEG J . 5.52 22.63 -8.31
O1 PEG J . 6.04 22.82 -6.97
C2 PEG J . 4.79 23.82 -8.90
O2 PEG J . 3.54 23.33 -9.26
C3 PEG J . 2.53 24.29 -9.65
C4 PEG J . 2.17 25.12 -8.44
O4 PEG J . 0.94 24.78 -7.81
FE FE K . 3.92 -20.64 22.04
C1 PEG L . -8.87 2.20 22.45
O1 PEG L . -10.04 2.98 22.76
C2 PEG L . -8.37 1.43 23.68
O2 PEG L . -7.25 2.11 24.22
C3 PEG L . -6.75 1.67 25.46
C4 PEG L . -5.34 2.19 25.54
O4 PEG L . -5.30 3.60 25.25
FE FE M . 26.61 -13.82 -5.85
C1 PEG N . 9.74 -6.64 -23.97
O1 PEG N . 8.62 -7.36 -23.44
C2 PEG N . 10.59 -6.19 -22.82
O2 PEG N . 10.84 -4.82 -23.04
C3 PEG N . 9.88 -4.03 -22.42
C4 PEG N . 10.19 -2.61 -22.79
O4 PEG N . 9.04 -1.84 -22.44
FE FE O . -19.76 15.89 16.79
C1 PEG P . -24.33 -0.74 -2.62
O1 PEG P . -24.62 -2.13 -2.60
C2 PEG P . -25.36 0.12 -1.90
O2 PEG P . -26.07 0.99 -2.79
C3 PEG P . -25.69 2.36 -2.76
C4 PEG P . -26.14 2.98 -4.08
O4 PEG P . -25.19 2.92 -5.18
FE FE Q . 14.32 25.53 8.42
C1 PEG R . 24.44 2.77 3.09
O1 PEG R . 24.58 1.44 2.58
C2 PEG R . 25.34 3.08 4.28
O2 PEG R . 24.54 3.02 5.44
C3 PEG R . 25.12 3.64 6.58
C4 PEG R . 25.36 2.65 7.70
O4 PEG R . 24.39 1.58 7.82
#